data_3GHG
#
_entry.id   3GHG
#
_cell.length_a   135.238
_cell.length_b   94.866
_cell.length_c   300.812
_cell.angle_alpha   90.00
_cell.angle_beta   94.81
_cell.angle_gamma   90.00
#
_symmetry.space_group_name_H-M   'P 1 21 1'
#
loop_
_entity.id
_entity.type
_entity.pdbx_description
1 polymer 'Fibrinogen alpha chain'
2 polymer 'Fibrinogen beta chain'
3 polymer 'Fibrinogen gamma chain'
4 polymer 'A knob'
5 polymer 'B knob'
6 branched 'N-acetyl-alpha-neuraminic acid-(2-6)-beta-D-galactopyranose-(1-4)-2-acetamido-2-deoxy-beta-D-glucopyranose-(1-2)-alpha-D-mannopyranose-(1-3)-[N-acetyl-alpha-neuraminic acid-(2-6)-beta-D-galactopyranose-(1-4)-2-acetamido-2-deoxy-beta-D-glucopyranose-(1-2)-alpha-D-mannopyranose-(1-6)]beta-D-mannopyranose-(1-4)-2-acetamido-2-deoxy-beta-D-glucopyranose-(1-4)-2-acetamido-2-deoxy-beta-D-glucopyranose'
7 branched alpha-D-mannopyranose-(1-3)-[alpha-D-mannopyranose-(1-6)]beta-D-mannopyranose-(1-4)-2-acetamido-2-deoxy-beta-D-glucopyranose-(1-4)-2-acetamido-2-deoxy-beta-D-glucopyranose
8 branched 2-acetamido-2-deoxy-beta-D-glucopyranose-(1-4)-2-acetamido-2-deoxy-beta-D-glucopyranose
9 non-polymer 'CALCIUM ION'
#
loop_
_entity_poly.entity_id
_entity_poly.type
_entity_poly.pdbx_seq_one_letter_code
_entity_poly.pdbx_strand_id
1 'polypeptide(L)'
;ADSGEGDFLAEGGGVRGPRVVERHQSACKDSDWPFCSDEDWNYKCPSGCRMKGLIDEVNQDFTNRINKLKNSLFEYQKNN
KDSHSLTTNIMEILRGDFSSANNRDNTYNRVSEDLRSRIEVLKRKVIEKVQHIQLLQKNVRAQLVDMKRLEVDIDIKIRS
CRGSCSRALAREVDLKDYEDQQKQLEQVIAKDLLPSRDRQHLPLIKMKPVPDLVPGNFKSQLQKVPPEWKALTDMPQMRM
ELERPGGNEITRGGSTSYGTGSETESPRNPSSAGSWNSGSSGPGSTGNRNPGSSGTGGTATWKPGSSGPGSTGSWNSGSS
GTGSTGNQNPGSPRPGSTGTWNPGSSERGSAGHWTSESSVSGSTGQWHSESGSFRPDSPGSGNARPNNPDWGTFEEVSGN
VSPGTRREYHTEKLVTSKGDKELRTGKEKVTSGSTTTTRRSCSKTVTKTVIGPDGHKEVTKEVVTSEDGSDCPEAMDLGT
LSGIGTLDGFRHRHPDEAAFFDTASTGKTFPGFFSPMLGEFVSETESRGSESGIFTNTKESSSHHPGIAEFPSRGKSSSY
SK
;
A,D,G,J
2 'polypeptide(L)'
;QGVNDNEEGFFSARGHRPLDKKREEAPSLRPAPPPISGGGYRARPAKAAATQKKVERKAPDAGGCLHADPDLGVLCPTGC
QLQEALLQQERPIRNSVDELNNNVEAVSQTSSSSFQYMYLLKDLWQKRQKQVKDNENVVNEYSSELEKHQLYIDETVNSN
IPTNLRVLRSILENLRSKIQKLESDVSAQMEYCRTPCTVSCNIPVVSGKECEEIIRKGGETSEMYLIQPDSSVKPYRVYC
DMNTENGGWTVIQNRQDGSVDFGRKWDPYKQGFGNVATNTDGKNYCGLPGEYWLGNDKISQLTRMGPTELLIEMEDWKGD
KVKAHYGGFTVQNEANKYQISVNKYRGTAGNALMDGASQLMGENRTMTIHNGMFFSTYDRDNDGWLTSDPRKQCSKEDGG
GWWYNRCHAANPNGRYYWGGQYTWDMAKHGTDDGVVWMNWKGSWYSMRKMSMKIRPFFPQQ
;
B,E,H,K
3 'polypeptide(L)'
;YVATRDNCCILDERFGSYCPTTCGIADFLSTYQTKVDKDLQSLEDILHQVENKTSEVKQLIKAIQLTYNPDESSKPNMID
AATLKSRKMLEEIMKYEASILTHDSSIRYLQEIYNSNNQKIVNLKEKVAQLEAQCQEPCKDTVQIHDITGKDCQDIANKG
AKQSGLYFIKPLKANQQFLVYCEIDGSGNGWTVFQKRLDGSVDFKKNWIQYKEGFGHLSPTGTTEFWLGNEKIHLISTQS
AIPYALRVELEDWNGRTSTADYAMFKVGPEADKYRLTYAYFAGGDAGDAFDGFDFGDDPSDKFFTSHNGMQFSTWDNDND
KFEGNCAEQDGSGWWMNKCHAGHLNGVYYQGGTYSKASTPNGYDNGIIWATWKTRWYSMKKTTMKIIPFNRLTIGEGQQH
HLGGAKQAGDV
;
C,F,I,L
4 'polypeptide(L)' GPRP M,N,Q,R
5 'polypeptide(L)' GHRP O,P,S,T
#
loop_
_chem_comp.id
_chem_comp.type
_chem_comp.name
_chem_comp.formula
BMA D-saccharide, beta linking beta-D-mannopyranose 'C6 H12 O6'
CA non-polymer 'CALCIUM ION' 'Ca 2'
GAL D-saccharide, beta linking beta-D-galactopyranose 'C6 H12 O6'
MAN D-saccharide, alpha linking alpha-D-mannopyranose 'C6 H12 O6'
NAG D-saccharide, beta linking 2-acetamido-2-deoxy-beta-D-glucopyranose 'C8 H15 N O6'
SIA D-saccharide, alpha linking 'N-acetyl-alpha-neuraminic acid' 'C11 H19 N O9'
#
# COMPACT_ATOMS: atom_id res chain seq x y z
N ALA A 27 1.23 25.71 -17.07
CA ALA A 27 0.04 26.43 -16.55
C ALA A 27 -0.67 27.20 -17.67
N CYS A 28 -1.63 28.04 -17.29
CA CYS A 28 -2.32 28.96 -18.21
C CYS A 28 -1.37 30.10 -18.60
N LYS A 29 -0.46 30.45 -17.69
CA LYS A 29 0.53 31.52 -17.89
C LYS A 29 1.50 31.31 -19.06
N ASP A 30 1.84 30.05 -19.33
CA ASP A 30 2.90 29.67 -20.30
C ASP A 30 2.96 30.56 -21.56
N SER A 31 3.74 31.63 -21.49
CA SER A 31 3.91 32.57 -22.60
C SER A 31 4.95 32.04 -23.60
N ASP A 32 4.72 30.82 -24.08
CA ASP A 32 5.60 30.19 -25.07
C ASP A 32 5.05 30.46 -26.47
N TRP A 33 4.50 31.65 -26.67
CA TRP A 33 3.81 31.99 -27.90
C TRP A 33 4.43 33.25 -28.51
N PRO A 34 4.61 33.25 -29.85
CA PRO A 34 5.26 34.36 -30.54
C PRO A 34 4.30 35.52 -30.75
N PHE A 35 4.83 36.67 -31.15
CA PHE A 35 4.03 37.88 -31.25
C PHE A 35 3.14 37.82 -32.50
N CYS A 36 1.93 38.36 -32.40
CA CYS A 36 0.94 38.25 -33.48
C CYS A 36 1.20 39.23 -34.61
N SER A 37 0.62 38.91 -35.77
CA SER A 37 0.60 39.81 -36.91
C SER A 37 -0.71 40.58 -36.90
N ASP A 38 -1.01 41.24 -38.01
CA ASP A 38 -2.23 42.02 -38.16
C ASP A 38 -3.29 41.31 -39.02
N GLU A 39 -2.86 40.41 -39.90
CA GLU A 39 -3.80 39.52 -40.59
C GLU A 39 -4.07 38.31 -39.71
N ASP A 40 -3.17 38.05 -38.76
CA ASP A 40 -3.42 37.11 -37.67
C ASP A 40 -4.70 37.45 -36.92
N TRP A 41 -5.26 38.62 -37.20
CA TRP A 41 -6.56 39.00 -36.68
C TRP A 41 -7.65 38.64 -37.70
N ASN A 42 -8.78 38.12 -37.18
CA ASN A 42 -9.82 37.37 -37.93
C ASN A 42 -9.48 35.88 -38.06
N TYR A 43 -8.21 35.53 -37.87
CA TYR A 43 -7.71 34.20 -38.12
C TYR A 43 -7.58 33.49 -36.79
N LYS A 44 -6.79 34.07 -35.89
CA LYS A 44 -6.75 33.64 -34.50
C LYS A 44 -7.53 34.67 -33.68
N CYS A 45 -8.37 34.22 -32.75
CA CYS A 45 -9.31 35.10 -32.02
C CYS A 45 -9.34 34.86 -30.49
N PRO A 46 -9.82 35.84 -29.70
CA PRO A 46 -9.64 35.80 -28.24
C PRO A 46 -10.73 35.01 -27.53
N SER A 47 -10.34 34.23 -26.52
CA SER A 47 -11.27 33.36 -25.81
C SER A 47 -12.42 34.16 -25.20
N GLY A 48 -13.65 33.72 -25.47
CA GLY A 48 -14.84 34.35 -24.95
C GLY A 48 -14.81 34.70 -23.46
N CYS A 49 -14.11 33.87 -22.67
CA CYS A 49 -13.99 34.09 -21.21
C CYS A 49 -13.49 35.48 -20.85
N ARG A 50 -12.35 35.85 -21.44
CA ARG A 50 -11.76 37.15 -21.22
C ARG A 50 -12.66 38.18 -21.86
N MET A 51 -13.24 37.84 -23.00
CA MET A 51 -14.23 38.72 -23.64
C MET A 51 -15.44 38.86 -22.74
N LYS A 52 -15.94 37.75 -22.22
CA LYS A 52 -17.03 37.78 -21.25
C LYS A 52 -16.69 38.71 -20.10
N GLY A 53 -15.44 38.63 -19.63
CA GLY A 53 -14.95 39.52 -18.57
C GLY A 53 -14.92 40.99 -18.98
N LEU A 54 -14.62 41.23 -20.25
CA LEU A 54 -14.50 42.59 -20.78
C LEU A 54 -15.86 43.12 -21.24
N ILE A 55 -16.62 42.29 -21.94
CA ILE A 55 -17.99 42.62 -22.38
C ILE A 55 -18.82 43.23 -21.28
N ASP A 56 -18.63 42.75 -20.06
CA ASP A 56 -19.35 43.24 -18.89
C ASP A 56 -18.70 44.49 -18.29
N GLU A 57 -17.37 44.49 -18.17
CA GLU A 57 -16.65 45.62 -17.56
C GLU A 57 -16.96 46.95 -18.25
N VAL A 58 -17.25 46.89 -19.55
CA VAL A 58 -17.64 48.09 -20.29
C VAL A 58 -19.12 48.42 -20.04
N ASN A 59 -20.01 47.45 -20.24
CA ASN A 59 -21.46 47.67 -20.05
C ASN A 59 -21.82 48.04 -18.61
N GLN A 60 -20.93 47.71 -17.68
CA GLN A 60 -21.11 48.04 -16.26
C GLN A 60 -20.59 49.46 -15.95
N ASP A 61 -19.38 49.78 -16.41
CA ASP A 61 -18.80 51.13 -16.20
C ASP A 61 -19.50 52.22 -16.99
N PHE A 62 -20.34 51.83 -17.95
CA PHE A 62 -21.29 52.74 -18.58
C PHE A 62 -22.57 52.88 -17.75
N THR A 63 -22.83 51.93 -16.83
CA THR A 63 -23.95 52.05 -15.89
C THR A 63 -23.54 52.67 -14.54
N ASN A 64 -22.23 52.64 -14.22
CA ASN A 64 -21.68 53.39 -13.08
C ASN A 64 -21.51 54.86 -13.44
N ARG A 65 -21.07 55.08 -14.66
CA ARG A 65 -20.97 56.40 -15.24
C ARG A 65 -22.36 57.02 -15.39
N ILE A 66 -23.28 56.29 -16.01
CA ILE A 66 -24.65 56.78 -16.22
C ILE A 66 -25.34 57.14 -14.89
N ASN A 67 -25.02 56.41 -13.81
CA ASN A 67 -25.65 56.68 -12.50
C ASN A 67 -25.13 57.96 -11.84
N LYS A 68 -23.85 58.30 -12.05
CA LYS A 68 -23.30 59.57 -11.54
C LYS A 68 -23.63 60.75 -12.46
N LEU A 69 -23.95 60.45 -13.72
CA LEU A 69 -24.44 61.43 -14.70
C LEU A 69 -25.91 61.76 -14.41
N LYS A 70 -26.75 60.73 -14.38
CA LYS A 70 -28.17 60.90 -14.07
C LYS A 70 -28.38 61.61 -12.74
N ASN A 71 -27.69 61.18 -11.68
CA ASN A 71 -27.88 61.78 -10.35
C ASN A 71 -27.51 63.27 -10.28
N SER A 72 -26.83 63.78 -11.29
CA SER A 72 -26.60 65.22 -11.44
C SER A 72 -27.72 65.84 -12.27
N LEU A 73 -28.16 65.14 -13.32
CA LEU A 73 -29.24 65.63 -14.22
C LEU A 73 -30.53 66.00 -13.48
N PHE A 74 -30.82 65.28 -12.41
CA PHE A 74 -32.03 65.54 -11.63
C PHE A 74 -31.79 66.58 -10.53
N GLU A 75 -30.51 66.82 -10.19
CA GLU A 75 -30.14 67.92 -9.28
C GLU A 75 -30.48 69.27 -9.89
N TYR A 76 -30.07 69.46 -11.14
CA TYR A 76 -30.27 70.72 -11.85
C TYR A 76 -31.68 70.82 -12.43
N GLN A 77 -32.42 69.72 -12.40
CA GLN A 77 -33.86 69.73 -12.67
C GLN A 77 -34.66 69.92 -11.37
N LYS A 78 -34.00 69.76 -10.22
CA LYS A 78 -34.56 70.16 -8.91
C LYS A 78 -34.06 71.56 -8.49
N ASN A 79 -32.84 71.90 -8.89
CA ASN A 79 -32.33 73.27 -8.77
C ASN A 79 -33.06 74.24 -9.71
N ASN A 80 -33.58 73.70 -10.81
CA ASN A 80 -34.52 74.41 -11.69
C ASN A 80 -35.75 74.89 -10.92
N LYS A 81 -36.42 73.97 -10.23
CA LYS A 81 -37.67 74.29 -9.51
C LYS A 81 -37.50 75.44 -8.50
N ASP A 82 -36.35 75.48 -7.82
CA ASP A 82 -36.08 76.48 -6.78
C ASP A 82 -35.59 77.83 -7.33
N SER A 83 -34.71 77.78 -8.33
CA SER A 83 -34.08 78.98 -8.88
C SER A 83 -35.01 79.80 -9.78
N HIS A 84 -35.98 79.15 -10.42
CA HIS A 84 -37.05 79.84 -11.17
C HIS A 84 -38.09 80.46 -10.23
N SER A 85 -38.09 79.99 -8.97
CA SER A 85 -38.87 80.62 -7.90
C SER A 85 -38.12 81.82 -7.30
N LEU A 86 -36.81 81.66 -7.09
CA LEU A 86 -35.96 82.74 -6.55
C LEU A 86 -35.69 83.86 -7.57
N THR A 87 -35.79 83.55 -8.87
CA THR A 87 -35.61 84.53 -9.96
C THR A 87 -36.87 85.38 -10.17
N THR A 88 -38.03 84.72 -10.17
CA THR A 88 -39.29 85.44 -10.20
C THR A 88 -39.57 86.13 -8.85
N ASN A 89 -38.89 85.66 -7.79
CA ASN A 89 -38.91 86.33 -6.48
C ASN A 89 -38.12 87.65 -6.48
N ILE A 90 -36.86 87.57 -6.89
CA ILE A 90 -36.04 88.77 -7.08
C ILE A 90 -36.52 89.60 -8.29
N MET A 91 -37.44 89.03 -9.09
CA MET A 91 -38.18 89.78 -10.09
C MET A 91 -39.21 90.68 -9.42
N GLU A 92 -40.16 90.10 -8.69
CA GLU A 92 -41.27 90.87 -8.12
C GLU A 92 -40.91 91.88 -7.02
N ILE A 93 -39.78 91.70 -6.33
CA ILE A 93 -39.32 92.71 -5.36
C ILE A 93 -38.66 93.93 -6.04
N LEU A 94 -38.23 93.77 -7.29
CA LEU A 94 -37.58 94.85 -8.04
C LEU A 94 -38.03 94.97 -9.52
N ARG A 95 -39.10 94.25 -9.89
CA ARG A 95 -39.73 94.41 -11.22
C ARG A 95 -40.71 95.58 -11.18
N GLY A 96 -41.18 95.91 -9.98
CA GLY A 96 -42.00 97.10 -9.74
C GLY A 96 -41.31 98.20 -8.96
N ASP A 97 -40.31 97.86 -8.14
CA ASP A 97 -39.59 98.84 -7.30
C ASP A 97 -39.31 100.13 -8.05
N PHE A 98 -38.76 99.99 -9.26
CA PHE A 98 -38.46 101.14 -10.10
C PHE A 98 -39.70 101.75 -10.76
N SER A 99 -40.86 101.13 -10.55
CA SER A 99 -42.15 101.78 -10.78
C SER A 99 -42.71 102.37 -9.48
N SER A 100 -42.11 102.01 -8.35
CA SER A 100 -42.46 102.59 -7.04
C SER A 100 -41.56 103.77 -6.72
N ALA A 101 -40.40 103.84 -7.39
CA ALA A 101 -39.49 104.97 -7.29
C ALA A 101 -40.02 106.17 -8.05
N ASN A 102 -40.71 105.92 -9.17
CA ASN A 102 -41.39 106.98 -9.92
C ASN A 102 -42.62 107.50 -9.17
N ASN A 103 -43.31 106.58 -8.50
CA ASN A 103 -44.43 106.93 -7.61
C ASN A 103 -43.95 107.70 -6.38
N ARG A 104 -42.72 107.41 -5.95
CA ARG A 104 -42.07 108.14 -4.86
C ARG A 104 -41.94 109.63 -5.20
N ASP A 105 -41.78 109.92 -6.48
CA ASP A 105 -41.67 111.28 -6.97
C ASP A 105 -43.03 111.98 -7.11
N ASN A 106 -44.11 111.21 -7.19
CA ASN A 106 -45.46 111.78 -7.32
C ASN A 106 -45.65 113.03 -6.47
N THR A 107 -45.31 112.94 -5.19
CA THR A 107 -45.35 114.09 -4.27
C THR A 107 -44.24 115.08 -4.61
N TYR A 108 -43.10 114.53 -5.02
CA TYR A 108 -41.95 115.34 -5.39
C TYR A 108 -42.19 116.10 -6.69
N ASN A 109 -43.00 115.52 -7.56
CA ASN A 109 -43.30 116.11 -8.87
C ASN A 109 -44.08 117.43 -8.74
N ARG A 110 -45.15 117.41 -7.95
CA ARG A 110 -46.07 118.55 -7.82
C ARG A 110 -45.84 119.29 -6.50
N VAL A 111 -45.99 118.58 -5.40
CA VAL A 111 -45.93 119.19 -4.06
C VAL A 111 -44.60 119.92 -3.86
N SER A 112 -43.58 119.53 -4.61
CA SER A 112 -42.35 120.30 -4.66
C SER A 112 -42.44 121.42 -5.71
N GLU A 113 -42.85 121.09 -6.94
CA GLU A 113 -42.81 122.07 -8.05
C GLU A 113 -43.68 123.29 -7.80
N ASP A 114 -44.98 123.06 -7.63
CA ASP A 114 -45.90 124.18 -7.41
C ASP A 114 -45.42 125.06 -6.25
N LEU A 115 -44.93 124.41 -5.19
CA LEU A 115 -44.35 125.13 -4.06
C LEU A 115 -43.18 126.01 -4.47
N ARG A 116 -42.26 125.47 -5.28
CA ARG A 116 -41.10 126.24 -5.72
C ARG A 116 -41.51 127.54 -6.41
N SER A 117 -42.63 127.50 -7.13
CA SER A 117 -43.17 128.70 -7.75
C SER A 117 -43.80 129.62 -6.71
N ARG A 118 -44.39 129.05 -5.66
CA ARG A 118 -44.99 129.84 -4.58
C ARG A 118 -43.95 130.53 -3.71
N ILE A 119 -42.87 129.82 -3.38
CA ILE A 119 -41.72 130.39 -2.65
C ILE A 119 -41.11 131.54 -3.43
N GLU A 120 -41.04 131.39 -4.74
CA GLU A 120 -40.49 132.42 -5.60
C GLU A 120 -41.43 133.62 -5.70
N VAL A 121 -42.69 133.38 -6.11
CA VAL A 121 -43.70 134.46 -6.21
C VAL A 121 -43.91 135.19 -4.88
N LEU A 122 -43.47 134.56 -3.80
CA LEU A 122 -43.29 135.21 -2.50
C LEU A 122 -42.30 136.39 -2.55
N LYS A 123 -41.19 136.23 -3.28
CA LYS A 123 -40.18 137.30 -3.37
C LYS A 123 -40.63 138.49 -4.21
N ARG A 124 -41.31 138.24 -5.33
CA ARG A 124 -41.84 139.32 -6.19
C ARG A 124 -42.59 140.35 -5.36
N LYS A 125 -43.23 139.89 -4.29
CA LYS A 125 -43.81 140.78 -3.28
C LYS A 125 -42.75 141.23 -2.26
N VAL A 126 -42.02 140.30 -1.65
CA VAL A 126 -41.11 140.65 -0.54
C VAL A 126 -39.97 141.58 -0.95
N ILE A 127 -39.73 141.74 -2.25
CA ILE A 127 -38.77 142.74 -2.72
C ILE A 127 -39.41 144.13 -2.75
N GLU A 128 -40.70 144.21 -3.10
CA GLU A 128 -41.42 145.47 -3.02
C GLU A 128 -41.24 145.99 -1.61
N LYS A 129 -41.57 145.13 -0.65
CA LYS A 129 -41.69 145.52 0.74
C LYS A 129 -40.34 145.91 1.35
N VAL A 130 -39.28 145.24 0.94
CA VAL A 130 -37.94 145.67 1.31
C VAL A 130 -37.58 146.95 0.57
N GLN A 131 -37.80 146.95 -0.73
CA GLN A 131 -37.45 148.09 -1.55
C GLN A 131 -37.94 149.35 -0.85
N HIS A 132 -39.27 149.46 -0.76
CA HIS A 132 -39.89 150.65 -0.19
C HIS A 132 -39.24 151.05 1.14
N ILE A 133 -38.86 150.08 1.96
CA ILE A 133 -38.28 150.38 3.26
C ILE A 133 -36.89 150.99 3.15
N GLN A 134 -36.18 150.68 2.08
CA GLN A 134 -34.87 151.28 1.89
C GLN A 134 -35.03 152.73 1.46
N LEU A 135 -36.12 153.00 0.77
CA LEU A 135 -36.41 154.35 0.33
C LEU A 135 -36.83 155.14 1.54
N LEU A 136 -37.68 154.54 2.36
CA LEU A 136 -38.20 155.24 3.53
C LEU A 136 -37.10 155.48 4.55
N GLN A 137 -36.17 154.53 4.67
CA GLN A 137 -34.95 154.71 5.45
C GLN A 137 -34.22 156.00 5.04
N LYS A 138 -34.00 156.17 3.74
CA LYS A 138 -33.32 157.36 3.25
C LYS A 138 -34.22 158.61 3.43
N ASN A 139 -35.44 158.56 2.91
CA ASN A 139 -36.43 159.60 3.18
C ASN A 139 -36.35 160.15 4.60
N VAL A 140 -36.36 159.26 5.58
CA VAL A 140 -36.39 159.66 6.98
C VAL A 140 -35.05 160.15 7.49
N ARG A 141 -33.96 159.49 7.09
CA ARG A 141 -32.64 160.02 7.41
C ARG A 141 -32.63 161.54 7.14
N ALA A 142 -33.03 161.91 5.93
CA ALA A 142 -33.34 163.30 5.54
C ALA A 142 -34.13 164.02 6.64
N GLN A 143 -35.37 163.55 6.85
CA GLN A 143 -36.28 164.16 7.81
C GLN A 143 -35.66 164.36 9.18
N LEU A 144 -34.74 163.50 9.57
CA LEU A 144 -34.18 163.60 10.89
C LEU A 144 -33.20 164.76 10.93
N VAL A 145 -32.13 164.70 10.14
CA VAL A 145 -31.16 165.81 10.09
C VAL A 145 -31.89 167.17 10.00
N ASP A 146 -32.87 167.24 9.11
CA ASP A 146 -33.68 168.42 8.91
C ASP A 146 -34.17 169.05 10.22
N MET A 147 -34.72 168.22 11.10
CA MET A 147 -35.24 168.72 12.38
C MET A 147 -34.10 169.13 13.27
N LYS A 148 -33.14 168.23 13.44
CA LYS A 148 -31.93 168.58 14.13
C LYS A 148 -31.57 169.99 13.69
N ARG A 149 -31.44 170.18 12.38
CA ARG A 149 -31.24 171.51 11.80
C ARG A 149 -32.26 172.54 12.28
N LEU A 150 -33.51 172.35 11.85
CA LEU A 150 -34.59 173.27 12.14
C LEU A 150 -34.74 173.57 13.61
N GLU A 151 -34.53 172.53 14.42
CA GLU A 151 -34.60 172.60 15.86
C GLU A 151 -33.52 173.52 16.38
N VAL A 152 -32.29 173.34 15.91
CA VAL A 152 -31.25 174.28 16.32
C VAL A 152 -31.56 175.63 15.72
N ASP A 153 -32.07 175.61 14.50
CA ASP A 153 -32.38 176.87 13.82
C ASP A 153 -33.55 177.63 14.46
N ILE A 154 -34.45 176.96 15.15
CA ILE A 154 -35.38 177.74 15.96
C ILE A 154 -34.71 178.27 17.22
N ASP A 155 -33.83 177.47 17.82
CA ASP A 155 -33.25 177.83 19.12
C ASP A 155 -32.44 179.09 19.00
N ILE A 156 -31.70 179.19 17.91
CA ILE A 156 -31.00 180.43 17.59
C ILE A 156 -31.99 181.59 17.45
N LYS A 157 -33.03 181.38 16.66
CA LYS A 157 -33.95 182.46 16.30
C LYS A 157 -34.63 182.93 17.55
N ILE A 158 -35.14 181.99 18.35
CA ILE A 158 -35.84 182.42 19.55
C ILE A 158 -34.90 183.21 20.43
N ARG A 159 -33.68 182.69 20.66
CA ARG A 159 -32.75 183.39 21.54
C ARG A 159 -32.38 184.75 20.98
N SER A 160 -32.26 184.84 19.66
CA SER A 160 -32.02 186.08 18.94
C SER A 160 -33.05 187.17 19.25
N CYS A 161 -34.26 186.77 19.66
CA CYS A 161 -35.30 187.74 20.03
C CYS A 161 -35.06 188.46 21.35
N ARG A 162 -34.04 188.06 22.10
CA ARG A 162 -33.74 188.72 23.37
C ARG A 162 -33.59 190.24 23.20
N GLY A 163 -32.87 190.66 22.17
CA GLY A 163 -32.67 192.10 21.92
C GLY A 163 -33.75 192.92 21.21
N SER A 164 -34.92 192.34 20.96
CA SER A 164 -35.98 193.00 20.17
C SER A 164 -37.31 192.97 20.87
N CYS A 165 -37.66 191.81 21.45
CA CYS A 165 -38.81 191.63 22.36
C CYS A 165 -38.43 191.53 23.85
N SER A 166 -39.42 191.67 24.73
CA SER A 166 -39.17 191.78 26.16
C SER A 166 -38.65 190.47 26.72
N ARG A 167 -39.54 189.50 26.89
CA ARG A 167 -39.14 188.14 27.27
C ARG A 167 -38.73 187.35 26.02
N ALA A 168 -37.88 186.35 26.20
CA ALA A 168 -37.54 185.38 25.16
C ALA A 168 -37.62 183.99 25.74
N LEU A 169 -38.33 183.10 25.06
CA LEU A 169 -38.73 181.86 25.68
C LEU A 169 -37.52 181.05 26.04
N ALA A 170 -37.39 180.70 27.33
CA ALA A 170 -36.28 179.86 27.78
C ALA A 170 -36.60 178.41 27.47
N ARG A 171 -35.62 177.71 26.93
CA ARG A 171 -35.80 176.33 26.53
C ARG A 171 -34.45 175.69 26.23
N GLU A 172 -34.34 174.41 26.55
CA GLU A 172 -33.11 173.65 26.33
C GLU A 172 -33.36 172.67 25.18
N VAL A 173 -32.36 172.51 24.31
CA VAL A 173 -32.48 171.65 23.13
C VAL A 173 -31.84 170.28 23.39
N ASP A 174 -32.64 169.20 23.38
CA ASP A 174 -32.11 167.88 23.71
C ASP A 174 -31.69 167.14 22.43
N LEU A 175 -30.65 167.66 21.80
CA LEU A 175 -30.08 167.01 20.62
C LEU A 175 -29.42 165.66 20.99
N LYS A 176 -28.98 165.53 22.24
CA LYS A 176 -28.59 164.23 22.79
C LYS A 176 -29.57 163.15 22.30
N ASP A 177 -30.87 163.41 22.43
CA ASP A 177 -31.90 162.52 21.88
C ASP A 177 -31.76 162.33 20.36
N TYR A 178 -31.75 163.43 19.62
CA TYR A 178 -31.59 163.38 18.16
C TYR A 178 -30.41 162.51 17.69
N GLU A 179 -29.26 162.66 18.35
CA GLU A 179 -28.03 161.94 17.95
C GLU A 179 -28.23 160.44 18.10
N ASP A 180 -28.70 160.02 19.28
CA ASP A 180 -29.03 158.63 19.57
C ASP A 180 -29.96 158.08 18.51
N GLN A 181 -31.05 158.79 18.26
CA GLN A 181 -31.99 158.39 17.21
C GLN A 181 -31.34 158.30 15.81
N GLN A 182 -30.21 158.98 15.59
CA GLN A 182 -29.44 158.82 14.36
C GLN A 182 -28.40 157.68 14.47
N LYS A 183 -27.54 157.76 15.49
CA LYS A 183 -26.53 156.74 15.82
C LYS A 183 -27.16 155.37 16.02
N GLN A 184 -28.32 155.33 16.66
CA GLN A 184 -29.13 154.13 16.73
C GLN A 184 -29.61 153.75 15.32
N LEU A 185 -30.19 154.69 14.62
CA LEU A 185 -30.75 154.43 13.29
C LEU A 185 -29.72 153.94 12.27
N GLU A 186 -28.56 154.58 12.18
CA GLU A 186 -27.56 154.17 11.18
C GLU A 186 -27.12 152.73 11.37
N GLN A 187 -26.97 152.34 12.63
CA GLN A 187 -26.87 150.93 13.03
C GLN A 187 -27.70 150.01 12.12
N VAL A 188 -28.95 150.42 11.84
CA VAL A 188 -29.97 149.56 11.22
C VAL A 188 -30.08 149.59 9.67
N ILE A 189 -29.80 150.73 9.05
CA ILE A 189 -29.99 150.85 7.61
C ILE A 189 -28.89 150.17 6.80
N ALA A 190 -27.67 150.16 7.35
CA ALA A 190 -26.48 149.73 6.61
C ALA A 190 -26.33 148.22 6.44
N LYS A 191 -27.37 147.46 6.75
CA LYS A 191 -27.34 145.98 6.67
C LYS A 191 -28.12 145.39 5.49
N ASP A 192 -29.42 145.69 5.45
CA ASP A 192 -30.39 144.85 4.76
C ASP A 192 -30.58 145.18 3.28
N LEU A 193 -30.01 144.34 2.43
CA LEU A 193 -30.25 144.38 0.99
C LEU A 193 -30.72 143.02 0.46
N LEU A 194 -30.25 141.94 1.10
CA LEU A 194 -30.52 140.54 0.71
C LEU A 194 -29.98 140.15 -0.69
N PRO A 195 -28.65 140.21 -0.88
CA PRO A 195 -28.08 140.03 -2.22
C PRO A 195 -27.77 138.57 -2.58
N SER A 196 -26.62 138.06 -2.11
CA SER A 196 -25.99 136.84 -2.61
C SER A 196 -26.93 135.77 -3.22
N ARG A 197 -27.93 135.35 -2.45
CA ARG A 197 -28.87 134.31 -2.90
C ARG A 197 -29.94 134.90 -3.83
N ASP A 198 -29.61 134.94 -5.12
CA ASP A 198 -30.44 135.56 -6.14
C ASP A 198 -31.25 134.54 -6.95
N ARG A 199 -30.64 133.38 -7.19
CA ARG A 199 -31.07 132.47 -8.25
C ARG A 199 -31.11 131.00 -7.79
N GLN A 200 -32.13 130.26 -8.22
CA GLN A 200 -32.37 128.90 -7.73
C GLN A 200 -32.99 128.02 -8.83
N LYS B 58 -4.54 40.68 -13.35
CA LYS B 58 -5.64 39.84 -13.90
C LYS B 58 -6.48 40.68 -14.86
N ALA B 59 -6.37 40.40 -16.15
CA ALA B 59 -7.21 41.02 -17.17
C ALA B 59 -8.59 40.35 -17.13
N PRO B 60 -9.65 41.12 -16.77
CA PRO B 60 -10.98 40.57 -16.48
C PRO B 60 -11.34 39.28 -17.24
N ASP B 61 -11.48 38.18 -16.49
CA ASP B 61 -12.02 36.93 -17.02
C ASP B 61 -13.41 36.71 -16.41
N ALA B 62 -14.35 36.26 -17.22
CA ALA B 62 -15.69 35.96 -16.72
C ALA B 62 -16.29 34.81 -17.51
N GLY B 63 -17.37 34.24 -16.98
CA GLY B 63 -18.05 33.12 -17.62
C GLY B 63 -17.21 31.86 -17.73
N GLY B 64 -17.80 30.83 -18.34
CA GLY B 64 -17.13 29.55 -18.54
C GLY B 64 -17.18 28.66 -17.32
N CYS B 65 -17.05 27.35 -17.56
CA CYS B 65 -17.06 26.35 -16.49
C CYS B 65 -15.88 25.38 -16.64
N LEU B 66 -15.52 24.71 -15.53
CA LEU B 66 -14.48 23.67 -15.53
C LEU B 66 -15.11 22.33 -15.86
N HIS B 67 -14.69 21.72 -16.97
CA HIS B 67 -15.21 20.43 -17.38
C HIS B 67 -14.60 19.34 -16.51
N ALA B 68 -15.44 18.52 -15.89
CA ALA B 68 -15.00 17.42 -15.02
C ALA B 68 -14.06 16.45 -15.75
N ASP B 69 -14.21 16.37 -17.08
CA ASP B 69 -13.27 15.65 -17.96
C ASP B 69 -11.98 16.46 -18.14
N PRO B 70 -10.83 15.90 -17.72
CA PRO B 70 -9.55 16.60 -17.93
C PRO B 70 -8.99 16.56 -19.36
N ASP B 71 -9.65 15.82 -20.26
CA ASP B 71 -9.26 15.76 -21.67
C ASP B 71 -9.27 17.14 -22.33
N LEU B 72 -10.18 18.02 -21.87
CA LEU B 72 -10.37 19.35 -22.44
C LEU B 72 -9.83 20.46 -21.53
N GLY B 73 -10.38 20.60 -20.32
CA GLY B 73 -9.88 21.59 -19.34
C GLY B 73 -10.92 22.59 -18.87
N VAL B 74 -10.97 23.76 -19.53
CA VAL B 74 -11.89 24.86 -19.15
C VAL B 74 -12.61 25.49 -20.35
N LEU B 75 -13.93 25.37 -20.39
CA LEU B 75 -14.73 25.88 -21.50
C LEU B 75 -14.96 27.37 -21.36
N CYS B 76 -15.25 28.03 -22.48
CA CYS B 76 -15.45 29.49 -22.55
C CYS B 76 -16.72 29.84 -23.34
N PRO B 77 -17.45 30.89 -22.92
CA PRO B 77 -18.73 31.19 -23.56
C PRO B 77 -18.62 31.38 -25.07
N THR B 78 -19.65 30.95 -25.80
CA THR B 78 -19.64 30.94 -27.26
C THR B 78 -19.89 32.33 -27.84
N GLY B 79 -19.85 32.42 -29.17
CA GLY B 79 -20.11 33.66 -29.86
C GLY B 79 -21.43 34.31 -29.46
N CYS B 80 -22.50 33.53 -29.52
CA CYS B 80 -23.85 34.05 -29.28
C CYS B 80 -23.97 34.59 -27.87
N GLN B 81 -23.80 33.73 -26.89
CA GLN B 81 -23.92 34.11 -25.48
C GLN B 81 -23.19 35.43 -25.18
N LEU B 82 -22.05 35.64 -25.84
CA LEU B 82 -21.32 36.91 -25.75
C LEU B 82 -22.02 38.01 -26.54
N GLN B 83 -22.18 37.79 -27.85
CA GLN B 83 -22.82 38.80 -28.71
C GLN B 83 -24.29 39.02 -28.30
N GLU B 84 -24.95 37.94 -27.91
CA GLU B 84 -26.31 38.02 -27.39
C GLU B 84 -26.31 38.99 -26.22
N ALA B 85 -25.51 38.66 -25.20
CA ALA B 85 -25.37 39.50 -24.02
C ALA B 85 -25.35 40.98 -24.41
N LEU B 86 -24.40 41.33 -25.28
CA LEU B 86 -24.22 42.73 -25.66
C LEU B 86 -25.46 43.34 -26.32
N LEU B 87 -26.18 42.55 -27.15
CA LEU B 87 -27.37 43.07 -27.85
C LEU B 87 -28.42 43.65 -26.89
N GLN B 88 -28.74 42.91 -25.84
CA GLN B 88 -29.74 43.37 -24.87
C GLN B 88 -29.09 44.25 -23.80
N GLN B 89 -27.77 44.43 -23.85
CA GLN B 89 -27.14 45.51 -23.08
C GLN B 89 -27.25 46.78 -23.89
N GLU B 90 -26.74 46.72 -25.11
CA GLU B 90 -26.75 47.84 -26.04
C GLU B 90 -28.09 48.57 -26.11
N ARG B 91 -29.18 47.86 -26.41
CA ARG B 91 -30.46 48.51 -26.68
C ARG B 91 -31.01 49.31 -25.48
N PRO B 92 -31.06 48.71 -24.27
CA PRO B 92 -31.35 49.46 -23.03
C PRO B 92 -30.31 50.51 -22.63
N ILE B 93 -29.03 50.24 -22.92
CA ILE B 93 -27.95 51.20 -22.63
C ILE B 93 -27.90 52.36 -23.65
N ARG B 94 -28.52 52.20 -24.82
CA ARG B 94 -28.57 53.26 -25.85
C ARG B 94 -29.78 54.19 -25.72
N ASN B 95 -30.98 53.61 -25.61
CA ASN B 95 -32.21 54.40 -25.49
C ASN B 95 -32.39 55.12 -24.13
N SER B 96 -31.55 54.75 -23.16
CA SER B 96 -31.44 55.49 -21.89
C SER B 96 -30.50 56.71 -21.99
N VAL B 97 -29.65 56.75 -23.03
CA VAL B 97 -28.74 57.88 -23.22
C VAL B 97 -29.39 58.97 -24.07
N ASP B 98 -30.21 58.57 -25.05
CA ASP B 98 -30.92 59.54 -25.90
C ASP B 98 -32.08 60.20 -25.16
N GLU B 99 -32.61 59.52 -24.14
CA GLU B 99 -33.60 60.12 -23.23
C GLU B 99 -32.91 61.05 -22.21
N LEU B 100 -31.69 60.69 -21.79
CA LEU B 100 -30.89 61.57 -20.96
C LEU B 100 -30.47 62.82 -21.76
N ASN B 101 -30.00 62.60 -22.98
CA ASN B 101 -29.58 63.71 -23.85
C ASN B 101 -30.72 64.66 -24.22
N ASN B 102 -31.77 64.14 -24.86
CA ASN B 102 -32.90 64.99 -25.30
C ASN B 102 -33.69 65.63 -24.13
N ASN B 103 -33.36 65.24 -22.90
CA ASN B 103 -33.76 66.00 -21.71
C ASN B 103 -32.63 66.93 -21.25
N VAL B 104 -31.48 66.36 -20.86
CA VAL B 104 -30.35 67.13 -20.33
C VAL B 104 -30.08 68.45 -21.07
N GLU B 105 -30.03 68.40 -22.40
CA GLU B 105 -29.71 69.57 -23.24
C GLU B 105 -30.93 70.24 -23.91
N ALA B 106 -32.01 69.50 -24.15
CA ALA B 106 -33.25 70.11 -24.66
C ALA B 106 -34.05 70.75 -23.53
N VAL B 107 -33.80 70.32 -22.28
CA VAL B 107 -34.46 70.90 -21.09
C VAL B 107 -33.53 71.87 -20.34
N SER B 108 -32.28 71.47 -20.07
CA SER B 108 -31.31 72.37 -19.41
C SER B 108 -30.72 73.41 -20.39
N GLN B 109 -31.21 73.44 -21.62
CA GLN B 109 -31.01 74.57 -22.54
C GLN B 109 -31.86 75.76 -22.11
N THR B 110 -33.02 75.49 -21.51
CA THR B 110 -33.86 76.56 -20.94
C THR B 110 -33.21 77.08 -19.66
N SER B 111 -32.71 76.15 -18.84
CA SER B 111 -31.84 76.52 -17.72
C SER B 111 -30.61 77.27 -18.23
N SER B 112 -30.00 76.75 -19.30
CA SER B 112 -28.85 77.41 -19.94
C SER B 112 -29.22 78.78 -20.54
N SER B 113 -30.43 78.89 -21.10
CA SER B 113 -30.92 80.14 -21.69
C SER B 113 -31.15 81.24 -20.65
N SER B 114 -31.32 80.86 -19.39
CA SER B 114 -31.51 81.82 -18.30
C SER B 114 -30.26 82.00 -17.42
N PHE B 115 -29.21 81.21 -17.66
CA PHE B 115 -27.90 81.47 -17.01
C PHE B 115 -27.37 82.85 -17.44
N GLN B 116 -27.70 83.25 -18.68
CA GLN B 116 -27.23 84.50 -19.28
C GLN B 116 -28.19 85.69 -19.12
N TYR B 117 -29.34 85.47 -18.48
CA TYR B 117 -30.26 86.57 -18.17
C TYR B 117 -29.64 87.57 -17.17
N MET B 118 -28.62 87.15 -16.42
CA MET B 118 -27.90 88.03 -15.51
C MET B 118 -27.21 89.18 -16.24
N TYR B 119 -26.39 88.88 -17.23
CA TYR B 119 -25.61 89.90 -17.95
C TYR B 119 -26.45 91.11 -18.40
N LEU B 120 -27.66 90.86 -18.88
CA LEU B 120 -28.56 91.95 -19.31
C LEU B 120 -29.44 92.51 -18.18
N LEU B 121 -29.70 91.71 -17.13
CA LEU B 121 -30.49 92.16 -15.97
C LEU B 121 -29.62 92.55 -14.76
N LYS B 122 -28.40 92.03 -14.68
CA LYS B 122 -27.45 92.46 -13.65
C LYS B 122 -27.13 93.92 -13.87
N ASP B 123 -26.66 94.22 -15.08
CA ASP B 123 -26.35 95.60 -15.48
C ASP B 123 -27.49 96.56 -15.14
N LEU B 124 -28.71 96.19 -15.52
CA LEU B 124 -29.89 97.01 -15.23
C LEU B 124 -30.09 97.22 -13.73
N TRP B 125 -29.77 96.21 -12.92
CA TRP B 125 -29.74 96.37 -11.47
C TRP B 125 -28.54 97.23 -11.07
N GLN B 126 -27.40 96.99 -11.72
CA GLN B 126 -26.20 97.78 -11.45
C GLN B 126 -26.20 99.13 -12.18
N LYS B 127 -27.26 99.41 -12.95
CA LYS B 127 -27.40 100.68 -13.67
C LYS B 127 -28.44 101.60 -13.01
N ARG B 128 -29.70 101.16 -12.98
CA ARG B 128 -30.80 101.98 -12.46
C ARG B 128 -30.74 102.21 -10.95
N GLN B 129 -30.31 101.19 -10.20
CA GLN B 129 -30.05 101.35 -8.77
C GLN B 129 -28.86 102.29 -8.54
N LYS B 130 -27.94 102.35 -9.51
CA LYS B 130 -26.75 103.19 -9.38
C LYS B 130 -26.89 104.56 -10.08
N GLN B 131 -27.90 104.70 -10.93
CA GLN B 131 -28.22 106.01 -11.53
C GLN B 131 -28.99 106.87 -10.53
N VAL B 132 -29.84 106.23 -9.74
CA VAL B 132 -30.71 106.93 -8.77
C VAL B 132 -30.05 107.24 -7.41
N LYS B 133 -28.94 106.58 -7.09
CA LYS B 133 -28.21 106.84 -5.83
C LYS B 133 -27.24 108.02 -5.95
N ASP B 134 -26.81 108.33 -7.18
CA ASP B 134 -26.05 109.56 -7.43
C ASP B 134 -27.01 110.68 -7.84
N ASN B 135 -28.07 110.34 -8.59
CA ASN B 135 -29.19 111.27 -8.83
C ASN B 135 -29.70 111.86 -7.51
N GLU B 136 -29.64 111.08 -6.45
CA GLU B 136 -29.88 111.59 -5.11
C GLU B 136 -28.90 112.72 -4.78
N ASN B 137 -27.62 112.39 -4.62
CA ASN B 137 -26.64 113.37 -4.14
C ASN B 137 -26.21 114.40 -5.20
N VAL B 138 -26.39 114.09 -6.48
CA VAL B 138 -25.94 114.99 -7.58
C VAL B 138 -27.12 115.75 -8.25
N VAL B 139 -28.09 115.03 -8.82
CA VAL B 139 -29.24 115.66 -9.50
C VAL B 139 -30.17 116.29 -8.46
N ASN B 140 -30.11 115.77 -7.24
CA ASN B 140 -30.80 116.35 -6.09
C ASN B 140 -29.84 116.92 -5.04
N GLU B 141 -29.70 118.24 -5.05
CA GLU B 141 -29.26 118.96 -3.86
C GLU B 141 -29.63 120.45 -3.89
N TYR B 142 -30.40 120.88 -4.88
CA TYR B 142 -30.88 122.26 -4.91
C TYR B 142 -31.97 122.46 -3.87
N SER B 143 -32.83 121.46 -3.68
CA SER B 143 -33.83 121.52 -2.61
C SER B 143 -33.18 121.74 -1.24
N SER B 144 -32.06 121.03 -0.98
CA SER B 144 -31.31 121.19 0.26
C SER B 144 -30.63 122.56 0.36
N GLU B 145 -30.03 123.00 -0.74
CA GLU B 145 -29.43 124.33 -0.83
C GLU B 145 -30.48 125.43 -0.71
N LEU B 146 -31.73 125.14 -1.11
CA LEU B 146 -32.83 126.10 -1.02
C LEU B 146 -33.55 126.15 0.35
N GLU B 147 -33.03 125.46 1.36
CA GLU B 147 -33.59 125.60 2.73
C GLU B 147 -32.85 126.68 3.56
N LYS B 148 -31.52 126.71 3.47
CA LYS B 148 -30.74 127.82 4.05
C LYS B 148 -30.93 129.09 3.22
N HIS B 149 -31.29 128.91 1.95
CA HIS B 149 -31.69 130.02 1.09
C HIS B 149 -33.00 130.69 1.54
N GLN B 150 -33.99 129.90 1.96
CA GLN B 150 -35.24 130.46 2.49
C GLN B 150 -35.01 131.28 3.76
N LEU B 151 -34.01 130.90 4.57
CA LEU B 151 -33.74 131.59 5.87
C LEU B 151 -33.39 133.07 5.74
N TYR B 152 -33.07 133.50 4.52
CA TYR B 152 -33.13 134.92 4.15
C TYR B 152 -34.57 135.43 4.23
N ILE B 153 -35.50 134.65 3.67
CA ILE B 153 -36.91 135.04 3.53
C ILE B 153 -37.80 134.59 4.70
N ASP B 154 -37.17 134.20 5.80
CA ASP B 154 -37.88 133.88 7.03
C ASP B 154 -37.42 134.87 8.11
N GLU B 155 -36.12 134.89 8.40
CA GLU B 155 -35.60 135.77 9.46
C GLU B 155 -35.71 137.25 9.09
N THR B 156 -35.75 137.55 7.79
CA THR B 156 -36.29 138.81 7.30
C THR B 156 -37.62 139.02 7.99
N VAL B 157 -38.58 138.17 7.63
CA VAL B 157 -39.98 138.38 7.95
C VAL B 157 -40.30 138.16 9.42
N ASN B 158 -39.46 137.38 10.09
CA ASN B 158 -39.70 137.04 11.48
C ASN B 158 -38.84 137.84 12.46
N SER B 159 -37.93 138.66 11.94
CA SER B 159 -37.10 139.50 12.81
C SER B 159 -36.77 140.86 12.21
N ASN B 160 -36.13 140.88 11.05
CA ASN B 160 -35.63 142.14 10.49
C ASN B 160 -36.71 143.20 10.24
N ILE B 161 -37.58 142.94 9.25
CA ILE B 161 -38.69 143.85 8.95
C ILE B 161 -39.46 144.31 10.19
N PRO B 162 -39.80 143.38 11.10
CA PRO B 162 -40.39 143.84 12.36
C PRO B 162 -39.42 144.68 13.18
N THR B 163 -38.16 144.24 13.27
CA THR B 163 -37.14 145.01 13.98
C THR B 163 -37.04 146.38 13.33
N ASN B 164 -37.00 146.36 12.01
CA ASN B 164 -36.84 147.59 11.27
C ASN B 164 -38.01 148.53 11.54
N LEU B 165 -39.24 148.02 11.43
CA LEU B 165 -40.42 148.85 11.68
C LEU B 165 -40.53 149.25 13.13
N ARG B 166 -40.05 148.40 14.02
CA ARG B 166 -39.96 148.76 15.43
C ARG B 166 -39.13 150.04 15.57
N VAL B 167 -37.88 149.97 15.11
CA VAL B 167 -36.90 151.05 15.30
C VAL B 167 -37.16 152.26 14.39
N LEU B 168 -37.89 152.05 13.29
CA LEU B 168 -38.31 153.19 12.47
C LEU B 168 -39.48 153.91 13.14
N ARG B 169 -40.62 153.23 13.26
CA ARG B 169 -41.82 153.81 13.84
C ARG B 169 -41.52 154.67 15.06
N SER B 170 -40.74 154.14 15.99
CA SER B 170 -40.33 154.90 17.17
C SER B 170 -39.93 156.33 16.85
N ILE B 171 -39.21 156.49 15.75
CA ILE B 171 -38.62 157.76 15.41
C ILE B 171 -39.65 158.72 14.85
N LEU B 172 -40.42 158.27 13.85
CA LEU B 172 -41.40 159.14 13.20
C LEU B 172 -42.42 159.62 14.22
N GLU B 173 -42.94 158.64 14.95
CA GLU B 173 -43.66 158.83 16.18
C GLU B 173 -43.04 159.92 17.07
N ASN B 174 -41.72 159.85 17.24
CA ASN B 174 -41.01 160.79 18.10
C ASN B 174 -40.83 162.16 17.45
N LEU B 175 -40.63 162.20 16.14
CA LEU B 175 -40.49 163.48 15.46
C LEU B 175 -41.82 164.21 15.30
N ARG B 176 -42.91 163.45 15.34
CA ARG B 176 -44.25 164.03 15.36
C ARG B 176 -44.52 164.80 16.65
N SER B 177 -43.85 164.39 17.74
CA SER B 177 -44.00 165.06 19.04
C SER B 177 -43.00 166.20 19.18
N LYS B 178 -42.00 166.23 18.32
CA LYS B 178 -41.01 167.29 18.36
C LYS B 178 -41.53 168.40 17.48
N ILE B 179 -41.90 168.08 16.26
CA ILE B 179 -42.60 169.07 15.44
C ILE B 179 -43.56 169.89 16.35
N GLN B 180 -44.58 169.23 16.88
CA GLN B 180 -45.69 169.96 17.47
C GLN B 180 -45.28 170.82 18.67
N LYS B 181 -44.22 170.42 19.37
CA LYS B 181 -43.79 171.18 20.54
C LYS B 181 -42.98 172.39 20.11
N LEU B 182 -42.34 172.27 18.95
CA LEU B 182 -41.73 173.43 18.29
C LEU B 182 -42.84 174.33 17.82
N GLU B 183 -43.81 173.77 17.10
CA GLU B 183 -44.92 174.56 16.60
C GLU B 183 -45.47 175.41 17.74
N SER B 184 -45.53 174.83 18.93
CA SER B 184 -45.87 175.61 20.12
C SER B 184 -44.73 176.53 20.58
N ASP B 185 -43.61 175.99 21.09
CA ASP B 185 -42.46 176.84 21.53
C ASP B 185 -42.32 178.14 20.68
N VAL B 186 -42.51 178.05 19.36
CA VAL B 186 -42.53 179.25 18.48
C VAL B 186 -43.69 180.24 18.71
N SER B 187 -44.92 179.77 18.61
CA SER B 187 -46.07 180.67 18.82
C SER B 187 -46.08 181.22 20.23
N ALA B 188 -45.18 180.71 21.07
CA ALA B 188 -44.95 181.24 22.41
C ALA B 188 -44.22 182.55 22.32
N GLN B 189 -43.34 182.62 21.33
CA GLN B 189 -42.47 183.77 21.19
C GLN B 189 -43.18 184.86 20.43
N MET B 190 -43.93 184.46 19.40
CA MET B 190 -44.81 185.41 18.74
C MET B 190 -45.49 186.24 19.81
N GLU B 191 -45.95 185.56 20.86
CA GLU B 191 -46.71 186.21 21.90
C GLU B 191 -45.87 187.10 22.84
N TYR B 192 -44.62 186.72 23.11
CA TYR B 192 -43.71 187.57 23.89
C TYR B 192 -43.26 188.73 23.08
N CYS B 193 -43.47 188.60 21.78
CA CYS B 193 -43.06 189.61 20.85
C CYS B 193 -44.08 190.70 20.61
N ARG B 194 -45.29 190.50 21.09
CA ARG B 194 -46.22 191.60 21.15
C ARG B 194 -45.55 192.81 21.82
N THR B 195 -45.03 192.67 23.06
CA THR B 195 -44.39 193.82 23.75
C THR B 195 -42.85 193.80 23.68
N PRO B 196 -42.22 194.87 23.12
CA PRO B 196 -40.76 194.90 22.92
C PRO B 196 -39.92 195.33 24.15
N CYS B 197 -38.61 195.06 24.10
CA CYS B 197 -37.66 195.47 25.16
C CYS B 197 -37.26 196.91 24.96
N THR B 198 -36.94 197.58 26.07
CA THR B 198 -36.59 199.00 26.03
C THR B 198 -35.43 199.33 26.94
N VAL B 199 -34.64 200.30 26.51
CA VAL B 199 -33.51 200.74 27.28
C VAL B 199 -33.67 202.22 27.65
N SER B 200 -32.89 202.65 28.63
CA SER B 200 -32.69 204.08 28.90
C SER B 200 -31.22 204.23 29.21
N CYS B 201 -30.51 204.84 28.28
CA CYS B 201 -29.11 205.16 28.43
C CYS B 201 -28.98 206.65 28.30
N ASN B 202 -29.35 207.32 29.37
CA ASN B 202 -28.97 208.69 29.61
C ASN B 202 -27.50 208.94 29.19
N ILE B 203 -27.29 209.90 28.32
CA ILE B 203 -26.01 210.05 27.66
C ILE B 203 -25.03 210.66 28.62
N PRO B 204 -23.82 210.11 28.69
CA PRO B 204 -22.68 210.76 29.28
C PRO B 204 -22.38 212.17 28.80
N VAL B 205 -21.96 213.04 29.73
CA VAL B 205 -21.66 214.45 29.41
C VAL B 205 -20.26 214.71 28.86
N VAL B 206 -19.51 213.65 28.57
CA VAL B 206 -18.18 213.79 27.97
C VAL B 206 -18.23 213.10 26.62
N SER B 207 -17.41 213.57 25.68
CA SER B 207 -17.42 213.06 24.32
C SER B 207 -16.22 213.58 23.59
N GLY B 208 -15.95 213.00 22.43
CA GLY B 208 -14.83 213.42 21.64
C GLY B 208 -14.83 212.62 20.37
N LYS B 209 -13.66 212.52 19.76
CA LYS B 209 -13.55 211.90 18.46
C LYS B 209 -13.76 210.39 18.58
N GLU B 210 -13.47 209.83 19.76
CA GLU B 210 -13.78 208.45 20.05
C GLU B 210 -13.44 208.05 21.48
N CYS B 211 -13.48 206.75 21.80
CA CYS B 211 -13.31 206.33 23.20
C CYS B 211 -11.94 206.57 23.82
N GLU B 212 -10.94 206.91 23.01
CA GLU B 212 -9.62 207.33 23.51
C GLU B 212 -9.71 208.78 23.91
N GLU B 213 -9.79 209.62 22.90
CA GLU B 213 -10.05 211.01 23.11
C GLU B 213 -10.87 211.20 24.38
N ILE B 214 -11.91 210.37 24.56
CA ILE B 214 -12.77 210.49 25.73
C ILE B 214 -12.10 210.10 27.02
N ILE B 215 -11.35 209.01 27.01
CA ILE B 215 -10.71 208.58 28.25
C ILE B 215 -9.67 209.63 28.65
N ARG B 216 -9.02 210.24 27.66
CA ARG B 216 -8.05 211.30 27.96
C ARG B 216 -8.74 212.47 28.64
N LYS B 217 -9.98 212.74 28.27
CA LYS B 217 -10.75 213.80 28.89
C LYS B 217 -11.32 213.31 30.19
N GLY B 218 -10.97 212.11 30.60
CA GLY B 218 -11.29 211.66 31.95
C GLY B 218 -12.70 211.15 32.13
N GLY B 219 -13.06 210.21 31.28
CA GLY B 219 -14.20 209.35 31.51
C GLY B 219 -13.54 208.01 31.68
N GLU B 220 -13.79 207.37 32.81
CA GLU B 220 -13.01 206.19 33.16
C GLU B 220 -13.93 205.05 33.52
N THR B 221 -14.98 204.87 32.76
CA THR B 221 -15.85 203.75 33.01
C THR B 221 -16.36 203.22 31.68
N SER B 222 -16.49 201.91 31.58
CA SER B 222 -16.94 201.30 30.35
C SER B 222 -18.46 201.40 30.37
N GLU B 223 -18.98 202.26 29.53
CA GLU B 223 -20.40 202.46 29.38
C GLU B 223 -20.59 202.98 27.98
N MET B 224 -21.82 203.31 27.64
CA MET B 224 -22.12 203.84 26.31
C MET B 224 -21.93 205.33 26.32
N TYR B 225 -21.17 205.82 25.34
CA TYR B 225 -20.77 207.23 25.24
C TYR B 225 -21.14 207.75 23.91
N LEU B 226 -21.26 209.05 23.80
CA LEU B 226 -21.44 209.65 22.50
C LEU B 226 -20.08 209.98 21.92
N ILE B 227 -19.94 209.92 20.61
CA ILE B 227 -18.68 210.31 20.04
C ILE B 227 -18.97 210.87 18.69
N GLN B 228 -18.01 211.64 18.19
CA GLN B 228 -18.16 212.35 16.97
C GLN B 228 -16.79 212.54 16.39
N PRO B 229 -16.36 211.57 15.59
CA PRO B 229 -15.11 211.54 14.86
C PRO B 229 -14.98 212.61 13.79
N ASP B 230 -16.10 213.19 13.38
CA ASP B 230 -16.09 214.08 12.23
C ASP B 230 -17.12 215.20 12.36
N SER B 231 -16.76 216.39 11.91
CA SER B 231 -17.71 217.48 11.79
C SER B 231 -18.62 217.26 10.57
N SER B 232 -18.24 216.32 9.71
CA SER B 232 -19.14 215.83 8.66
C SER B 232 -19.93 214.61 9.16
N VAL B 233 -20.55 214.72 10.33
CA VAL B 233 -21.25 213.56 10.94
C VAL B 233 -22.03 213.95 12.19
N LYS B 234 -23.24 213.44 12.35
CA LYS B 234 -23.92 213.64 13.61
C LYS B 234 -23.31 212.66 14.57
N PRO B 235 -23.17 213.07 15.83
CA PRO B 235 -22.71 212.23 16.90
C PRO B 235 -23.53 210.96 17.11
N TYR B 236 -22.82 209.84 17.19
CA TYR B 236 -23.42 208.55 17.50
C TYR B 236 -22.79 207.92 18.75
N ARG B 237 -23.34 206.76 19.11
CA ARG B 237 -23.06 206.14 20.38
C ARG B 237 -22.38 204.83 20.12
N VAL B 238 -21.43 204.53 20.97
CA VAL B 238 -20.55 203.44 20.83
C VAL B 238 -20.12 203.15 22.24
N TYR B 239 -20.10 201.86 22.59
CA TYR B 239 -19.57 201.44 23.87
C TYR B 239 -18.08 201.71 23.89
N CYS B 240 -17.62 202.40 24.92
CA CYS B 240 -16.22 202.53 25.19
C CYS B 240 -15.87 201.43 26.14
N ASP B 241 -14.82 200.70 25.82
CA ASP B 241 -14.17 199.88 26.81
C ASP B 241 -13.01 200.59 27.44
N MET B 242 -13.12 200.91 28.71
CA MET B 242 -12.18 201.81 29.31
C MET B 242 -11.33 201.07 30.35
N ASN B 243 -11.39 199.75 30.32
CA ASN B 243 -10.70 198.92 31.29
C ASN B 243 -9.62 198.07 30.66
N THR B 244 -9.97 197.33 29.62
CA THR B 244 -9.04 196.34 29.15
C THR B 244 -7.91 197.01 28.37
N GLU B 245 -6.67 196.75 28.80
CA GLU B 245 -5.45 197.28 28.21
C GLU B 245 -5.44 198.79 28.20
N ASN B 246 -5.49 199.36 29.40
CA ASN B 246 -5.44 200.80 29.63
C ASN B 246 -6.62 201.57 29.03
N GLY B 247 -7.73 200.89 28.76
CA GLY B 247 -8.92 201.53 28.20
C GLY B 247 -8.65 202.20 26.86
N GLY B 248 -9.56 203.08 26.46
CA GLY B 248 -9.43 203.78 25.17
C GLY B 248 -10.06 203.04 24.01
N TRP B 249 -10.81 201.99 24.31
CA TRP B 249 -11.15 201.03 23.29
C TRP B 249 -12.54 201.23 22.80
N THR B 250 -12.68 201.62 21.55
CA THR B 250 -13.99 201.74 20.93
C THR B 250 -14.46 200.38 20.46
N VAL B 251 -15.64 199.97 20.93
CA VAL B 251 -16.15 198.66 20.56
C VAL B 251 -16.80 198.75 19.18
N ILE B 252 -16.36 197.87 18.30
CA ILE B 252 -16.71 197.83 16.88
C ILE B 252 -17.73 196.74 16.62
N GLN B 253 -17.58 195.64 17.34
CA GLN B 253 -18.42 194.47 17.16
C GLN B 253 -18.45 193.67 18.45
N ASN B 254 -19.57 193.01 18.75
CA ASN B 254 -19.67 192.38 20.05
C ASN B 254 -20.68 191.27 20.13
N ARG B 255 -20.22 190.13 20.66
CA ARG B 255 -21.00 188.91 20.81
C ARG B 255 -20.82 188.39 22.22
N GLN B 256 -21.93 188.09 22.91
CA GLN B 256 -21.84 187.51 24.24
C GLN B 256 -23.02 186.66 24.68
N ASP B 257 -24.05 186.61 23.86
CA ASP B 257 -25.28 185.87 24.14
C ASP B 257 -25.98 185.71 22.79
N GLY B 258 -27.23 185.27 22.79
CA GLY B 258 -27.95 185.12 21.51
C GLY B 258 -28.63 186.39 21.06
N SER B 259 -28.93 187.27 22.01
CA SER B 259 -29.69 188.50 21.78
C SER B 259 -29.88 189.08 20.35
N VAL B 260 -28.83 189.04 19.52
CA VAL B 260 -28.84 189.79 18.24
C VAL B 260 -28.62 188.91 17.01
N ASP B 261 -29.49 189.00 15.99
CA ASP B 261 -29.33 188.24 14.72
C ASP B 261 -28.29 188.91 13.86
N PHE B 262 -27.25 188.18 13.43
CA PHE B 262 -26.15 188.75 12.65
C PHE B 262 -26.22 188.41 11.19
N GLY B 263 -27.19 187.59 10.82
CA GLY B 263 -27.43 187.29 9.42
C GLY B 263 -28.34 188.35 8.84
N ARG B 264 -27.77 189.51 8.52
CA ARG B 264 -28.48 190.64 7.95
C ARG B 264 -27.95 191.03 6.58
N LYS B 265 -28.70 191.86 5.85
CA LYS B 265 -28.29 192.30 4.51
C LYS B 265 -27.23 193.40 4.53
N TRP B 266 -26.71 193.71 3.34
CA TRP B 266 -25.62 194.67 3.15
C TRP B 266 -25.89 196.00 3.83
N ASP B 267 -26.93 196.67 3.40
CA ASP B 267 -27.18 198.00 3.93
C ASP B 267 -27.07 197.98 5.48
N PRO B 268 -27.83 197.10 6.16
CA PRO B 268 -27.68 197.06 7.62
C PRO B 268 -26.25 196.99 8.10
N TYR B 269 -25.44 196.13 7.51
CA TYR B 269 -24.06 196.01 7.96
C TYR B 269 -23.36 197.35 7.76
N LYS B 270 -23.83 198.10 6.77
CA LYS B 270 -23.25 199.40 6.45
C LYS B 270 -23.66 200.48 7.44
N GLN B 271 -24.90 200.40 7.93
CA GLN B 271 -25.40 201.36 8.92
C GLN B 271 -24.98 200.94 10.30
N GLY B 272 -24.91 199.62 10.53
CA GLY B 272 -24.72 199.06 11.86
C GLY B 272 -26.06 198.63 12.44
N PHE B 273 -26.03 197.74 13.41
CA PHE B 273 -27.27 197.18 13.93
C PHE B 273 -27.12 196.59 15.31
N GLY B 274 -28.29 196.21 15.82
CA GLY B 274 -28.40 195.55 17.08
C GLY B 274 -28.56 196.61 18.14
N ASN B 275 -28.09 196.27 19.34
CA ASN B 275 -28.24 197.07 20.55
C ASN B 275 -26.84 197.43 20.95
N VAL B 276 -26.57 198.70 21.29
CA VAL B 276 -25.21 199.12 21.69
C VAL B 276 -24.85 198.90 23.15
N ALA B 277 -25.78 199.15 24.06
CA ALA B 277 -25.54 198.95 25.48
C ALA B 277 -26.86 198.79 26.20
N THR B 278 -26.84 198.45 27.48
CA THR B 278 -28.09 198.27 28.21
C THR B 278 -27.96 198.53 29.69
N ASN B 279 -29.11 198.67 30.36
CA ASN B 279 -29.12 199.07 31.75
C ASN B 279 -28.57 198.01 32.66
N THR B 280 -27.72 198.44 33.59
CA THR B 280 -27.38 197.62 34.76
C THR B 280 -28.53 197.71 35.73
N ASP B 281 -28.71 196.67 36.53
CA ASP B 281 -29.71 196.65 37.61
C ASP B 281 -30.31 198.01 37.99
N GLY B 282 -31.47 198.33 37.41
CA GLY B 282 -32.22 199.56 37.74
C GLY B 282 -31.51 200.90 37.54
N LYS B 283 -30.41 200.91 36.79
CA LYS B 283 -29.51 202.07 36.74
C LYS B 283 -29.91 203.17 35.78
N ASN B 284 -29.33 204.35 36.03
CA ASN B 284 -29.64 205.55 35.25
C ASN B 284 -28.73 205.76 34.02
N TYR B 285 -27.88 204.77 33.72
CA TYR B 285 -27.16 204.72 32.45
C TYR B 285 -26.94 203.27 32.02
N CYS B 286 -26.13 203.07 30.99
CA CYS B 286 -25.95 201.75 30.45
C CYS B 286 -24.48 201.42 30.36
N GLY B 287 -24.02 200.63 31.33
CA GLY B 287 -22.62 200.24 31.46
C GLY B 287 -22.35 198.88 30.88
N LEU B 288 -23.38 198.05 30.89
CA LEU B 288 -23.33 196.79 30.16
C LEU B 288 -23.43 197.04 28.65
N PRO B 289 -22.43 196.59 27.90
CA PRO B 289 -22.52 196.64 26.45
C PRO B 289 -23.53 195.62 25.93
N GLY B 290 -23.84 195.68 24.64
CA GLY B 290 -24.85 194.81 24.06
C GLY B 290 -24.31 194.19 22.80
N GLU B 291 -25.01 193.23 22.21
CA GLU B 291 -24.49 192.66 20.95
C GLU B 291 -24.81 193.59 19.77
N TYR B 292 -23.76 193.95 19.04
CA TYR B 292 -23.95 194.87 17.96
C TYR B 292 -22.82 194.77 17.01
N TRP B 293 -23.09 195.27 15.81
CA TRP B 293 -22.10 195.57 14.80
C TRP B 293 -22.30 197.05 14.67
N LEU B 294 -21.22 197.83 14.66
CA LEU B 294 -21.30 199.26 14.42
C LEU B 294 -21.42 199.35 12.93
N GLY B 295 -21.84 200.47 12.37
CA GLY B 295 -21.86 200.54 10.91
C GLY B 295 -20.51 200.24 10.26
N ASN B 296 -20.54 199.69 9.05
CA ASN B 296 -19.31 199.63 8.24
C ASN B 296 -18.69 201.01 7.98
N ASP B 297 -19.31 201.86 7.15
CA ASP B 297 -18.58 203.08 6.79
C ASP B 297 -18.33 203.94 8.02
N LYS B 298 -19.16 203.79 9.04
CA LYS B 298 -18.78 204.28 10.37
C LYS B 298 -17.39 203.79 10.79
N ILE B 299 -17.05 202.56 10.43
CA ILE B 299 -15.85 201.93 10.91
C ILE B 299 -14.65 202.30 10.06
N SER B 300 -14.84 202.42 8.76
CA SER B 300 -13.70 202.72 7.88
C SER B 300 -13.25 204.12 8.21
N GLN B 301 -14.23 205.02 8.27
CA GLN B 301 -13.93 206.41 8.50
C GLN B 301 -13.32 206.58 9.85
N LEU B 302 -13.72 205.74 10.80
CA LEU B 302 -13.04 205.60 12.10
C LEU B 302 -11.57 205.21 11.92
N THR B 303 -11.32 204.09 11.25
CA THR B 303 -9.97 203.64 11.08
C THR B 303 -9.17 204.60 10.23
N ARG B 304 -9.83 205.25 9.27
CA ARG B 304 -9.11 206.07 8.29
C ARG B 304 -8.73 207.50 8.70
N MET B 305 -9.19 207.97 9.86
CA MET B 305 -8.69 209.20 10.46
C MET B 305 -7.16 209.28 10.56
N GLY B 306 -6.55 208.11 10.76
CA GLY B 306 -5.14 207.97 11.11
C GLY B 306 -4.93 206.57 11.63
N PRO B 307 -3.68 206.18 11.96
CA PRO B 307 -3.31 204.79 12.23
C PRO B 307 -4.04 204.16 13.41
N THR B 308 -4.48 202.94 13.24
CA THR B 308 -5.52 202.38 14.08
C THR B 308 -5.23 200.93 14.41
N GLU B 309 -5.10 200.63 15.70
CA GLU B 309 -4.88 199.25 16.10
C GLU B 309 -6.20 198.62 16.45
N LEU B 310 -6.35 197.35 16.09
CA LEU B 310 -7.54 196.57 16.32
C LEU B 310 -7.19 195.43 17.24
N LEU B 311 -7.92 195.29 18.34
CA LEU B 311 -7.82 194.11 19.20
C LEU B 311 -9.11 193.30 19.13
N ILE B 312 -8.98 191.99 19.05
CA ILE B 312 -10.11 191.07 19.02
C ILE B 312 -9.96 190.13 20.19
N GLU B 313 -10.98 190.10 21.03
CA GLU B 313 -10.96 189.32 22.23
C GLU B 313 -12.04 188.27 22.17
N MET B 314 -11.66 187.00 22.35
CA MET B 314 -12.64 185.92 22.49
C MET B 314 -12.51 185.16 23.80
N GLU B 315 -13.66 184.76 24.35
CA GLU B 315 -13.78 183.81 25.45
C GLU B 315 -14.39 182.51 24.91
N ASP B 316 -14.54 181.48 25.72
CA ASP B 316 -15.24 180.30 25.28
C ASP B 316 -16.05 179.66 26.39
N TRP B 317 -16.79 178.61 26.07
CA TRP B 317 -17.85 178.14 26.96
C TRP B 317 -17.37 177.59 28.28
N LYS B 318 -16.06 177.38 28.43
CA LYS B 318 -15.49 177.00 29.71
C LYS B 318 -15.04 178.22 30.51
N GLY B 319 -14.59 179.26 29.81
CA GLY B 319 -14.28 180.53 30.44
C GLY B 319 -12.83 180.97 30.28
N ASP B 320 -12.24 180.66 29.14
CA ASP B 320 -10.85 181.00 28.89
C ASP B 320 -10.84 181.90 27.70
N LYS B 321 -9.91 182.83 27.68
CA LYS B 321 -9.86 183.87 26.67
C LYS B 321 -8.51 183.94 25.98
N VAL B 322 -8.51 184.61 24.84
CA VAL B 322 -7.33 184.80 24.02
C VAL B 322 -7.52 186.04 23.13
N LYS B 323 -6.53 186.92 23.09
CA LYS B 323 -6.62 188.10 22.26
C LYS B 323 -6.11 187.72 20.90
N ALA B 324 -6.50 188.51 19.90
CA ALA B 324 -5.75 188.65 18.67
C ALA B 324 -5.61 190.16 18.54
N HIS B 325 -4.38 190.60 18.32
CA HIS B 325 -4.05 192.00 18.45
C HIS B 325 -3.45 192.40 17.13
N TYR B 326 -4.01 193.39 16.46
CA TYR B 326 -3.46 193.78 15.19
C TYR B 326 -3.08 195.24 15.29
N GLY B 327 -1.78 195.49 15.19
CA GLY B 327 -1.23 196.83 15.28
C GLY B 327 -1.75 197.81 14.24
N GLY B 328 -1.88 197.34 13.01
CA GLY B 328 -2.38 198.19 11.93
C GLY B 328 -3.71 197.62 11.49
N PHE B 329 -4.63 198.51 11.15
CA PHE B 329 -5.96 198.08 10.83
C PHE B 329 -6.69 199.19 10.16
N THR B 330 -7.37 198.87 9.06
CA THR B 330 -7.98 199.91 8.29
C THR B 330 -9.02 199.30 7.39
N VAL B 331 -10.11 200.00 7.17
CA VAL B 331 -11.15 199.51 6.31
C VAL B 331 -11.41 200.60 5.29
N GLN B 332 -11.68 200.24 4.05
CA GLN B 332 -11.99 201.25 3.05
C GLN B 332 -13.45 201.63 3.07
N ASN B 333 -13.78 202.59 2.21
CA ASN B 333 -15.17 202.94 1.86
C ASN B 333 -15.93 201.93 1.01
N GLU B 334 -17.26 202.15 0.98
CA GLU B 334 -18.21 201.32 0.22
C GLU B 334 -17.83 201.31 -1.25
N ALA B 335 -17.28 202.44 -1.68
CA ALA B 335 -16.61 202.58 -2.96
C ALA B 335 -15.73 201.37 -3.24
N ASN B 336 -14.99 200.92 -2.23
CA ASN B 336 -14.14 199.73 -2.36
C ASN B 336 -14.61 198.58 -1.51
N LYS B 337 -15.92 198.49 -1.35
CA LYS B 337 -16.49 197.32 -0.70
C LYS B 337 -15.81 197.04 0.65
N TYR B 338 -15.46 198.10 1.35
CA TYR B 338 -14.90 197.99 2.68
C TYR B 338 -13.70 197.06 2.74
N GLN B 339 -12.89 197.08 1.68
CA GLN B 339 -11.67 196.33 1.66
C GLN B 339 -10.93 196.43 2.99
N ILE B 340 -10.46 195.30 3.50
CA ILE B 340 -9.76 195.32 4.78
C ILE B 340 -8.26 195.41 4.56
N SER B 341 -7.55 195.83 5.61
CA SER B 341 -6.15 195.51 5.68
C SER B 341 -5.67 195.56 7.11
N VAL B 342 -5.21 194.43 7.62
CA VAL B 342 -4.67 194.37 8.98
C VAL B 342 -3.21 194.00 8.88
N ASN B 343 -2.43 194.35 9.90
CA ASN B 343 -1.02 193.97 9.95
C ASN B 343 -0.42 194.15 11.35
N LYS B 344 0.86 193.78 11.49
CA LYS B 344 1.59 193.88 12.77
C LYS B 344 0.84 193.14 13.87
N TYR B 345 0.61 191.85 13.65
CA TYR B 345 -0.19 191.07 14.58
C TYR B 345 0.64 190.60 15.73
N ARG B 346 -0.03 190.41 16.86
CA ARG B 346 0.56 189.71 17.98
C ARG B 346 -0.58 189.09 18.79
N GLY B 347 -0.24 188.29 19.79
CA GLY B 347 -1.23 187.71 20.70
C GLY B 347 -1.42 186.21 20.55
N THR B 348 -2.34 185.66 21.34
CA THR B 348 -2.45 184.21 21.53
C THR B 348 -3.56 183.49 20.75
N ALA B 349 -4.57 184.20 20.29
CA ALA B 349 -5.71 183.55 19.64
C ALA B 349 -5.21 182.77 18.47
N GLY B 350 -4.21 183.33 17.80
CA GLY B 350 -3.62 182.72 16.63
C GLY B 350 -4.07 183.52 15.43
N ASN B 351 -3.12 184.27 14.88
CA ASN B 351 -3.31 185.10 13.69
C ASN B 351 -4.04 184.43 12.52
N ALA B 352 -5.34 184.68 12.42
CA ALA B 352 -6.12 184.14 11.32
C ALA B 352 -6.28 185.18 10.25
N LEU B 353 -6.41 186.45 10.62
CA LEU B 353 -6.78 187.44 9.61
C LEU B 353 -5.71 187.56 8.57
N MET B 354 -4.46 187.50 9.00
CA MET B 354 -3.34 187.62 8.07
C MET B 354 -3.04 186.31 7.39
N ASP B 355 -2.75 185.31 8.22
CA ASP B 355 -2.10 184.06 7.80
C ASP B 355 -3.02 182.88 7.66
N GLY B 356 -4.30 183.05 8.00
CA GLY B 356 -5.32 182.05 7.71
C GLY B 356 -5.24 180.79 8.54
N ALA B 357 -6.19 179.89 8.30
CA ALA B 357 -6.42 178.73 9.14
C ALA B 357 -5.23 177.80 9.25
N SER B 358 -4.70 177.61 10.46
CA SER B 358 -3.43 176.87 10.64
C SER B 358 -3.50 175.33 10.56
N GLN B 359 -4.69 174.75 10.65
CA GLN B 359 -4.85 173.30 10.49
C GLN B 359 -5.04 172.91 9.03
N LEU B 360 -5.51 173.85 8.22
CA LEU B 360 -5.49 173.68 6.77
C LEU B 360 -4.07 173.77 6.27
N MET B 361 -3.87 173.34 5.04
CA MET B 361 -2.55 173.25 4.47
C MET B 361 -2.49 173.89 3.10
N GLY B 362 -1.38 174.59 2.85
CA GLY B 362 -1.06 175.16 1.55
C GLY B 362 -2.15 175.97 0.86
N GLU B 363 -2.58 175.47 -0.30
CA GLU B 363 -3.62 176.10 -1.12
C GLU B 363 -4.94 176.27 -0.36
N ASN B 364 -5.35 175.24 0.37
CA ASN B 364 -6.61 175.30 1.12
C ASN B 364 -6.53 176.29 2.26
N ARG B 365 -5.33 176.64 2.70
CA ARG B 365 -5.17 177.66 3.73
C ARG B 365 -5.31 179.07 3.16
N THR B 366 -4.54 179.36 2.11
CA THR B 366 -4.43 180.74 1.62
C THR B 366 -5.70 181.15 0.91
N MET B 367 -6.71 180.30 0.95
CA MET B 367 -8.06 180.73 0.64
C MET B 367 -8.87 180.98 1.94
N THR B 368 -8.19 181.16 3.06
CA THR B 368 -8.85 181.53 4.31
C THR B 368 -8.32 182.84 4.90
N ILE B 369 -7.41 183.48 4.18
CA ILE B 369 -6.87 184.77 4.57
C ILE B 369 -7.87 185.90 4.32
N HIS B 370 -8.05 186.72 5.33
CA HIS B 370 -8.98 187.83 5.27
C HIS B 370 -8.26 189.09 4.85
N ASN B 371 -6.97 189.11 5.13
CA ASN B 371 -6.17 190.27 4.80
C ASN B 371 -6.32 190.60 3.29
N GLY B 372 -6.79 191.81 3.00
CA GLY B 372 -7.01 192.21 1.62
C GLY B 372 -8.40 191.92 1.06
N MET B 373 -9.18 191.10 1.76
CA MET B 373 -10.49 190.71 1.25
C MET B 373 -11.55 191.80 1.28
N PHE B 374 -12.68 191.53 0.68
CA PHE B 374 -13.76 192.50 0.66
C PHE B 374 -14.89 192.02 1.51
N PHE B 375 -15.50 192.97 2.18
CA PHE B 375 -16.63 192.66 2.98
C PHE B 375 -17.75 192.13 2.08
N SER B 376 -18.39 191.03 2.50
CA SER B 376 -19.46 190.37 1.75
C SER B 376 -20.67 190.10 2.65
N THR B 377 -21.86 190.32 2.10
CA THR B 377 -23.11 189.84 2.70
C THR B 377 -23.79 188.97 1.66
N TYR B 378 -24.86 188.28 2.05
CA TYR B 378 -25.46 187.32 1.14
C TYR B 378 -26.14 187.96 -0.07
N ASP B 379 -26.66 189.17 0.10
CA ASP B 379 -27.15 189.92 -1.05
C ASP B 379 -26.06 190.78 -1.67
N ARG B 380 -24.80 190.44 -1.46
CA ARG B 380 -23.68 191.19 -2.04
C ARG B 380 -22.36 190.40 -2.04
N ASP B 381 -22.14 189.61 -3.09
CA ASP B 381 -21.02 188.68 -3.17
C ASP B 381 -19.74 189.42 -3.57
N ASN B 382 -18.86 189.63 -2.58
CA ASN B 382 -17.51 190.13 -2.81
C ASN B 382 -16.46 189.14 -2.34
N ASP B 383 -16.86 187.87 -2.27
CA ASP B 383 -16.01 186.83 -1.74
C ASP B 383 -14.87 186.49 -2.71
N GLY B 384 -14.02 185.53 -2.31
CA GLY B 384 -12.91 185.07 -3.14
C GLY B 384 -13.21 183.76 -3.86
N TRP B 385 -14.48 183.40 -3.86
CA TRP B 385 -14.91 182.10 -4.32
C TRP B 385 -15.75 182.36 -5.54
N LEU B 386 -15.11 182.26 -6.69
CA LEU B 386 -15.69 182.71 -7.93
C LEU B 386 -16.43 181.55 -8.55
N THR B 387 -17.75 181.70 -8.66
CA THR B 387 -18.57 180.63 -9.21
C THR B 387 -19.77 181.19 -9.93
N SER B 388 -20.08 180.55 -11.05
CA SER B 388 -21.34 180.75 -11.76
C SER B 388 -22.53 180.50 -10.83
N ASP B 389 -22.31 179.67 -9.80
CA ASP B 389 -23.35 179.17 -8.90
C ASP B 389 -23.96 180.20 -7.95
N PRO B 390 -25.31 180.34 -7.96
CA PRO B 390 -25.99 181.20 -6.97
C PRO B 390 -25.76 180.77 -5.52
N ARG B 391 -26.21 179.57 -5.17
CA ARG B 391 -26.20 179.11 -3.77
C ARG B 391 -24.82 179.07 -3.13
N LYS B 392 -23.78 179.11 -3.94
CA LYS B 392 -22.41 178.95 -3.46
C LYS B 392 -21.70 180.29 -3.30
N GLN B 393 -22.21 181.09 -2.36
CA GLN B 393 -21.53 182.31 -1.92
C GLN B 393 -21.19 182.14 -0.44
N CYS B 394 -20.09 182.75 0.02
CA CYS B 394 -19.66 182.55 1.42
C CYS B 394 -20.67 182.98 2.51
N SER B 395 -21.14 184.23 2.47
CA SER B 395 -22.11 184.70 3.45
C SER B 395 -23.38 183.84 3.52
N LYS B 396 -23.88 183.40 2.37
CA LYS B 396 -25.05 182.52 2.39
C LYS B 396 -24.82 181.37 3.36
N GLU B 397 -23.68 180.70 3.19
CA GLU B 397 -23.39 179.51 3.94
C GLU B 397 -22.98 179.87 5.37
N ASP B 398 -22.01 180.77 5.50
CA ASP B 398 -21.41 181.10 6.79
C ASP B 398 -22.10 182.30 7.46
N GLY B 399 -23.42 182.31 7.32
CA GLY B 399 -24.36 183.10 8.12
C GLY B 399 -24.08 184.51 8.63
N GLY B 400 -23.16 185.24 8.02
CA GLY B 400 -22.95 186.62 8.41
C GLY B 400 -22.00 187.42 7.56
N GLY B 401 -22.01 188.73 7.78
CA GLY B 401 -21.23 189.67 6.99
C GLY B 401 -19.78 189.77 7.43
N TRP B 402 -18.87 189.56 6.47
CA TRP B 402 -17.47 189.43 6.79
C TRP B 402 -16.56 189.62 5.59
N TRP B 403 -15.30 189.95 5.84
CA TRP B 403 -14.25 189.95 4.81
C TRP B 403 -13.90 188.55 4.42
N TYR B 404 -14.85 187.90 3.75
CA TYR B 404 -14.70 186.51 3.34
C TYR B 404 -13.83 186.36 2.08
N ASN B 405 -13.26 185.16 1.92
CA ASN B 405 -12.30 184.81 0.86
C ASN B 405 -12.32 183.34 0.47
N ARG B 406 -13.47 182.71 0.38
CA ARG B 406 -13.49 181.27 0.05
C ARG B 406 -13.00 180.26 1.14
N CYS B 407 -13.40 180.38 2.41
CA CYS B 407 -14.24 181.47 2.93
C CYS B 407 -13.67 182.12 4.16
N HIS B 408 -13.31 181.34 5.20
CA HIS B 408 -12.71 181.94 6.41
C HIS B 408 -11.74 181.10 7.22
N ALA B 409 -10.91 181.80 7.97
CA ALA B 409 -10.31 181.23 9.17
C ALA B 409 -11.23 181.71 10.26
N ALA B 410 -11.33 183.02 10.41
CA ALA B 410 -12.17 183.58 11.43
C ALA B 410 -13.49 183.99 10.83
N ASN B 411 -14.55 183.80 11.62
CA ASN B 411 -15.90 184.22 11.28
C ASN B 411 -16.58 184.55 12.61
N PRO B 412 -16.41 185.80 13.07
CA PRO B 412 -17.06 186.29 14.30
C PRO B 412 -18.46 186.83 14.10
N ASN B 413 -18.98 186.86 12.87
CA ASN B 413 -20.36 187.25 12.70
C ASN B 413 -21.22 186.01 12.37
N GLY B 414 -20.55 184.88 12.48
CA GLY B 414 -21.22 183.60 12.48
C GLY B 414 -22.26 183.44 13.58
N ARG B 415 -23.05 182.39 13.42
CA ARG B 415 -24.24 182.11 14.21
C ARG B 415 -23.87 181.74 15.65
N TYR B 416 -24.79 181.97 16.58
CA TYR B 416 -24.50 181.75 17.99
C TYR B 416 -24.93 180.38 18.49
N TYR B 417 -24.03 179.40 18.38
CA TYR B 417 -24.31 178.05 18.84
C TYR B 417 -24.10 177.95 20.35
N TRP B 418 -25.21 177.68 21.03
CA TRP B 418 -25.21 177.64 22.47
C TRP B 418 -24.44 176.44 22.96
N GLY B 419 -23.72 176.64 24.06
CA GLY B 419 -22.80 175.63 24.56
C GLY B 419 -21.63 175.42 23.63
N GLY B 420 -21.59 176.19 22.53
CA GLY B 420 -20.44 176.24 21.65
C GLY B 420 -20.15 175.06 20.75
N GLN B 421 -20.28 173.84 21.24
CA GLN B 421 -19.85 172.70 20.43
C GLN B 421 -20.91 172.53 19.37
N TYR B 422 -20.49 172.30 18.12
CA TYR B 422 -21.45 172.03 17.06
C TYR B 422 -20.90 171.18 15.94
N THR B 423 -21.81 170.66 15.12
CA THR B 423 -21.50 169.66 14.10
C THR B 423 -22.14 170.05 12.78
N TRP B 424 -21.77 169.39 11.70
CA TRP B 424 -22.27 169.77 10.39
C TRP B 424 -23.78 169.61 10.27
N ASP B 425 -24.32 168.55 10.90
CA ASP B 425 -25.76 168.22 10.77
C ASP B 425 -26.65 168.99 11.76
N MET B 426 -26.43 170.28 11.81
CA MET B 426 -27.26 171.23 12.54
C MET B 426 -27.07 172.60 11.89
N ALA B 427 -25.94 172.80 11.22
CA ALA B 427 -25.73 173.98 10.39
C ALA B 427 -26.62 173.92 9.15
N LYS B 428 -27.11 175.08 8.76
CA LYS B 428 -28.17 175.23 7.77
C LYS B 428 -27.72 174.88 6.35
N HIS B 429 -26.46 175.19 6.04
CA HIS B 429 -25.86 174.81 4.76
C HIS B 429 -24.65 173.88 5.03
N GLY B 430 -24.64 173.27 6.20
CA GLY B 430 -23.66 172.25 6.58
C GLY B 430 -22.22 172.71 6.74
N THR B 431 -22.01 174.00 6.82
CA THR B 431 -20.66 174.55 6.81
C THR B 431 -20.29 174.89 8.24
N ASP B 432 -19.26 175.69 8.46
CA ASP B 432 -18.90 176.14 9.81
C ASP B 432 -19.22 177.63 10.06
N ASP B 433 -20.49 177.96 9.83
CA ASP B 433 -21.09 179.21 10.33
C ASP B 433 -20.94 179.18 11.83
N GLY B 434 -20.76 180.32 12.48
CA GLY B 434 -20.50 180.33 13.93
C GLY B 434 -19.27 181.06 14.46
N VAL B 435 -19.37 181.53 15.69
CA VAL B 435 -18.32 182.36 16.25
C VAL B 435 -17.01 181.57 16.33
N VAL B 436 -16.36 181.39 15.18
CA VAL B 436 -15.12 180.60 15.11
C VAL B 436 -13.87 181.44 14.93
N TRP B 437 -12.93 181.22 15.82
CA TRP B 437 -11.53 181.51 15.53
C TRP B 437 -10.98 180.15 15.15
N MET B 438 -10.56 180.03 13.90
CA MET B 438 -10.16 178.74 13.39
C MET B 438 -8.96 178.26 14.14
N ASN B 439 -8.00 179.18 14.23
CA ASN B 439 -6.69 178.98 14.81
C ASN B 439 -6.69 178.57 16.27
N TRP B 440 -7.83 178.69 16.91
CA TRP B 440 -7.94 178.34 18.30
C TRP B 440 -8.74 177.06 18.50
N LYS B 441 -9.99 177.03 18.06
CA LYS B 441 -10.87 175.90 18.35
C LYS B 441 -11.18 175.07 17.14
N GLY B 442 -10.67 175.46 15.99
CA GLY B 442 -11.07 174.81 14.76
C GLY B 442 -12.46 175.23 14.33
N SER B 443 -12.92 174.65 13.25
CA SER B 443 -14.14 175.09 12.62
C SER B 443 -15.38 174.86 13.44
N TRP B 444 -15.35 173.90 14.35
CA TRP B 444 -16.58 173.40 14.93
C TRP B 444 -16.76 173.75 16.38
N TYR B 445 -16.39 174.96 16.72
CA TYR B 445 -16.66 175.45 18.05
C TYR B 445 -16.88 176.94 17.99
N SER B 446 -17.98 177.35 18.60
CA SER B 446 -18.48 178.72 18.52
C SER B 446 -18.30 179.37 19.87
N MET B 447 -17.53 180.44 19.92
CA MET B 447 -17.23 181.10 21.20
C MET B 447 -18.48 181.53 21.95
N ARG B 448 -18.30 181.75 23.24
CA ARG B 448 -19.35 182.33 24.06
C ARG B 448 -19.26 183.81 23.84
N LYS B 449 -18.06 184.36 24.03
CA LYS B 449 -17.85 185.78 23.81
C LYS B 449 -16.93 185.99 22.62
N MET B 450 -17.12 187.10 21.93
CA MET B 450 -16.27 187.49 20.82
C MET B 450 -16.58 188.95 20.53
N SER B 451 -15.54 189.71 20.20
CA SER B 451 -15.63 191.14 20.23
C SER B 451 -14.50 191.73 19.45
N MET B 452 -14.75 192.91 18.90
CA MET B 452 -13.72 193.68 18.20
C MET B 452 -13.75 195.12 18.66
N LYS B 453 -12.63 195.79 18.49
CA LYS B 453 -12.51 197.09 19.03
C LYS B 453 -11.22 197.68 18.56
N ILE B 454 -11.24 198.99 18.41
CA ILE B 454 -10.12 199.69 17.85
C ILE B 454 -9.79 200.86 18.72
N ARG B 455 -8.67 201.48 18.40
CA ARG B 455 -8.13 202.60 19.14
C ARG B 455 -7.01 203.12 18.26
N PRO B 456 -6.72 204.42 18.31
CA PRO B 456 -5.64 205.00 17.51
C PRO B 456 -4.24 204.61 17.98
N PHE B 457 -3.22 204.86 17.17
CA PHE B 457 -1.91 204.21 17.36
C PHE B 457 -0.88 204.98 18.22
N PHE B 458 -0.34 206.09 17.70
CA PHE B 458 0.72 206.86 18.40
C PHE B 458 2.11 206.19 18.34
N ARG C 14 -22.86 22.03 -41.04
CA ARG C 14 -23.16 20.79 -40.24
C ARG C 14 -22.18 20.57 -39.06
N PHE C 15 -21.51 21.65 -38.65
CA PHE C 15 -20.71 21.66 -37.42
C PHE C 15 -21.55 22.30 -36.33
N GLY C 16 -22.69 21.69 -36.03
CA GLY C 16 -23.60 22.19 -35.00
C GLY C 16 -24.03 23.64 -35.17
N SER C 17 -24.24 24.32 -34.04
CA SER C 17 -24.74 25.70 -34.02
C SER C 17 -23.80 26.65 -34.77
N TYR C 18 -24.33 27.82 -35.12
CA TYR C 18 -23.53 28.88 -35.78
C TYR C 18 -23.66 30.29 -35.14
N CYS C 19 -22.58 30.71 -34.47
CA CYS C 19 -22.45 32.03 -33.83
C CYS C 19 -21.34 32.83 -34.52
N PRO C 20 -21.29 34.17 -34.27
CA PRO C 20 -20.27 34.97 -34.94
C PRO C 20 -18.86 34.76 -34.41
N THR C 21 -17.89 35.15 -35.22
CA THR C 21 -16.49 35.11 -34.85
C THR C 21 -16.26 35.73 -33.47
N THR C 22 -15.24 35.24 -32.77
CA THR C 22 -14.91 35.72 -31.44
C THR C 22 -14.25 37.09 -31.49
N CYS C 23 -13.65 37.38 -32.64
CA CYS C 23 -13.02 38.67 -32.90
C CYS C 23 -14.08 39.76 -33.08
N GLY C 24 -14.98 39.54 -34.03
CA GLY C 24 -16.08 40.48 -34.34
C GLY C 24 -16.94 40.91 -33.17
N ILE C 25 -16.80 40.19 -32.06
CA ILE C 25 -17.26 40.68 -30.76
C ILE C 25 -16.37 41.84 -30.32
N ALA C 26 -15.05 41.64 -30.34
CA ALA C 26 -14.09 42.66 -29.89
C ALA C 26 -14.05 43.93 -30.78
N ASP C 27 -14.47 43.79 -32.03
CA ASP C 27 -14.64 44.95 -32.93
C ASP C 27 -15.82 45.77 -32.47
N PHE C 28 -16.97 45.09 -32.36
CA PHE C 28 -18.20 45.71 -31.89
C PHE C 28 -17.99 46.36 -30.53
N LEU C 29 -17.11 45.75 -29.72
CA LEU C 29 -16.67 46.33 -28.45
C LEU C 29 -15.89 47.65 -28.66
N SER C 30 -14.78 47.58 -29.39
CA SER C 30 -13.94 48.75 -29.66
C SER C 30 -14.74 49.95 -30.15
N THR C 31 -15.72 49.71 -31.02
CA THR C 31 -16.51 50.78 -31.64
C THR C 31 -17.59 51.34 -30.70
N TYR C 32 -18.61 50.54 -30.41
CA TYR C 32 -19.70 50.91 -29.48
C TYR C 32 -19.17 51.40 -28.13
N GLN C 33 -17.99 50.91 -27.72
CA GLN C 33 -17.28 51.47 -26.59
C GLN C 33 -16.94 52.94 -26.86
N THR C 34 -16.37 53.22 -28.04
CA THR C 34 -16.03 54.60 -28.41
C THR C 34 -17.29 55.42 -28.74
N LYS C 35 -18.27 54.78 -29.39
CA LYS C 35 -19.53 55.45 -29.77
C LYS C 35 -20.36 55.89 -28.57
N VAL C 36 -20.16 55.22 -27.43
CA VAL C 36 -20.74 55.66 -26.16
C VAL C 36 -19.82 56.69 -25.51
N ASP C 37 -18.52 56.38 -25.40
CA ASP C 37 -17.54 57.34 -24.87
C ASP C 37 -17.74 58.71 -25.52
N LYS C 38 -18.01 58.71 -26.82
CA LYS C 38 -18.38 59.93 -27.54
C LYS C 38 -19.57 60.63 -26.88
N ASP C 39 -20.72 59.95 -26.84
CA ASP C 39 -21.98 60.55 -26.39
C ASP C 39 -21.99 60.84 -24.89
N LEU C 40 -21.12 60.14 -24.17
CA LEU C 40 -20.94 60.38 -22.74
C LEU C 40 -19.81 61.37 -22.44
N GLN C 41 -19.04 61.75 -23.46
CA GLN C 41 -18.15 62.92 -23.36
C GLN C 41 -18.98 64.18 -23.65
N SER C 42 -19.87 64.06 -24.64
CA SER C 42 -20.78 65.14 -25.02
C SER C 42 -21.63 65.59 -23.84
N LEU C 43 -22.07 64.64 -23.02
CA LEU C 43 -22.85 64.98 -21.83
C LEU C 43 -22.00 65.45 -20.66
N GLU C 44 -21.02 64.63 -20.25
CA GLU C 44 -20.21 64.92 -19.06
C GLU C 44 -19.44 66.26 -19.17
N ASP C 45 -18.96 66.56 -20.38
CA ASP C 45 -18.22 67.78 -20.66
C ASP C 45 -19.18 68.97 -20.72
N ILE C 46 -20.31 68.78 -21.39
CA ILE C 46 -21.35 69.82 -21.48
C ILE C 46 -22.21 69.89 -20.19
N LEU C 47 -21.91 69.02 -19.23
CA LEU C 47 -22.47 69.11 -17.86
C LEU C 47 -21.47 69.73 -16.88
N HIS C 48 -20.19 69.35 -17.00
CA HIS C 48 -19.15 69.91 -16.16
C HIS C 48 -19.08 71.45 -16.26
N GLN C 49 -19.53 71.99 -17.40
CA GLN C 49 -19.57 73.44 -17.61
C GLN C 49 -20.86 74.05 -17.05
N VAL C 50 -22.00 73.40 -17.26
CA VAL C 50 -23.29 73.86 -16.73
C VAL C 50 -23.34 73.78 -15.19
N GLU C 51 -22.60 72.83 -14.61
CA GLU C 51 -22.47 72.73 -13.14
C GLU C 51 -21.55 73.82 -12.59
N ASN C 52 -20.46 74.11 -13.30
CA ASN C 52 -19.53 75.18 -12.95
C ASN C 52 -20.16 76.57 -13.17
N LYS C 53 -21.11 76.65 -14.11
CA LYS C 53 -21.80 77.90 -14.45
C LYS C 53 -22.99 78.17 -13.54
N THR C 54 -23.71 77.10 -13.16
CA THR C 54 -24.82 77.23 -12.21
C THR C 54 -24.32 77.72 -10.85
N SER C 55 -23.18 77.20 -10.41
CA SER C 55 -22.63 77.53 -9.09
C SER C 55 -21.97 78.92 -8.98
N GLU C 56 -21.63 79.53 -10.12
CA GLU C 56 -21.12 80.91 -10.15
C GLU C 56 -22.25 81.92 -10.05
N VAL C 57 -23.26 81.77 -10.92
CA VAL C 57 -24.42 82.66 -10.95
C VAL C 57 -25.24 82.58 -9.64
N LYS C 58 -25.10 81.47 -8.92
CA LYS C 58 -25.63 81.35 -7.54
C LYS C 58 -24.89 82.28 -6.56
N GLN C 59 -23.59 82.45 -6.77
CA GLN C 59 -22.78 83.34 -5.92
C GLN C 59 -23.09 84.80 -6.26
N LEU C 60 -23.61 85.05 -7.46
CA LEU C 60 -24.14 86.36 -7.83
C LEU C 60 -25.49 86.62 -7.14
N ILE C 61 -26.38 85.63 -7.14
CA ILE C 61 -27.68 85.74 -6.43
C ILE C 61 -27.50 85.91 -4.92
N LYS C 62 -26.58 85.13 -4.36
CA LYS C 62 -26.28 85.18 -2.93
C LYS C 62 -25.55 86.46 -2.51
N ALA C 63 -24.62 86.91 -3.35
CA ALA C 63 -23.85 88.13 -3.09
C ALA C 63 -24.63 89.42 -3.39
N ILE C 64 -25.47 89.40 -4.43
CA ILE C 64 -26.34 90.54 -4.76
C ILE C 64 -27.43 90.76 -3.70
N GLN C 65 -27.92 89.68 -3.12
CA GLN C 65 -28.95 89.76 -2.07
C GLN C 65 -28.37 90.07 -0.68
N LEU C 66 -27.08 89.79 -0.47
CA LEU C 66 -26.37 90.20 0.76
C LEU C 66 -25.95 91.68 0.69
N THR C 67 -25.81 92.21 -0.53
CA THR C 67 -25.52 93.64 -0.75
C THR C 67 -26.79 94.51 -0.71
N TYR C 68 -27.94 93.90 -1.03
CA TYR C 68 -29.23 94.61 -1.12
C TYR C 68 -29.94 94.90 0.23
N ASN C 69 -29.67 94.12 1.28
CA ASN C 69 -29.95 94.50 2.72
C ASN C 69 -31.39 94.33 3.34
N PRO C 70 -31.89 93.07 3.51
CA PRO C 70 -33.32 92.83 3.75
C PRO C 70 -33.99 93.92 4.61
N ASP C 71 -34.34 95.03 3.96
CA ASP C 71 -34.99 96.20 4.59
C ASP C 71 -34.58 96.53 6.05
N GLU C 72 -33.28 96.69 6.30
CA GLU C 72 -32.75 97.04 7.62
C GLU C 72 -32.48 98.55 7.74
N SER C 73 -31.92 99.14 6.68
CA SER C 73 -31.51 100.55 6.68
C SER C 73 -32.71 101.52 6.59
N SER C 74 -32.54 102.70 7.18
CA SER C 74 -33.52 103.79 7.10
C SER C 74 -32.87 105.01 6.48
N LYS C 75 -32.53 104.87 5.19
CA LYS C 75 -31.71 105.84 4.45
C LYS C 75 -31.96 107.30 4.83
N PRO C 76 -30.92 108.00 5.33
CA PRO C 76 -31.00 109.45 5.54
C PRO C 76 -30.80 110.23 4.25
N ASN C 77 -31.43 111.40 4.16
CA ASN C 77 -31.41 112.25 2.96
C ASN C 77 -31.94 111.58 1.68
N MET C 78 -32.84 110.61 1.86
CA MET C 78 -33.49 109.94 0.73
C MET C 78 -34.61 110.83 0.19
N ILE C 79 -35.09 110.52 -1.02
CA ILE C 79 -36.20 111.25 -1.65
C ILE C 79 -37.41 111.49 -0.74
N ASP C 80 -37.70 110.53 0.13
CA ASP C 80 -38.78 110.67 1.11
C ASP C 80 -38.48 111.71 2.18
N ALA C 81 -37.24 111.76 2.65
CA ALA C 81 -36.82 112.74 3.67
C ALA C 81 -36.84 114.15 3.11
N ALA C 82 -36.75 114.26 1.79
CA ALA C 82 -36.95 115.52 1.09
C ALA C 82 -38.44 115.88 1.06
N THR C 83 -39.28 114.94 0.64
CA THR C 83 -40.73 115.15 0.54
C THR C 83 -41.40 115.42 1.91
N LEU C 84 -40.74 115.06 3.01
CA LEU C 84 -41.19 115.43 4.36
C LEU C 84 -41.00 116.93 4.62
N LYS C 85 -39.86 117.46 4.20
CA LYS C 85 -39.57 118.88 4.37
C LYS C 85 -40.45 119.70 3.41
N SER C 86 -40.92 119.08 2.33
CA SER C 86 -41.90 119.73 1.43
C SER C 86 -43.17 120.14 2.19
N ARG C 87 -43.75 119.20 2.93
CA ARG C 87 -44.99 119.45 3.69
C ARG C 87 -44.91 120.58 4.73
N LYS C 88 -43.87 120.54 5.56
CA LYS C 88 -43.71 121.54 6.64
C LYS C 88 -43.15 122.87 6.14
N MET C 89 -42.24 122.82 5.17
CA MET C 89 -41.72 124.03 4.54
C MET C 89 -42.70 124.56 3.49
N LEU C 90 -43.69 123.76 3.14
CA LEU C 90 -44.90 124.24 2.46
C LEU C 90 -45.79 124.97 3.45
N GLU C 91 -46.00 124.35 4.62
CA GLU C 91 -46.88 124.91 5.65
C GLU C 91 -46.42 126.32 6.05
N GLU C 92 -45.12 126.46 6.29
CA GLU C 92 -44.55 127.75 6.70
C GLU C 92 -44.62 128.86 5.63
N ILE C 93 -44.91 128.49 4.39
CA ILE C 93 -45.07 129.48 3.33
C ILE C 93 -46.38 130.29 3.46
N MET C 94 -47.43 129.67 4.00
CA MET C 94 -48.74 130.33 4.00
C MET C 94 -48.92 131.36 5.12
N LYS C 95 -48.23 131.19 6.24
CA LYS C 95 -48.25 132.18 7.32
C LYS C 95 -47.38 133.40 6.97
N TYR C 96 -46.46 133.20 6.04
CA TYR C 96 -45.56 134.26 5.57
C TYR C 96 -46.28 135.20 4.60
N GLU C 97 -46.99 134.63 3.63
CA GLU C 97 -47.79 135.43 2.69
C GLU C 97 -49.03 136.08 3.35
N ALA C 98 -49.31 135.73 4.61
CA ALA C 98 -50.35 136.38 5.39
C ALA C 98 -49.77 137.53 6.22
N SER C 99 -48.57 137.32 6.76
CA SER C 99 -47.82 138.36 7.48
C SER C 99 -47.41 139.53 6.58
N ILE C 100 -47.19 139.26 5.29
CA ILE C 100 -46.96 140.31 4.30
C ILE C 100 -48.06 141.38 4.31
N LEU C 101 -49.30 140.94 4.53
CA LEU C 101 -50.47 141.83 4.50
C LEU C 101 -50.55 142.77 5.71
N THR C 102 -49.96 142.35 6.84
CA THR C 102 -49.91 143.18 8.04
C THR C 102 -48.79 144.19 7.94
N HIS C 103 -47.67 143.77 7.36
CA HIS C 103 -46.55 144.68 7.15
C HIS C 103 -46.92 145.72 6.09
N ASP C 104 -47.67 145.30 5.08
CA ASP C 104 -48.20 146.24 4.06
C ASP C 104 -49.10 147.32 4.69
N SER C 105 -49.95 146.93 5.64
CA SER C 105 -50.76 147.89 6.38
C SER C 105 -49.98 148.57 7.53
N SER C 106 -48.76 148.11 7.79
CA SER C 106 -47.86 148.81 8.72
C SER C 106 -47.05 149.87 7.98
N ILE C 107 -46.66 149.56 6.75
CA ILE C 107 -45.94 150.51 5.90
C ILE C 107 -46.85 151.67 5.47
N ARG C 108 -48.07 151.34 5.06
CA ARG C 108 -49.06 152.35 4.66
C ARG C 108 -49.35 153.36 5.78
N TYR C 109 -49.12 152.94 7.02
CA TYR C 109 -49.23 153.83 8.17
C TYR C 109 -47.97 154.69 8.32
N LEU C 110 -46.81 154.06 8.50
CA LEU C 110 -45.56 154.82 8.65
C LEU C 110 -45.38 155.86 7.54
N GLN C 111 -45.81 155.54 6.32
CA GLN C 111 -45.65 156.44 5.16
C GLN C 111 -46.43 157.75 5.27
N GLU C 112 -47.51 157.76 6.03
CA GLU C 112 -48.27 159.00 6.20
C GLU C 112 -47.89 159.69 7.51
N ILE C 113 -46.81 159.24 8.13
CA ILE C 113 -46.17 160.00 9.19
C ILE C 113 -45.07 160.79 8.56
N TYR C 114 -44.37 160.16 7.63
CA TYR C 114 -43.35 160.84 6.86
C TYR C 114 -43.95 161.97 6.05
N ASN C 115 -45.00 161.69 5.30
CA ASN C 115 -45.66 162.75 4.53
C ASN C 115 -46.31 163.79 5.43
N SER C 116 -47.01 163.33 6.45
CA SER C 116 -47.59 164.23 7.45
C SER C 116 -46.50 165.13 8.03
N ASN C 117 -45.45 164.49 8.52
CA ASN C 117 -44.38 165.20 9.21
C ASN C 117 -43.67 166.19 8.29
N ASN C 118 -43.52 165.87 7.01
CA ASN C 118 -43.01 166.87 6.06
C ASN C 118 -43.99 168.04 5.94
N GLN C 119 -45.25 167.74 5.64
CA GLN C 119 -46.22 168.81 5.45
C GLN C 119 -46.22 169.75 6.67
N LYS C 120 -46.30 169.18 7.88
CA LYS C 120 -46.37 169.99 9.13
C LYS C 120 -45.11 170.80 9.42
N ILE C 121 -43.96 170.31 8.95
CA ILE C 121 -42.75 171.12 8.90
C ILE C 121 -42.92 172.31 7.95
N VAL C 122 -43.11 172.03 6.65
CA VAL C 122 -43.27 173.11 5.67
C VAL C 122 -43.90 174.34 6.32
N ASN C 123 -45.04 174.14 7.00
CA ASN C 123 -45.78 175.22 7.66
C ASN C 123 -45.06 175.80 8.87
N LEU C 124 -44.29 174.98 9.57
CA LEU C 124 -43.47 175.49 10.64
C LEU C 124 -42.45 176.47 10.07
N LYS C 125 -41.87 176.11 8.94
CA LYS C 125 -40.75 176.89 8.40
C LYS C 125 -41.18 178.28 7.93
N GLU C 126 -42.38 178.37 7.35
CA GLU C 126 -42.88 179.68 7.01
C GLU C 126 -43.08 180.47 8.30
N LYS C 127 -43.51 179.80 9.36
CA LYS C 127 -43.88 180.46 10.61
C LYS C 127 -42.64 181.08 11.28
N VAL C 128 -41.58 180.29 11.34
CA VAL C 128 -40.30 180.77 11.89
C VAL C 128 -39.68 181.82 10.96
N ALA C 129 -40.16 181.91 9.72
CA ALA C 129 -39.88 183.08 8.91
C ALA C 129 -40.57 184.28 9.56
N GLN C 130 -41.88 184.16 9.82
CA GLN C 130 -42.66 185.27 10.38
C GLN C 130 -42.04 185.80 11.66
N LEU C 131 -41.48 184.89 12.46
CA LEU C 131 -40.80 185.28 13.69
C LEU C 131 -39.45 185.95 13.38
N GLU C 132 -38.66 185.32 12.50
CA GLU C 132 -37.36 185.86 12.12
C GLU C 132 -37.47 187.34 11.79
N ALA C 133 -38.24 187.63 10.74
CA ALA C 133 -38.38 188.98 10.21
C ALA C 133 -39.16 189.87 11.16
N GLN C 134 -39.29 189.42 12.42
CA GLN C 134 -40.00 190.16 13.46
C GLN C 134 -39.12 190.35 14.70
N CYS C 135 -37.81 190.26 14.53
CA CYS C 135 -36.90 190.21 15.68
C CYS C 135 -35.57 190.74 15.23
N GLN C 136 -35.67 191.85 14.51
CA GLN C 136 -34.57 192.50 13.88
C GLN C 136 -34.32 193.77 14.66
N GLU C 137 -35.34 194.62 14.72
CA GLU C 137 -35.25 195.88 15.42
C GLU C 137 -34.65 195.79 16.86
N PRO C 138 -33.88 196.80 17.24
CA PRO C 138 -33.33 196.83 18.57
C PRO C 138 -34.31 197.33 19.62
N CYS C 139 -33.85 197.39 20.87
CA CYS C 139 -34.69 197.74 22.01
C CYS C 139 -34.93 199.22 22.03
N LYS C 140 -36.10 199.58 22.52
CA LYS C 140 -36.56 200.94 22.36
C LYS C 140 -35.84 201.85 23.31
N ASP C 141 -34.94 202.70 22.85
CA ASP C 141 -34.40 203.66 23.81
C ASP C 141 -35.43 204.73 24.11
N THR C 142 -35.58 204.97 25.40
CA THR C 142 -36.42 206.01 25.91
C THR C 142 -35.75 207.39 25.71
N VAL C 143 -34.42 207.45 25.73
CA VAL C 143 -33.69 208.74 25.62
C VAL C 143 -33.45 209.14 24.15
N GLN C 144 -33.63 210.44 23.86
CA GLN C 144 -33.72 210.93 22.47
C GLN C 144 -33.00 212.24 22.31
N ILE C 145 -32.31 212.47 21.19
CA ILE C 145 -31.68 213.80 20.98
C ILE C 145 -32.37 214.54 19.83
N HIS C 146 -33.26 215.44 20.21
CA HIS C 146 -33.95 216.30 19.25
C HIS C 146 -33.01 216.83 18.17
N ASP C 147 -33.64 217.18 17.05
CA ASP C 147 -32.97 217.54 15.79
C ASP C 147 -32.77 219.04 15.58
N ILE C 148 -33.36 219.87 16.45
CA ILE C 148 -33.15 221.32 16.36
C ILE C 148 -31.80 221.66 16.98
N THR C 149 -31.10 222.59 16.35
CA THR C 149 -29.78 222.98 16.81
C THR C 149 -29.70 224.47 16.81
N GLY C 150 -28.90 225.02 17.69
CA GLY C 150 -28.66 226.45 17.68
C GLY C 150 -27.34 226.78 18.32
N LYS C 151 -27.18 228.05 18.65
CA LYS C 151 -25.97 228.56 19.30
C LYS C 151 -26.14 228.50 20.81
N ASP C 152 -27.36 228.26 21.28
CA ASP C 152 -27.64 228.11 22.70
C ASP C 152 -29.04 227.50 22.86
N CYS C 153 -29.54 227.39 24.08
CA CYS C 153 -30.86 226.82 24.27
C CYS C 153 -31.92 227.82 23.91
N GLN C 154 -31.68 229.10 24.18
CA GLN C 154 -32.59 230.16 23.81
C GLN C 154 -32.91 230.10 22.36
N ASP C 155 -31.84 230.04 21.58
CA ASP C 155 -31.86 230.02 20.14
C ASP C 155 -32.78 228.87 19.68
N ILE C 156 -32.56 227.69 20.23
CA ILE C 156 -33.48 226.60 19.98
C ILE C 156 -34.96 227.02 20.31
N ALA C 157 -35.16 227.76 21.38
CA ALA C 157 -36.49 228.17 21.74
C ALA C 157 -37.00 229.09 20.66
N ASN C 158 -36.09 229.93 20.18
CA ASN C 158 -36.47 230.96 19.22
C ASN C 158 -36.72 230.28 17.90
N LYS C 159 -35.91 229.27 17.62
CA LYS C 159 -36.18 228.41 16.54
C LYS C 159 -37.48 227.59 16.82
N GLY C 160 -38.27 228.03 17.80
CA GLY C 160 -39.58 227.42 18.14
C GLY C 160 -39.59 225.94 18.53
N ALA C 161 -38.97 225.61 19.67
CA ALA C 161 -38.99 224.25 20.27
C ALA C 161 -39.68 224.34 21.63
N LYS C 162 -40.27 223.25 22.10
CA LYS C 162 -41.13 223.38 23.29
C LYS C 162 -40.83 222.35 24.34
N GLN C 163 -40.48 221.13 23.91
CA GLN C 163 -39.96 220.13 24.84
C GLN C 163 -38.64 220.57 25.43
N SER C 164 -38.53 220.36 26.75
CA SER C 164 -37.30 220.52 27.51
C SER C 164 -36.65 219.18 27.45
N GLY C 165 -35.35 219.14 27.18
CA GLY C 165 -34.73 217.84 26.93
C GLY C 165 -33.51 218.03 26.09
N LEU C 166 -33.04 216.99 25.46
CA LEU C 166 -31.68 217.06 25.01
C LEU C 166 -31.48 217.61 23.59
N TYR C 167 -30.66 218.66 23.42
CA TYR C 167 -30.21 219.14 22.07
C TYR C 167 -28.71 219.34 21.89
N PHE C 168 -28.23 219.36 20.64
CA PHE C 168 -26.88 219.87 20.37
C PHE C 168 -26.88 221.36 20.16
N ILE C 169 -25.78 221.98 20.56
CA ILE C 169 -25.47 223.36 20.22
C ILE C 169 -23.99 223.54 19.85
N LYS C 170 -23.74 224.48 18.97
CA LYS C 170 -22.39 224.82 18.58
C LYS C 170 -22.24 226.33 18.71
N PRO C 171 -21.89 226.80 19.92
CA PRO C 171 -21.56 228.19 20.19
C PRO C 171 -20.46 228.74 19.32
N LEU C 172 -20.49 230.06 19.17
CA LEU C 172 -19.91 230.74 18.03
C LEU C 172 -18.43 230.47 17.80
N LYS C 173 -17.62 230.55 18.85
CA LYS C 173 -16.17 230.38 18.69
C LYS C 173 -15.68 228.91 18.82
N ALA C 174 -16.59 228.00 19.19
CA ALA C 174 -16.26 226.57 19.47
C ALA C 174 -16.14 225.69 18.21
N ASN C 175 -15.37 224.61 18.31
CA ASN C 175 -15.12 223.73 17.17
C ASN C 175 -16.14 222.61 17.00
N GLN C 176 -16.18 221.66 17.93
CA GLN C 176 -17.20 220.62 17.89
C GLN C 176 -18.41 221.14 18.64
N GLN C 177 -19.59 220.74 18.20
CA GLN C 177 -20.81 220.89 18.99
C GLN C 177 -20.83 219.96 20.19
N PHE C 178 -21.83 220.14 21.05
CA PHE C 178 -21.90 219.36 22.26
C PHE C 178 -23.26 219.27 22.90
N LEU C 179 -23.71 218.06 23.16
CA LEU C 179 -25.05 217.90 23.77
C LEU C 179 -25.20 218.63 25.15
N VAL C 180 -26.39 219.21 25.34
CA VAL C 180 -26.79 219.93 26.56
C VAL C 180 -28.28 219.69 26.85
N TYR C 181 -28.86 220.52 27.72
CA TYR C 181 -30.23 220.32 28.20
C TYR C 181 -30.86 221.70 28.32
N CYS C 182 -31.82 221.90 27.41
CA CYS C 182 -32.61 223.11 27.29
C CYS C 182 -33.90 222.85 28.00
N GLU C 183 -34.13 223.74 28.95
CA GLU C 183 -35.24 223.66 29.85
C GLU C 183 -36.01 224.79 29.34
N ILE C 184 -37.00 224.43 28.52
CA ILE C 184 -37.77 225.39 27.75
C ILE C 184 -39.08 225.60 28.50
N ASP C 185 -39.39 226.87 28.78
CA ASP C 185 -40.65 227.23 29.47
C ASP C 185 -41.72 227.82 28.53
N GLY C 186 -42.82 228.26 29.15
CA GLY C 186 -44.02 228.65 28.44
C GLY C 186 -43.83 229.92 27.64
N SER C 187 -43.01 230.81 28.19
CA SER C 187 -42.66 232.07 27.53
C SER C 187 -41.40 231.93 26.66
N GLY C 188 -40.98 230.70 26.40
CA GLY C 188 -39.99 230.43 25.33
C GLY C 188 -38.62 230.92 25.68
N ASN C 189 -38.37 230.84 26.96
CA ASN C 189 -37.07 231.06 27.51
C ASN C 189 -36.35 229.71 27.55
N GLY C 190 -35.22 229.69 26.83
CA GLY C 190 -34.41 228.51 26.60
C GLY C 190 -33.30 228.51 27.62
N TRP C 191 -33.59 227.86 28.74
CA TRP C 191 -32.64 227.71 29.82
C TRP C 191 -31.63 226.60 29.51
N THR C 192 -30.37 226.98 29.37
CA THR C 192 -29.29 226.02 29.25
C THR C 192 -28.69 225.68 30.60
N VAL C 193 -28.69 224.41 31.01
CA VAL C 193 -28.42 224.04 32.41
C VAL C 193 -27.02 223.51 32.50
N PHE C 194 -26.13 224.24 33.18
CA PHE C 194 -24.72 223.73 33.25
C PHE C 194 -24.36 222.99 34.53
N GLN C 195 -25.22 222.96 35.52
CA GLN C 195 -25.01 222.01 36.57
C GLN C 195 -26.40 221.65 36.99
N LYS C 196 -26.55 220.43 37.50
CA LYS C 196 -27.77 219.96 38.15
C LYS C 196 -27.32 219.02 39.31
N ARG C 197 -28.05 218.99 40.43
CA ARG C 197 -27.77 218.03 41.53
C ARG C 197 -29.13 217.56 42.05
N LEU C 198 -29.19 216.36 42.68
CA LEU C 198 -30.49 215.83 43.24
C LEU C 198 -30.44 214.51 44.10
N ASP C 199 -29.42 213.68 43.91
CA ASP C 199 -29.38 212.42 44.64
C ASP C 199 -27.96 211.97 45.13
N GLY C 200 -26.92 212.66 44.67
CA GLY C 200 -25.57 212.27 44.97
C GLY C 200 -25.12 211.00 44.25
N SER C 201 -25.94 210.45 43.36
CA SER C 201 -25.45 209.43 42.46
C SER C 201 -24.04 209.73 41.93
N VAL C 202 -23.72 210.98 41.68
CA VAL C 202 -22.48 211.31 40.99
C VAL C 202 -21.41 211.83 41.95
N ASP C 203 -20.20 211.37 41.71
CA ASP C 203 -19.12 211.82 42.52
C ASP C 203 -18.59 213.10 41.95
N PHE C 204 -18.83 214.19 42.68
CA PHE C 204 -18.21 215.51 42.36
C PHE C 204 -16.80 215.76 42.91
N LYS C 205 -16.24 214.74 43.56
CA LYS C 205 -14.88 214.78 44.00
C LYS C 205 -14.12 214.39 42.76
N LYS C 206 -13.68 215.41 42.03
CA LYS C 206 -13.19 215.18 40.65
C LYS C 206 -12.08 216.16 40.30
N ASN C 207 -11.25 215.71 39.36
CA ASN C 207 -10.01 216.42 39.09
C ASN C 207 -10.19 217.63 38.21
N TRP C 208 -9.10 218.32 37.90
CA TRP C 208 -9.16 219.45 36.99
C TRP C 208 -9.77 219.13 35.62
N ILE C 209 -9.14 218.22 34.86
CA ILE C 209 -9.62 217.89 33.49
C ILE C 209 -11.12 217.53 33.48
N GLN C 210 -11.46 216.47 34.20
CA GLN C 210 -12.83 216.07 34.45
C GLN C 210 -13.75 217.27 34.57
N TYR C 211 -13.33 218.25 35.32
CA TYR C 211 -14.23 219.36 35.55
C TYR C 211 -14.38 220.25 34.31
N LYS C 212 -13.36 220.23 33.46
CA LYS C 212 -13.26 221.15 32.33
C LYS C 212 -14.09 220.59 31.17
N GLU C 213 -13.82 219.32 30.93
CA GLU C 213 -14.44 218.57 29.88
C GLU C 213 -15.83 218.17 30.30
N GLY C 214 -16.07 218.19 31.59
CA GLY C 214 -17.40 217.96 32.07
C GLY C 214 -17.55 216.49 32.36
N PHE C 215 -18.68 216.17 32.99
CA PHE C 215 -18.92 214.89 33.63
C PHE C 215 -20.41 214.84 34.11
N GLY C 216 -20.93 213.62 34.23
CA GLY C 216 -22.34 213.37 34.59
C GLY C 216 -23.07 212.67 33.44
N HIS C 217 -24.40 212.56 33.58
CA HIS C 217 -25.28 212.15 32.46
C HIS C 217 -26.45 213.14 32.13
N LEU C 218 -26.53 213.55 30.87
CA LEU C 218 -27.68 214.29 30.38
C LEU C 218 -28.81 213.30 30.27
N SER C 219 -29.94 213.63 30.87
CA SER C 219 -31.20 212.89 30.67
C SER C 219 -32.10 213.92 29.94
N PRO C 220 -33.19 213.46 29.30
CA PRO C 220 -34.33 214.19 28.85
C PRO C 220 -35.08 214.78 29.99
N THR C 221 -35.56 213.89 30.86
CA THR C 221 -36.55 214.28 31.90
C THR C 221 -36.05 215.30 32.92
N GLY C 222 -34.90 215.01 33.53
CA GLY C 222 -34.16 216.02 34.35
C GLY C 222 -33.87 215.40 35.70
N THR C 223 -33.34 214.18 35.62
CA THR C 223 -33.32 213.29 36.74
C THR C 223 -31.94 212.63 36.79
N THR C 224 -30.94 213.48 36.58
CA THR C 224 -29.61 213.08 36.19
C THR C 224 -28.77 214.22 36.74
N GLU C 225 -27.71 213.89 37.47
CA GLU C 225 -26.87 214.90 38.11
C GLU C 225 -25.75 215.07 37.20
N PHE C 226 -25.08 216.21 37.30
CA PHE C 226 -23.91 216.35 36.47
C PHE C 226 -23.25 217.68 36.53
N TRP C 227 -22.16 217.80 35.77
CA TRP C 227 -21.50 219.08 35.63
C TRP C 227 -21.12 219.13 34.19
N LEU C 228 -21.40 220.24 33.56
CA LEU C 228 -21.30 220.22 32.12
C LEU C 228 -19.88 220.53 31.69
N GLY C 229 -19.16 221.32 32.43
CA GLY C 229 -17.75 221.40 32.07
C GLY C 229 -17.30 222.77 31.67
N ASN C 230 -16.32 223.26 32.40
CA ASN C 230 -16.06 224.66 32.37
C ASN C 230 -15.81 225.06 30.97
N GLU C 231 -15.20 224.15 30.19
CA GLU C 231 -14.84 224.54 28.83
C GLU C 231 -16.05 224.96 28.07
N LYS C 232 -17.05 224.10 28.10
CA LYS C 232 -18.36 224.38 27.53
C LYS C 232 -18.91 225.68 28.12
N ILE C 233 -18.96 225.74 29.46
CA ILE C 233 -19.52 226.91 30.13
C ILE C 233 -18.86 228.23 29.71
N HIS C 234 -17.64 228.15 29.24
CA HIS C 234 -16.90 229.36 28.91
C HIS C 234 -17.23 229.86 27.53
N LEU C 235 -17.20 228.89 26.62
CA LEU C 235 -17.57 229.07 25.21
C LEU C 235 -18.96 229.60 25.08
N ILE C 236 -19.86 228.98 25.83
CA ILE C 236 -21.18 229.48 25.88
C ILE C 236 -21.13 230.92 26.36
N SER C 237 -20.74 231.14 27.61
CA SER C 237 -20.83 232.47 28.22
C SER C 237 -20.26 233.57 27.34
N THR C 238 -19.14 233.29 26.67
CA THR C 238 -18.32 234.32 26.05
C THR C 238 -18.28 234.21 24.56
N GLN C 239 -19.45 234.20 23.93
CA GLN C 239 -19.49 234.28 22.49
C GLN C 239 -20.20 235.59 22.20
N SER C 240 -19.72 236.28 21.17
CA SER C 240 -20.53 237.30 20.56
C SER C 240 -21.17 238.30 21.52
N ALA C 241 -20.44 238.74 22.54
CA ALA C 241 -20.79 239.98 23.25
C ALA C 241 -22.19 240.07 23.89
N ILE C 242 -23.23 239.53 23.25
CA ILE C 242 -24.54 239.48 23.92
C ILE C 242 -24.37 238.74 25.24
N PRO C 243 -24.92 239.30 26.34
CA PRO C 243 -24.57 238.87 27.68
C PRO C 243 -25.48 237.78 28.15
N TYR C 244 -24.95 236.96 29.06
CA TYR C 244 -25.74 235.92 29.64
C TYR C 244 -25.97 236.25 31.09
N ALA C 245 -26.98 235.60 31.66
CA ALA C 245 -27.34 235.78 33.08
C ALA C 245 -27.49 234.42 33.67
N LEU C 246 -26.94 234.22 34.87
CA LEU C 246 -27.01 232.94 35.53
C LEU C 246 -28.20 232.96 36.45
N ARG C 247 -28.84 231.82 36.59
CA ARG C 247 -29.76 231.67 37.69
C ARG C 247 -29.55 230.36 38.32
N VAL C 248 -29.53 230.40 39.62
CA VAL C 248 -29.21 229.29 40.47
C VAL C 248 -30.51 228.92 41.17
N GLU C 249 -30.79 227.66 41.42
CA GLU C 249 -32.12 227.29 41.87
C GLU C 249 -32.02 226.15 42.82
N LEU C 250 -32.48 226.36 44.04
CA LEU C 250 -32.18 225.44 45.15
C LEU C 250 -33.40 224.88 45.85
N GLU C 251 -33.47 223.58 46.08
CA GLU C 251 -34.57 223.02 46.90
C GLU C 251 -34.03 222.37 48.19
N ASP C 252 -34.69 222.73 49.30
CA ASP C 252 -34.37 222.17 50.61
C ASP C 252 -34.99 220.77 50.80
N TRP C 253 -35.13 220.34 52.04
CA TRP C 253 -35.61 218.97 52.28
C TRP C 253 -37.07 218.98 52.74
N ASN C 254 -37.74 220.11 52.52
CA ASN C 254 -39.19 220.21 52.63
C ASN C 254 -39.76 220.72 51.33
N GLY C 255 -39.04 220.48 50.23
CA GLY C 255 -39.48 220.91 48.90
C GLY C 255 -39.76 222.41 48.77
N ARG C 256 -38.98 223.22 49.47
CA ARG C 256 -38.98 224.64 49.23
C ARG C 256 -37.96 224.93 48.15
N THR C 257 -38.32 225.76 47.19
CA THR C 257 -37.34 226.20 46.21
C THR C 257 -36.92 227.64 46.52
N SER C 258 -35.93 228.14 45.78
CA SER C 258 -35.51 229.55 45.79
C SER C 258 -34.47 229.81 44.68
N THR C 259 -34.38 231.05 44.23
CA THR C 259 -33.43 231.36 43.19
C THR C 259 -32.43 232.38 43.71
N ALA C 260 -31.34 232.52 42.96
CA ALA C 260 -30.48 233.70 43.01
C ALA C 260 -30.07 234.05 41.61
N ASP C 261 -30.43 235.21 41.09
CA ASP C 261 -30.00 235.54 39.71
C ASP C 261 -28.73 236.34 39.74
N TYR C 262 -27.82 236.11 38.81
CA TYR C 262 -26.63 236.97 38.69
C TYR C 262 -26.46 237.53 37.29
N ALA C 263 -26.42 238.84 37.12
CA ALA C 263 -26.31 239.38 35.73
C ALA C 263 -24.90 239.45 35.11
N MET C 264 -24.90 239.54 33.78
CA MET C 264 -23.66 239.52 32.96
C MET C 264 -22.65 238.46 33.36
N PHE C 265 -23.21 237.30 33.67
CA PHE C 265 -22.46 236.16 34.09
C PHE C 265 -21.55 235.69 32.98
N LYS C 266 -20.36 235.23 33.36
CA LYS C 266 -19.44 234.56 32.43
C LYS C 266 -18.23 233.91 33.11
N VAL C 267 -17.80 232.78 32.57
CA VAL C 267 -16.59 232.14 33.04
C VAL C 267 -15.47 232.43 32.11
N GLY C 268 -14.27 232.44 32.67
CA GLY C 268 -13.08 232.75 31.92
C GLY C 268 -12.55 231.58 31.13
N PRO C 269 -11.48 231.83 30.36
CA PRO C 269 -10.74 230.80 29.69
C PRO C 269 -9.84 230.05 30.66
N GLU C 270 -9.49 228.80 30.31
CA GLU C 270 -8.51 227.98 31.09
C GLU C 270 -7.25 228.81 31.35
N ALA C 271 -6.82 229.55 30.32
CA ALA C 271 -5.76 230.54 30.48
C ALA C 271 -5.89 231.27 31.84
N ASP C 272 -7.10 231.72 32.17
CA ASP C 272 -7.38 232.48 33.38
C ASP C 272 -8.13 231.60 34.39
N LYS C 273 -8.12 230.30 34.16
CA LYS C 273 -8.65 229.35 35.13
C LYS C 273 -10.16 229.42 35.25
N TYR C 274 -10.87 229.64 34.16
CA TYR C 274 -12.32 229.54 34.23
C TYR C 274 -12.86 230.35 35.40
N ARG C 275 -12.28 231.54 35.55
CA ARG C 275 -12.70 232.45 36.57
C ARG C 275 -14.16 232.74 36.45
N LEU C 276 -14.91 232.68 37.55
CA LEU C 276 -16.29 233.20 37.52
C LEU C 276 -16.21 234.71 37.50
N THR C 277 -17.02 235.32 36.65
CA THR C 277 -17.10 236.78 36.65
C THR C 277 -18.51 237.22 36.31
N TYR C 278 -19.00 238.21 37.03
CA TYR C 278 -20.36 238.56 36.83
C TYR C 278 -20.51 239.94 37.29
N ALA C 279 -21.40 240.67 36.60
CA ALA C 279 -21.59 242.11 36.80
C ALA C 279 -22.19 242.48 38.16
N TYR C 280 -23.36 241.91 38.48
CA TYR C 280 -24.08 242.29 39.70
C TYR C 280 -25.12 241.29 40.08
N PHE C 281 -25.50 241.29 41.36
CA PHE C 281 -26.54 240.37 41.84
C PHE C 281 -27.82 240.86 41.20
N ALA C 282 -28.47 239.95 40.49
CA ALA C 282 -29.61 240.35 39.66
C ALA C 282 -30.81 240.46 40.56
N GLY C 283 -30.73 239.79 41.68
CA GLY C 283 -31.83 239.75 42.62
C GLY C 283 -32.03 238.28 42.84
N GLY C 284 -32.83 237.94 43.84
CA GLY C 284 -33.08 236.53 44.18
C GLY C 284 -33.39 236.37 45.63
N ASP C 285 -34.29 235.45 45.95
CA ASP C 285 -34.77 235.30 47.33
C ASP C 285 -33.95 234.29 48.20
N ALA C 286 -32.81 233.85 47.67
CA ALA C 286 -31.90 233.01 48.42
C ALA C 286 -30.58 233.75 48.65
N GLY C 287 -30.53 235.04 48.32
CA GLY C 287 -29.38 235.87 48.69
C GLY C 287 -28.07 235.68 47.94
N ASP C 288 -27.17 236.63 48.15
CA ASP C 288 -25.97 236.79 47.33
C ASP C 288 -24.83 236.02 47.96
N ALA C 289 -24.99 234.71 48.16
CA ALA C 289 -23.86 233.91 48.61
C ALA C 289 -22.55 234.39 47.93
N PHE C 290 -22.56 234.59 46.63
CA PHE C 290 -21.35 235.03 45.89
C PHE C 290 -20.71 236.35 46.39
N ASP C 291 -21.46 237.09 47.20
CA ASP C 291 -20.92 238.22 47.93
C ASP C 291 -20.15 237.73 49.15
N GLY C 292 -20.27 236.43 49.44
CA GLY C 292 -19.74 235.89 50.67
C GLY C 292 -20.70 236.20 51.80
N PHE C 293 -20.25 235.86 52.99
CA PHE C 293 -21.11 235.81 54.14
C PHE C 293 -20.35 235.91 55.50
N ASP C 294 -21.09 236.34 56.51
CA ASP C 294 -20.55 236.56 57.84
C ASP C 294 -21.01 235.44 58.74
N PHE C 295 -20.34 234.33 58.52
CA PHE C 295 -20.42 233.16 59.37
C PHE C 295 -20.17 233.43 60.92
N GLY C 296 -19.41 234.47 61.27
CA GLY C 296 -19.17 234.82 62.67
C GLY C 296 -17.87 234.26 63.25
N ASP C 297 -17.23 233.36 62.50
CA ASP C 297 -15.87 232.94 62.80
C ASP C 297 -14.95 234.16 62.83
N ASP C 298 -15.17 235.12 61.92
CA ASP C 298 -14.31 236.30 61.81
C ASP C 298 -14.94 237.39 60.92
N PRO C 299 -14.70 238.67 61.23
CA PRO C 299 -15.07 239.75 60.32
C PRO C 299 -14.70 239.52 58.86
N SER C 300 -13.58 238.82 58.66
CA SER C 300 -13.05 238.45 57.35
C SER C 300 -13.94 237.50 56.56
N ASP C 301 -14.67 236.64 57.26
CA ASP C 301 -15.67 235.78 56.62
C ASP C 301 -16.23 236.41 55.35
N LYS C 302 -16.90 237.54 55.54
CA LYS C 302 -17.44 238.32 54.47
C LYS C 302 -16.51 238.34 53.26
N PHE C 303 -15.35 238.95 53.43
CA PHE C 303 -14.35 239.20 52.36
C PHE C 303 -13.92 237.95 51.63
N PHE C 304 -13.81 236.88 52.41
CA PHE C 304 -13.08 235.72 51.95
C PHE C 304 -14.00 234.72 51.37
N THR C 305 -15.19 234.60 51.91
CA THR C 305 -16.10 233.58 51.43
C THR C 305 -16.89 234.09 50.24
N SER C 306 -16.48 235.23 49.64
CA SER C 306 -17.08 235.67 48.38
C SER C 306 -16.38 235.03 47.19
N HIS C 307 -17.24 234.64 46.22
CA HIS C 307 -16.77 233.98 44.98
C HIS C 307 -16.64 234.89 43.79
N ASN C 308 -17.23 236.08 43.83
CA ASN C 308 -17.12 236.86 42.64
C ASN C 308 -15.67 237.16 42.35
N GLY C 309 -15.29 236.95 41.08
CA GLY C 309 -13.94 237.17 40.62
C GLY C 309 -13.00 235.99 40.87
N MET C 310 -13.50 234.93 41.49
CA MET C 310 -12.60 233.85 41.86
C MET C 310 -12.33 232.94 40.66
N GLN C 311 -11.10 232.46 40.58
CA GLN C 311 -10.68 231.48 39.60
C GLN C 311 -11.19 230.14 40.09
N PHE C 312 -11.02 229.11 39.26
CA PHE C 312 -11.60 227.82 39.54
C PHE C 312 -10.51 226.92 40.05
N SER C 313 -10.85 226.11 41.06
CA SER C 313 -9.91 225.20 41.68
C SER C 313 -10.51 223.81 41.72
N THR C 314 -9.66 222.84 41.44
CA THR C 314 -9.94 221.46 41.75
C THR C 314 -8.88 220.92 42.67
N TRP C 315 -9.12 219.72 43.16
CA TRP C 315 -8.18 219.08 44.02
C TRP C 315 -6.73 219.11 43.47
N ASP C 316 -6.57 219.06 42.17
CA ASP C 316 -5.24 219.13 41.56
C ASP C 316 -5.04 220.47 40.88
N ASN C 317 -5.68 221.51 41.41
CA ASN C 317 -5.36 222.92 41.06
C ASN C 317 -5.68 223.87 42.25
N ASP C 318 -4.67 224.55 42.80
CA ASP C 318 -4.90 225.45 43.97
C ASP C 318 -5.05 226.87 43.52
N ASN C 319 -6.26 227.24 43.13
CA ASN C 319 -6.51 228.63 42.70
C ASN C 319 -7.44 229.35 43.70
N ASP C 320 -7.23 229.01 44.98
CA ASP C 320 -7.98 229.60 46.08
C ASP C 320 -7.04 230.56 46.75
N LYS C 321 -7.59 231.43 47.61
CA LYS C 321 -6.80 232.43 48.36
C LYS C 321 -6.45 231.84 49.74
N PHE C 322 -5.91 230.63 49.72
CA PHE C 322 -5.75 229.82 50.89
C PHE C 322 -4.39 229.23 50.81
N GLU C 323 -3.59 229.52 51.80
CA GLU C 323 -2.40 228.74 52.13
C GLU C 323 -2.62 227.26 51.76
N GLY C 324 -3.72 226.69 52.24
CA GLY C 324 -4.08 225.30 51.97
C GLY C 324 -4.91 225.15 50.71
N ASN C 325 -5.66 224.05 50.64
CA ASN C 325 -6.47 223.77 49.48
C ASN C 325 -7.89 223.39 49.78
N CYS C 326 -8.75 224.41 49.77
CA CYS C 326 -10.18 224.23 49.95
C CYS C 326 -10.69 223.03 49.15
N ALA C 327 -10.46 223.11 47.82
CA ALA C 327 -10.94 222.13 46.80
C ALA C 327 -10.73 220.70 47.27
N GLU C 328 -9.71 220.50 48.10
CA GLU C 328 -9.37 219.18 48.58
C GLU C 328 -10.04 218.91 49.92
N GLN C 329 -10.06 219.92 50.77
CA GLN C 329 -10.51 219.76 52.15
C GLN C 329 -11.95 219.37 52.13
N ASP C 330 -12.64 219.96 51.15
CA ASP C 330 -14.06 219.76 50.90
C ASP C 330 -14.25 218.60 49.95
N GLY C 331 -13.66 218.69 48.76
CA GLY C 331 -13.67 217.56 47.86
C GLY C 331 -14.71 217.83 46.80
N SER C 332 -14.46 218.94 46.12
CA SER C 332 -15.23 219.34 44.97
C SER C 332 -14.32 220.14 44.04
N GLY C 333 -14.89 221.05 43.30
CA GLY C 333 -14.12 221.91 42.44
C GLY C 333 -15.02 223.10 42.21
N TRP C 334 -14.47 224.27 42.44
CA TRP C 334 -15.33 225.40 42.63
C TRP C 334 -14.46 226.61 42.51
N TRP C 335 -15.09 227.78 42.66
CA TRP C 335 -14.39 229.02 42.49
C TRP C 335 -14.10 229.39 43.89
N MET C 336 -13.05 228.77 44.43
CA MET C 336 -12.74 228.80 45.84
C MET C 336 -12.01 230.07 46.18
N ASN C 337 -12.19 230.49 47.44
CA ASN C 337 -11.53 231.68 47.97
C ASN C 337 -10.89 231.34 49.32
N LYS C 338 -11.57 231.63 50.43
CA LYS C 338 -11.09 231.13 51.73
C LYS C 338 -12.24 230.91 52.73
N CYS C 339 -13.08 229.91 52.48
CA CYS C 339 -13.07 229.13 51.22
C CYS C 339 -14.26 229.39 50.27
N HIS C 340 -15.45 229.60 50.84
CA HIS C 340 -16.69 229.75 50.08
C HIS C 340 -17.93 230.11 50.94
N ALA C 341 -18.80 230.99 50.44
CA ALA C 341 -20.12 231.24 51.10
C ALA C 341 -21.27 230.43 50.50
N GLY C 342 -21.15 230.11 49.20
CA GLY C 342 -22.02 229.17 48.47
C GLY C 342 -21.15 228.18 47.72
N HIS C 343 -21.52 226.90 47.69
CA HIS C 343 -20.62 225.84 47.25
C HIS C 343 -21.54 224.71 46.84
N LEU C 344 -21.82 224.59 45.54
CA LEU C 344 -22.92 223.72 45.04
C LEU C 344 -22.40 222.47 44.35
N ASN C 345 -21.08 222.30 44.43
CA ASN C 345 -20.49 220.99 44.10
C ASN C 345 -20.32 220.20 45.36
N GLY C 346 -21.14 220.54 46.34
CA GLY C 346 -21.02 219.99 47.66
C GLY C 346 -21.09 218.48 47.69
N VAL C 347 -20.53 217.89 48.76
CA VAL C 347 -20.75 216.46 48.98
C VAL C 347 -22.21 216.34 49.35
N TYR C 348 -22.88 215.42 48.67
CA TYR C 348 -24.32 215.39 48.77
C TYR C 348 -24.60 214.72 50.09
N TYR C 349 -24.80 215.48 51.14
CA TYR C 349 -25.29 214.83 52.36
C TYR C 349 -26.78 214.62 52.13
N GLN C 350 -27.19 213.36 52.24
CA GLN C 350 -28.60 212.98 52.32
C GLN C 350 -29.31 213.74 53.41
N GLY C 351 -30.58 213.43 53.61
CA GLY C 351 -31.36 213.95 54.73
C GLY C 351 -31.37 215.45 54.90
N GLY C 352 -30.28 216.11 54.54
CA GLY C 352 -30.26 217.55 54.64
C GLY C 352 -29.27 218.00 55.67
N THR C 353 -29.52 217.67 56.93
CA THR C 353 -28.63 218.20 58.00
C THR C 353 -27.38 217.36 58.24
N TYR C 354 -26.30 218.07 58.58
CA TYR C 354 -25.01 217.44 58.91
C TYR C 354 -24.16 218.20 59.95
N SER C 355 -22.87 217.83 60.09
CA SER C 355 -22.03 218.25 61.25
C SER C 355 -20.52 218.12 61.03
N LYS C 356 -19.78 219.09 61.54
CA LYS C 356 -18.32 219.03 61.70
C LYS C 356 -17.86 217.61 62.17
N ALA C 357 -18.28 217.23 63.41
CA ALA C 357 -18.35 215.83 63.88
C ALA C 357 -18.41 214.74 62.79
N SER C 358 -19.03 215.11 61.65
CA SER C 358 -19.43 214.21 60.55
C SER C 358 -18.63 214.35 59.32
N THR C 359 -18.23 215.58 59.01
CA THR C 359 -17.29 215.77 57.88
C THR C 359 -16.02 215.13 58.34
N PRO C 360 -15.07 214.94 57.41
CA PRO C 360 -13.94 214.09 57.80
C PRO C 360 -13.00 214.83 58.75
N ASN C 361 -12.74 216.09 58.41
CA ASN C 361 -11.96 217.05 59.19
C ASN C 361 -12.87 218.17 59.67
N GLY C 362 -14.12 217.79 59.99
CA GLY C 362 -15.13 218.70 60.51
C GLY C 362 -15.06 220.15 60.05
N TYR C 363 -14.94 220.31 58.74
CA TYR C 363 -15.02 221.59 58.03
C TYR C 363 -16.23 221.32 57.15
N ASP C 364 -17.09 222.32 56.99
CA ASP C 364 -18.32 222.22 56.16
C ASP C 364 -18.01 221.99 54.67
N ASN C 365 -18.63 220.99 54.05
CA ASN C 365 -18.27 220.69 52.68
C ASN C 365 -19.49 220.36 51.87
N GLY C 366 -20.66 220.49 52.50
CA GLY C 366 -21.94 220.20 51.83
C GLY C 366 -22.34 221.11 50.65
N ILE C 367 -23.51 220.80 50.11
CA ILE C 367 -24.07 221.67 49.08
C ILE C 367 -24.71 222.75 49.92
N ILE C 368 -24.16 223.96 49.85
CA ILE C 368 -24.77 225.01 50.62
C ILE C 368 -24.73 226.35 49.92
N TRP C 369 -25.68 227.17 50.36
CA TRP C 369 -25.93 228.52 49.92
C TRP C 369 -26.21 229.35 51.20
N ALA C 370 -25.12 229.90 51.77
CA ALA C 370 -25.05 230.52 53.12
C ALA C 370 -26.08 231.63 53.44
N THR C 371 -26.61 232.26 52.39
CA THR C 371 -27.52 233.39 52.52
C THR C 371 -28.99 232.90 52.46
N TRP C 372 -29.22 231.60 52.62
CA TRP C 372 -30.57 231.04 52.59
C TRP C 372 -30.75 229.99 53.67
N LYS C 373 -29.76 229.12 53.82
CA LYS C 373 -29.73 228.16 54.90
C LYS C 373 -28.35 228.15 55.56
N THR C 374 -28.27 227.50 56.71
CA THR C 374 -27.00 227.37 57.42
C THR C 374 -25.93 226.42 56.82
N ARG C 375 -24.71 226.59 57.34
CA ARG C 375 -23.51 225.88 56.87
C ARG C 375 -23.58 224.34 57.01
N TRP C 376 -24.40 223.88 57.95
CA TRP C 376 -24.55 222.45 58.24
C TRP C 376 -25.93 222.03 57.82
N TYR C 377 -26.39 222.67 56.74
CA TYR C 377 -27.54 222.18 56.00
C TYR C 377 -27.20 222.12 54.50
N SER C 378 -27.39 220.95 53.89
CA SER C 378 -26.99 220.68 52.52
C SER C 378 -28.21 220.40 51.61
N MET C 379 -28.15 221.00 50.44
CA MET C 379 -29.28 221.12 49.54
C MET C 379 -29.69 219.79 48.94
N LYS C 380 -30.99 219.61 48.74
CA LYS C 380 -31.57 218.35 48.28
C LYS C 380 -31.55 218.29 46.78
N LYS C 381 -31.84 219.43 46.19
CA LYS C 381 -31.72 219.56 44.76
C LYS C 381 -31.09 220.88 44.54
N THR C 382 -30.25 220.98 43.53
CA THR C 382 -29.82 222.30 43.09
C THR C 382 -29.85 222.32 41.59
N THR C 383 -29.77 223.52 41.02
CA THR C 383 -29.49 223.62 39.60
C THR C 383 -28.86 224.94 39.23
N MET C 384 -27.89 224.90 38.33
CA MET C 384 -27.28 226.14 37.86
C MET C 384 -27.52 226.18 36.42
N LYS C 385 -28.07 227.30 35.97
CA LYS C 385 -28.45 227.41 34.58
C LYS C 385 -28.27 228.79 34.11
N ILE C 386 -28.15 228.96 32.80
CA ILE C 386 -27.99 230.30 32.22
C ILE C 386 -28.74 230.45 30.90
N ILE C 387 -28.84 231.69 30.44
CA ILE C 387 -29.93 232.17 29.57
C ILE C 387 -29.59 233.60 29.17
N PRO C 388 -29.75 233.96 27.90
CA PRO C 388 -29.25 235.30 27.58
C PRO C 388 -29.83 236.35 28.50
N PHE C 389 -29.07 237.41 28.76
CA PHE C 389 -29.47 238.43 29.73
C PHE C 389 -30.79 239.08 29.31
N ASN C 390 -30.87 239.42 28.03
CA ASN C 390 -32.00 240.12 27.49
C ASN C 390 -33.32 239.47 27.78
N ARG C 391 -33.31 238.19 28.06
CA ARG C 391 -34.55 237.43 28.12
C ARG C 391 -35.29 237.51 29.46
N LEU C 392 -34.61 238.02 30.48
CA LEU C 392 -35.27 238.30 31.76
C LEU C 392 -35.84 239.75 31.74
N THR C 393 -35.22 240.61 30.91
CA THR C 393 -35.50 242.05 30.85
C THR C 393 -36.46 242.50 29.70
N ILE C 394 -37.10 241.55 29.02
CA ILE C 394 -38.21 241.87 28.06
C ILE C 394 -39.48 241.08 28.44
N ALA D 27 -3.02 33.65 -13.29
CA ALA D 27 -3.34 32.62 -14.32
C ALA D 27 -4.82 32.24 -14.30
N CYS D 28 -5.33 31.82 -15.46
CA CYS D 28 -6.68 31.27 -15.58
C CYS D 28 -6.71 29.79 -15.20
N LYS D 29 -5.53 29.23 -14.93
CA LYS D 29 -5.37 27.84 -14.52
C LYS D 29 -6.02 27.60 -13.17
N ASP D 30 -5.83 28.55 -12.26
CA ASP D 30 -6.49 28.54 -10.95
C ASP D 30 -7.99 28.29 -11.17
N SER D 31 -8.36 27.01 -11.17
CA SER D 31 -9.71 26.61 -11.54
C SER D 31 -10.72 27.15 -10.53
N ASP D 32 -11.04 28.43 -10.68
CA ASP D 32 -12.11 29.08 -9.92
C ASP D 32 -13.48 28.72 -10.48
N TRP D 33 -13.48 28.04 -11.63
CA TRP D 33 -14.68 27.88 -12.44
C TRP D 33 -15.55 26.73 -11.90
N PRO D 34 -16.89 26.87 -12.00
CA PRO D 34 -17.82 25.78 -11.67
C PRO D 34 -17.63 24.54 -12.55
N PHE D 35 -18.62 23.63 -12.55
CA PHE D 35 -18.55 22.42 -13.35
C PHE D 35 -19.61 22.40 -14.44
N CYS D 36 -19.21 21.98 -15.65
CA CYS D 36 -20.08 22.07 -16.81
C CYS D 36 -21.16 21.01 -16.79
N SER D 37 -22.39 21.46 -16.72
CA SER D 37 -23.54 20.60 -16.87
C SER D 37 -23.69 20.18 -18.34
N ASP D 38 -24.62 19.27 -18.59
CA ASP D 38 -24.90 18.79 -19.95
C ASP D 38 -25.62 19.83 -20.83
N GLU D 39 -26.21 20.85 -20.22
CA GLU D 39 -26.79 21.98 -20.97
C GLU D 39 -25.79 23.12 -21.11
N ASP D 40 -24.78 23.16 -20.23
CA ASP D 40 -23.66 24.09 -20.39
C ASP D 40 -23.03 23.90 -21.78
N TRP D 41 -23.07 22.67 -22.29
CA TRP D 41 -22.67 22.40 -23.66
C TRP D 41 -23.70 22.95 -24.65
N ASN D 42 -23.20 23.45 -25.80
CA ASN D 42 -23.94 24.33 -26.73
C ASN D 42 -23.60 25.79 -26.44
N TYR D 43 -23.52 26.15 -25.15
CA TYR D 43 -23.39 27.54 -24.70
C TYR D 43 -22.00 27.89 -24.15
N LYS D 44 -21.32 26.93 -23.54
CA LYS D 44 -19.94 27.11 -23.07
C LYS D 44 -19.03 26.13 -23.81
N CYS D 45 -18.29 26.62 -24.79
CA CYS D 45 -17.46 25.76 -25.65
C CYS D 45 -15.96 25.87 -25.30
N PRO D 46 -15.09 25.05 -25.92
CA PRO D 46 -13.62 25.09 -25.67
C PRO D 46 -12.79 25.99 -26.62
N SER D 47 -11.53 26.24 -26.25
CA SER D 47 -10.65 27.14 -27.03
C SER D 47 -10.22 26.53 -28.36
N GLY D 48 -10.09 27.37 -29.37
CA GLY D 48 -9.69 26.93 -30.70
C GLY D 48 -8.28 26.39 -30.76
N CYS D 49 -7.43 26.84 -29.84
CA CYS D 49 -6.04 26.39 -29.78
C CYS D 49 -6.00 24.96 -29.29
N ARG D 50 -6.63 24.76 -28.13
CA ARG D 50 -6.64 23.45 -27.50
C ARG D 50 -7.55 22.48 -28.22
N MET D 51 -8.50 23.01 -29.01
CA MET D 51 -9.27 22.20 -29.94
C MET D 51 -8.48 21.95 -31.22
N LYS D 52 -7.76 22.96 -31.70
CA LYS D 52 -6.85 22.75 -32.81
C LYS D 52 -5.85 21.65 -32.44
N GLY D 53 -5.29 21.72 -31.22
CA GLY D 53 -4.25 20.78 -30.79
C GLY D 53 -4.67 19.33 -30.61
N LEU D 54 -5.97 19.09 -30.43
CA LEU D 54 -6.52 17.74 -30.37
C LEU D 54 -7.13 17.31 -31.72
N ILE D 55 -7.30 18.28 -32.63
CA ILE D 55 -7.62 17.99 -34.04
C ILE D 55 -6.37 17.48 -34.74
N ASP D 56 -5.21 17.91 -34.26
CA ASP D 56 -3.93 17.52 -34.84
C ASP D 56 -3.40 16.22 -34.19
N GLU D 57 -3.53 16.10 -32.87
CA GLU D 57 -3.17 14.86 -32.17
C GLU D 57 -4.01 13.70 -32.70
N VAL D 58 -5.30 13.95 -32.90
CA VAL D 58 -6.19 12.95 -33.50
C VAL D 58 -5.77 12.70 -34.96
N ASN D 59 -5.52 13.75 -35.74
CA ASN D 59 -5.14 13.55 -37.13
C ASN D 59 -3.75 12.94 -37.32
N GLN D 60 -2.81 13.26 -36.44
CA GLN D 60 -1.49 12.63 -36.49
C GLN D 60 -1.63 11.12 -36.39
N ASP D 61 -2.37 10.66 -35.37
CA ASP D 61 -2.61 9.23 -35.18
C ASP D 61 -3.25 8.60 -36.42
N PHE D 62 -4.42 9.11 -36.84
CA PHE D 62 -5.13 8.56 -38.01
C PHE D 62 -4.34 8.66 -39.32
N THR D 63 -3.30 9.47 -39.34
CA THR D 63 -2.40 9.54 -40.49
C THR D 63 -1.26 8.54 -40.35
N ASN D 64 -0.43 8.69 -39.32
CA ASN D 64 0.74 7.81 -39.12
C ASN D 64 0.40 6.40 -38.59
N ARG D 65 -0.86 6.20 -38.22
CA ARG D 65 -1.40 4.86 -37.99
C ARG D 65 -1.73 4.20 -39.34
N ILE D 66 -2.14 5.02 -40.32
CA ILE D 66 -2.42 4.55 -41.68
C ILE D 66 -1.11 4.25 -42.41
N ASN D 67 -0.02 4.82 -41.91
CA ASN D 67 1.32 4.62 -42.50
C ASN D 67 1.84 3.19 -42.28
N LYS D 68 1.63 2.65 -41.08
CA LYS D 68 2.01 1.25 -40.79
C LYS D 68 1.10 0.25 -41.54
N LEU D 69 -0.10 0.69 -41.93
CA LEU D 69 -1.06 -0.16 -42.64
C LEU D 69 -0.83 -0.16 -44.16
N LYS D 70 -0.64 1.01 -44.76
CA LYS D 70 -0.22 1.11 -46.16
C LYS D 70 1.17 0.48 -46.35
N ASN D 71 1.99 0.58 -45.30
CA ASN D 71 3.30 -0.06 -45.26
C ASN D 71 3.19 -1.59 -45.25
N SER D 72 2.31 -2.12 -44.41
CA SER D 72 2.20 -3.57 -44.23
C SER D 72 1.41 -4.32 -45.33
N LEU D 73 0.72 -3.57 -46.21
CA LEU D 73 0.05 -4.17 -47.38
C LEU D 73 1.06 -4.76 -48.36
N PHE D 74 2.12 -4.01 -48.62
CA PHE D 74 3.22 -4.49 -49.45
C PHE D 74 3.99 -5.60 -48.75
N GLU D 75 4.24 -5.43 -47.45
CA GLU D 75 4.95 -6.43 -46.62
C GLU D 75 4.33 -7.83 -46.73
N TYR D 76 3.07 -7.88 -47.16
CA TYR D 76 2.35 -9.12 -47.45
C TYR D 76 2.44 -9.52 -48.94
N GLN D 77 2.52 -8.53 -49.84
CA GLN D 77 2.55 -8.79 -51.29
C GLN D 77 3.90 -9.29 -51.83
N LYS D 78 4.97 -9.14 -51.04
CA LYS D 78 6.30 -9.66 -51.40
C LYS D 78 6.53 -11.00 -50.71
N ASN D 79 5.91 -11.17 -49.54
CA ASN D 79 5.79 -12.47 -48.88
C ASN D 79 4.80 -13.37 -49.65
N ASN D 80 3.89 -12.75 -50.41
CA ASN D 80 2.96 -13.46 -51.30
C ASN D 80 3.65 -14.15 -52.48
N LYS D 81 4.71 -13.51 -53.01
CA LYS D 81 5.48 -14.09 -54.12
C LYS D 81 6.28 -15.34 -53.75
N ASP D 82 6.46 -15.57 -52.44
CA ASP D 82 7.14 -16.77 -51.93
C ASP D 82 6.19 -17.95 -51.84
N SER D 83 4.93 -17.68 -51.50
CA SER D 83 3.90 -18.71 -51.35
C SER D 83 3.33 -19.15 -52.70
N HIS D 84 3.17 -18.17 -53.60
CA HIS D 84 2.66 -18.46 -54.95
C HIS D 84 3.70 -19.30 -55.75
N SER D 85 4.96 -19.20 -55.36
CA SER D 85 6.02 -20.07 -55.89
C SER D 85 5.92 -21.50 -55.32
N LEU D 86 5.70 -21.61 -54.02
CA LEU D 86 5.55 -22.93 -53.36
C LEU D 86 4.26 -23.66 -53.74
N THR D 87 3.26 -22.92 -54.23
CA THR D 87 2.01 -23.52 -54.70
C THR D 87 2.13 -24.06 -56.13
N THR D 88 2.80 -23.30 -57.02
CA THR D 88 3.05 -23.75 -58.39
C THR D 88 4.09 -24.89 -58.42
N ASN D 89 5.04 -24.86 -57.49
CA ASN D 89 6.01 -25.94 -57.31
C ASN D 89 5.36 -27.20 -56.78
N ILE D 90 4.42 -27.05 -55.85
CA ILE D 90 3.61 -28.16 -55.33
C ILE D 90 2.55 -28.60 -56.36
N MET D 91 1.99 -27.65 -57.12
CA MET D 91 1.07 -27.98 -58.23
C MET D 91 1.73 -28.77 -59.37
N GLU D 92 3.05 -28.66 -59.51
CA GLU D 92 3.77 -29.26 -60.63
C GLU D 92 4.69 -30.46 -60.27
N ILE D 93 5.17 -30.54 -59.02
CA ILE D 93 5.90 -31.74 -58.56
C ILE D 93 4.94 -32.91 -58.27
N LEU D 94 3.63 -32.63 -58.30
CA LEU D 94 2.59 -33.66 -58.22
C LEU D 94 1.98 -34.00 -59.58
N ARG D 95 1.96 -33.04 -60.51
CA ARG D 95 1.54 -33.28 -61.89
C ARG D 95 2.54 -34.17 -62.64
N GLY D 96 3.80 -34.18 -62.18
CA GLY D 96 4.81 -35.14 -62.64
C GLY D 96 4.70 -36.49 -61.96
N ASP D 97 4.35 -36.49 -60.67
CA ASP D 97 4.05 -37.72 -59.91
C ASP D 97 2.59 -38.21 -60.10
N PHE D 98 1.83 -37.56 -60.99
CA PHE D 98 0.43 -37.94 -61.30
C PHE D 98 0.30 -38.61 -62.67
N SER D 99 0.96 -38.05 -63.69
CA SER D 99 1.06 -38.68 -65.01
C SER D 99 1.69 -40.07 -64.88
N SER D 100 2.46 -40.25 -63.81
CA SER D 100 2.98 -41.55 -63.41
C SER D 100 1.90 -42.53 -62.95
N ALA D 101 0.85 -41.99 -62.33
CA ALA D 101 -0.17 -42.80 -61.64
C ALA D 101 -0.79 -43.94 -62.47
N ASN D 102 -1.03 -43.69 -63.75
CA ASN D 102 -1.77 -44.65 -64.61
C ASN D 102 -1.00 -45.21 -65.82
N ASN D 103 -0.28 -44.34 -66.55
CA ASN D 103 0.40 -44.75 -67.79
C ASN D 103 1.53 -45.78 -67.61
N ARG D 104 2.15 -45.80 -66.43
CA ARG D 104 3.21 -46.78 -66.11
C ARG D 104 2.64 -48.08 -65.58
N ASP D 105 1.63 -47.99 -64.70
CA ASP D 105 1.01 -49.18 -64.12
C ASP D 105 0.37 -50.07 -65.18
N ASN D 106 -0.19 -49.47 -66.23
CA ASN D 106 -0.67 -50.23 -67.39
C ASN D 106 0.47 -50.93 -68.14
N THR D 107 1.65 -50.31 -68.18
CA THR D 107 2.84 -50.89 -68.80
C THR D 107 3.49 -51.94 -67.89
N TYR D 108 3.12 -51.93 -66.62
CA TYR D 108 3.59 -52.90 -65.63
C TYR D 108 2.55 -53.96 -65.27
N ASN D 109 1.27 -53.66 -65.43
CA ASN D 109 0.19 -54.61 -65.14
C ASN D 109 0.05 -55.70 -66.21
N ARG D 110 0.18 -55.32 -67.48
CA ARG D 110 0.22 -56.30 -68.57
C ARG D 110 1.59 -56.99 -68.63
N VAL D 111 2.59 -56.39 -67.97
CA VAL D 111 3.90 -57.01 -67.74
C VAL D 111 3.92 -57.81 -66.42
N SER D 112 2.94 -57.53 -65.55
CA SER D 112 2.64 -58.39 -64.39
C SER D 112 1.67 -59.51 -64.78
N GLU D 113 1.03 -59.39 -65.95
CA GLU D 113 0.38 -60.52 -66.63
C GLU D 113 1.44 -61.44 -67.25
N ASP D 114 2.49 -60.83 -67.82
CA ASP D 114 3.58 -61.57 -68.45
C ASP D 114 4.61 -62.14 -67.45
N LEU D 115 4.41 -61.88 -66.15
CA LEU D 115 5.10 -62.61 -65.08
C LEU D 115 4.17 -63.62 -64.38
N ARG D 116 2.85 -63.42 -64.48
CA ARG D 116 1.87 -64.29 -63.80
C ARG D 116 0.98 -65.13 -64.74
N SER D 117 0.34 -64.49 -65.72
CA SER D 117 -0.62 -65.17 -66.62
C SER D 117 0.00 -66.26 -67.51
N ARG D 118 1.32 -66.19 -67.72
CA ARG D 118 2.05 -67.21 -68.49
C ARG D 118 2.66 -68.29 -67.57
N ILE D 119 3.19 -67.88 -66.42
CA ILE D 119 3.66 -68.83 -65.38
C ILE D 119 2.54 -69.80 -64.95
N GLU D 120 1.27 -69.37 -65.09
CA GLU D 120 0.10 -70.23 -64.84
C GLU D 120 -0.28 -71.09 -66.05
N VAL D 121 -0.14 -70.56 -67.27
CA VAL D 121 -0.34 -71.34 -68.49
C VAL D 121 0.78 -72.39 -68.65
N LEU D 122 1.93 -72.12 -68.03
CA LEU D 122 3.10 -73.00 -68.11
C LEU D 122 3.09 -74.07 -67.01
N LYS D 123 3.06 -73.66 -65.74
CA LYS D 123 3.11 -74.61 -64.62
C LYS D 123 2.03 -75.69 -64.67
N ARG D 124 0.89 -75.39 -65.30
CA ARG D 124 -0.14 -76.40 -65.59
C ARG D 124 0.38 -77.40 -66.63
N LYS D 125 1.11 -76.88 -67.62
CA LYS D 125 1.75 -77.71 -68.63
C LYS D 125 2.89 -78.52 -68.03
N VAL D 126 3.75 -77.90 -67.21
CA VAL D 126 4.90 -78.57 -66.58
C VAL D 126 4.52 -79.63 -65.52
N ILE D 127 3.41 -79.42 -64.81
CA ILE D 127 2.91 -80.42 -63.84
C ILE D 127 2.30 -81.65 -64.54
N GLU D 128 1.76 -81.44 -65.75
CA GLU D 128 1.32 -82.56 -66.61
C GLU D 128 2.49 -83.40 -67.14
N LYS D 129 3.70 -82.83 -67.10
CA LYS D 129 4.93 -83.53 -67.52
C LYS D 129 5.69 -84.13 -66.35
N VAL D 130 5.72 -83.43 -65.21
CA VAL D 130 6.26 -84.00 -63.96
C VAL D 130 5.42 -85.20 -63.51
N GLN D 131 4.14 -85.19 -63.88
CA GLN D 131 3.27 -86.36 -63.79
C GLN D 131 3.92 -87.56 -64.47
N HIS D 132 4.27 -87.38 -65.75
CA HIS D 132 4.79 -88.47 -66.58
C HIS D 132 6.20 -88.90 -66.19
N ILE D 133 6.92 -88.04 -65.47
CA ILE D 133 8.17 -88.46 -64.83
C ILE D 133 7.85 -89.50 -63.77
N GLN D 134 6.96 -89.13 -62.85
CA GLN D 134 6.60 -90.02 -61.75
C GLN D 134 5.78 -91.23 -62.23
N LEU D 135 4.94 -91.04 -63.24
CA LEU D 135 4.24 -92.16 -63.88
C LEU D 135 5.25 -93.20 -64.34
N LEU D 136 6.15 -92.76 -65.23
CA LEU D 136 7.14 -93.66 -65.80
C LEU D 136 8.04 -94.20 -64.67
N GLN D 137 8.45 -93.33 -63.75
CA GLN D 137 9.19 -93.76 -62.53
C GLN D 137 8.63 -95.03 -61.90
N LYS D 138 7.29 -95.14 -61.90
CA LYS D 138 6.64 -96.31 -61.33
C LYS D 138 6.74 -97.50 -62.28
N ASN D 139 6.49 -97.24 -63.56
CA ASN D 139 6.58 -98.29 -64.57
C ASN D 139 7.97 -98.90 -64.65
N VAL D 140 8.97 -98.12 -64.24
CA VAL D 140 10.34 -98.62 -64.16
C VAL D 140 10.59 -99.36 -62.86
N ARG D 141 10.04 -98.87 -61.75
CA ARG D 141 10.12 -99.61 -60.50
C ARG D 141 9.49 -100.99 -60.70
N ALA D 142 8.37 -101.03 -61.44
CA ALA D 142 7.68 -102.28 -61.76
C ALA D 142 8.45 -103.20 -62.73
N GLN D 143 9.20 -102.60 -63.66
CA GLN D 143 10.01 -103.34 -64.62
C GLN D 143 11.39 -103.72 -64.06
N LEU D 144 12.02 -102.84 -63.29
CA LEU D 144 13.39 -103.08 -62.79
C LEU D 144 13.55 -104.38 -61.99
N VAL D 145 12.57 -104.66 -61.13
CA VAL D 145 12.59 -105.86 -60.28
C VAL D 145 12.17 -107.10 -61.08
N ASP D 146 11.20 -106.93 -61.98
CA ASP D 146 10.75 -108.00 -62.87
C ASP D 146 11.92 -108.60 -63.65
N MET D 147 12.76 -107.73 -64.23
CA MET D 147 13.97 -108.17 -64.94
C MET D 147 14.94 -108.81 -63.98
N LYS D 148 15.04 -108.26 -62.76
CA LYS D 148 15.80 -108.93 -61.70
C LYS D 148 15.24 -110.34 -61.53
N ARG D 149 13.91 -110.43 -61.42
CA ARG D 149 13.22 -111.70 -61.19
C ARG D 149 13.35 -112.67 -62.36
N LEU D 150 13.30 -112.16 -63.59
CA LEU D 150 13.52 -113.01 -64.76
C LEU D 150 14.99 -113.40 -64.95
N GLU D 151 15.90 -112.59 -64.40
CA GLU D 151 17.33 -112.88 -64.50
C GLU D 151 17.71 -114.12 -63.70
N VAL D 152 17.22 -114.23 -62.46
CA VAL D 152 17.51 -115.43 -61.67
C VAL D 152 16.52 -116.56 -61.97
N ASP D 153 15.24 -116.24 -62.16
CA ASP D 153 14.27 -117.20 -62.70
C ASP D 153 14.90 -118.04 -63.79
N ILE D 154 15.68 -117.40 -64.65
CA ILE D 154 16.36 -118.10 -65.74
C ILE D 154 17.66 -118.82 -65.32
N ASP D 155 18.42 -118.25 -64.40
CA ASP D 155 19.59 -118.93 -63.85
C ASP D 155 19.18 -120.35 -63.35
N ILE D 156 18.01 -120.40 -62.72
CA ILE D 156 17.37 -121.67 -62.38
C ILE D 156 17.15 -122.45 -63.67
N LYS D 157 16.25 -121.94 -64.50
CA LYS D 157 15.73 -122.67 -65.65
C LYS D 157 16.75 -123.07 -66.72
N ILE D 158 18.00 -122.62 -66.60
CA ILE D 158 19.09 -123.18 -67.43
C ILE D 158 19.79 -124.24 -66.63
N ARG D 159 20.29 -123.88 -65.45
CA ARG D 159 20.90 -124.88 -64.60
C ARG D 159 19.91 -126.02 -64.34
N SER D 160 18.62 -125.75 -64.58
CA SER D 160 17.55 -126.75 -64.54
C SER D 160 17.70 -127.88 -65.58
N CYS D 161 18.46 -127.63 -66.64
CA CYS D 161 18.60 -128.55 -67.78
C CYS D 161 19.93 -129.28 -67.85
N ARG D 162 20.77 -129.05 -66.85
CA ARG D 162 21.99 -129.81 -66.66
C ARG D 162 21.68 -131.32 -66.54
N GLY D 163 20.42 -131.66 -66.24
CA GLY D 163 19.98 -133.05 -66.16
C GLY D 163 18.92 -133.44 -67.16
N SER D 164 18.67 -132.60 -68.16
CA SER D 164 17.83 -132.98 -69.30
C SER D 164 18.58 -132.81 -70.61
N CYS D 165 19.74 -132.14 -70.54
CA CYS D 165 20.50 -131.74 -71.73
C CYS D 165 21.99 -132.11 -71.66
N SER D 166 22.59 -132.27 -72.85
CA SER D 166 24.00 -132.64 -73.00
C SER D 166 24.90 -131.70 -72.20
N ARG D 167 24.75 -130.41 -72.47
CA ARG D 167 25.60 -129.41 -71.90
C ARG D 167 24.75 -128.29 -71.32
N ALA D 168 25.07 -127.89 -70.09
CA ALA D 168 24.35 -126.81 -69.41
C ALA D 168 25.27 -125.62 -69.32
N LEU D 169 24.78 -124.45 -69.73
CA LEU D 169 25.62 -123.26 -69.81
C LEU D 169 25.94 -122.74 -68.41
N ALA D 170 27.23 -122.74 -68.05
CA ALA D 170 27.70 -122.31 -66.72
C ALA D 170 28.09 -120.83 -66.77
N ARG D 171 27.49 -120.04 -65.90
CA ARG D 171 27.58 -118.59 -65.99
C ARG D 171 27.15 -117.94 -64.68
N GLU D 172 27.97 -117.00 -64.20
CA GLU D 172 27.64 -116.20 -63.04
C GLU D 172 26.72 -115.05 -63.48
N VAL D 173 25.71 -114.73 -62.67
CA VAL D 173 24.86 -113.56 -62.92
C VAL D 173 25.27 -112.43 -61.97
N ASP D 174 25.20 -111.19 -62.47
CA ASP D 174 25.70 -110.02 -61.75
C ASP D 174 24.53 -109.34 -61.03
N LEU D 175 24.20 -109.87 -59.84
CA LEU D 175 23.16 -109.27 -59.00
C LEU D 175 23.67 -107.97 -58.38
N LYS D 176 24.94 -107.98 -57.97
CA LYS D 176 25.61 -106.81 -57.42
C LYS D 176 25.15 -105.53 -58.15
N ASP D 177 25.28 -105.55 -59.48
CA ASP D 177 24.89 -104.41 -60.33
C ASP D 177 23.44 -104.00 -60.08
N TYR D 178 22.52 -104.97 -60.21
CA TYR D 178 21.08 -104.74 -60.02
C TYR D 178 20.77 -104.05 -58.66
N GLU D 179 21.38 -104.55 -57.58
CA GLU D 179 21.12 -104.01 -56.23
C GLU D 179 21.69 -102.60 -56.03
N ASP D 180 22.66 -102.21 -56.86
CA ASP D 180 23.21 -100.85 -56.82
C ASP D 180 22.33 -99.88 -57.60
N GLN D 181 21.99 -100.28 -58.83
CA GLN D 181 21.14 -99.47 -59.70
C GLN D 181 19.70 -99.38 -59.17
N GLN D 182 19.22 -100.46 -58.55
CA GLN D 182 17.90 -100.46 -57.90
C GLN D 182 17.91 -99.50 -56.70
N LYS D 183 18.96 -99.58 -55.89
CA LYS D 183 19.12 -98.76 -54.69
C LYS D 183 19.10 -97.26 -55.04
N GLN D 184 19.91 -96.88 -56.02
CA GLN D 184 20.01 -95.48 -56.41
C GLN D 184 18.75 -94.99 -57.14
N LEU D 185 18.07 -95.90 -57.85
CA LEU D 185 16.77 -95.60 -58.46
C LEU D 185 15.76 -95.22 -57.39
N GLU D 186 15.72 -96.01 -56.31
CA GLU D 186 14.76 -95.78 -55.23
C GLU D 186 15.13 -94.57 -54.36
N GLN D 187 16.43 -94.28 -54.29
CA GLN D 187 16.94 -93.11 -53.55
C GLN D 187 16.33 -91.79 -54.02
N VAL D 188 15.96 -91.73 -55.30
CA VAL D 188 15.53 -90.50 -55.95
C VAL D 188 14.12 -90.51 -56.58
N ILE D 189 13.42 -91.66 -56.55
CA ILE D 189 12.06 -91.74 -57.14
C ILE D 189 11.09 -90.80 -56.40
N ALA D 190 11.14 -90.83 -55.07
CA ALA D 190 10.38 -89.92 -54.24
C ALA D 190 11.34 -89.07 -53.42
N LYS D 191 11.58 -87.85 -53.89
CA LYS D 191 12.30 -86.83 -53.12
C LYS D 191 11.61 -85.48 -53.27
N ASP D 192 11.53 -84.99 -54.51
CA ASP D 192 10.90 -83.69 -54.78
C ASP D 192 9.41 -83.85 -55.09
N LEU D 193 9.06 -83.82 -56.38
CA LEU D 193 7.67 -83.97 -56.84
C LEU D 193 6.78 -82.74 -56.59
N LEU D 194 7.34 -81.66 -56.06
CA LEU D 194 6.63 -80.39 -55.71
C LEU D 194 5.23 -80.53 -55.06
N PRO D 195 5.17 -80.61 -53.70
CA PRO D 195 3.90 -80.82 -52.96
C PRO D 195 3.17 -79.56 -52.47
N SER D 196 3.90 -78.62 -51.87
CA SER D 196 3.29 -77.55 -51.07
C SER D 196 2.58 -76.44 -51.88
N ARG D 197 3.35 -75.64 -52.62
CA ARG D 197 2.83 -74.42 -53.25
C ARG D 197 2.11 -74.69 -54.57
N ASP D 198 0.86 -75.16 -54.48
CA ASP D 198 0.01 -75.36 -55.65
C ASP D 198 -0.26 -74.03 -56.35
N ARG D 199 -0.56 -73.02 -55.54
CA ARG D 199 -0.84 -71.67 -56.00
C ARG D 199 0.03 -70.69 -55.21
N GLN D 200 0.48 -69.61 -55.87
CA GLN D 200 1.43 -68.67 -55.28
C GLN D 200 0.95 -67.22 -55.37
N LYS E 58 -1.18 16.42 -20.40
CA LYS E 58 -1.25 17.83 -20.90
C LYS E 58 -2.38 17.99 -21.93
N ALA E 59 -2.99 19.18 -21.95
CA ALA E 59 -4.03 19.53 -22.92
C ALA E 59 -3.44 20.42 -24.03
N PRO E 60 -3.08 19.81 -25.18
CA PRO E 60 -2.24 20.51 -26.17
C PRO E 60 -2.92 21.69 -26.85
N ASP E 61 -2.51 22.91 -26.48
CA ASP E 61 -2.88 24.12 -27.21
C ASP E 61 -2.05 24.15 -28.50
N ALA E 62 -2.72 24.30 -29.64
CA ALA E 62 -2.04 24.36 -30.94
C ALA E 62 -2.56 25.50 -31.82
N GLY E 63 -1.66 26.16 -32.54
CA GLY E 63 -2.02 27.25 -33.44
C GLY E 63 -2.46 28.49 -32.69
N GLY E 64 -1.51 29.36 -32.37
CA GLY E 64 -1.82 30.61 -31.68
C GLY E 64 -0.62 31.51 -31.52
N CYS E 65 -0.87 32.81 -31.39
CA CYS E 65 0.19 33.80 -31.17
C CYS E 65 -0.13 34.71 -29.99
N LEU E 66 0.90 35.39 -29.48
CA LEU E 66 0.76 36.30 -28.34
C LEU E 66 0.49 37.71 -28.86
N HIS E 67 -0.79 38.10 -28.92
CA HIS E 67 -1.16 39.46 -29.33
C HIS E 67 -0.59 40.45 -28.32
N ALA E 68 -0.06 41.57 -28.82
CA ALA E 68 0.59 42.56 -27.97
C ALA E 68 -0.40 43.37 -27.12
N ASP E 69 -1.70 43.11 -27.30
CA ASP E 69 -2.76 43.81 -26.58
C ASP E 69 -2.87 43.31 -25.13
N PRO E 70 -2.76 44.22 -24.13
CA PRO E 70 -2.85 43.88 -22.70
C PRO E 70 -4.15 43.20 -22.25
N ASP E 71 -5.30 43.85 -22.46
CA ASP E 71 -6.59 43.32 -22.00
C ASP E 71 -7.00 42.09 -22.81
N LEU E 72 -6.78 42.13 -24.12
CA LEU E 72 -6.82 40.93 -24.96
C LEU E 72 -5.61 40.08 -24.59
N GLY E 73 -5.51 38.90 -25.18
CA GLY E 73 -4.37 38.04 -24.88
C GLY E 73 -4.09 37.05 -25.98
N VAL E 74 -3.85 35.80 -25.58
CA VAL E 74 -3.53 34.73 -26.52
C VAL E 74 -4.75 34.42 -27.40
N LEU E 75 -4.51 34.26 -28.70
CA LEU E 75 -5.58 34.09 -29.66
C LEU E 75 -5.59 32.70 -30.27
N CYS E 76 -6.77 32.23 -30.62
CA CYS E 76 -6.99 30.87 -31.07
C CYS E 76 -7.69 30.88 -32.39
N PRO E 77 -7.32 29.96 -33.28
CA PRO E 77 -8.04 29.88 -34.54
C PRO E 77 -9.55 29.88 -34.32
N THR E 78 -10.25 30.67 -35.11
CA THR E 78 -11.71 30.64 -35.11
C THR E 78 -12.19 29.28 -35.53
N GLY E 79 -13.50 29.08 -35.43
CA GLY E 79 -14.14 27.86 -35.89
C GLY E 79 -13.76 27.57 -37.33
N CYS E 80 -13.85 28.59 -38.19
CA CYS E 80 -13.63 28.40 -39.62
C CYS E 80 -12.19 28.03 -39.92
N GLN E 81 -11.26 28.52 -39.11
CA GLN E 81 -9.85 28.11 -39.23
C GLN E 81 -9.66 26.65 -38.82
N LEU E 82 -10.34 26.25 -37.75
CA LEU E 82 -10.36 24.87 -37.32
C LEU E 82 -11.09 24.02 -38.37
N GLN E 83 -12.27 24.47 -38.79
CA GLN E 83 -13.07 23.75 -39.81
C GLN E 83 -12.36 23.56 -41.16
N GLU E 84 -11.76 24.63 -41.67
CA GLU E 84 -11.04 24.57 -42.95
C GLU E 84 -9.78 23.72 -42.84
N ALA E 85 -9.16 23.71 -41.66
CA ALA E 85 -8.01 22.86 -41.39
C ALA E 85 -8.43 21.40 -41.17
N LEU E 86 -9.68 21.20 -40.77
CA LEU E 86 -10.22 19.85 -40.49
C LEU E 86 -10.80 19.16 -41.74
N LEU E 87 -11.48 19.91 -42.61
CA LEU E 87 -11.94 19.36 -43.89
C LEU E 87 -10.78 19.21 -44.91
N GLN E 88 -9.57 19.58 -44.50
CA GLN E 88 -8.35 19.36 -45.27
C GLN E 88 -7.62 18.06 -44.90
N GLN E 89 -7.82 17.59 -43.68
CA GLN E 89 -7.17 16.37 -43.18
C GLN E 89 -8.00 15.10 -43.42
N GLU E 90 -9.29 15.28 -43.74
CA GLU E 90 -10.27 14.19 -43.84
C GLU E 90 -10.33 13.57 -45.24
N ARG E 91 -10.43 14.40 -46.27
CA ARG E 91 -10.51 13.92 -47.66
C ARG E 91 -9.34 13.02 -48.08
N PRO E 92 -8.10 13.36 -47.67
CA PRO E 92 -6.96 12.48 -47.96
C PRO E 92 -6.93 11.19 -47.12
N ILE E 93 -7.31 11.29 -45.84
CA ILE E 93 -7.47 10.10 -44.99
C ILE E 93 -8.69 9.27 -45.45
N ARG E 94 -9.65 9.91 -46.12
CA ARG E 94 -10.73 9.19 -46.82
C ARG E 94 -10.22 8.48 -48.07
N ASN E 95 -9.41 9.17 -48.87
CA ASN E 95 -8.73 8.54 -50.02
C ASN E 95 -7.66 7.53 -49.62
N SER E 96 -7.25 7.55 -48.35
CA SER E 96 -6.42 6.51 -47.75
C SER E 96 -7.27 5.39 -47.14
N VAL E 97 -8.57 5.60 -47.02
CA VAL E 97 -9.48 4.61 -46.41
C VAL E 97 -10.18 3.72 -47.45
N ASP E 98 -10.82 4.33 -48.43
CA ASP E 98 -11.52 3.56 -49.46
C ASP E 98 -10.54 2.72 -50.30
N GLU E 99 -9.28 3.16 -50.36
CA GLU E 99 -8.22 2.37 -51.00
C GLU E 99 -7.74 1.24 -50.08
N LEU E 100 -7.78 1.47 -48.77
CA LEU E 100 -7.47 0.42 -47.79
C LEU E 100 -8.56 -0.65 -47.77
N ASN E 101 -9.77 -0.25 -48.21
CA ASN E 101 -10.84 -1.22 -48.46
C ASN E 101 -10.61 -1.96 -49.78
N ASN E 102 -10.21 -1.23 -50.82
CA ASN E 102 -9.96 -1.81 -52.14
C ASN E 102 -8.78 -2.79 -52.22
N ASN E 103 -7.78 -2.63 -51.36
CA ASN E 103 -6.55 -3.43 -51.42
C ASN E 103 -6.41 -4.53 -50.35
N VAL E 104 -7.35 -4.61 -49.40
CA VAL E 104 -7.38 -5.70 -48.39
C VAL E 104 -8.63 -6.60 -48.49
N GLU E 105 -9.64 -6.19 -49.27
CA GLU E 105 -10.84 -7.00 -49.49
C GLU E 105 -10.73 -7.92 -50.72
N ALA E 106 -10.08 -7.44 -51.79
CA ALA E 106 -9.80 -8.25 -52.98
C ALA E 106 -8.64 -9.23 -52.77
N VAL E 107 -7.80 -8.95 -51.77
CA VAL E 107 -6.74 -9.87 -51.32
C VAL E 107 -7.16 -10.70 -50.08
N SER E 108 -8.28 -10.32 -49.45
CA SER E 108 -8.91 -11.13 -48.39
C SER E 108 -9.69 -12.32 -48.98
N GLN E 109 -10.29 -12.12 -50.16
CA GLN E 109 -10.89 -13.21 -50.93
C GLN E 109 -9.81 -14.17 -51.43
N THR E 110 -8.69 -13.61 -51.91
CA THR E 110 -7.53 -14.41 -52.31
C THR E 110 -6.81 -14.98 -51.08
N SER E 111 -6.73 -14.20 -50.00
CA SER E 111 -6.24 -14.71 -48.72
C SER E 111 -7.02 -15.98 -48.36
N SER E 112 -8.26 -15.81 -47.90
CA SER E 112 -9.09 -16.94 -47.46
C SER E 112 -9.24 -18.04 -48.52
N SER E 113 -9.28 -17.67 -49.81
CA SER E 113 -9.39 -18.66 -50.90
C SER E 113 -8.03 -19.24 -51.37
N SER E 114 -6.91 -18.64 -50.94
CA SER E 114 -5.57 -19.19 -51.20
C SER E 114 -4.96 -19.88 -49.98
N PHE E 115 -5.45 -19.50 -48.78
CA PHE E 115 -5.15 -20.24 -47.56
C PHE E 115 -6.04 -21.50 -47.45
N GLN E 116 -7.11 -21.56 -48.24
CA GLN E 116 -8.15 -22.62 -48.14
C GLN E 116 -7.84 -23.95 -48.87
N TYR E 117 -7.26 -23.88 -50.07
CA TYR E 117 -7.02 -25.09 -50.87
C TYR E 117 -5.92 -26.01 -50.29
N MET E 118 -5.49 -25.74 -49.05
CA MET E 118 -4.50 -26.58 -48.36
C MET E 118 -5.13 -27.90 -47.90
N TYR E 119 -6.03 -27.85 -46.92
CA TYR E 119 -6.61 -29.06 -46.30
C TYR E 119 -7.19 -30.10 -47.29
N LEU E 120 -8.05 -29.65 -48.22
CA LEU E 120 -8.75 -30.57 -49.14
C LEU E 120 -7.84 -31.17 -50.21
N LEU E 121 -6.97 -30.34 -50.80
CA LEU E 121 -6.00 -30.81 -51.79
C LEU E 121 -4.73 -31.39 -51.13
N LYS E 122 -4.47 -31.02 -49.88
CA LYS E 122 -3.42 -31.67 -49.07
C LYS E 122 -3.84 -33.11 -48.74
N ASP E 123 -5.11 -33.30 -48.36
CA ASP E 123 -5.70 -34.62 -48.16
C ASP E 123 -5.80 -35.41 -49.47
N LEU E 124 -6.15 -34.72 -50.56
CA LEU E 124 -6.26 -35.37 -51.87
C LEU E 124 -4.91 -35.88 -52.38
N TRP E 125 -3.81 -35.28 -51.90
CA TRP E 125 -2.47 -35.79 -52.16
C TRP E 125 -1.98 -36.74 -51.06
N GLN E 126 -1.97 -36.25 -49.81
CA GLN E 126 -1.52 -37.06 -48.66
C GLN E 126 -2.19 -38.44 -48.67
N LYS E 127 -3.49 -38.48 -48.92
CA LYS E 127 -4.24 -39.74 -48.97
C LYS E 127 -3.99 -40.51 -50.27
N ARG E 128 -3.57 -39.81 -51.33
CA ARG E 128 -3.06 -40.48 -52.53
C ARG E 128 -1.65 -41.00 -52.24
N GLN E 129 -0.93 -40.31 -51.35
CA GLN E 129 0.39 -40.75 -50.88
C GLN E 129 0.26 -41.77 -49.73
N LYS E 130 -0.71 -41.59 -48.84
CA LYS E 130 -0.92 -42.51 -47.72
C LYS E 130 -1.49 -43.86 -48.15
N GLN E 131 -2.27 -43.89 -49.24
CA GLN E 131 -2.75 -45.16 -49.80
C GLN E 131 -1.63 -45.93 -50.52
N VAL E 132 -0.76 -45.21 -51.21
CA VAL E 132 0.34 -45.84 -51.97
C VAL E 132 1.55 -46.22 -51.10
N LYS E 133 1.67 -45.66 -49.89
CA LYS E 133 2.71 -46.09 -48.94
C LYS E 133 2.33 -47.41 -48.27
N ASP E 134 1.03 -47.67 -48.14
CA ASP E 134 0.56 -48.98 -47.68
C ASP E 134 0.40 -49.95 -48.85
N ASN E 135 0.31 -49.41 -50.07
CA ASN E 135 0.46 -50.21 -51.29
C ASN E 135 1.95 -50.53 -51.55
N GLU E 136 2.84 -49.82 -50.86
CA GLU E 136 4.28 -50.12 -50.84
C GLU E 136 4.57 -51.38 -50.02
N ASN E 137 3.65 -51.72 -49.11
CA ASN E 137 3.73 -52.94 -48.31
C ASN E 137 2.65 -53.98 -48.66
N VAL E 138 1.63 -53.58 -49.44
CA VAL E 138 0.58 -54.54 -49.87
C VAL E 138 1.05 -55.39 -51.05
N VAL E 139 1.92 -54.83 -51.90
CA VAL E 139 2.46 -55.56 -53.05
C VAL E 139 4.00 -55.69 -52.98
N ASN E 140 4.54 -55.60 -51.77
CA ASN E 140 5.97 -55.83 -51.50
C ASN E 140 6.24 -57.30 -51.13
N GLU E 141 5.16 -58.07 -50.96
CA GLU E 141 5.23 -59.47 -50.53
C GLU E 141 4.95 -60.44 -51.69
N TYR E 142 5.12 -59.98 -52.94
CA TYR E 142 4.88 -60.83 -54.12
C TYR E 142 6.17 -61.19 -54.84
N SER E 143 6.89 -60.18 -55.33
CA SER E 143 8.15 -60.40 -56.05
C SER E 143 9.28 -60.88 -55.11
N SER E 144 9.15 -60.58 -53.82
CA SER E 144 10.09 -61.08 -52.80
C SER E 144 9.79 -62.52 -52.38
N GLU E 145 8.49 -62.85 -52.28
CA GLU E 145 8.08 -64.21 -51.91
C GLU E 145 8.00 -65.16 -53.10
N LEU E 146 7.85 -64.62 -54.31
CA LEU E 146 7.93 -65.42 -55.54
C LEU E 146 9.37 -65.74 -55.94
N GLU E 147 10.33 -64.86 -55.60
CA GLU E 147 11.76 -65.11 -55.87
C GLU E 147 12.33 -66.25 -55.00
N LYS E 148 11.93 -66.30 -53.73
CA LYS E 148 12.23 -67.47 -52.87
C LYS E 148 11.34 -68.67 -53.22
N HIS E 149 10.25 -68.44 -53.96
CA HIS E 149 9.33 -69.51 -54.39
C HIS E 149 9.51 -69.94 -55.85
N GLN E 150 9.81 -69.01 -56.75
CA GLN E 150 10.08 -69.37 -58.15
C GLN E 150 11.57 -69.71 -58.39
N LEU E 151 12.39 -69.57 -57.34
CA LEU E 151 13.71 -70.21 -57.28
C LEU E 151 13.50 -71.73 -57.24
N TYR E 152 12.35 -72.15 -56.70
CA TYR E 152 11.94 -73.55 -56.74
C TYR E 152 11.42 -73.92 -58.14
N ILE E 153 10.56 -73.09 -58.73
CA ILE E 153 10.00 -73.36 -60.06
C ILE E 153 11.06 -73.41 -61.17
N ASP E 154 12.10 -72.58 -61.05
CA ASP E 154 13.22 -72.57 -62.01
C ASP E 154 14.26 -73.64 -61.62
N GLU E 155 14.75 -73.59 -60.38
CA GLU E 155 15.82 -74.50 -59.95
C GLU E 155 15.35 -75.95 -59.67
N THR E 156 14.04 -76.19 -59.60
CA THR E 156 13.54 -77.57 -59.55
C THR E 156 13.47 -78.16 -60.96
N VAL E 157 12.89 -77.40 -61.90
CA VAL E 157 12.61 -77.90 -63.25
C VAL E 157 13.87 -78.00 -64.14
N ASN E 158 14.99 -77.41 -63.71
CA ASN E 158 16.30 -77.57 -64.38
C ASN E 158 17.36 -78.30 -63.55
N SER E 159 17.01 -78.70 -62.32
CA SER E 159 17.79 -79.70 -61.57
C SER E 159 17.15 -81.08 -61.73
N ASN E 160 15.82 -81.10 -61.82
CA ASN E 160 15.06 -82.33 -62.09
C ASN E 160 15.41 -82.92 -63.44
N ILE E 161 14.96 -82.27 -64.51
CA ILE E 161 15.02 -82.85 -65.85
C ILE E 161 16.44 -83.31 -66.26
N PRO E 162 17.47 -82.46 -66.08
CA PRO E 162 18.85 -82.95 -66.20
C PRO E 162 19.29 -84.06 -65.22
N THR E 163 18.79 -84.04 -63.97
CA THR E 163 19.07 -85.12 -63.01
C THR E 163 18.15 -86.30 -63.29
N ASN E 164 16.91 -85.98 -63.65
CA ASN E 164 15.88 -86.96 -63.99
C ASN E 164 16.28 -87.85 -65.17
N LEU E 165 16.59 -87.24 -66.31
CA LEU E 165 16.94 -87.99 -67.52
C LEU E 165 18.40 -88.49 -67.53
N ARG E 166 19.10 -88.50 -66.39
CA ARG E 166 20.46 -89.06 -66.34
C ARG E 166 20.46 -90.53 -65.93
N VAL E 167 20.30 -90.77 -64.63
CA VAL E 167 20.43 -92.11 -64.06
C VAL E 167 19.30 -93.01 -64.55
N LEU E 168 18.13 -92.41 -64.81
CA LEU E 168 17.01 -93.12 -65.41
C LEU E 168 17.36 -93.60 -66.82
N ARG E 169 17.74 -92.66 -67.68
CA ARG E 169 18.25 -92.98 -69.01
C ARG E 169 19.27 -94.10 -68.93
N SER E 170 20.29 -93.92 -68.10
CA SER E 170 21.38 -94.89 -67.89
C SER E 170 20.91 -96.31 -67.53
N ILE E 171 19.82 -96.40 -66.76
CA ILE E 171 19.30 -97.69 -66.31
C ILE E 171 18.50 -98.35 -67.43
N LEU E 172 17.52 -97.63 -67.97
CA LEU E 172 16.66 -98.18 -69.00
C LEU E 172 17.47 -98.60 -70.23
N GLU E 173 18.65 -97.99 -70.40
CA GLU E 173 19.64 -98.42 -71.37
C GLU E 173 20.41 -99.64 -70.90
N ASN E 174 20.63 -99.75 -69.59
CA ASN E 174 21.27 -100.95 -69.03
C ASN E 174 20.34 -102.16 -69.13
N LEU E 175 19.04 -101.89 -69.06
CA LEU E 175 18.05 -102.95 -69.21
C LEU E 175 17.98 -103.38 -70.66
N ARG E 176 17.92 -102.40 -71.55
CA ARG E 176 18.09 -102.61 -72.97
C ARG E 176 19.24 -103.58 -73.32
N SER E 177 20.35 -103.48 -72.59
CA SER E 177 21.53 -104.33 -72.81
C SER E 177 21.41 -105.69 -72.12
N LYS E 178 20.96 -105.66 -70.85
CA LYS E 178 20.70 -106.88 -70.09
C LYS E 178 19.61 -107.73 -70.74
N ILE E 179 18.63 -107.08 -71.34
CA ILE E 179 17.54 -107.80 -72.03
C ILE E 179 18.08 -108.57 -73.24
N GLN E 180 19.00 -107.96 -74.00
CA GLN E 180 19.54 -108.62 -75.19
C GLN E 180 20.40 -109.83 -74.80
N LYS E 181 21.25 -109.66 -73.78
CA LYS E 181 22.22 -110.70 -73.41
C LYS E 181 21.51 -112.00 -73.13
N LEU E 182 20.31 -111.92 -72.57
CA LEU E 182 19.47 -113.10 -72.38
C LEU E 182 19.02 -113.69 -73.73
N GLU E 183 18.18 -112.98 -74.47
CA GLU E 183 17.62 -113.51 -75.71
C GLU E 183 18.67 -114.14 -76.65
N SER E 184 19.93 -113.71 -76.52
CA SER E 184 21.08 -114.35 -77.20
C SER E 184 21.79 -115.38 -76.30
N ASP E 185 21.63 -115.26 -74.99
CA ASP E 185 22.10 -116.27 -74.02
C ASP E 185 21.14 -117.48 -74.03
N VAL E 186 19.82 -117.22 -74.00
CA VAL E 186 18.81 -118.30 -73.97
C VAL E 186 18.75 -119.12 -75.23
N SER E 187 18.83 -118.45 -76.38
CA SER E 187 18.90 -119.15 -77.65
C SER E 187 20.07 -120.15 -77.64
N ALA E 188 21.10 -119.85 -76.85
CA ALA E 188 22.28 -120.74 -76.68
C ALA E 188 21.95 -122.11 -76.10
N GLN E 189 21.00 -122.15 -75.15
CA GLN E 189 20.57 -123.40 -74.54
C GLN E 189 19.45 -124.06 -75.35
N MET E 190 19.16 -123.57 -76.55
CA MET E 190 18.34 -124.29 -77.51
C MET E 190 19.18 -125.28 -78.31
N GLU E 191 20.45 -124.94 -78.52
CA GLU E 191 21.39 -125.75 -79.31
C GLU E 191 22.18 -126.76 -78.46
N TYR E 192 22.24 -126.52 -77.15
CA TYR E 192 22.76 -127.52 -76.22
C TYR E 192 21.65 -128.46 -75.80
N CYS E 193 20.42 -128.12 -76.22
CA CYS E 193 19.25 -128.94 -76.00
C CYS E 193 18.52 -129.28 -77.32
N ARG E 194 19.28 -129.31 -78.41
CA ARG E 194 18.82 -129.96 -79.64
C ARG E 194 18.96 -131.47 -79.46
N THR E 195 19.94 -131.84 -78.63
CA THR E 195 20.33 -133.23 -78.39
C THR E 195 20.42 -133.52 -76.89
N PRO E 196 19.78 -134.61 -76.42
CA PRO E 196 19.71 -134.88 -74.98
C PRO E 196 20.93 -135.63 -74.43
N CYS E 197 21.18 -135.45 -73.14
CA CYS E 197 22.15 -136.26 -72.40
C CYS E 197 21.69 -137.71 -72.38
N THR E 198 22.57 -138.59 -71.91
CA THR E 198 22.24 -140.02 -71.78
C THR E 198 23.00 -140.68 -70.64
N VAL E 199 22.43 -141.78 -70.14
CA VAL E 199 22.97 -142.50 -69.01
C VAL E 199 23.17 -143.98 -69.33
N SER E 200 24.25 -144.54 -68.80
CA SER E 200 24.48 -145.96 -68.85
C SER E 200 24.46 -146.52 -67.45
N CYS E 201 23.25 -146.92 -67.02
CA CYS E 201 23.06 -147.55 -65.72
C CYS E 201 22.79 -149.04 -65.89
N ASN E 202 23.86 -149.83 -65.75
CA ASN E 202 23.75 -151.28 -65.79
C ASN E 202 23.15 -151.80 -64.49
N ILE E 203 22.00 -152.46 -64.62
CA ILE E 203 21.25 -152.95 -63.47
C ILE E 203 22.08 -154.00 -62.76
N PRO E 204 22.20 -153.88 -61.44
CA PRO E 204 22.65 -155.03 -60.66
C PRO E 204 21.63 -156.18 -60.66
N VAL E 205 22.09 -157.38 -60.31
CA VAL E 205 21.24 -158.57 -60.38
C VAL E 205 20.21 -158.53 -59.27
N VAL E 206 20.74 -158.50 -58.04
CA VAL E 206 19.93 -158.54 -56.82
C VAL E 206 18.74 -157.58 -56.90
N SER E 207 17.57 -158.02 -56.42
CA SER E 207 16.36 -157.21 -56.53
C SER E 207 15.36 -157.61 -55.44
N GLY E 208 14.13 -157.06 -55.50
CA GLY E 208 13.05 -157.43 -54.58
C GLY E 208 12.09 -156.29 -54.23
N LYS E 209 11.54 -156.34 -53.01
CA LYS E 209 10.59 -155.34 -52.52
C LYS E 209 11.19 -153.95 -52.54
N GLU E 210 12.34 -153.81 -51.88
CA GLU E 210 12.94 -152.51 -51.57
C GLU E 210 14.39 -152.62 -51.04
N CYS E 211 15.00 -151.47 -50.72
CA CYS E 211 16.46 -151.35 -50.51
C CYS E 211 17.05 -151.98 -49.26
N GLU E 212 16.26 -152.05 -48.19
CA GLU E 212 16.64 -152.77 -46.96
C GLU E 212 16.66 -154.27 -47.24
N GLU E 213 15.50 -154.81 -47.61
CA GLU E 213 15.41 -156.15 -48.16
C GLU E 213 16.69 -156.50 -48.92
N ILE E 214 17.01 -155.66 -49.91
CA ILE E 214 18.17 -155.84 -50.78
C ILE E 214 19.50 -155.69 -50.05
N ILE E 215 19.55 -154.82 -49.04
CA ILE E 215 20.73 -154.74 -48.19
C ILE E 215 20.89 -156.05 -47.39
N ARG E 216 19.76 -156.67 -47.03
CA ARG E 216 19.77 -157.90 -46.24
C ARG E 216 20.22 -159.06 -47.11
N LYS E 217 19.82 -159.01 -48.38
CA LYS E 217 20.37 -159.89 -49.42
C LYS E 217 21.76 -159.40 -49.85
N GLY E 218 22.46 -158.68 -48.97
CA GLY E 218 23.85 -158.28 -49.18
C GLY E 218 24.22 -157.48 -50.44
N GLY E 219 23.41 -156.46 -50.78
CA GLY E 219 23.75 -155.48 -51.83
C GLY E 219 24.28 -154.20 -51.20
N GLU E 220 25.61 -154.06 -51.17
CA GLU E 220 26.29 -153.13 -50.24
C GLU E 220 26.67 -151.78 -50.82
N THR E 221 27.10 -151.77 -52.07
CA THR E 221 27.43 -150.52 -52.73
C THR E 221 26.14 -149.71 -52.88
N SER E 222 26.15 -148.47 -52.40
CA SER E 222 24.97 -147.62 -52.56
C SER E 222 24.91 -147.22 -54.02
N GLU E 223 23.82 -147.59 -54.69
CA GLU E 223 23.65 -147.28 -56.11
C GLU E 223 22.22 -147.52 -56.56
N MET E 224 22.00 -147.41 -57.87
CA MET E 224 20.69 -147.62 -58.43
C MET E 224 20.42 -149.11 -58.50
N TYR E 225 19.38 -149.54 -57.77
CA TYR E 225 18.85 -150.88 -57.91
C TYR E 225 17.49 -150.78 -58.57
N LEU E 226 16.91 -151.92 -58.87
CA LEU E 226 15.57 -151.99 -59.43
C LEU E 226 14.75 -152.73 -58.40
N ILE E 227 13.50 -152.32 -58.21
CA ILE E 227 12.65 -152.97 -57.22
C ILE E 227 11.29 -153.29 -57.80
N GLN E 228 10.52 -154.06 -57.02
CA GLN E 228 9.10 -154.34 -57.26
C GLN E 228 8.57 -154.88 -55.93
N PRO E 229 7.68 -154.16 -55.26
CA PRO E 229 7.08 -154.63 -54.02
C PRO E 229 5.61 -155.04 -54.16
N ASP E 230 5.15 -155.21 -55.40
CA ASP E 230 3.76 -155.59 -55.67
C ASP E 230 3.63 -156.24 -57.05
N SER E 231 3.07 -157.45 -57.10
CA SER E 231 2.88 -158.18 -58.36
C SER E 231 2.00 -157.40 -59.34
N SER E 232 1.05 -156.62 -58.82
CA SER E 232 0.17 -155.78 -59.66
C SER E 232 0.87 -154.53 -60.24
N VAL E 233 2.20 -154.58 -60.34
CA VAL E 233 2.95 -153.57 -61.08
C VAL E 233 4.34 -154.10 -61.42
N LYS E 234 4.86 -153.67 -62.57
CA LYS E 234 6.21 -154.06 -62.96
C LYS E 234 7.20 -153.35 -62.05
N PRO E 235 8.41 -153.89 -61.97
CA PRO E 235 9.49 -153.27 -61.23
C PRO E 235 9.77 -151.82 -61.60
N TYR E 236 10.59 -151.17 -60.78
CA TYR E 236 11.11 -149.86 -61.16
C TYR E 236 12.45 -149.51 -60.53
N ARG E 237 13.14 -148.63 -61.22
CA ARG E 237 14.47 -148.24 -60.81
C ARG E 237 14.35 -147.27 -59.65
N VAL E 238 15.36 -147.28 -58.79
CA VAL E 238 15.36 -146.44 -57.59
C VAL E 238 16.74 -146.40 -56.97
N TYR E 239 17.10 -145.25 -56.40
CA TYR E 239 18.38 -145.18 -55.74
C TYR E 239 18.27 -145.90 -54.40
N CYS E 240 19.40 -146.38 -53.89
CA CYS E 240 19.42 -146.93 -52.55
C CYS E 240 20.69 -146.55 -51.88
N ASP E 241 20.62 -145.57 -51.00
CA ASP E 241 21.73 -145.36 -50.08
C ASP E 241 21.85 -146.65 -49.26
N MET E 242 23.09 -147.10 -49.09
CA MET E 242 23.38 -148.26 -48.26
C MET E 242 24.50 -147.91 -47.26
N ASN E 243 24.63 -146.62 -46.93
CA ASN E 243 25.75 -146.10 -46.13
C ASN E 243 25.32 -145.32 -44.89
N THR E 244 24.44 -144.34 -45.12
CA THR E 244 23.96 -143.44 -44.07
C THR E 244 23.01 -144.18 -43.11
N GLU E 245 23.17 -143.90 -41.80
CA GLU E 245 22.50 -144.64 -40.73
C GLU E 245 22.25 -146.10 -41.15
N ASN E 246 23.36 -146.83 -41.29
CA ASN E 246 23.36 -148.30 -41.47
C ASN E 246 22.51 -148.82 -42.63
N GLY E 247 22.37 -148.00 -43.67
CA GLY E 247 21.90 -148.46 -44.98
C GLY E 247 20.48 -148.96 -45.08
N GLY E 248 20.16 -149.50 -46.25
CA GLY E 248 18.82 -150.03 -46.51
C GLY E 248 17.84 -148.92 -46.82
N TRP E 249 18.37 -147.80 -47.28
CA TRP E 249 17.56 -146.63 -47.49
C TRP E 249 17.10 -146.53 -48.93
N THR E 250 15.93 -145.94 -49.11
CA THR E 250 15.28 -145.86 -50.42
C THR E 250 14.83 -144.41 -50.67
N VAL E 251 15.47 -143.76 -51.65
CA VAL E 251 15.24 -142.34 -51.87
C VAL E 251 13.97 -142.05 -52.69
N ILE E 252 13.10 -141.22 -52.12
CA ILE E 252 11.88 -140.76 -52.82
C ILE E 252 12.05 -139.34 -53.38
N GLN E 253 13.05 -138.63 -52.89
CA GLN E 253 13.28 -137.25 -53.29
C GLN E 253 14.74 -136.93 -53.07
N ASN E 254 15.37 -136.39 -54.10
CA ASN E 254 16.73 -135.87 -53.94
C ASN E 254 17.06 -134.61 -54.72
N ARG E 255 17.71 -133.67 -54.03
CA ARG E 255 18.20 -132.41 -54.59
C ARG E 255 19.69 -132.30 -54.30
N GLN E 256 20.43 -131.79 -55.28
CA GLN E 256 21.89 -131.78 -55.22
C GLN E 256 22.56 -130.69 -56.08
N ASP E 257 21.89 -130.28 -57.14
CA ASP E 257 22.37 -129.24 -58.04
C ASP E 257 21.14 -128.62 -58.69
N GLY E 258 21.28 -128.02 -59.86
CA GLY E 258 20.11 -127.52 -60.57
C GLY E 258 19.51 -128.58 -61.46
N SER E 259 20.12 -129.76 -61.50
CA SER E 259 19.96 -130.70 -62.61
C SER E 259 18.52 -131.04 -63.04
N VAL E 260 17.55 -130.92 -62.12
CA VAL E 260 16.15 -131.19 -62.47
C VAL E 260 15.18 -130.11 -61.98
N ASP E 261 14.19 -129.80 -62.83
CA ASP E 261 13.10 -128.87 -62.50
C ASP E 261 12.10 -129.57 -61.58
N PHE E 262 11.77 -128.92 -60.48
CA PHE E 262 10.70 -129.38 -59.59
C PHE E 262 9.57 -128.36 -59.66
N GLY E 263 8.52 -128.71 -60.39
CA GLY E 263 7.46 -127.76 -60.67
C GLY E 263 6.74 -128.14 -61.93
N ARG E 264 5.98 -129.23 -61.82
CA ARG E 264 5.17 -129.74 -62.92
C ARG E 264 3.76 -130.04 -62.45
N LYS E 265 2.91 -130.33 -63.44
CA LYS E 265 1.53 -130.74 -63.22
C LYS E 265 1.37 -131.82 -62.15
N TRP E 266 0.11 -132.17 -61.93
CA TRP E 266 -0.26 -133.20 -60.95
C TRP E 266 0.23 -134.56 -61.37
N ASP E 267 -0.18 -134.93 -62.59
CA ASP E 267 0.13 -136.24 -63.15
C ASP E 267 1.59 -136.63 -62.90
N PRO E 268 2.55 -135.79 -63.37
CA PRO E 268 3.96 -136.17 -63.25
C PRO E 268 4.47 -136.24 -61.82
N TYR E 269 3.83 -135.55 -60.88
CA TYR E 269 4.16 -135.75 -59.47
C TYR E 269 3.67 -137.14 -59.01
N LYS E 270 2.58 -137.60 -59.62
CA LYS E 270 2.01 -138.92 -59.30
C LYS E 270 2.85 -140.08 -59.86
N GLN E 271 3.45 -139.86 -61.03
CA GLN E 271 4.22 -140.88 -61.77
C GLN E 271 5.70 -140.87 -61.37
N GLY E 272 6.21 -139.69 -61.04
CA GLY E 272 7.61 -139.51 -60.72
C GLY E 272 8.35 -138.92 -61.90
N PHE E 273 9.55 -138.39 -61.64
CA PHE E 273 10.39 -137.79 -62.68
C PHE E 273 11.79 -137.46 -62.15
N GLY E 274 12.73 -137.32 -63.09
CA GLY E 274 14.12 -136.94 -62.78
C GLY E 274 15.13 -138.02 -63.14
N ASN E 275 16.38 -137.77 -62.80
CA ASN E 275 17.44 -138.76 -63.01
C ASN E 275 17.56 -139.56 -61.73
N VAL E 276 17.26 -140.86 -61.80
CA VAL E 276 17.33 -141.73 -60.61
C VAL E 276 18.78 -141.93 -60.20
N ALA E 277 19.69 -141.89 -61.17
CA ALA E 277 21.07 -142.17 -60.92
C ALA E 277 21.91 -141.79 -62.12
N THR E 278 23.14 -141.38 -61.83
CA THR E 278 24.04 -140.82 -62.83
C THR E 278 25.38 -141.55 -62.79
N ASN E 279 26.00 -141.67 -63.95
CA ASN E 279 27.20 -142.49 -64.11
C ASN E 279 28.35 -141.99 -63.24
N THR E 280 29.06 -142.93 -62.63
CA THR E 280 30.30 -142.61 -61.93
C THR E 280 31.37 -142.30 -62.97
N ASP E 281 32.48 -141.72 -62.52
CA ASP E 281 33.65 -141.50 -63.37
C ASP E 281 34.14 -142.82 -63.99
N GLY E 282 33.76 -143.07 -65.23
CA GLY E 282 34.25 -144.23 -66.00
C GLY E 282 33.83 -145.59 -65.48
N LYS E 283 32.58 -145.71 -65.04
CA LYS E 283 32.06 -146.99 -64.53
C LYS E 283 30.71 -147.31 -65.19
N ASN E 284 30.47 -148.61 -65.42
CA ASN E 284 29.21 -149.07 -66.06
C ASN E 284 27.96 -148.97 -65.17
N TYR E 285 28.16 -148.84 -63.85
CA TYR E 285 27.07 -148.75 -62.88
C TYR E 285 26.96 -147.33 -62.28
N CYS E 286 25.72 -146.84 -62.20
CA CYS E 286 25.48 -145.46 -61.78
C CYS E 286 25.58 -145.32 -60.26
N GLY E 287 26.82 -145.21 -59.78
CA GLY E 287 27.11 -145.01 -58.36
C GLY E 287 26.84 -143.61 -57.83
N LEU E 288 26.15 -142.79 -58.62
CA LEU E 288 25.70 -141.46 -58.19
C LEU E 288 24.19 -141.30 -58.40
N PRO E 289 23.53 -140.56 -57.48
CA PRO E 289 22.08 -140.41 -57.48
C PRO E 289 21.66 -139.10 -58.10
N GLY E 290 20.87 -139.15 -59.17
CA GLY E 290 20.50 -137.93 -59.88
C GLY E 290 19.44 -137.19 -59.10
N GLU E 291 18.89 -136.15 -59.69
CA GLU E 291 17.75 -135.49 -59.06
C GLU E 291 16.49 -136.23 -59.50
N TYR E 292 15.52 -136.34 -58.60
CA TYR E 292 14.24 -136.95 -58.95
C TYR E 292 13.22 -136.99 -57.79
N TRP E 293 11.98 -137.22 -58.22
CA TRP E 293 10.83 -137.43 -57.34
C TRP E 293 10.13 -138.69 -57.80
N LEU E 294 9.90 -139.59 -56.85
CA LEU E 294 9.30 -140.87 -57.12
C LEU E 294 7.79 -140.69 -57.17
N GLY E 295 7.16 -141.17 -58.23
CA GLY E 295 5.71 -140.97 -58.39
C GLY E 295 4.92 -141.22 -57.10
N ASN E 296 4.18 -140.22 -56.65
CA ASN E 296 3.45 -140.32 -55.37
C ASN E 296 3.02 -141.75 -55.00
N ASP E 297 2.08 -142.29 -55.77
CA ASP E 297 1.48 -143.60 -55.47
C ASP E 297 2.51 -144.73 -55.35
N LYS E 298 3.66 -144.58 -56.03
CA LYS E 298 4.85 -145.40 -55.70
C LYS E 298 5.23 -145.23 -54.23
N ILE E 299 4.97 -144.06 -53.67
CA ILE E 299 5.41 -143.72 -52.32
C ILE E 299 4.35 -144.08 -51.29
N SER E 300 3.08 -143.92 -51.63
CA SER E 300 1.97 -144.32 -50.73
C SER E 300 1.95 -145.82 -50.56
N GLN E 301 2.06 -146.50 -51.68
CA GLN E 301 2.11 -147.94 -51.74
C GLN E 301 3.33 -148.43 -50.97
N LEU E 302 4.46 -147.79 -51.21
CA LEU E 302 5.70 -148.11 -50.50
C LEU E 302 5.46 -148.04 -49.00
N THR E 303 4.83 -146.95 -48.60
CA THR E 303 4.60 -146.63 -47.21
C THR E 303 3.43 -147.42 -46.65
N ARG E 304 2.52 -147.82 -47.52
CA ARG E 304 1.40 -148.64 -47.10
C ARG E 304 1.71 -150.15 -47.07
N MET E 305 2.98 -150.53 -47.16
CA MET E 305 3.36 -151.95 -47.04
C MET E 305 3.52 -152.36 -45.60
N GLY E 306 3.71 -151.37 -44.74
CA GLY E 306 4.17 -151.64 -43.40
C GLY E 306 4.77 -150.37 -42.81
N PRO E 307 4.92 -150.34 -41.48
CA PRO E 307 5.32 -149.10 -40.85
C PRO E 307 6.59 -148.54 -41.50
N THR E 308 6.49 -147.32 -42.00
CA THR E 308 7.56 -146.72 -42.76
C THR E 308 8.16 -145.58 -41.95
N GLU E 309 9.47 -145.63 -41.74
CA GLU E 309 10.20 -144.46 -41.20
C GLU E 309 10.81 -143.65 -42.36
N LEU E 310 11.07 -142.36 -42.10
CA LEU E 310 11.65 -141.44 -43.09
C LEU E 310 12.77 -140.59 -42.51
N LEU E 311 13.91 -140.56 -43.21
CA LEU E 311 15.01 -139.67 -42.89
C LEU E 311 15.29 -138.68 -44.01
N ILE E 312 15.39 -137.41 -43.63
CA ILE E 312 15.60 -136.33 -44.56
C ILE E 312 16.88 -135.62 -44.19
N GLU E 313 17.89 -135.77 -45.06
CA GLU E 313 19.18 -135.12 -44.88
C GLU E 313 19.19 -133.83 -45.71
N MET E 314 19.98 -132.89 -45.23
CA MET E 314 20.12 -131.62 -45.91
C MET E 314 21.45 -130.95 -45.54
N GLU E 315 22.02 -130.26 -46.52
CA GLU E 315 23.34 -129.62 -46.43
C GLU E 315 23.26 -128.14 -46.81
N ASP E 316 23.88 -127.28 -46.00
CA ASP E 316 23.99 -125.85 -46.30
C ASP E 316 25.20 -125.61 -47.16
N TRP E 317 25.26 -124.43 -47.78
CA TRP E 317 26.32 -124.17 -48.76
C TRP E 317 27.69 -124.01 -48.11
N LYS E 318 27.75 -123.74 -46.82
CA LYS E 318 29.03 -123.76 -46.10
C LYS E 318 29.49 -125.18 -45.82
N GLY E 319 28.54 -126.06 -45.51
CA GLY E 319 28.86 -127.50 -45.41
C GLY E 319 28.38 -128.22 -44.18
N ASP E 320 27.56 -127.57 -43.34
CA ASP E 320 26.91 -128.23 -42.20
C ASP E 320 25.71 -129.06 -42.67
N LYS E 321 25.40 -130.11 -41.90
CA LYS E 321 24.27 -131.00 -42.21
C LYS E 321 23.31 -131.16 -41.05
N VAL E 322 22.08 -131.59 -41.37
CA VAL E 322 21.03 -131.73 -40.38
C VAL E 322 19.90 -132.66 -40.79
N LYS E 323 19.51 -133.54 -39.85
CA LYS E 323 18.57 -134.63 -40.11
C LYS E 323 17.13 -134.22 -39.80
N ALA E 324 16.21 -134.77 -40.58
CA ALA E 324 14.78 -134.68 -40.33
C ALA E 324 14.27 -136.12 -40.25
N HIS E 325 13.98 -136.57 -39.04
CA HIS E 325 13.77 -137.98 -38.74
C HIS E 325 12.37 -138.22 -38.18
N TYR E 326 11.72 -139.27 -38.66
CA TYR E 326 10.31 -139.52 -38.36
C TYR E 326 9.97 -141.01 -38.40
N GLY E 327 10.00 -141.65 -37.23
CA GLY E 327 9.76 -143.10 -37.13
C GLY E 327 8.49 -143.58 -37.80
N GLY E 328 7.46 -142.74 -37.79
CA GLY E 328 6.21 -143.05 -38.45
C GLY E 328 6.01 -142.12 -39.63
N PHE E 329 5.86 -142.71 -40.81
CA PHE E 329 5.64 -141.96 -42.01
C PHE E 329 4.73 -142.77 -42.90
N THR E 330 3.73 -142.14 -43.51
CA THR E 330 2.85 -142.86 -44.44
C THR E 330 2.26 -141.88 -45.43
N VAL E 331 1.49 -142.38 -46.39
CA VAL E 331 0.86 -141.52 -47.40
C VAL E 331 -0.25 -142.30 -48.09
N GLN E 332 -1.47 -141.77 -48.15
CA GLN E 332 -2.57 -142.58 -48.72
C GLN E 332 -2.56 -142.56 -50.23
N ASN E 333 -3.51 -143.27 -50.81
CA ASN E 333 -3.73 -143.32 -52.27
C ASN E 333 -4.19 -142.01 -52.93
N GLU E 334 -4.09 -141.98 -54.26
CA GLU E 334 -4.48 -140.81 -55.06
C GLU E 334 -5.89 -140.37 -54.75
N ALA E 335 -6.83 -141.31 -54.78
CA ALA E 335 -8.20 -141.01 -54.38
C ALA E 335 -8.21 -140.14 -53.11
N ASN E 336 -7.32 -140.46 -52.16
CA ASN E 336 -7.09 -139.60 -50.97
C ASN E 336 -6.02 -138.53 -51.13
N LYS E 337 -5.68 -138.23 -52.38
CA LYS E 337 -4.90 -137.04 -52.68
C LYS E 337 -3.57 -137.04 -51.91
N TYR E 338 -3.07 -138.25 -51.66
CA TYR E 338 -1.79 -138.47 -50.99
C TYR E 338 -1.68 -137.84 -49.59
N GLN E 339 -2.81 -137.79 -48.90
CA GLN E 339 -2.86 -137.41 -47.49
C GLN E 339 -1.67 -137.90 -46.69
N ILE E 340 -0.69 -137.03 -46.56
CA ILE E 340 0.49 -137.29 -45.75
C ILE E 340 0.13 -137.52 -44.28
N SER E 341 1.04 -138.18 -43.57
CA SER E 341 0.92 -138.35 -42.13
C SER E 341 2.19 -138.90 -41.55
N VAL E 342 2.65 -138.29 -40.47
CA VAL E 342 3.97 -138.60 -39.97
C VAL E 342 3.99 -138.51 -38.47
N ASN E 343 4.99 -139.14 -37.86
CA ASN E 343 5.25 -138.94 -36.42
C ASN E 343 6.59 -139.50 -35.93
N LYS E 344 6.88 -139.22 -34.65
CA LYS E 344 8.02 -139.79 -33.90
C LYS E 344 9.36 -139.14 -34.22
N TYR E 345 9.42 -137.82 -34.01
CA TYR E 345 10.57 -137.03 -34.47
C TYR E 345 11.84 -137.18 -33.62
N ARG E 346 12.96 -136.99 -34.31
CA ARG E 346 14.24 -136.62 -33.71
C ARG E 346 15.11 -136.01 -34.82
N GLY E 347 16.34 -135.64 -34.49
CA GLY E 347 17.27 -135.11 -35.49
C GLY E 347 17.86 -133.78 -35.10
N THR E 348 18.35 -133.04 -36.10
CA THR E 348 19.02 -131.75 -35.87
C THR E 348 18.24 -130.59 -36.52
N ALA E 349 17.72 -130.83 -37.72
CA ALA E 349 17.02 -129.78 -38.50
C ALA E 349 15.90 -129.11 -37.72
N GLY E 350 15.15 -129.91 -36.96
CA GLY E 350 13.99 -129.44 -36.20
C GLY E 350 12.70 -129.92 -36.84
N ASN E 351 11.79 -130.43 -36.01
CA ASN E 351 10.55 -131.04 -36.50
C ASN E 351 9.64 -130.01 -37.16
N ALA E 352 9.78 -129.86 -38.47
CA ALA E 352 9.08 -128.81 -39.21
C ALA E 352 7.74 -129.26 -39.81
N LEU E 353 7.40 -130.53 -39.61
CA LEU E 353 6.24 -131.12 -40.28
C LEU E 353 5.08 -131.30 -39.36
N MET E 354 5.38 -131.74 -38.14
CA MET E 354 4.37 -131.96 -37.12
C MET E 354 4.14 -130.70 -36.27
N ASP E 355 5.19 -129.91 -36.06
CA ASP E 355 5.11 -128.71 -35.19
C ASP E 355 4.74 -127.46 -35.96
N GLY E 356 5.31 -127.33 -37.16
CA GLY E 356 5.19 -126.13 -37.97
C GLY E 356 6.39 -125.23 -37.75
N ALA E 357 6.36 -124.06 -38.37
CA ALA E 357 7.49 -123.12 -38.35
C ALA E 357 7.77 -122.58 -36.94
N SER E 358 9.03 -122.70 -36.49
CA SER E 358 9.38 -122.42 -35.08
C SER E 358 9.40 -120.95 -34.69
N GLN E 359 9.85 -120.09 -35.60
CA GLN E 359 9.84 -118.64 -35.32
C GLN E 359 8.42 -118.12 -35.20
N LEU E 360 7.53 -118.54 -36.09
CA LEU E 360 6.15 -118.04 -36.12
C LEU E 360 5.38 -118.43 -34.87
N MET E 361 4.31 -117.70 -34.58
CA MET E 361 3.52 -117.96 -33.38
C MET E 361 2.02 -118.08 -33.68
N GLY E 362 1.29 -118.68 -32.75
CA GLY E 362 -0.15 -118.91 -32.89
C GLY E 362 -0.56 -119.32 -34.29
N GLU E 363 -1.68 -118.79 -34.76
CA GLU E 363 -2.10 -118.86 -36.17
C GLU E 363 -0.96 -119.12 -37.14
N ASN E 364 -0.03 -118.17 -37.17
CA ASN E 364 1.01 -118.12 -38.20
C ASN E 364 1.83 -119.40 -38.20
N ARG E 365 2.13 -119.94 -37.03
CA ARG E 365 2.84 -121.20 -36.95
C ARG E 365 2.01 -122.33 -37.54
N THR E 366 0.83 -122.55 -36.97
CA THR E 366 0.13 -123.81 -37.20
C THR E 366 -0.49 -123.95 -38.61
N MET E 367 -0.74 -122.83 -39.28
CA MET E 367 -1.12 -122.88 -40.72
C MET E 367 0.03 -123.41 -41.62
N THR E 368 1.21 -123.54 -41.03
CA THR E 368 2.32 -124.21 -41.68
C THR E 368 2.61 -125.54 -40.98
N ILE E 369 1.61 -126.41 -40.89
CA ILE E 369 1.77 -127.79 -40.42
C ILE E 369 1.23 -128.77 -41.46
N HIS E 370 2.09 -129.70 -41.86
CA HIS E 370 1.83 -130.57 -42.99
C HIS E 370 1.14 -131.83 -42.55
N ASN E 371 1.47 -132.25 -41.33
CA ASN E 371 1.05 -133.54 -40.82
C ASN E 371 -0.47 -133.71 -40.94
N GLY E 372 -0.91 -134.40 -41.97
CA GLY E 372 -2.33 -134.51 -42.29
C GLY E 372 -2.73 -133.71 -43.52
N MET E 373 -1.77 -133.04 -44.15
CA MET E 373 -2.07 -132.21 -45.30
C MET E 373 -2.17 -133.00 -46.60
N PHE E 374 -2.90 -132.43 -47.53
CA PHE E 374 -3.11 -133.05 -48.83
C PHE E 374 -2.13 -132.48 -49.83
N PHE E 375 -1.69 -133.35 -50.73
CA PHE E 375 -0.74 -132.98 -51.74
C PHE E 375 -1.41 -132.07 -52.77
N SER E 376 -0.63 -131.12 -53.28
CA SER E 376 -1.09 -130.17 -54.30
C SER E 376 0.03 -129.79 -55.29
N THR E 377 -0.41 -129.49 -56.49
CA THR E 377 0.45 -129.15 -57.62
C THR E 377 -0.32 -128.09 -58.38
N TYR E 378 0.37 -127.21 -59.11
CA TYR E 378 -0.26 -125.97 -59.54
C TYR E 378 -1.64 -126.15 -60.21
N ASP E 379 -1.79 -127.22 -60.99
CA ASP E 379 -3.08 -127.51 -61.62
C ASP E 379 -4.12 -128.15 -60.68
N ARG E 380 -3.72 -128.47 -59.44
CA ARG E 380 -4.60 -129.14 -58.49
C ARG E 380 -4.53 -128.55 -57.05
N ASP E 381 -5.64 -127.92 -56.64
CA ASP E 381 -5.75 -127.18 -55.35
C ASP E 381 -6.24 -128.05 -54.19
N ASN E 382 -5.30 -128.47 -53.35
CA ASN E 382 -5.62 -129.01 -52.03
C ASN E 382 -4.74 -128.37 -50.96
N ASP E 383 -4.34 -127.13 -51.25
CA ASP E 383 -3.73 -126.29 -50.25
C ASP E 383 -4.79 -125.99 -49.21
N GLY E 384 -4.33 -125.59 -48.02
CA GLY E 384 -5.23 -125.15 -46.97
C GLY E 384 -5.55 -123.66 -47.04
N TRP E 385 -5.58 -123.14 -48.27
CA TRP E 385 -5.72 -121.70 -48.48
C TRP E 385 -7.05 -121.44 -49.16
N LEU E 386 -8.13 -121.79 -48.49
CA LEU E 386 -9.42 -121.88 -49.16
C LEU E 386 -9.90 -120.51 -49.64
N THR E 387 -9.14 -119.94 -50.58
CA THR E 387 -9.51 -118.67 -51.24
C THR E 387 -10.03 -118.96 -52.64
N SER E 388 -10.85 -118.04 -53.12
CA SER E 388 -11.44 -118.11 -54.45
C SER E 388 -10.52 -117.40 -55.46
N ASP E 389 -9.20 -117.56 -55.29
CA ASP E 389 -8.21 -116.83 -56.11
C ASP E 389 -7.22 -117.78 -56.76
N PRO E 390 -6.94 -117.57 -58.07
CA PRO E 390 -5.89 -118.33 -58.76
C PRO E 390 -4.53 -118.29 -58.04
N ARG E 391 -3.92 -117.11 -57.95
CA ARG E 391 -2.55 -116.99 -57.41
C ARG E 391 -2.46 -117.39 -55.93
N LYS E 392 -3.58 -117.32 -55.20
CA LYS E 392 -3.60 -117.69 -53.79
C LYS E 392 -3.84 -119.19 -53.58
N GLN E 393 -3.36 -119.99 -54.52
CA GLN E 393 -3.11 -121.41 -54.29
C GLN E 393 -1.65 -121.51 -53.88
N CYS E 394 -1.38 -122.20 -52.77
CA CYS E 394 -0.01 -122.34 -52.29
C CYS E 394 0.95 -122.79 -53.39
N SER E 395 0.57 -123.89 -54.06
CA SER E 395 1.39 -124.51 -55.11
C SER E 395 1.92 -123.50 -56.13
N LYS E 396 1.02 -122.62 -56.56
CA LYS E 396 1.36 -121.57 -57.51
C LYS E 396 2.56 -120.77 -57.02
N GLU E 397 2.60 -120.45 -55.72
CA GLU E 397 3.59 -119.49 -55.22
C GLU E 397 4.93 -120.14 -54.82
N ASP E 398 4.90 -121.13 -53.95
CA ASP E 398 6.15 -121.62 -53.32
C ASP E 398 6.96 -122.65 -54.16
N GLY E 399 6.57 -122.85 -55.42
CA GLY E 399 7.48 -123.43 -56.43
C GLY E 399 7.69 -124.94 -56.44
N GLY E 400 6.60 -125.68 -56.39
CA GLY E 400 6.70 -127.13 -56.45
C GLY E 400 5.42 -127.89 -56.14
N GLY E 401 5.61 -129.14 -55.74
CA GLY E 401 4.53 -130.02 -55.33
C GLY E 401 4.84 -130.52 -53.94
N TRP E 402 3.84 -130.49 -53.08
CA TRP E 402 4.07 -130.73 -51.67
C TRP E 402 2.75 -130.71 -50.92
N TRP E 403 2.81 -131.10 -49.64
CA TRP E 403 1.62 -131.04 -48.78
C TRP E 403 1.47 -129.64 -48.25
N TYR E 404 0.98 -128.80 -49.15
CA TYR E 404 0.77 -127.40 -48.85
C TYR E 404 -0.47 -127.24 -47.96
N ASN E 405 -0.28 -126.44 -46.90
CA ASN E 405 -1.30 -126.17 -45.90
C ASN E 405 -1.74 -124.71 -45.91
N ARG E 406 -1.01 -123.86 -46.63
CA ARG E 406 -1.04 -122.38 -46.43
C ARG E 406 0.15 -121.83 -45.58
N CYS E 407 1.41 -122.07 -45.99
CA CYS E 407 1.77 -123.01 -47.05
C CYS E 407 2.85 -124.01 -46.62
N HIS E 408 3.90 -123.57 -45.91
CA HIS E 408 4.94 -124.51 -45.48
C HIS E 408 5.85 -124.05 -44.36
N ALA E 409 6.45 -125.01 -43.67
CA ALA E 409 7.64 -124.73 -42.85
C ALA E 409 8.83 -125.10 -43.71
N ALA E 410 8.86 -126.36 -44.14
CA ALA E 410 9.90 -126.87 -45.04
C ALA E 410 9.35 -126.92 -46.46
N ASN E 411 10.17 -126.50 -47.42
CA ASN E 411 9.80 -126.54 -48.82
C ASN E 411 10.87 -127.23 -49.65
N PRO E 412 10.91 -128.56 -49.59
CA PRO E 412 12.09 -129.27 -50.10
C PRO E 412 12.01 -129.53 -51.59
N ASN E 413 10.84 -129.29 -52.19
CA ASN E 413 10.69 -129.34 -53.63
C ASN E 413 10.78 -127.95 -54.25
N GLY E 414 10.87 -126.93 -53.40
CA GLY E 414 11.08 -125.57 -53.84
C GLY E 414 12.25 -125.42 -54.78
N ARG E 415 12.30 -124.25 -55.42
CA ARG E 415 13.23 -123.98 -56.52
C ARG E 415 14.67 -123.73 -56.02
N TYR E 416 15.66 -124.24 -56.76
CA TYR E 416 17.06 -124.35 -56.28
C TYR E 416 17.88 -123.04 -56.41
N TYR E 417 17.93 -122.24 -55.34
CA TYR E 417 18.66 -120.98 -55.38
C TYR E 417 20.14 -121.19 -55.11
N TRP E 418 20.94 -120.79 -56.10
CA TRP E 418 22.38 -120.89 -56.00
C TRP E 418 22.92 -120.01 -54.87
N GLY E 419 23.93 -120.50 -54.16
CA GLY E 419 24.48 -119.83 -52.97
C GLY E 419 23.63 -119.92 -51.72
N GLY E 420 22.45 -120.55 -51.84
CA GLY E 420 21.53 -120.69 -50.73
C GLY E 420 20.84 -119.40 -50.35
N GLN E 421 21.63 -118.37 -50.07
CA GLN E 421 21.11 -117.10 -49.60
C GLN E 421 20.23 -116.47 -50.67
N TYR E 422 19.02 -116.08 -50.31
CA TYR E 422 18.15 -115.42 -51.28
C TYR E 422 17.17 -114.47 -50.56
N THR E 423 16.28 -113.83 -51.32
CA THR E 423 15.43 -112.76 -50.79
C THR E 423 14.08 -112.68 -51.48
N TRP E 424 13.21 -111.84 -50.92
CA TRP E 424 11.84 -111.67 -51.40
C TRP E 424 11.78 -111.17 -52.84
N ASP E 425 12.65 -110.22 -53.18
CA ASP E 425 12.66 -109.61 -54.52
C ASP E 425 13.41 -110.50 -55.52
N MET E 426 13.90 -111.65 -55.05
CA MET E 426 14.40 -112.69 -55.93
C MET E 426 13.26 -113.68 -56.32
N ALA E 427 12.37 -114.00 -55.36
CA ALA E 427 11.25 -114.93 -55.62
C ALA E 427 10.33 -114.47 -56.76
N LYS E 428 9.96 -115.41 -57.63
CA LYS E 428 9.12 -115.09 -58.79
C LYS E 428 7.73 -114.60 -58.41
N HIS E 429 7.23 -115.03 -57.25
CA HIS E 429 5.94 -114.57 -56.73
C HIS E 429 6.05 -113.81 -55.41
N GLY E 430 7.28 -113.43 -55.05
CA GLY E 430 7.53 -112.68 -53.82
C GLY E 430 7.59 -113.55 -52.58
N THR E 431 7.15 -114.79 -52.72
CA THR E 431 7.06 -115.70 -51.60
C THR E 431 8.45 -116.21 -51.23
N ASP E 432 8.53 -117.21 -50.35
CA ASP E 432 9.81 -117.83 -50.04
C ASP E 432 9.86 -119.29 -50.54
N ASP E 433 9.69 -119.45 -51.86
CA ASP E 433 9.92 -120.74 -52.52
C ASP E 433 11.38 -121.20 -52.32
N GLY E 434 11.72 -122.36 -52.85
CA GLY E 434 13.08 -122.86 -52.69
C GLY E 434 13.30 -123.75 -51.48
N VAL E 435 14.53 -124.22 -51.38
CA VAL E 435 14.87 -125.35 -50.52
C VAL E 435 15.00 -124.94 -49.06
N VAL E 436 13.86 -124.67 -48.43
CA VAL E 436 13.83 -124.10 -47.08
C VAL E 436 13.39 -125.08 -46.02
N TRP E 437 14.10 -125.09 -44.90
CA TRP E 437 13.67 -125.77 -43.68
C TRP E 437 13.58 -124.68 -42.64
N MET E 438 12.56 -123.84 -42.78
CA MET E 438 12.40 -122.67 -41.90
C MET E 438 13.00 -122.94 -40.52
N ASN E 439 12.66 -124.08 -39.95
CA ASN E 439 13.04 -124.38 -38.59
C ASN E 439 14.56 -124.54 -38.41
N TRP E 440 15.31 -124.48 -39.51
CA TRP E 440 16.77 -124.44 -39.43
C TRP E 440 17.33 -123.06 -39.75
N LYS E 441 17.12 -122.62 -40.98
CA LYS E 441 17.77 -121.42 -41.51
C LYS E 441 16.80 -120.28 -41.76
N GLY E 442 15.52 -120.59 -41.92
CA GLY E 442 14.51 -119.58 -42.19
C GLY E 442 14.18 -119.50 -43.66
N SER E 443 13.00 -118.96 -43.96
CA SER E 443 12.48 -118.85 -45.32
C SER E 443 13.47 -118.50 -46.43
N TRP E 444 14.57 -117.82 -46.10
CA TRP E 444 15.40 -117.19 -47.11
C TRP E 444 16.75 -117.85 -47.32
N TYR E 445 16.74 -119.18 -47.27
CA TYR E 445 17.90 -119.95 -47.63
C TYR E 445 17.44 -121.14 -48.47
N SER E 446 18.22 -121.49 -49.49
CA SER E 446 17.91 -122.63 -50.35
C SER E 446 19.10 -123.60 -50.37
N MET E 447 19.02 -124.57 -49.46
CA MET E 447 20.08 -125.57 -49.21
C MET E 447 20.83 -126.02 -50.47
N ARG E 448 22.06 -126.46 -50.26
CA ARG E 448 22.80 -127.08 -51.34
C ARG E 448 22.20 -128.47 -51.59
N LYS E 449 21.91 -129.21 -50.50
CA LYS E 449 21.42 -130.59 -50.61
C LYS E 449 20.16 -130.90 -49.78
N MET E 450 19.21 -131.57 -50.42
CA MET E 450 18.08 -132.17 -49.70
C MET E 450 17.83 -133.57 -50.24
N SER E 451 17.42 -134.46 -49.34
CA SER E 451 17.06 -135.82 -49.68
C SER E 451 15.91 -136.28 -48.83
N MET E 452 15.04 -137.10 -49.41
CA MET E 452 14.06 -137.85 -48.63
C MET E 452 14.18 -139.31 -48.95
N LYS E 453 14.26 -140.12 -47.89
CA LYS E 453 14.47 -141.55 -48.03
C LYS E 453 13.73 -142.30 -46.93
N ILE E 454 13.28 -143.49 -47.26
CA ILE E 454 12.47 -144.25 -46.33
C ILE E 454 12.96 -145.67 -46.17
N ARG E 455 12.39 -146.35 -45.19
CA ARG E 455 12.80 -147.68 -44.81
C ARG E 455 11.69 -148.27 -43.93
N PRO E 456 11.57 -149.60 -43.86
CA PRO E 456 10.68 -150.20 -42.86
C PRO E 456 11.22 -150.04 -41.44
N PHE E 457 10.35 -150.18 -40.44
CA PHE E 457 10.69 -149.72 -39.09
C PHE E 457 11.61 -150.67 -38.26
N PHE E 458 11.19 -151.91 -38.02
CA PHE E 458 11.97 -152.90 -37.24
C PHE E 458 12.41 -152.39 -35.84
N ARG F 14 -22.84 43.62 -38.60
CA ARG F 14 -21.82 44.33 -37.78
C ARG F 14 -20.83 43.37 -37.13
N PHE F 15 -21.21 42.09 -37.05
CA PHE F 15 -20.36 41.04 -36.48
C PHE F 15 -19.58 40.31 -37.57
N GLY F 16 -19.66 40.83 -38.80
CA GLY F 16 -18.96 40.25 -39.95
C GLY F 16 -19.45 38.87 -40.34
N SER F 17 -18.59 38.13 -41.03
CA SER F 17 -18.87 36.74 -41.34
C SER F 17 -18.98 35.95 -40.04
N TYR F 18 -19.60 34.77 -40.12
CA TYR F 18 -19.91 33.92 -38.96
C TYR F 18 -19.14 32.59 -39.03
N CYS F 19 -18.79 32.04 -37.86
CA CYS F 19 -18.04 30.78 -37.77
C CYS F 19 -18.71 29.81 -36.80
N PRO F 20 -18.48 28.50 -36.99
CA PRO F 20 -19.10 27.53 -36.10
C PRO F 20 -18.53 27.60 -34.69
N THR F 21 -19.21 26.91 -33.78
CA THR F 21 -18.71 26.73 -32.43
C THR F 21 -17.58 25.72 -32.48
N THR F 22 -16.64 25.84 -31.55
CA THR F 22 -15.66 24.78 -31.33
C THR F 22 -16.36 23.52 -30.81
N CYS F 23 -17.52 23.71 -30.18
CA CYS F 23 -18.45 22.63 -29.87
C CYS F 23 -18.80 21.83 -31.13
N GLY F 24 -19.32 22.53 -32.13
CA GLY F 24 -19.62 21.92 -33.42
C GLY F 24 -18.43 21.21 -34.03
N ILE F 25 -17.23 21.73 -33.76
CA ILE F 25 -15.97 21.09 -34.14
C ILE F 25 -15.58 19.95 -33.19
N ALA F 26 -16.13 19.94 -31.97
CA ALA F 26 -15.92 18.85 -31.03
C ALA F 26 -16.63 17.58 -31.49
N ASP F 27 -17.69 17.74 -32.27
CA ASP F 27 -18.42 16.62 -32.88
C ASP F 27 -17.54 15.91 -33.90
N PHE F 28 -16.85 16.68 -34.73
CA PHE F 28 -15.92 16.13 -35.72
C PHE F 28 -14.53 15.94 -35.11
N LEU F 29 -14.48 15.60 -33.83
CA LEU F 29 -13.26 15.14 -33.18
C LEU F 29 -13.57 13.80 -32.52
N SER F 30 -14.61 13.79 -31.69
CA SER F 30 -15.12 12.57 -31.07
C SER F 30 -15.93 11.72 -32.06
N THR F 31 -16.67 12.38 -32.97
CA THR F 31 -17.34 11.70 -34.07
C THR F 31 -16.33 11.26 -35.12
N TYR F 32 -15.47 12.19 -35.54
CA TYR F 32 -14.43 11.92 -36.55
C TYR F 32 -13.54 10.74 -36.18
N GLN F 33 -13.26 10.57 -34.89
CA GLN F 33 -12.43 9.43 -34.44
C GLN F 33 -13.26 8.18 -34.09
N THR F 34 -14.45 8.07 -34.67
CA THR F 34 -15.31 6.90 -34.52
C THR F 34 -15.88 6.42 -35.87
N LYS F 35 -16.42 7.36 -36.67
CA LYS F 35 -17.08 7.02 -37.96
C LYS F 35 -16.15 6.33 -38.97
N VAL F 36 -14.85 6.48 -38.76
CA VAL F 36 -13.84 5.76 -39.52
C VAL F 36 -13.10 4.72 -38.66
N ASP F 37 -12.91 5.03 -37.37
CA ASP F 37 -12.07 4.21 -36.47
C ASP F 37 -12.56 2.77 -36.31
N LYS F 38 -13.87 2.54 -36.29
CA LYS F 38 -14.40 1.18 -36.20
C LYS F 38 -13.99 0.34 -37.41
N ASP F 39 -13.87 1.00 -38.57
CA ASP F 39 -13.39 0.33 -39.78
C ASP F 39 -11.90 0.04 -39.63
N LEU F 40 -11.15 1.03 -39.15
CA LEU F 40 -9.73 0.88 -38.90
C LEU F 40 -9.46 -0.23 -37.87
N GLN F 41 -10.26 -0.24 -36.80
CA GLN F 41 -10.23 -1.31 -35.80
C GLN F 41 -10.47 -2.66 -36.46
N SER F 42 -11.49 -2.72 -37.30
CA SER F 42 -11.80 -3.92 -38.09
C SER F 42 -10.69 -4.26 -39.10
N LEU F 43 -9.86 -3.29 -39.44
CA LEU F 43 -8.73 -3.49 -40.36
C LEU F 43 -7.40 -3.76 -39.63
N GLU F 44 -7.16 -3.08 -38.50
CA GLU F 44 -6.00 -3.38 -37.64
C GLU F 44 -5.93 -4.85 -37.27
N ASP F 45 -7.11 -5.41 -36.98
CA ASP F 45 -7.25 -6.83 -36.66
C ASP F 45 -6.77 -7.69 -37.82
N ILE F 46 -7.38 -7.50 -38.99
CA ILE F 46 -7.11 -8.32 -40.18
C ILE F 46 -5.62 -8.59 -40.43
N LEU F 47 -4.75 -7.60 -40.20
CA LEU F 47 -3.31 -7.78 -40.37
C LEU F 47 -2.72 -8.74 -39.33
N HIS F 48 -2.84 -8.38 -38.05
CA HIS F 48 -2.34 -9.22 -36.96
C HIS F 48 -3.15 -10.53 -36.83
N GLN F 49 -4.43 -10.48 -37.25
CA GLN F 49 -5.28 -11.68 -37.29
C GLN F 49 -4.90 -12.61 -38.44
N VAL F 50 -4.72 -12.08 -39.66
CA VAL F 50 -4.22 -12.91 -40.78
C VAL F 50 -2.70 -13.08 -40.75
N GLU F 51 -2.02 -12.48 -39.76
CA GLU F 51 -0.60 -12.78 -39.49
C GLU F 51 -0.47 -14.14 -38.78
N ASN F 52 -1.33 -14.39 -37.78
CA ASN F 52 -1.43 -15.71 -37.16
C ASN F 52 -2.11 -16.75 -38.07
N LYS F 53 -2.75 -16.29 -39.16
CA LYS F 53 -3.29 -17.17 -40.21
C LYS F 53 -2.38 -17.26 -41.46
N THR F 54 -1.55 -16.24 -41.69
CA THR F 54 -0.53 -16.32 -42.75
C THR F 54 0.64 -17.22 -42.30
N SER F 55 0.81 -17.33 -40.98
CA SER F 55 1.79 -18.24 -40.39
C SER F 55 1.41 -19.71 -40.60
N GLU F 56 0.10 -19.98 -40.69
CA GLU F 56 -0.42 -21.36 -40.89
C GLU F 56 0.08 -21.99 -42.19
N VAL F 57 0.15 -21.21 -43.26
CA VAL F 57 0.77 -21.67 -44.49
C VAL F 57 2.31 -21.63 -44.38
N LYS F 58 2.85 -20.60 -43.71
CA LYS F 58 4.30 -20.45 -43.54
C LYS F 58 4.93 -21.53 -42.64
N GLN F 59 4.27 -21.86 -41.52
CA GLN F 59 4.74 -22.93 -40.62
C GLN F 59 4.60 -24.32 -41.27
N LEU F 60 3.57 -24.48 -42.10
CA LEU F 60 3.29 -25.74 -42.79
C LEU F 60 4.26 -26.01 -43.96
N ILE F 61 4.88 -24.96 -44.51
CA ILE F 61 5.80 -25.10 -45.64
C ILE F 61 7.13 -25.77 -45.24
N LYS F 62 7.59 -25.55 -44.01
CA LYS F 62 8.82 -26.19 -43.52
C LYS F 62 8.69 -27.73 -43.45
N ALA F 63 7.45 -28.21 -43.32
CA ALA F 63 7.16 -29.66 -43.36
C ALA F 63 6.95 -30.22 -44.78
N ILE F 64 6.64 -29.34 -45.75
CA ILE F 64 6.46 -29.74 -47.15
C ILE F 64 7.74 -29.59 -47.98
N GLN F 65 8.74 -28.90 -47.41
CA GLN F 65 10.04 -28.70 -48.06
C GLN F 65 11.06 -29.82 -47.75
N LEU F 66 11.03 -30.32 -46.51
CA LEU F 66 12.00 -31.34 -46.06
C LEU F 66 11.77 -32.73 -46.67
N THR F 67 10.52 -33.18 -46.66
CA THR F 67 10.19 -34.57 -47.02
C THR F 67 10.20 -34.82 -48.53
N TYR F 68 9.31 -34.14 -49.26
CA TYR F 68 9.05 -34.45 -50.68
C TYR F 68 9.78 -33.46 -51.59
N ASN F 69 11.10 -33.45 -51.44
CA ASN F 69 11.98 -32.54 -52.18
C ASN F 69 12.24 -33.07 -53.61
N PRO F 70 13.03 -32.34 -54.44
CA PRO F 70 13.27 -32.76 -55.83
C PRO F 70 13.54 -34.25 -56.02
N ASP F 71 14.39 -34.84 -55.19
CA ASP F 71 14.60 -36.29 -55.18
C ASP F 71 13.80 -36.94 -54.05
N GLU F 72 12.47 -36.78 -54.10
CA GLU F 72 11.57 -37.37 -53.09
C GLU F 72 11.77 -38.88 -52.98
N SER F 73 12.22 -39.47 -54.09
CA SER F 73 12.66 -40.86 -54.10
C SER F 73 13.86 -40.95 -55.06
N SER F 74 15.05 -41.04 -54.50
CA SER F 74 16.27 -41.21 -55.30
C SER F 74 16.36 -42.59 -55.94
N LYS F 75 15.53 -43.54 -55.49
CA LYS F 75 15.42 -44.86 -56.12
C LYS F 75 14.68 -44.77 -57.46
N PRO F 76 14.92 -45.74 -58.37
CA PRO F 76 14.27 -45.75 -59.69
C PRO F 76 12.84 -46.29 -59.65
N ASN F 77 12.59 -47.29 -58.81
CA ASN F 77 11.26 -47.84 -58.61
C ASN F 77 10.23 -46.75 -58.41
N MET F 78 10.55 -45.79 -57.53
CA MET F 78 9.65 -44.68 -57.19
C MET F 78 8.34 -45.29 -56.64
N ILE F 79 7.40 -44.43 -56.28
CA ILE F 79 6.05 -44.87 -55.93
C ILE F 79 5.28 -45.38 -57.18
N ASP F 80 5.82 -45.11 -58.37
CA ASP F 80 5.11 -45.32 -59.63
C ASP F 80 5.49 -46.61 -60.35
N ALA F 81 6.75 -46.72 -60.75
CA ALA F 81 7.24 -47.92 -61.43
C ALA F 81 7.16 -49.08 -60.46
N ALA F 82 5.94 -49.56 -60.23
CA ALA F 82 5.65 -50.54 -59.18
C ALA F 82 6.37 -51.88 -59.41
N THR F 83 5.80 -52.73 -60.25
CA THR F 83 6.37 -54.05 -60.51
C THR F 83 7.58 -53.90 -61.44
N LEU F 84 8.63 -53.27 -60.92
CA LEU F 84 9.82 -52.95 -61.70
C LEU F 84 10.68 -54.18 -62.02
N LYS F 85 10.68 -55.15 -61.11
CA LYS F 85 11.53 -56.35 -61.25
C LYS F 85 10.78 -57.51 -61.91
N SER F 86 9.47 -57.37 -62.09
CA SER F 86 8.64 -58.42 -62.69
C SER F 86 8.83 -58.55 -64.21
N ARG F 87 9.09 -57.41 -64.86
CA ARG F 87 9.35 -57.37 -66.30
C ARG F 87 10.66 -58.06 -66.66
N LYS F 88 11.64 -58.01 -65.75
CA LYS F 88 12.96 -58.61 -65.97
C LYS F 88 12.88 -60.11 -66.19
N MET F 89 12.03 -60.77 -65.39
CA MET F 89 11.87 -62.22 -65.43
C MET F 89 11.02 -62.66 -66.63
N LEU F 90 10.08 -61.82 -67.07
CA LEU F 90 9.21 -62.10 -68.24
C LEU F 90 9.99 -62.63 -69.45
N GLU F 91 10.83 -61.78 -70.03
CA GLU F 91 11.62 -62.16 -71.21
C GLU F 91 12.50 -63.37 -70.91
N GLU F 92 13.02 -63.43 -69.69
CA GLU F 92 13.97 -64.46 -69.28
C GLU F 92 13.32 -65.84 -69.07
N ILE F 93 12.10 -65.86 -68.55
CA ILE F 93 11.38 -67.13 -68.28
C ILE F 93 10.99 -67.86 -69.56
N MET F 94 10.43 -67.12 -70.52
CA MET F 94 10.11 -67.70 -71.83
C MET F 94 11.39 -68.22 -72.51
N LYS F 95 12.52 -67.60 -72.18
CA LYS F 95 13.83 -68.02 -72.68
C LYS F 95 14.51 -69.13 -71.85
N TYR F 96 13.98 -69.40 -70.66
CA TYR F 96 14.47 -70.52 -69.81
C TYR F 96 13.66 -71.80 -70.00
N GLU F 97 12.39 -71.64 -70.40
CA GLU F 97 11.47 -72.77 -70.56
C GLU F 97 11.57 -73.47 -71.92
N ALA F 98 12.02 -72.75 -72.95
CA ALA F 98 12.11 -73.32 -74.31
C ALA F 98 13.06 -74.53 -74.36
N SER F 99 14.03 -74.56 -73.46
CA SER F 99 14.87 -75.74 -73.25
C SER F 99 14.04 -76.93 -72.77
N ILE F 100 12.95 -76.65 -72.05
CA ILE F 100 12.04 -77.69 -71.57
C ILE F 100 11.23 -78.33 -72.70
N LEU F 101 10.99 -77.59 -73.78
CA LEU F 101 10.33 -78.15 -74.98
C LEU F 101 11.26 -79.07 -75.81
N THR F 102 12.57 -79.04 -75.53
CA THR F 102 13.52 -79.97 -76.14
C THR F 102 13.75 -81.16 -75.22
N HIS F 103 13.46 -80.98 -73.94
CA HIS F 103 13.41 -82.11 -73.01
C HIS F 103 12.16 -82.95 -73.26
N ASP F 104 11.09 -82.32 -73.75
CA ASP F 104 9.82 -83.02 -74.05
C ASP F 104 9.93 -83.98 -75.25
N SER F 105 10.80 -83.64 -76.20
CA SER F 105 11.13 -84.55 -77.30
C SER F 105 12.19 -85.55 -76.84
N SER F 106 12.97 -85.17 -75.83
CA SER F 106 13.90 -86.07 -75.12
C SER F 106 13.21 -86.92 -74.04
N ILE F 107 11.90 -86.74 -73.88
CA ILE F 107 11.10 -87.59 -72.97
C ILE F 107 10.32 -88.65 -73.73
N ARG F 108 9.83 -88.34 -74.93
CA ARG F 108 9.19 -89.34 -75.78
C ARG F 108 10.14 -90.51 -76.03
N TYR F 109 11.43 -90.23 -76.17
CA TYR F 109 12.45 -91.27 -76.34
C TYR F 109 12.54 -92.21 -75.14
N LEU F 110 12.87 -91.65 -73.98
CA LEU F 110 13.08 -92.45 -72.77
C LEU F 110 11.79 -93.15 -72.30
N GLN F 111 10.69 -93.02 -73.06
CA GLN F 111 9.47 -93.78 -72.87
C GLN F 111 9.37 -94.91 -73.88
N GLU F 112 9.63 -94.60 -75.16
CA GLU F 112 9.60 -95.62 -76.21
C GLU F 112 10.70 -96.68 -76.02
N ILE F 113 11.70 -96.36 -75.18
CA ILE F 113 12.72 -97.33 -74.73
C ILE F 113 12.16 -98.27 -73.65
N TYR F 114 11.29 -97.76 -72.78
CA TYR F 114 10.51 -98.61 -71.86
C TYR F 114 9.50 -99.40 -72.68
N ASN F 115 8.78 -98.69 -73.54
CA ASN F 115 7.74 -99.27 -74.38
C ASN F 115 8.26 -100.42 -75.26
N SER F 116 9.57 -100.40 -75.52
CA SER F 116 10.27 -101.49 -76.21
C SER F 116 10.74 -102.58 -75.23
N ASN F 117 11.68 -102.23 -74.35
CA ASN F 117 12.17 -103.16 -73.33
C ASN F 117 11.07 -104.00 -72.70
N ASN F 118 9.95 -103.36 -72.38
CA ASN F 118 8.79 -104.04 -71.80
C ASN F 118 8.20 -105.03 -72.82
N GLN F 119 7.84 -104.55 -74.00
CA GLN F 119 7.13 -105.38 -75.00
C GLN F 119 7.97 -106.54 -75.52
N LYS F 120 9.29 -106.43 -75.43
CA LYS F 120 10.19 -107.52 -75.82
C LYS F 120 10.11 -108.68 -74.81
N ILE F 121 9.93 -108.34 -73.54
CA ILE F 121 9.95 -109.33 -72.48
C ILE F 121 8.83 -110.38 -72.61
N VAL F 122 7.64 -109.98 -73.03
CA VAL F 122 6.54 -110.94 -73.29
C VAL F 122 6.92 -111.97 -74.36
N ASN F 123 7.78 -111.55 -75.28
CA ASN F 123 8.22 -112.39 -76.40
C ASN F 123 9.46 -113.20 -76.01
N LEU F 124 10.18 -112.74 -74.99
CA LEU F 124 11.25 -113.54 -74.40
C LEU F 124 10.61 -114.55 -73.46
N LYS F 125 9.53 -114.14 -72.80
CA LYS F 125 8.73 -115.04 -71.93
C LYS F 125 8.24 -116.28 -72.68
N GLU F 126 7.79 -116.10 -73.92
CA GLU F 126 7.52 -117.25 -74.79
C GLU F 126 8.77 -118.12 -74.85
N LYS F 127 9.87 -117.55 -75.33
CA LYS F 127 11.12 -118.28 -75.49
C LYS F 127 11.49 -119.03 -74.22
N VAL F 128 11.26 -118.43 -73.06
CA VAL F 128 11.60 -119.08 -71.78
C VAL F 128 10.63 -120.22 -71.41
N ALA F 129 9.35 -120.09 -71.78
CA ALA F 129 8.35 -121.13 -71.50
C ALA F 129 8.58 -122.35 -72.38
N GLN F 130 9.12 -122.10 -73.57
CA GLN F 130 9.41 -123.14 -74.57
C GLN F 130 10.71 -123.86 -74.25
N LEU F 131 11.71 -123.10 -73.80
CA LEU F 131 12.96 -123.67 -73.34
C LEU F 131 12.72 -124.60 -72.15
N GLU F 132 11.79 -124.24 -71.27
CA GLU F 132 11.43 -125.09 -70.12
C GLU F 132 10.78 -126.39 -70.59
N ALA F 133 9.93 -126.31 -71.61
CA ALA F 133 9.31 -127.50 -72.20
C ALA F 133 10.33 -128.52 -72.73
N GLN F 134 11.57 -128.07 -72.94
CA GLN F 134 12.70 -128.95 -73.28
C GLN F 134 13.51 -129.38 -72.04
N CYS F 135 13.17 -128.86 -70.86
CA CYS F 135 13.89 -129.21 -69.63
C CYS F 135 12.99 -129.89 -68.63
N GLN F 136 12.19 -130.79 -69.18
CA GLN F 136 11.35 -131.69 -68.42
C GLN F 136 11.95 -133.08 -68.60
N GLU F 137 12.12 -133.49 -69.86
CA GLU F 137 12.61 -134.83 -70.23
C GLU F 137 13.93 -135.17 -69.53
N PRO F 138 14.04 -136.40 -69.01
CA PRO F 138 15.27 -136.81 -68.33
C PRO F 138 16.28 -137.41 -69.30
N CYS F 139 17.48 -137.67 -68.80
CA CYS F 139 18.52 -138.26 -69.63
C CYS F 139 17.99 -139.61 -70.10
N LYS F 140 18.03 -139.84 -71.41
CA LYS F 140 17.68 -141.15 -71.96
C LYS F 140 18.73 -142.17 -71.54
N ASP F 141 18.36 -143.12 -70.68
CA ASP F 141 19.27 -144.22 -70.34
C ASP F 141 19.31 -145.19 -71.50
N THR F 142 20.49 -145.31 -72.08
CA THR F 142 20.81 -146.33 -73.06
C THR F 142 20.17 -147.67 -72.67
N VAL F 143 20.53 -148.16 -71.49
CA VAL F 143 20.02 -149.43 -70.97
C VAL F 143 18.49 -149.31 -70.78
N GLN F 144 17.77 -149.66 -71.85
CA GLN F 144 16.31 -149.72 -71.86
C GLN F 144 15.90 -151.18 -71.90
N ILE F 145 14.78 -151.52 -71.24
CA ILE F 145 14.37 -152.92 -71.04
C ILE F 145 13.31 -153.34 -72.02
N HIS F 146 13.39 -154.58 -72.48
CA HIS F 146 12.44 -155.07 -73.47
C HIS F 146 11.08 -155.30 -72.85
N ASP F 147 10.09 -155.26 -73.71
CA ASP F 147 8.71 -155.13 -73.32
C ASP F 147 7.97 -156.46 -73.38
N ILE F 148 8.62 -157.51 -73.87
CA ILE F 148 7.95 -158.80 -74.08
C ILE F 148 8.43 -159.81 -73.06
N THR F 149 7.56 -160.77 -72.73
CA THR F 149 7.84 -161.70 -71.65
C THR F 149 6.99 -162.96 -71.67
N GLY F 150 7.55 -164.03 -71.12
CA GLY F 150 6.84 -165.27 -70.84
C GLY F 150 7.48 -166.04 -69.68
N LYS F 151 7.73 -167.34 -69.89
CA LYS F 151 8.33 -168.21 -68.87
C LYS F 151 9.87 -168.21 -68.90
N ASP F 152 10.45 -168.19 -70.09
CA ASP F 152 11.91 -168.07 -70.23
C ASP F 152 12.34 -167.61 -71.64
N CYS F 153 13.61 -167.19 -71.72
CA CYS F 153 14.22 -166.75 -72.97
C CYS F 153 13.73 -167.50 -74.18
N GLN F 154 13.64 -168.82 -74.05
CA GLN F 154 13.09 -169.60 -75.14
C GLN F 154 11.64 -169.20 -75.40
N ASP F 155 10.78 -169.35 -74.38
CA ASP F 155 9.37 -168.97 -74.54
C ASP F 155 9.28 -167.54 -75.08
N ILE F 156 10.13 -166.68 -74.52
CA ILE F 156 10.31 -165.31 -75.00
C ILE F 156 10.47 -165.29 -76.53
N ALA F 157 11.47 -166.02 -77.04
CA ALA F 157 11.75 -166.03 -78.46
C ALA F 157 10.59 -166.66 -79.22
N ASN F 158 9.94 -167.64 -78.58
CA ASN F 158 8.77 -168.32 -79.16
C ASN F 158 7.60 -167.38 -79.47
N LYS F 159 7.52 -166.28 -78.74
CA LYS F 159 6.45 -165.30 -78.94
C LYS F 159 6.81 -164.23 -79.98
N GLY F 160 8.10 -163.94 -80.19
CA GLY F 160 8.48 -162.98 -81.22
C GLY F 160 9.92 -162.50 -81.30
N ALA F 161 10.35 -161.73 -80.32
CA ALA F 161 11.54 -160.86 -80.46
C ALA F 161 12.86 -161.60 -80.61
N LYS F 162 13.83 -160.92 -81.22
CA LYS F 162 15.09 -161.54 -81.61
C LYS F 162 16.36 -160.77 -81.18
N GLN F 163 16.20 -159.64 -80.49
CA GLN F 163 17.36 -158.88 -80.03
C GLN F 163 17.86 -159.45 -78.71
N SER F 164 19.18 -159.54 -78.60
CA SER F 164 19.83 -160.14 -77.44
C SER F 164 20.00 -159.08 -76.35
N GLY F 165 18.93 -158.89 -75.59
CA GLY F 165 18.89 -157.89 -74.52
C GLY F 165 18.30 -158.42 -73.24
N LEU F 166 17.84 -157.52 -72.38
CA LEU F 166 17.36 -157.88 -71.04
C LEU F 166 15.84 -157.89 -70.97
N TYR F 167 15.30 -158.96 -70.38
CA TYR F 167 13.85 -159.18 -70.29
C TYR F 167 13.45 -159.67 -68.90
N PHE F 168 12.16 -159.51 -68.60
CA PHE F 168 11.56 -160.16 -67.45
C PHE F 168 11.00 -161.48 -67.93
N ILE F 169 10.93 -162.43 -67.00
CA ILE F 169 10.35 -163.74 -67.26
C ILE F 169 9.97 -164.36 -65.93
N LYS F 170 8.76 -164.92 -65.87
CA LYS F 170 8.27 -165.56 -64.65
C LYS F 170 8.07 -167.05 -64.88
N PRO F 171 9.04 -167.87 -64.45
CA PRO F 171 8.88 -169.31 -64.39
C PRO F 171 7.74 -169.73 -63.44
N LEU F 172 7.09 -170.84 -63.77
CA LEU F 172 5.79 -171.17 -63.18
C LEU F 172 5.78 -171.25 -61.64
N LYS F 173 6.79 -171.87 -61.06
CA LYS F 173 6.85 -172.02 -59.60
C LYS F 173 7.19 -170.71 -58.85
N ALA F 174 7.65 -169.69 -59.57
CA ALA F 174 8.14 -168.45 -58.94
C ALA F 174 7.02 -167.59 -58.35
N ASN F 175 7.29 -166.98 -57.19
CA ASN F 175 6.36 -166.06 -56.53
C ASN F 175 6.44 -164.67 -57.16
N GLN F 176 7.59 -164.03 -57.03
CA GLN F 176 7.88 -162.82 -57.79
C GLN F 176 8.53 -163.29 -59.08
N GLN F 177 9.23 -162.39 -59.76
CA GLN F 177 9.91 -162.71 -61.02
C GLN F 177 11.05 -161.72 -61.20
N PHE F 178 11.90 -161.96 -62.20
CA PHE F 178 13.13 -161.20 -62.32
C PHE F 178 13.66 -161.04 -63.73
N LEU F 179 14.71 -160.22 -63.82
CA LEU F 179 15.35 -159.87 -65.06
C LEU F 179 16.67 -160.64 -65.28
N VAL F 180 16.91 -161.03 -66.54
CA VAL F 180 18.05 -161.88 -66.90
C VAL F 180 18.42 -161.69 -68.37
N TYR F 181 19.71 -161.80 -68.69
CA TYR F 181 20.15 -161.54 -70.05
C TYR F 181 19.77 -162.70 -70.97
N CYS F 182 18.78 -162.47 -71.83
CA CYS F 182 18.43 -163.44 -72.85
C CYS F 182 19.24 -163.19 -74.10
N GLU F 183 20.04 -164.19 -74.48
CA GLU F 183 20.87 -164.15 -75.68
C GLU F 183 20.22 -164.98 -76.77
N ILE F 184 19.98 -164.38 -77.92
CA ILE F 184 19.40 -165.09 -79.04
C ILE F 184 20.38 -165.01 -80.22
N ASP F 185 20.28 -165.99 -81.11
CA ASP F 185 20.97 -165.96 -82.40
C ASP F 185 19.92 -165.99 -83.51
N GLY F 186 20.39 -165.93 -84.76
CA GLY F 186 19.51 -165.97 -85.93
C GLY F 186 18.67 -167.24 -86.03
N SER F 187 19.06 -168.28 -85.30
CA SER F 187 18.33 -169.54 -85.28
C SER F 187 17.12 -169.54 -84.33
N GLY F 188 16.97 -168.47 -83.54
CA GLY F 188 15.81 -168.31 -82.65
C GLY F 188 15.79 -169.14 -81.37
N ASN F 189 16.96 -169.28 -80.74
CA ASN F 189 17.10 -170.02 -79.47
C ASN F 189 17.22 -169.07 -78.28
N GLY F 190 16.67 -169.47 -77.13
CA GLY F 190 16.57 -168.59 -75.96
C GLY F 190 17.54 -168.88 -74.84
N TRP F 191 18.77 -168.34 -74.96
CA TRP F 191 19.85 -168.59 -74.00
C TRP F 191 19.80 -167.70 -72.75
N THR F 192 19.59 -168.31 -71.60
CA THR F 192 19.54 -167.56 -70.35
C THR F 192 20.85 -167.66 -69.59
N VAL F 193 21.66 -166.62 -69.69
CA VAL F 193 22.96 -166.65 -69.01
C VAL F 193 22.76 -166.53 -67.51
N PHE F 194 23.36 -167.42 -66.74
CA PHE F 194 23.36 -167.24 -65.30
C PHE F 194 24.74 -166.88 -64.79
N GLN F 195 25.72 -166.95 -65.67
CA GLN F 195 27.08 -166.60 -65.29
C GLN F 195 27.78 -165.99 -66.49
N LYS F 196 28.77 -165.15 -66.20
CA LYS F 196 29.50 -164.39 -67.20
C LYS F 196 30.83 -163.90 -66.60
N ARG F 197 31.86 -163.85 -67.42
CA ARG F 197 33.13 -163.25 -66.99
C ARG F 197 33.78 -162.55 -68.18
N LEU F 198 34.52 -161.47 -67.92
CA LEU F 198 35.18 -160.71 -68.99
C LEU F 198 36.12 -159.55 -68.55
N ASP F 199 36.70 -159.60 -67.35
CA ASP F 199 37.72 -158.60 -66.97
C ASP F 199 38.44 -158.78 -65.63
N GLY F 200 37.71 -159.18 -64.59
CA GLY F 200 38.25 -159.22 -63.22
C GLY F 200 37.71 -158.09 -62.36
N SER F 201 36.67 -157.43 -62.86
CA SER F 201 35.99 -156.33 -62.17
C SER F 201 35.25 -156.82 -60.93
N VAL F 202 34.21 -157.62 -61.17
CA VAL F 202 33.33 -158.13 -60.12
C VAL F 202 34.13 -159.02 -59.19
N ASP F 203 33.79 -158.98 -57.91
CA ASP F 203 34.41 -159.89 -56.94
C ASP F 203 33.67 -161.21 -57.01
N PHE F 204 34.38 -162.30 -56.71
CA PHE F 204 33.81 -163.64 -56.62
C PHE F 204 34.44 -164.34 -55.42
N LYS F 205 34.34 -163.70 -54.26
CA LYS F 205 34.64 -164.32 -52.98
C LYS F 205 33.44 -164.00 -52.09
N LYS F 206 32.25 -164.19 -52.67
CA LYS F 206 31.00 -163.80 -52.02
C LYS F 206 30.55 -164.91 -51.05
N ASN F 207 29.58 -164.58 -50.20
CA ASN F 207 29.01 -165.59 -49.32
C ASN F 207 27.73 -166.20 -49.90
N TRP F 208 27.26 -167.21 -49.20
CA TRP F 208 26.08 -167.96 -49.59
C TRP F 208 25.02 -167.05 -50.20
N ILE F 209 24.60 -166.08 -49.41
CA ILE F 209 23.36 -165.35 -49.66
C ILE F 209 23.44 -164.54 -50.93
N GLN F 210 24.60 -163.91 -51.09
CA GLN F 210 24.93 -163.22 -52.32
C GLN F 210 24.64 -164.19 -53.48
N TYR F 211 25.40 -165.29 -53.51
CA TYR F 211 25.21 -166.36 -54.49
C TYR F 211 23.78 -166.87 -54.57
N LYS F 212 23.07 -166.82 -53.44
CA LYS F 212 21.69 -167.26 -53.39
C LYS F 212 20.78 -166.48 -54.36
N GLU F 213 20.96 -165.15 -54.35
CA GLU F 213 20.17 -164.26 -55.19
C GLU F 213 21.00 -163.60 -56.31
N GLY F 214 22.32 -163.73 -56.23
CA GLY F 214 23.19 -163.23 -57.29
C GLY F 214 23.83 -161.90 -56.94
N PHE F 215 24.55 -161.34 -57.92
CA PHE F 215 25.29 -160.09 -57.75
C PHE F 215 25.87 -159.67 -59.11
N GLY F 216 26.59 -158.55 -59.15
CA GLY F 216 27.08 -157.99 -60.42
C GLY F 216 25.94 -157.36 -61.20
N HIS F 217 26.26 -156.87 -62.40
CA HIS F 217 25.29 -156.13 -63.20
C HIS F 217 25.10 -156.74 -64.57
N LEU F 218 24.00 -156.36 -65.22
CA LEU F 218 23.61 -156.91 -66.51
C LEU F 218 23.81 -155.83 -67.59
N SER F 219 23.70 -156.21 -68.86
CA SER F 219 23.88 -155.26 -69.99
C SER F 219 23.05 -155.68 -71.21
N PRO F 220 22.57 -154.70 -72.01
CA PRO F 220 21.80 -155.04 -73.23
C PRO F 220 22.64 -155.42 -74.46
N THR F 221 23.97 -155.32 -74.34
CA THR F 221 24.90 -155.85 -75.34
C THR F 221 25.60 -157.12 -74.85
N GLY F 222 25.54 -157.38 -73.54
CA GLY F 222 26.23 -158.52 -72.94
C GLY F 222 27.70 -158.22 -72.79
N THR F 223 28.00 -157.31 -71.87
CA THR F 223 29.33 -156.71 -71.77
C THR F 223 29.68 -156.41 -70.29
N THR F 224 29.39 -157.38 -69.42
CA THR F 224 29.27 -157.11 -67.97
C THR F 224 29.34 -158.39 -67.13
N GLU F 225 30.31 -158.45 -66.20
CA GLU F 225 30.48 -159.62 -65.31
C GLU F 225 29.33 -159.77 -64.34
N PHE F 226 28.88 -161.01 -64.07
CA PHE F 226 27.86 -161.28 -63.02
C PHE F 226 27.66 -162.75 -62.60
N TRP F 227 26.82 -162.96 -61.58
CA TRP F 227 26.31 -164.27 -61.19
C TRP F 227 24.84 -164.17 -60.85
N LEU F 228 24.01 -164.94 -61.52
CA LEU F 228 22.57 -164.72 -61.45
C LEU F 228 21.92 -165.07 -60.10
N GLY F 229 22.38 -166.13 -59.46
CA GLY F 229 21.82 -166.57 -58.17
C GLY F 229 21.27 -167.99 -58.21
N ASN F 230 21.61 -168.77 -57.20
CA ASN F 230 21.25 -170.18 -57.18
C ASN F 230 19.77 -170.36 -57.05
N GLU F 231 19.18 -169.59 -56.15
CA GLU F 231 17.75 -169.60 -56.03
C GLU F 231 17.12 -169.32 -57.37
N LYS F 232 17.75 -168.42 -58.11
CA LYS F 232 17.27 -168.05 -59.43
C LYS F 232 17.52 -169.21 -60.39
N ILE F 233 18.78 -169.61 -60.54
CA ILE F 233 19.12 -170.70 -61.47
C ILE F 233 18.16 -171.89 -61.26
N HIS F 234 18.12 -172.39 -60.02
CA HIS F 234 17.32 -173.55 -59.69
C HIS F 234 15.88 -173.41 -60.15
N LEU F 235 15.26 -172.29 -59.80
CA LEU F 235 13.83 -172.11 -60.10
C LEU F 235 13.54 -172.23 -61.59
N ILE F 236 14.54 -171.94 -62.42
CA ILE F 236 14.40 -172.06 -63.86
C ILE F 236 14.48 -173.52 -64.30
N SER F 237 15.64 -174.13 -64.05
CA SER F 237 16.00 -175.46 -64.57
C SER F 237 15.00 -176.55 -64.22
N THR F 238 14.45 -176.46 -63.00
CA THR F 238 13.49 -177.43 -62.50
C THR F 238 12.06 -176.97 -62.74
N GLN F 239 11.83 -176.34 -63.88
CA GLN F 239 10.50 -175.87 -64.20
C GLN F 239 9.71 -177.02 -64.79
N SER F 240 8.81 -177.55 -63.97
CA SER F 240 7.73 -178.43 -64.42
C SER F 240 8.17 -179.61 -65.30
N ALA F 241 9.36 -180.15 -65.02
CA ALA F 241 9.83 -181.41 -65.63
C ALA F 241 10.34 -181.30 -67.08
N ILE F 242 10.02 -180.21 -67.78
CA ILE F 242 10.57 -180.02 -69.12
C ILE F 242 12.06 -179.78 -68.94
N PRO F 243 12.88 -180.59 -69.62
CA PRO F 243 14.29 -180.65 -69.28
C PRO F 243 15.12 -179.56 -69.96
N TYR F 244 16.15 -179.10 -69.27
CA TYR F 244 17.04 -178.06 -69.80
C TYR F 244 18.39 -178.62 -70.13
N ALA F 245 19.03 -178.02 -71.13
CA ALA F 245 20.44 -178.23 -71.41
C ALA F 245 21.20 -176.94 -71.08
N LEU F 246 22.51 -177.02 -70.94
CA LEU F 246 23.33 -175.84 -70.69
C LEU F 246 24.48 -175.73 -71.71
N ARG F 247 25.07 -174.54 -71.85
CA ARG F 247 26.30 -174.38 -72.64
C ARG F 247 27.33 -173.62 -71.83
N VAL F 248 28.61 -173.87 -72.09
CA VAL F 248 29.69 -173.24 -71.32
C VAL F 248 30.81 -172.81 -72.24
N GLU F 249 30.98 -171.50 -72.43
CA GLU F 249 32.05 -171.00 -73.30
C GLU F 249 33.27 -170.56 -72.51
N LEU F 250 34.44 -170.75 -73.11
CA LEU F 250 35.70 -170.24 -72.58
C LEU F 250 36.48 -169.59 -73.73
N GLU F 251 37.29 -168.58 -73.40
CA GLU F 251 38.30 -168.06 -74.34
C GLU F 251 39.60 -167.76 -73.62
N ASP F 252 40.71 -167.97 -74.31
CA ASP F 252 42.04 -167.77 -73.75
C ASP F 252 42.49 -166.33 -74.01
N TRP F 253 43.68 -165.97 -73.53
CA TRP F 253 44.25 -164.64 -73.76
C TRP F 253 44.71 -164.44 -75.20
N ASN F 254 44.55 -165.48 -76.02
CA ASN F 254 44.89 -165.46 -77.43
C ASN F 254 43.66 -165.38 -78.35
N GLY F 255 42.48 -165.65 -77.80
CA GLY F 255 41.20 -165.44 -78.50
C GLY F 255 40.66 -166.67 -79.23
N ARG F 256 40.67 -167.82 -78.54
CA ARG F 256 40.13 -169.08 -79.09
C ARG F 256 38.94 -169.56 -78.25
N THR F 257 37.86 -169.95 -78.93
CA THR F 257 36.60 -170.32 -78.28
C THR F 257 36.39 -171.83 -78.17
N SER F 258 35.84 -172.25 -77.03
CA SER F 258 35.54 -173.65 -76.76
C SER F 258 34.22 -173.74 -76.01
N THR F 259 33.27 -174.49 -76.56
CA THR F 259 31.92 -174.59 -76.02
C THR F 259 31.63 -176.01 -75.55
N ALA F 260 31.30 -176.19 -74.26
CA ALA F 260 31.11 -177.54 -73.65
C ALA F 260 29.72 -177.75 -73.06
N ASP F 261 28.94 -178.65 -73.65
CA ASP F 261 27.53 -178.81 -73.29
C ASP F 261 27.26 -179.95 -72.29
N TYR F 262 26.13 -179.84 -71.58
CA TYR F 262 25.68 -180.87 -70.65
C TYR F 262 24.16 -180.99 -70.78
N ALA F 263 23.66 -182.23 -70.72
CA ALA F 263 22.23 -182.47 -70.93
C ALA F 263 21.45 -182.64 -69.62
N MET F 264 20.13 -182.56 -69.73
CA MET F 264 19.20 -182.57 -68.60
C MET F 264 19.80 -181.87 -67.36
N PHE F 265 20.17 -180.61 -67.58
CA PHE F 265 20.76 -179.78 -66.56
C PHE F 265 19.69 -179.37 -65.57
N LYS F 266 19.95 -179.57 -64.28
CA LYS F 266 19.04 -179.17 -63.21
C LYS F 266 19.85 -178.72 -61.99
N VAL F 267 19.34 -177.72 -61.28
CA VAL F 267 19.98 -177.28 -60.04
C VAL F 267 19.06 -177.43 -58.83
N GLY F 268 19.66 -177.81 -57.71
CA GLY F 268 18.88 -178.26 -56.56
C GLY F 268 18.35 -177.10 -55.77
N PRO F 269 17.29 -177.33 -54.98
CA PRO F 269 16.83 -176.27 -54.10
C PRO F 269 17.67 -176.20 -52.84
N GLU F 270 17.38 -175.17 -52.04
CA GLU F 270 18.25 -174.76 -50.95
C GLU F 270 18.37 -175.79 -49.83
N ALA F 271 17.27 -176.43 -49.49
CA ALA F 271 17.32 -177.54 -48.53
C ALA F 271 18.34 -178.56 -49.01
N ASP F 272 18.42 -178.75 -50.33
CA ASP F 272 19.45 -179.60 -50.94
C ASP F 272 20.72 -178.83 -51.31
N LYS F 273 20.99 -177.71 -50.63
CA LYS F 273 22.24 -176.95 -50.86
C LYS F 273 22.54 -176.79 -52.35
N TYR F 274 21.49 -176.48 -53.11
CA TYR F 274 21.59 -176.09 -54.51
C TYR F 274 22.46 -177.04 -55.33
N ARG F 275 22.22 -178.34 -55.14
CA ARG F 275 22.97 -179.36 -55.83
C ARG F 275 22.86 -179.22 -57.35
N LEU F 276 23.91 -179.67 -58.04
CA LEU F 276 23.97 -179.61 -59.49
C LEU F 276 23.83 -181.01 -60.06
N THR F 277 22.97 -181.17 -61.06
CA THR F 277 22.85 -182.44 -61.76
C THR F 277 22.67 -182.32 -63.27
N TYR F 278 23.49 -183.07 -64.00
CA TYR F 278 23.29 -183.30 -65.42
C TYR F 278 23.20 -184.81 -65.69
N ALA F 279 22.73 -185.15 -66.88
CA ALA F 279 22.69 -186.54 -67.32
C ALA F 279 24.04 -186.95 -67.93
N TYR F 280 24.49 -186.21 -68.95
CA TYR F 280 25.76 -186.51 -69.60
C TYR F 280 26.30 -185.34 -70.36
N PHE F 281 27.58 -185.10 -70.21
CA PHE F 281 28.29 -184.25 -71.13
C PHE F 281 27.88 -184.68 -72.53
N ALA F 282 27.55 -183.72 -73.37
CA ALA F 282 27.02 -184.03 -74.70
C ALA F 282 27.75 -183.28 -75.81
N GLY F 283 29.06 -183.09 -75.63
CA GLY F 283 29.93 -182.61 -76.70
C GLY F 283 30.56 -181.27 -76.43
N GLY F 284 31.59 -180.93 -77.22
CA GLY F 284 32.23 -179.63 -77.13
C GLY F 284 33.74 -179.68 -77.01
N ASP F 285 34.40 -178.94 -77.89
CA ASP F 285 35.86 -178.82 -77.89
C ASP F 285 36.45 -178.53 -76.50
N ALA F 286 35.73 -177.73 -75.72
CA ALA F 286 36.09 -177.49 -74.32
C ALA F 286 36.47 -178.81 -73.64
N GLY F 287 35.55 -179.77 -73.65
CA GLY F 287 35.82 -181.08 -73.07
C GLY F 287 35.32 -181.19 -71.65
N ASP F 288 34.84 -182.37 -71.31
CA ASP F 288 34.09 -182.61 -70.08
C ASP F 288 34.94 -182.55 -68.81
N ALA F 289 35.16 -181.34 -68.32
CA ALA F 289 35.90 -181.18 -67.08
C ALA F 289 35.03 -181.62 -65.90
N PHE F 290 33.71 -181.57 -66.06
CA PHE F 290 32.84 -181.89 -64.95
C PHE F 290 32.99 -183.32 -64.50
N ASP F 291 33.06 -184.25 -65.44
CA ASP F 291 33.22 -185.67 -65.08
C ASP F 291 34.54 -185.92 -64.37
N GLY F 292 35.39 -184.89 -64.31
CA GLY F 292 36.66 -184.93 -63.59
C GLY F 292 37.86 -184.86 -64.52
N PHE F 293 39.04 -184.82 -63.91
CA PHE F 293 40.30 -184.82 -64.67
C PHE F 293 41.35 -185.59 -63.89
N ASP F 294 42.07 -186.47 -64.58
CA ASP F 294 43.10 -187.25 -63.94
C ASP F 294 44.45 -186.52 -63.99
N PHE F 295 44.80 -185.85 -62.90
CA PHE F 295 46.01 -185.03 -62.82
C PHE F 295 47.25 -185.87 -62.50
N GLY F 296 47.11 -186.89 -61.67
CA GLY F 296 48.19 -187.83 -61.40
C GLY F 296 49.08 -187.54 -60.20
N ASP F 297 48.67 -186.57 -59.38
CA ASP F 297 49.29 -186.35 -58.06
C ASP F 297 48.76 -187.44 -57.17
N ASP F 298 47.65 -188.01 -57.62
CA ASP F 298 47.08 -189.22 -57.06
C ASP F 298 46.22 -189.91 -58.13
N PRO F 299 46.00 -191.23 -58.00
CA PRO F 299 45.01 -191.89 -58.85
C PRO F 299 43.61 -191.28 -58.77
N SER F 300 43.15 -191.07 -57.54
CA SER F 300 41.78 -190.64 -57.26
C SER F 300 41.44 -189.23 -57.75
N ASP F 301 42.44 -188.55 -58.31
CA ASP F 301 42.28 -187.21 -58.87
C ASP F 301 40.95 -187.04 -59.58
N LYS F 302 40.68 -187.88 -60.57
CA LYS F 302 39.48 -187.71 -61.41
C LYS F 302 38.19 -187.69 -60.58
N PHE F 303 38.01 -188.71 -59.73
CA PHE F 303 36.77 -188.90 -58.96
C PHE F 303 36.43 -187.72 -58.04
N PHE F 304 37.38 -187.36 -57.18
CA PHE F 304 37.18 -186.30 -56.19
C PHE F 304 36.98 -184.93 -56.81
N THR F 305 37.32 -184.80 -58.09
CA THR F 305 37.26 -183.53 -58.77
C THR F 305 36.21 -183.52 -59.85
N SER F 306 35.29 -184.48 -59.82
CA SER F 306 34.13 -184.39 -60.68
C SER F 306 33.16 -183.46 -59.97
N HIS F 307 32.14 -183.01 -60.69
CA HIS F 307 31.12 -182.17 -60.08
C HIS F 307 29.71 -182.74 -60.11
N ASN F 308 29.40 -183.70 -60.99
CA ASN F 308 27.99 -184.11 -61.08
C ASN F 308 27.45 -184.41 -59.69
N GLY F 309 26.21 -184.02 -59.46
CA GLY F 309 25.59 -184.25 -58.18
C GLY F 309 26.35 -183.65 -57.01
N MET F 310 26.84 -182.43 -57.18
CA MET F 310 27.49 -181.75 -56.09
C MET F 310 26.61 -180.65 -55.53
N GLN F 311 26.71 -180.51 -54.22
CA GLN F 311 26.06 -179.42 -53.53
C GLN F 311 27.01 -178.22 -53.55
N PHE F 312 26.44 -177.04 -53.34
CA PHE F 312 27.18 -175.79 -53.49
C PHE F 312 27.91 -175.39 -52.20
N SER F 313 29.06 -174.73 -52.36
CA SER F 313 29.89 -174.31 -51.23
C SER F 313 30.22 -172.81 -51.26
N THR F 314 30.49 -172.27 -50.09
CA THR F 314 31.03 -170.93 -49.90
C THR F 314 31.85 -170.94 -48.61
N TRP F 315 32.55 -169.85 -48.33
CA TRP F 315 33.36 -169.77 -47.10
C TRP F 315 32.49 -169.91 -45.84
N ASP F 316 31.31 -169.28 -45.83
CA ASP F 316 30.39 -169.36 -44.69
C ASP F 316 29.60 -170.68 -44.69
N ASN F 317 29.56 -171.34 -45.85
CA ASN F 317 28.69 -172.51 -46.08
C ASN F 317 29.40 -173.65 -46.85
N ASP F 318 29.99 -174.59 -46.09
CA ASP F 318 30.69 -175.75 -46.66
C ASP F 318 29.74 -176.90 -47.00
N ASN F 319 29.57 -177.22 -48.27
CA ASN F 319 28.90 -178.45 -48.67
C ASN F 319 29.71 -179.16 -49.74
N ASP F 320 31.00 -179.33 -49.42
CA ASP F 320 31.96 -179.99 -50.28
C ASP F 320 32.49 -181.22 -49.57
N LYS F 321 33.07 -182.13 -50.36
CA LYS F 321 33.54 -183.42 -49.85
C LYS F 321 34.96 -183.35 -49.28
N PHE F 322 35.44 -182.15 -49.00
CA PHE F 322 36.76 -181.97 -48.40
C PHE F 322 36.63 -182.25 -46.91
N GLU F 323 37.59 -181.78 -46.11
CA GLU F 323 37.41 -181.75 -44.66
C GLU F 323 37.26 -180.30 -44.24
N GLY F 324 38.20 -179.47 -44.70
CA GLY F 324 38.16 -178.04 -44.40
C GLY F 324 37.11 -177.30 -45.22
N ASN F 325 37.58 -176.61 -46.26
CA ASN F 325 36.69 -175.81 -47.10
C ASN F 325 37.36 -175.39 -48.42
N CYS F 326 36.89 -175.94 -49.53
CA CYS F 326 37.40 -175.58 -50.85
C CYS F 326 37.25 -174.09 -51.07
N ALA F 327 36.00 -173.63 -51.07
CA ALA F 327 35.65 -172.23 -51.33
C ALA F 327 36.58 -171.26 -50.60
N GLU F 328 36.68 -171.45 -49.29
CA GLU F 328 37.60 -170.68 -48.46
C GLU F 328 38.96 -170.61 -49.14
N GLN F 329 39.61 -171.77 -49.28
CA GLN F 329 40.98 -171.85 -49.82
C GLN F 329 41.10 -171.32 -51.24
N ASP F 330 40.10 -171.62 -52.06
CA ASP F 330 40.07 -171.20 -53.46
C ASP F 330 39.35 -169.86 -53.69
N GLY F 331 39.00 -169.15 -52.61
CA GLY F 331 38.39 -167.83 -52.71
C GLY F 331 37.29 -167.79 -53.75
N SER F 332 36.21 -168.52 -53.49
CA SER F 332 35.16 -168.72 -54.48
C SER F 332 33.88 -169.28 -53.92
N GLY F 333 32.84 -169.22 -54.73
CA GLY F 333 31.66 -170.07 -54.57
C GLY F 333 31.52 -170.95 -55.81
N TRP F 334 31.33 -172.26 -55.57
CA TRP F 334 31.33 -173.25 -56.66
C TRP F 334 30.88 -174.61 -56.14
N TRP F 335 30.55 -175.52 -57.07
CA TRP F 335 30.15 -176.87 -56.71
C TRP F 335 31.39 -177.63 -56.32
N MET F 336 31.83 -177.40 -55.10
CA MET F 336 33.08 -177.95 -54.65
C MET F 336 32.89 -179.36 -54.13
N ASN F 337 33.86 -180.19 -54.50
CA ASN F 337 33.87 -181.62 -54.20
C ASN F 337 35.13 -181.90 -53.35
N LYS F 338 36.24 -182.24 -54.00
CA LYS F 338 37.55 -182.24 -53.35
C LYS F 338 38.64 -182.09 -54.42
N CYS F 339 38.75 -180.92 -55.06
CA CYS F 339 37.81 -179.79 -54.93
C CYS F 339 37.10 -179.43 -56.24
N HIS F 340 37.85 -179.38 -57.35
CA HIS F 340 37.27 -178.99 -58.63
C HIS F 340 38.18 -179.26 -59.81
N ALA F 341 37.59 -179.22 -60.99
CA ALA F 341 38.31 -179.25 -62.26
C ALA F 341 37.59 -178.38 -63.31
N GLY F 342 36.82 -177.41 -62.84
CA GLY F 342 36.08 -176.51 -63.71
C GLY F 342 35.71 -175.21 -63.00
N HIS F 343 36.62 -174.74 -62.17
CA HIS F 343 36.36 -173.63 -61.25
C HIS F 343 36.10 -172.30 -61.97
N LEU F 344 34.98 -172.23 -62.69
CA LEU F 344 34.61 -171.03 -63.47
C LEU F 344 34.25 -169.79 -62.63
N ASN F 345 34.25 -169.94 -61.31
CA ASN F 345 33.97 -168.83 -60.42
C ASN F 345 35.13 -168.68 -59.46
N GLY F 346 36.31 -168.45 -60.03
CA GLY F 346 37.53 -168.22 -59.25
C GLY F 346 38.18 -166.86 -59.48
N VAL F 347 39.45 -166.77 -59.12
CA VAL F 347 40.27 -165.56 -59.29
C VAL F 347 40.44 -165.24 -60.79
N TYR F 348 40.26 -163.96 -61.15
CA TYR F 348 40.57 -163.50 -62.50
C TYR F 348 42.02 -163.05 -62.52
N TYR F 349 42.93 -164.01 -62.68
CA TYR F 349 44.34 -163.67 -62.87
C TYR F 349 44.53 -163.14 -64.27
N GLN F 350 45.62 -162.39 -64.47
CA GLN F 350 45.93 -161.73 -65.74
C GLN F 350 47.11 -162.43 -66.40
N GLY F 351 46.96 -162.77 -67.68
CA GLY F 351 47.97 -163.55 -68.41
C GLY F 351 47.64 -165.04 -68.38
N GLY F 352 46.88 -165.45 -67.38
CA GLY F 352 46.41 -166.82 -67.31
C GLY F 352 47.29 -167.62 -66.39
N THR F 353 48.56 -167.73 -66.75
CA THR F 353 49.51 -168.45 -65.91
C THR F 353 49.79 -167.67 -64.65
N TYR F 354 49.96 -168.42 -63.57
CA TYR F 354 50.22 -167.87 -62.26
C TYR F 354 50.76 -169.01 -61.43
N SER F 355 51.49 -168.68 -60.37
CA SER F 355 52.16 -169.70 -59.58
C SER F 355 51.65 -169.65 -58.15
N LYS F 356 52.27 -170.46 -57.29
CA LYS F 356 51.93 -170.51 -55.86
C LYS F 356 51.85 -169.12 -55.21
N ALA F 357 52.85 -168.28 -55.49
CA ALA F 357 52.93 -166.94 -54.90
C ALA F 357 51.67 -166.10 -55.16
N SER F 358 51.19 -166.16 -56.40
CA SER F 358 49.93 -165.51 -56.78
C SER F 358 48.76 -166.08 -55.97
N THR F 359 48.80 -167.39 -55.70
CA THR F 359 47.77 -168.08 -54.93
C THR F 359 47.86 -167.71 -53.44
N PRO F 360 46.80 -167.99 -52.67
CA PRO F 360 46.79 -167.55 -51.28
C PRO F 360 47.60 -168.47 -50.35
N ASN F 361 47.09 -169.68 -50.12
CA ASN F 361 47.65 -170.60 -49.13
C ASN F 361 48.39 -171.79 -49.74
N GLY F 362 48.52 -171.78 -51.07
CA GLY F 362 49.36 -172.76 -51.76
C GLY F 362 48.64 -173.82 -52.58
N TYR F 363 47.52 -173.44 -53.18
CA TYR F 363 46.82 -174.29 -54.15
C TYR F 363 46.25 -173.40 -55.24
N ASP F 364 46.15 -173.93 -56.46
CA ASP F 364 45.64 -173.14 -57.60
C ASP F 364 44.16 -172.79 -57.43
N ASN F 365 43.80 -171.55 -57.72
CA ASN F 365 42.42 -171.09 -57.54
C ASN F 365 41.83 -170.29 -58.70
N GLY F 366 42.43 -170.47 -59.89
CA GLY F 366 42.08 -169.65 -61.04
C GLY F 366 40.73 -169.97 -61.64
N ILE F 367 40.50 -169.46 -62.85
CA ILE F 367 39.35 -169.83 -63.65
C ILE F 367 39.76 -170.97 -64.58
N ILE F 368 39.69 -172.19 -64.08
CA ILE F 368 40.23 -173.35 -64.77
C ILE F 368 39.15 -174.21 -65.43
N TRP F 369 39.59 -175.08 -66.32
CA TRP F 369 38.74 -176.09 -66.95
C TRP F 369 39.66 -177.23 -67.45
N ALA F 370 40.10 -178.05 -66.50
CA ALA F 370 41.20 -178.99 -66.70
C ALA F 370 41.22 -179.65 -68.08
N THR F 371 40.05 -180.03 -68.61
CA THR F 371 40.00 -180.64 -69.93
C THR F 371 40.63 -179.76 -71.00
N TRP F 372 40.12 -178.53 -71.13
CA TRP F 372 40.54 -177.64 -72.23
C TRP F 372 41.87 -176.92 -71.97
N LYS F 373 42.24 -176.79 -70.71
CA LYS F 373 43.50 -176.13 -70.33
C LYS F 373 44.02 -176.62 -68.98
N THR F 374 45.33 -176.52 -68.80
CA THR F 374 45.97 -176.93 -67.55
C THR F 374 45.42 -176.19 -66.34
N ARG F 375 45.75 -176.70 -65.16
CA ARG F 375 45.27 -176.12 -63.92
C ARG F 375 45.73 -174.66 -63.78
N TRP F 376 47.03 -174.44 -63.95
CA TRP F 376 47.61 -173.13 -63.67
C TRP F 376 47.49 -172.21 -64.85
N TYR F 377 46.25 -172.03 -65.29
CA TYR F 377 45.95 -171.06 -66.32
C TYR F 377 44.52 -170.64 -66.17
N SER F 378 44.33 -169.40 -65.72
CA SER F 378 43.01 -168.80 -65.60
C SER F 378 42.55 -168.37 -66.98
N MET F 379 41.30 -167.95 -67.09
CA MET F 379 40.67 -167.74 -68.39
C MET F 379 40.41 -166.26 -68.69
N LYS F 380 39.80 -166.01 -69.83
CA LYS F 380 39.53 -164.64 -70.31
C LYS F 380 38.05 -164.29 -70.22
N LYS F 381 37.21 -165.00 -70.98
CA LYS F 381 35.75 -164.80 -70.97
C LYS F 381 35.06 -166.12 -70.66
N THR F 382 34.19 -166.11 -69.65
CA THR F 382 33.47 -167.32 -69.25
C THR F 382 31.99 -167.04 -69.19
N THR F 383 31.22 -167.78 -69.96
CA THR F 383 29.78 -167.59 -69.99
C THR F 383 29.07 -168.93 -69.79
N MET F 384 28.20 -169.02 -68.77
CA MET F 384 27.38 -170.21 -68.53
C MET F 384 25.92 -169.85 -68.71
N LYS F 385 25.21 -170.60 -69.53
CA LYS F 385 23.81 -170.31 -69.76
C LYS F 385 23.04 -171.60 -69.90
N ILE F 386 21.73 -171.50 -70.02
CA ILE F 386 20.87 -172.66 -70.10
C ILE F 386 19.81 -172.49 -71.19
N ILE F 387 19.15 -173.59 -71.56
CA ILE F 387 18.22 -173.59 -72.69
C ILE F 387 17.46 -174.94 -72.71
N PRO F 388 16.20 -174.97 -73.19
CA PRO F 388 15.51 -176.27 -73.18
C PRO F 388 16.19 -177.28 -74.10
N PHE F 389 16.00 -178.57 -73.80
CA PHE F 389 16.69 -179.63 -74.54
C PHE F 389 16.18 -179.77 -75.96
N ASN F 390 14.85 -179.75 -76.14
CA ASN F 390 14.25 -179.83 -77.47
C ASN F 390 14.92 -178.91 -78.50
N ARG F 391 15.44 -177.78 -78.03
CA ARG F 391 16.06 -176.76 -78.89
C ARG F 391 17.44 -177.18 -79.42
N LEU F 392 18.10 -178.09 -78.70
CA LEU F 392 19.49 -178.44 -79.00
C LEU F 392 19.59 -179.57 -80.06
N THR F 393 18.70 -180.58 -79.97
CA THR F 393 18.71 -181.73 -80.92
C THR F 393 18.20 -181.36 -82.31
N ILE F 394 17.21 -180.47 -82.36
CA ILE F 394 16.74 -179.88 -83.63
C ILE F 394 17.85 -178.97 -84.20
N GLY F 395 18.51 -178.19 -83.33
CA GLY F 395 19.63 -177.33 -83.73
C GLY F 395 20.98 -178.03 -83.70
N ALA G 27 18.58 -28.65 29.63
CA ALA G 27 18.28 -27.20 29.43
C ALA G 27 18.82 -26.69 28.09
N CYS G 28 17.92 -26.44 27.14
CA CYS G 28 18.28 -25.97 25.79
C CYS G 28 18.17 -24.45 25.60
N LYS G 29 18.21 -23.70 26.72
CA LYS G 29 18.00 -22.24 26.69
C LYS G 29 19.29 -21.46 26.39
N ASP G 30 20.44 -22.08 26.64
CA ASP G 30 21.74 -21.45 26.38
C ASP G 30 22.00 -21.30 24.88
N SER G 31 22.89 -20.38 24.52
CA SER G 31 23.30 -20.18 23.12
C SER G 31 23.78 -21.50 22.50
N ASP G 32 22.83 -22.40 22.26
CA ASP G 32 23.10 -23.69 21.60
C ASP G 32 22.53 -23.69 20.18
N TRP G 33 22.16 -22.51 19.69
CA TRP G 33 21.44 -22.40 18.41
C TRP G 33 22.03 -21.32 17.51
N PRO G 34 21.94 -21.52 16.18
CA PRO G 34 22.37 -20.53 15.18
C PRO G 34 21.51 -19.26 15.19
N PHE G 35 21.56 -18.49 14.11
CA PHE G 35 20.81 -17.23 14.03
C PHE G 35 20.20 -17.06 12.63
N CYS G 36 18.93 -16.67 12.60
CA CYS G 36 18.15 -16.66 11.36
C CYS G 36 18.38 -15.39 10.52
N SER G 37 18.29 -15.55 9.21
CA SER G 37 18.31 -14.43 8.27
C SER G 37 16.85 -14.08 7.95
N ASP G 38 16.59 -13.65 6.71
CA ASP G 38 15.22 -13.38 6.26
C ASP G 38 14.54 -14.64 5.68
N GLU G 39 15.20 -15.29 4.73
CA GLU G 39 14.62 -16.47 4.06
C GLU G 39 14.51 -17.69 4.97
N ASP G 40 15.15 -17.65 6.13
CA ASP G 40 14.94 -18.67 7.17
C ASP G 40 13.50 -18.69 7.65
N TRP G 41 12.90 -17.50 7.73
CA TRP G 41 11.51 -17.36 8.16
C TRP G 41 10.60 -18.09 7.17
N ASN G 42 9.48 -18.61 7.67
CA ASN G 42 8.55 -19.48 6.93
C ASN G 42 8.97 -20.94 6.97
N TYR G 43 10.22 -21.22 6.60
CA TYR G 43 10.77 -22.57 6.72
C TYR G 43 10.97 -22.92 8.20
N LYS G 44 11.46 -21.93 8.96
CA LYS G 44 11.54 -22.02 10.41
C LYS G 44 10.48 -21.11 11.02
N CYS G 45 9.72 -21.62 11.99
CA CYS G 45 8.57 -20.89 12.55
C CYS G 45 8.46 -21.09 14.09
N PRO G 46 7.67 -20.22 14.78
CA PRO G 46 7.57 -20.25 16.25
C PRO G 46 6.49 -21.17 16.85
N SER G 47 6.73 -21.62 18.09
CA SER G 47 5.84 -22.57 18.77
C SER G 47 4.62 -21.87 19.35
N GLY G 48 3.51 -22.61 19.45
CA GLY G 48 2.23 -22.06 19.92
C GLY G 48 2.16 -21.59 21.37
N CYS G 49 2.98 -22.19 22.24
CA CYS G 49 3.03 -21.84 23.66
C CYS G 49 3.50 -20.38 23.80
N ARG G 50 4.56 -20.09 23.04
CA ARG G 50 5.15 -18.75 22.95
C ARG G 50 4.26 -17.78 22.15
N MET G 51 3.64 -18.28 21.08
CA MET G 51 2.73 -17.48 20.29
C MET G 51 1.46 -17.15 21.06
N LYS G 52 0.76 -18.19 21.51
CA LYS G 52 -0.43 -18.03 22.32
C LYS G 52 -0.20 -16.95 23.40
N GLY G 53 0.91 -17.09 24.11
CA GLY G 53 1.27 -16.14 25.17
C GLY G 53 1.45 -14.70 24.73
N LEU G 54 1.68 -14.48 23.43
CA LEU G 54 1.76 -13.13 22.85
C LEU G 54 0.41 -12.66 22.29
N ILE G 55 -0.42 -13.62 21.87
CA ILE G 55 -1.77 -13.31 21.36
C ILE G 55 -2.66 -12.82 22.48
N ASP G 56 -2.49 -13.43 23.65
CA ASP G 56 -3.29 -13.09 24.84
C ASP G 56 -2.77 -11.82 25.50
N GLU G 57 -1.46 -11.61 25.38
CA GLU G 57 -0.84 -10.35 25.80
C GLU G 57 -1.44 -9.20 24.99
N VAL G 58 -1.60 -9.42 23.69
CA VAL G 58 -2.34 -8.48 22.85
C VAL G 58 -3.72 -8.24 23.46
N ASN G 59 -4.55 -9.29 23.48
CA ASN G 59 -5.97 -9.16 23.84
C ASN G 59 -6.23 -8.61 25.24
N GLN G 60 -5.28 -8.84 26.16
CA GLN G 60 -5.33 -8.24 27.48
C GLN G 60 -5.15 -6.71 27.36
N ASP G 61 -4.16 -6.30 26.55
CA ASP G 61 -3.87 -4.88 26.36
C ASP G 61 -5.10 -4.13 25.84
N PHE G 62 -5.78 -4.70 24.86
CA PHE G 62 -6.89 -4.02 24.20
C PHE G 62 -8.19 -4.07 25.02
N THR G 63 -8.35 -5.09 25.84
CA THR G 63 -9.55 -5.24 26.68
C THR G 63 -9.54 -4.33 27.92
N ASN G 64 -8.37 -4.14 28.52
CA ASN G 64 -8.22 -3.19 29.64
C ASN G 64 -8.15 -1.75 29.12
N ARG G 65 -7.56 -1.58 27.94
CA ARG G 65 -7.45 -0.28 27.28
C ARG G 65 -8.82 0.18 26.81
N ILE G 66 -9.65 -0.76 26.37
CA ILE G 66 -11.04 -0.47 26.05
C ILE G 66 -11.85 -0.18 27.34
N ASN G 67 -11.54 -0.90 28.42
CA ASN G 67 -12.14 -0.61 29.75
C ASN G 67 -11.81 0.78 30.24
N LYS G 68 -10.56 1.20 30.05
CA LYS G 68 -10.12 2.55 30.37
C LYS G 68 -10.79 3.59 29.46
N LEU G 69 -11.01 3.21 28.20
CA LEU G 69 -11.57 4.11 27.17
C LEU G 69 -13.07 4.36 27.37
N LYS G 70 -13.83 3.29 27.61
CA LYS G 70 -15.27 3.42 27.87
C LYS G 70 -15.51 4.11 29.21
N ASN G 71 -14.78 3.66 30.24
CA ASN G 71 -14.83 4.23 31.59
C ASN G 71 -14.93 5.76 31.58
N SER G 72 -14.01 6.39 30.87
CA SER G 72 -13.96 7.85 30.77
C SER G 72 -14.97 8.41 29.76
N LEU G 73 -15.13 7.73 28.64
CA LEU G 73 -16.01 8.15 27.54
C LEU G 73 -17.41 8.58 27.99
N PHE G 74 -17.99 7.85 28.93
CA PHE G 74 -19.31 8.18 29.44
C PHE G 74 -19.31 9.45 30.30
N GLU G 75 -18.28 9.60 31.13
CA GLU G 75 -18.17 10.73 32.07
C GLU G 75 -18.25 12.09 31.37
N TYR G 76 -17.78 12.15 30.12
CA TYR G 76 -17.77 13.38 29.33
C TYR G 76 -18.98 13.53 28.38
N GLN G 77 -19.83 12.51 28.30
CA GLN G 77 -21.11 12.64 27.60
C GLN G 77 -22.10 13.26 28.56
N LYS G 78 -22.05 12.79 29.80
CA LYS G 78 -22.81 13.40 30.88
C LYS G 78 -22.22 14.75 31.29
N ASN G 79 -20.90 14.91 31.16
CA ASN G 79 -20.23 16.18 31.47
C ASN G 79 -20.53 17.27 30.43
N ASN G 80 -20.63 16.87 29.16
CA ASN G 80 -21.06 17.78 28.08
C ASN G 80 -22.50 18.26 28.26
N LYS G 81 -23.35 17.37 28.76
CA LYS G 81 -24.74 17.70 29.06
C LYS G 81 -24.87 18.70 30.22
N ASP G 82 -23.96 18.61 31.20
CA ASP G 82 -23.96 19.54 32.35
C ASP G 82 -23.60 20.96 31.94
N SER G 83 -22.56 21.09 31.11
CA SER G 83 -22.12 22.40 30.64
C SER G 83 -23.15 23.07 29.73
N HIS G 84 -23.90 22.28 28.96
CA HIS G 84 -24.94 22.82 28.07
C HIS G 84 -26.12 23.41 28.86
N SER G 85 -26.59 22.68 29.87
CA SER G 85 -27.73 23.13 30.70
C SER G 85 -27.40 24.37 31.55
N LEU G 86 -26.14 24.47 31.99
CA LEU G 86 -25.64 25.69 32.67
C LEU G 86 -25.59 26.87 31.70
N THR G 87 -25.04 26.62 30.51
CA THR G 87 -24.99 27.61 29.43
C THR G 87 -26.39 28.06 29.02
N THR G 88 -27.30 27.10 28.86
CA THR G 88 -28.70 27.41 28.57
C THR G 88 -29.30 28.25 29.69
N ASN G 89 -29.08 27.83 30.93
CA ASN G 89 -29.65 28.51 32.09
C ASN G 89 -29.18 29.95 32.22
N ILE G 90 -27.88 30.17 32.16
CA ILE G 90 -27.34 31.53 32.30
C ILE G 90 -27.75 32.43 31.13
N MET G 91 -27.96 31.84 29.96
CA MET G 91 -28.54 32.58 28.82
C MET G 91 -29.92 33.14 29.16
N GLU G 92 -30.70 32.40 29.96
CA GLU G 92 -32.03 32.85 30.38
C GLU G 92 -31.92 33.94 31.43
N ILE G 93 -30.96 33.77 32.35
CA ILE G 93 -30.76 34.68 33.48
C ILE G 93 -30.32 36.08 33.04
N LEU G 94 -29.35 36.13 32.14
CA LEU G 94 -28.77 37.39 31.71
C LEU G 94 -29.53 38.04 30.56
N ARG G 95 -30.12 37.25 29.67
CA ARG G 95 -30.97 37.80 28.60
C ARG G 95 -32.16 38.56 29.22
N GLY G 96 -32.58 38.14 30.41
CA GLY G 96 -33.51 38.92 31.22
C GLY G 96 -32.90 40.20 31.79
N ASP G 97 -31.62 40.19 32.11
CA ASP G 97 -30.93 41.35 32.70
C ASP G 97 -30.71 42.51 31.71
N PHE G 98 -30.74 42.22 30.41
CA PHE G 98 -30.47 43.25 29.39
C PHE G 98 -31.74 43.91 28.85
N SER G 99 -32.79 43.11 28.65
CA SER G 99 -34.10 43.63 28.28
C SER G 99 -34.67 44.48 29.41
N SER G 100 -34.38 44.08 30.64
CA SER G 100 -34.78 44.83 31.84
C SER G 100 -33.80 45.95 32.18
N ALA G 101 -32.51 45.62 32.28
CA ALA G 101 -31.48 46.63 32.62
C ALA G 101 -31.48 47.79 31.62
N ASN G 102 -31.60 47.48 30.34
CA ASN G 102 -31.58 48.51 29.29
C ASN G 102 -32.80 49.45 29.30
N ASN G 103 -33.98 48.92 29.56
CA ASN G 103 -35.21 49.73 29.67
C ASN G 103 -35.23 50.62 30.92
N ARG G 104 -34.57 50.16 31.98
CA ARG G 104 -34.41 50.95 33.22
C ARG G 104 -33.34 52.03 33.06
N ASP G 105 -32.27 51.68 32.35
CA ASP G 105 -31.24 52.64 31.96
C ASP G 105 -31.75 53.54 30.82
N ASN G 106 -32.83 53.14 30.15
CA ASN G 106 -33.49 53.96 29.11
C ASN G 106 -34.40 55.05 29.70
N THR G 107 -35.10 54.73 30.80
CA THR G 107 -36.00 55.69 31.45
C THR G 107 -35.25 56.77 32.25
N TYR G 108 -34.10 56.41 32.81
CA TYR G 108 -33.27 57.36 33.56
C TYR G 108 -32.64 58.43 32.68
N ASN G 109 -32.06 58.03 31.54
CA ASN G 109 -31.41 58.99 30.64
C ASN G 109 -32.39 60.02 30.07
N ARG G 110 -33.65 59.62 29.88
CA ARG G 110 -34.71 60.55 29.45
C ARG G 110 -35.01 61.57 30.54
N VAL G 111 -35.11 61.09 31.78
CA VAL G 111 -35.34 61.96 32.93
C VAL G 111 -34.16 62.91 33.13
N SER G 112 -32.97 62.36 33.32
CA SER G 112 -31.77 63.17 33.64
C SER G 112 -31.28 64.04 32.48
N GLU G 113 -31.57 63.64 31.24
CA GLU G 113 -31.33 64.49 30.08
C GLU G 113 -32.34 65.63 30.08
N ASP G 114 -33.62 65.27 30.04
CA ASP G 114 -34.71 66.24 30.05
C ASP G 114 -34.64 67.10 31.32
N LEU G 115 -34.24 66.49 32.43
CA LEU G 115 -34.02 67.24 33.67
C LEU G 115 -32.91 68.25 33.51
N ARG G 116 -31.74 67.81 33.06
CA ARG G 116 -30.62 68.72 32.85
C ARG G 116 -30.99 69.87 31.90
N SER G 117 -31.87 69.60 30.94
CA SER G 117 -32.36 70.63 30.04
C SER G 117 -33.22 71.69 30.77
N ARG G 118 -34.08 71.24 31.68
CA ARG G 118 -34.94 72.15 32.45
C ARG G 118 -34.16 73.00 33.44
N ILE G 119 -33.03 72.47 33.91
CA ILE G 119 -32.15 73.23 34.80
C ILE G 119 -31.47 74.35 34.03
N GLU G 120 -30.72 74.00 33.00
CA GLU G 120 -30.03 74.99 32.18
C GLU G 120 -30.95 76.18 31.87
N VAL G 121 -32.17 75.89 31.43
CA VAL G 121 -33.15 76.91 31.06
C VAL G 121 -33.59 77.78 32.25
N LEU G 122 -33.60 77.20 33.45
CA LEU G 122 -33.91 77.95 34.66
C LEU G 122 -32.78 78.93 34.96
N LYS G 123 -31.56 78.55 34.59
CA LYS G 123 -30.36 79.32 34.97
C LYS G 123 -30.12 80.59 34.15
N ARG G 124 -30.67 80.64 32.94
CA ARG G 124 -30.68 81.88 32.17
C ARG G 124 -31.51 82.93 32.89
N LYS G 125 -32.52 82.48 33.64
CA LYS G 125 -33.33 83.39 34.44
C LYS G 125 -32.60 83.80 35.69
N VAL G 126 -32.12 82.83 36.46
CA VAL G 126 -31.42 83.13 37.72
C VAL G 126 -30.15 83.97 37.52
N ILE G 127 -29.49 83.82 36.36
CA ILE G 127 -28.28 84.60 36.07
C ILE G 127 -28.62 86.06 35.75
N GLU G 128 -29.76 86.26 35.10
CA GLU G 128 -30.26 87.60 34.82
C GLU G 128 -30.55 88.37 36.10
N LYS G 129 -31.01 87.67 37.14
CA LYS G 129 -31.39 88.30 38.40
C LYS G 129 -30.17 88.73 39.20
N VAL G 130 -29.23 87.81 39.38
CA VAL G 130 -27.99 88.15 40.10
C VAL G 130 -27.31 89.33 39.41
N GLN G 131 -27.46 89.42 38.09
CA GLN G 131 -26.98 90.57 37.33
C GLN G 131 -27.67 91.85 37.78
N HIS G 132 -29.00 91.84 37.83
CA HIS G 132 -29.75 93.01 38.26
C HIS G 132 -29.29 93.47 39.62
N ILE G 133 -29.09 92.52 40.54
CA ILE G 133 -28.64 92.85 41.89
C ILE G 133 -27.29 93.58 41.86
N GLN G 134 -26.36 93.07 41.06
CA GLN G 134 -25.06 93.72 40.88
C GLN G 134 -25.22 95.09 40.21
N LEU G 135 -26.16 95.19 39.27
CA LEU G 135 -26.49 96.46 38.62
C LEU G 135 -27.10 97.43 39.62
N LEU G 136 -27.80 96.89 40.63
CA LEU G 136 -28.33 97.71 41.71
C LEU G 136 -27.30 97.93 42.81
N GLN G 137 -26.68 96.86 43.30
CA GLN G 137 -25.55 96.97 44.26
C GLN G 137 -24.69 98.19 43.95
N LYS G 138 -24.35 98.36 42.66
CA LYS G 138 -23.68 99.57 42.17
C LYS G 138 -24.64 100.76 42.30
N ASN G 139 -25.72 100.75 41.54
CA ASN G 139 -26.63 101.90 41.48
C ASN G 139 -26.90 102.54 42.83
N VAL G 140 -26.94 101.74 43.89
CA VAL G 140 -27.22 102.23 45.23
C VAL G 140 -25.99 102.70 46.02
N ARG G 141 -24.81 102.17 45.71
CA ARG G 141 -23.58 102.71 46.29
C ARG G 141 -23.36 104.10 45.67
N ALA G 142 -23.91 104.28 44.47
CA ALA G 142 -23.93 105.57 43.79
C ALA G 142 -24.82 106.55 44.54
N GLN G 143 -26.08 106.15 44.75
CA GLN G 143 -27.00 106.97 45.51
C GLN G 143 -26.41 107.16 46.90
N LEU G 144 -26.27 106.08 47.66
CA LEU G 144 -25.81 106.18 49.04
C LEU G 144 -24.77 107.29 49.28
N VAL G 145 -23.60 107.17 48.68
CA VAL G 145 -22.56 108.19 48.85
C VAL G 145 -23.12 109.58 48.55
N ASP G 146 -23.97 109.64 47.53
CA ASP G 146 -24.54 110.89 47.05
C ASP G 146 -25.44 111.59 48.07
N MET G 147 -26.13 110.81 48.90
CA MET G 147 -26.98 111.37 49.94
C MET G 147 -26.10 111.87 51.04
N LYS G 148 -25.13 111.06 51.41
CA LYS G 148 -24.13 111.50 52.37
C LYS G 148 -23.71 112.90 51.95
N ARG G 149 -23.33 113.03 50.67
CA ARG G 149 -22.91 114.30 50.11
C ARG G 149 -23.97 115.39 50.08
N LEU G 150 -25.18 115.05 49.69
CA LEU G 150 -26.28 116.01 49.69
C LEU G 150 -26.78 116.32 51.10
N GLU G 151 -26.66 115.35 52.01
CA GLU G 151 -27.00 115.57 53.41
C GLU G 151 -26.03 116.57 54.06
N VAL G 152 -24.73 116.43 53.79
CA VAL G 152 -23.75 117.41 54.31
C VAL G 152 -23.86 118.76 53.62
N ASP G 153 -23.99 118.74 52.29
CA ASP G 153 -24.30 119.93 51.48
C ASP G 153 -25.44 120.77 52.08
N ILE G 154 -26.41 120.10 52.68
CA ILE G 154 -27.50 120.77 53.38
C ILE G 154 -27.07 121.26 54.74
N ASP G 155 -26.31 120.45 55.48
CA ASP G 155 -25.90 120.82 56.83
C ASP G 155 -25.10 122.12 56.88
N ILE G 156 -24.34 122.39 55.82
CA ILE G 156 -23.56 123.63 55.71
C ILE G 156 -24.40 124.76 55.14
N LYS G 157 -24.98 124.56 53.95
CA LYS G 157 -25.89 125.54 53.34
C LYS G 157 -26.93 126.06 54.34
N ILE G 158 -27.50 125.16 55.12
CA ILE G 158 -28.38 125.60 56.18
C ILE G 158 -27.62 126.44 57.18
N ARG G 159 -26.52 125.91 57.69
CA ARG G 159 -25.76 126.65 58.68
C ARG G 159 -25.19 127.94 58.09
N SER G 160 -25.01 127.98 56.76
CA SER G 160 -24.65 129.21 56.05
C SER G 160 -25.60 130.40 56.29
N CYS G 161 -26.82 130.11 56.75
CA CYS G 161 -27.89 131.11 56.88
C CYS G 161 -28.04 131.75 58.25
N ARG G 162 -27.31 131.21 59.21
CA ARG G 162 -27.33 131.75 60.56
C ARG G 162 -26.91 133.24 60.57
N GLY G 163 -26.16 133.66 59.55
CA GLY G 163 -25.79 135.08 59.38
C GLY G 163 -26.46 135.77 58.20
N SER G 164 -27.68 135.36 57.87
CA SER G 164 -28.47 136.05 56.85
C SER G 164 -29.95 136.07 57.18
N CYS G 165 -30.38 135.21 58.11
CA CYS G 165 -31.80 134.99 58.41
C CYS G 165 -32.10 135.02 59.91
N SER G 166 -33.36 135.31 60.23
CA SER G 166 -33.83 135.46 61.62
C SER G 166 -33.27 134.40 62.54
N ARG G 167 -33.47 133.15 62.15
CA ARG G 167 -33.12 132.01 62.97
C ARG G 167 -32.70 130.89 62.02
N ALA G 168 -31.64 130.16 62.38
CA ALA G 168 -31.16 129.03 61.56
C ALA G 168 -31.22 127.73 62.36
N LEU G 169 -31.64 126.67 61.67
CA LEU G 169 -32.14 125.44 62.31
C LEU G 169 -31.07 124.63 63.02
N ALA G 170 -31.32 124.29 64.30
CA ALA G 170 -30.39 123.48 65.09
C ALA G 170 -30.55 122.00 64.76
N ARG G 171 -29.79 121.53 63.78
CA ARG G 171 -29.83 120.15 63.34
C ARG G 171 -28.41 119.59 63.17
N GLU G 172 -28.18 118.42 63.76
CA GLU G 172 -26.87 117.76 63.71
C GLU G 172 -26.94 116.60 62.71
N VAL G 173 -25.80 115.99 62.43
CA VAL G 173 -25.68 115.03 61.33
C VAL G 173 -25.57 113.60 61.84
N ASP G 174 -26.09 112.66 61.05
CA ASP G 174 -26.03 111.24 61.38
C ASP G 174 -25.00 110.53 60.50
N LEU G 175 -23.77 111.05 60.51
CA LEU G 175 -22.67 110.45 59.78
C LEU G 175 -22.48 108.98 60.19
N LYS G 176 -22.54 108.74 61.50
CA LYS G 176 -22.47 107.40 62.07
C LYS G 176 -23.26 106.39 61.23
N ASP G 177 -24.59 106.55 61.21
CA ASP G 177 -25.48 105.60 60.52
C ASP G 177 -25.16 105.47 59.04
N TYR G 178 -24.83 106.59 58.40
CA TYR G 178 -24.44 106.56 57.01
C TYR G 178 -23.22 105.65 56.81
N GLU G 179 -22.19 105.83 57.65
CA GLU G 179 -20.96 105.04 57.54
C GLU G 179 -21.21 103.56 57.80
N ASP G 180 -22.25 103.27 58.58
CA ASP G 180 -22.65 101.89 58.83
C ASP G 180 -23.31 101.32 57.60
N GLN G 181 -24.46 101.89 57.24
CA GLN G 181 -25.19 101.44 56.05
C GLN G 181 -24.31 101.48 54.81
N GLN G 182 -23.25 102.29 54.87
CA GLN G 182 -22.22 102.27 53.85
C GLN G 182 -21.35 101.02 54.02
N LYS G 183 -20.87 100.77 55.24
CA LYS G 183 -20.00 99.62 55.53
C LYS G 183 -20.74 98.30 55.37
N GLN G 184 -21.90 98.22 56.00
CA GLN G 184 -22.78 97.05 55.93
C GLN G 184 -23.06 96.63 54.50
N LEU G 185 -23.34 97.60 53.63
CA LEU G 185 -23.58 97.33 52.23
C LEU G 185 -22.28 96.88 51.57
N GLU G 186 -21.19 97.57 51.92
CA GLU G 186 -19.89 97.32 51.30
C GLU G 186 -19.33 95.95 51.70
N GLN G 187 -19.84 95.43 52.81
CA GLN G 187 -19.58 94.04 53.21
C GLN G 187 -20.01 93.06 52.10
N VAL G 188 -21.21 93.28 51.55
CA VAL G 188 -21.84 92.33 50.65
C VAL G 188 -21.45 92.49 49.19
N ILE G 189 -21.44 93.74 48.74
CA ILE G 189 -21.44 94.04 47.31
C ILE G 189 -20.76 93.00 46.41
N ALA G 190 -19.43 92.96 46.40
CA ALA G 190 -18.66 92.25 45.35
C ALA G 190 -18.11 90.88 45.77
N LYS G 191 -18.94 90.09 46.45
CA LYS G 191 -18.56 88.74 46.88
C LYS G 191 -19.14 87.66 45.99
N ASP G 192 -20.47 87.64 45.89
CA ASP G 192 -21.21 86.56 45.22
C ASP G 192 -21.53 86.91 43.77
N LEU G 193 -21.04 86.09 42.84
CA LEU G 193 -21.14 86.38 41.40
C LEU G 193 -21.56 85.18 40.52
N LEU G 194 -21.49 83.96 41.05
CA LEU G 194 -21.69 82.70 40.30
C LEU G 194 -20.62 82.41 39.23
N PRO G 195 -19.34 82.24 39.64
CA PRO G 195 -18.26 81.97 38.67
C PRO G 195 -17.78 80.51 38.64
N SER G 196 -16.72 80.27 37.86
CA SER G 196 -15.92 79.03 37.89
C SER G 196 -16.64 77.74 37.42
N ARG G 197 -17.83 77.47 37.96
CA ARG G 197 -18.67 76.37 37.48
C ARG G 197 -19.60 76.91 36.39
N ASP G 198 -19.01 77.62 35.44
CA ASP G 198 -19.76 78.35 34.42
C ASP G 198 -20.18 77.43 33.28
N ARG G 199 -19.52 76.28 33.13
CA ARG G 199 -19.78 75.36 32.01
C ARG G 199 -19.80 73.89 32.48
N GLN G 200 -20.47 73.03 31.71
CA GLN G 200 -20.57 71.59 32.00
C GLN G 200 -19.96 70.76 30.87
N LYS H 58 5.96 -14.14 35.04
CA LYS H 58 6.23 -15.15 33.96
C LYS H 58 6.28 -14.45 32.60
N ALA H 59 6.84 -15.14 31.60
CA ALA H 59 6.98 -14.60 30.23
C ALA H 59 5.70 -14.83 29.40
N PRO H 60 5.68 -14.38 28.12
CA PRO H 60 4.51 -14.61 27.28
C PRO H 60 4.55 -16.00 26.65
N ASP H 61 4.51 -17.03 27.49
CA ASP H 61 4.63 -18.42 27.06
C ASP H 61 3.69 -19.31 27.88
N ALA H 62 2.58 -19.73 27.26
CA ALA H 62 1.60 -20.57 27.92
C ALA H 62 0.81 -21.39 26.91
N GLY H 63 0.48 -22.62 27.27
CA GLY H 63 -0.32 -23.52 26.44
C GLY H 63 0.32 -24.88 26.22
N GLY H 64 0.69 -25.56 27.30
CA GLY H 64 1.34 -26.87 27.22
C GLY H 64 0.95 -27.82 28.34
N CYS H 65 1.52 -29.03 28.31
CA CYS H 65 1.28 -30.06 29.33
C CYS H 65 2.47 -31.04 29.43
N LEU H 66 2.30 -32.14 30.17
CA LEU H 66 3.32 -33.19 30.27
C LEU H 66 2.71 -34.55 29.89
N HIS H 67 3.08 -35.05 28.72
CA HIS H 67 2.56 -36.33 28.23
C HIS H 67 3.21 -37.48 29.01
N ALA H 68 2.53 -38.62 29.03
CA ALA H 68 3.08 -39.84 29.67
C ALA H 68 3.98 -40.58 28.68
N ASP H 69 5.00 -39.88 28.20
CA ASP H 69 5.92 -40.40 27.19
C ASP H 69 7.15 -39.50 27.16
N PRO H 70 8.36 -40.07 27.38
CA PRO H 70 9.58 -39.24 27.30
C PRO H 70 9.78 -38.55 25.94
N ASP H 71 9.05 -39.01 24.92
CA ASP H 71 9.17 -38.48 23.56
C ASP H 71 8.46 -37.13 23.40
N LEU H 72 7.13 -37.15 23.53
CA LEU H 72 6.29 -35.99 23.18
C LEU H 72 6.46 -34.77 24.09
N GLY H 73 6.51 -35.00 25.41
CA GLY H 73 6.70 -33.95 26.40
C GLY H 73 5.79 -32.73 26.26
N VAL H 74 6.37 -31.53 26.35
CA VAL H 74 5.61 -30.29 26.23
C VAL H 74 5.21 -30.02 24.78
N LEU H 75 3.92 -30.18 24.49
CA LEU H 75 3.35 -29.81 23.21
C LEU H 75 3.00 -28.33 23.23
N CYS H 76 2.66 -27.81 22.06
CA CYS H 76 2.24 -26.42 21.92
C CYS H 76 1.13 -26.32 20.89
N PRO H 77 0.14 -25.45 21.13
CA PRO H 77 -1.09 -25.43 20.34
C PRO H 77 -0.85 -25.31 18.85
N THR H 78 -1.77 -25.90 18.08
CA THR H 78 -1.67 -25.93 16.64
C THR H 78 -1.89 -24.54 16.05
N GLY H 79 -1.77 -24.45 14.73
CA GLY H 79 -2.22 -23.29 14.01
C GLY H 79 -3.69 -23.03 14.27
N CYS H 80 -4.54 -24.00 13.91
CA CYS H 80 -6.00 -23.84 14.01
C CYS H 80 -6.48 -23.55 15.43
N GLN H 81 -5.72 -24.01 16.43
CA GLN H 81 -5.96 -23.62 17.83
C GLN H 81 -5.73 -22.11 18.02
N LEU H 82 -4.58 -21.63 17.57
CA LEU H 82 -4.22 -20.22 17.72
C LEU H 82 -5.08 -19.32 16.84
N GLN H 83 -5.22 -19.67 15.56
CA GLN H 83 -5.96 -18.84 14.61
C GLN H 83 -7.45 -18.74 14.92
N GLU H 84 -8.01 -19.78 15.54
CA GLU H 84 -9.42 -19.76 15.94
C GLU H 84 -9.58 -19.06 17.29
N ALA H 85 -8.71 -19.42 18.24
CA ALA H 85 -8.70 -18.78 19.55
C ALA H 85 -8.28 -17.31 19.48
N LEU H 86 -7.70 -16.89 18.36
CA LEU H 86 -7.36 -15.49 18.11
C LEU H 86 -8.54 -14.76 17.47
N LEU H 87 -9.05 -15.30 16.36
CA LEU H 87 -10.15 -14.68 15.62
C LEU H 87 -11.40 -14.46 16.50
N GLN H 88 -11.55 -15.26 17.56
CA GLN H 88 -12.67 -15.08 18.50
C GLN H 88 -12.67 -13.71 19.21
N GLN H 89 -11.49 -13.10 19.33
CA GLN H 89 -11.33 -11.78 19.98
C GLN H 89 -11.17 -10.63 18.98
N GLU H 90 -11.36 -10.91 17.68
CA GLU H 90 -11.27 -9.90 16.62
C GLU H 90 -12.65 -9.31 16.36
N ARG H 91 -13.66 -10.17 16.28
CA ARG H 91 -15.05 -9.74 16.09
C ARG H 91 -15.53 -8.81 17.21
N PRO H 92 -15.17 -9.09 18.48
CA PRO H 92 -15.49 -8.13 19.55
C PRO H 92 -14.68 -6.83 19.50
N ILE H 93 -13.36 -6.92 19.67
CA ILE H 93 -12.52 -5.73 19.75
C ILE H 93 -12.73 -4.80 18.56
N ARG H 94 -12.82 -5.36 17.36
CA ARG H 94 -12.91 -4.56 16.12
C ARG H 94 -14.21 -3.78 15.97
N ASN H 95 -15.25 -4.22 16.70
CA ASN H 95 -16.53 -3.52 16.72
C ASN H 95 -16.61 -2.50 17.86
N SER H 96 -15.78 -2.69 18.88
CA SER H 96 -15.63 -1.70 19.97
C SER H 96 -14.95 -0.47 19.38
N VAL H 97 -13.95 -0.72 18.54
CA VAL H 97 -13.35 0.32 17.73
C VAL H 97 -14.47 1.06 17.00
N ASP H 98 -15.25 0.33 16.20
CA ASP H 98 -16.32 0.95 15.43
C ASP H 98 -17.19 1.89 16.27
N GLU H 99 -17.79 1.36 17.34
CA GLU H 99 -18.72 2.16 18.13
C GLU H 99 -18.00 3.35 18.76
N LEU H 100 -16.79 3.13 19.28
CA LEU H 100 -16.02 4.21 19.91
C LEU H 100 -15.43 5.20 18.91
N ASN H 101 -15.53 4.90 17.61
CA ASN H 101 -15.32 5.91 16.57
C ASN H 101 -16.62 6.68 16.40
N ASN H 102 -17.73 5.95 16.43
CA ASN H 102 -19.06 6.56 16.38
C ASN H 102 -19.49 7.17 17.70
N ASN H 103 -18.71 6.90 18.75
CA ASN H 103 -19.01 7.38 20.10
C ASN H 103 -17.96 8.37 20.64
N VAL H 104 -17.08 8.86 19.77
CA VAL H 104 -16.16 9.96 20.11
C VAL H 104 -16.17 11.03 19.01
N GLU H 105 -15.97 10.63 17.76
CA GLU H 105 -15.94 11.57 16.62
C GLU H 105 -17.33 12.07 16.22
N ALA H 106 -18.33 11.19 16.33
CA ALA H 106 -19.71 11.58 16.09
C ALA H 106 -20.30 12.29 17.31
N VAL H 107 -20.05 11.75 18.51
CA VAL H 107 -20.71 12.21 19.76
C VAL H 107 -20.01 13.36 20.49
N SER H 108 -18.72 13.21 20.83
CA SER H 108 -17.96 14.25 21.54
C SER H 108 -17.27 15.24 20.59
N GLN H 109 -17.97 15.56 19.49
CA GLN H 109 -17.62 16.68 18.61
C GLN H 109 -18.47 17.91 19.00
N THR H 110 -19.70 17.67 19.43
CA THR H 110 -20.51 18.71 20.09
C THR H 110 -19.77 19.22 21.31
N SER H 111 -19.06 18.30 21.96
CA SER H 111 -18.17 18.65 23.07
C SER H 111 -16.92 19.35 22.52
N SER H 112 -16.23 18.71 21.57
CA SER H 112 -15.05 19.32 20.92
C SER H 112 -15.35 20.67 20.27
N SER H 113 -16.60 20.87 19.84
CA SER H 113 -17.07 22.13 19.29
C SER H 113 -17.40 23.13 20.40
N SER H 114 -18.43 22.82 21.18
CA SER H 114 -18.98 23.77 22.16
C SER H 114 -18.46 23.58 23.60
N PHE H 115 -17.26 23.00 23.75
CA PHE H 115 -16.56 23.04 25.04
C PHE H 115 -16.09 24.47 25.27
N GLN H 116 -15.35 25.01 24.30
CA GLN H 116 -14.85 26.38 24.33
C GLN H 116 -15.80 27.35 23.62
N TYR H 117 -17.10 27.24 23.93
CA TYR H 117 -18.11 28.19 23.45
C TYR H 117 -18.11 29.43 24.37
N MET H 118 -16.94 29.71 24.95
CA MET H 118 -16.75 30.74 25.96
C MET H 118 -16.14 31.99 25.34
N TYR H 119 -15.27 31.79 24.35
CA TYR H 119 -14.80 32.89 23.50
C TYR H 119 -15.89 33.30 22.49
N LEU H 120 -17.11 32.78 22.65
CA LEU H 120 -18.23 33.07 21.76
C LEU H 120 -19.39 33.75 22.50
N LEU H 121 -19.74 33.26 23.70
CA LEU H 121 -20.78 33.89 24.53
C LEU H 121 -20.43 33.87 26.04
N LYS H 122 -19.14 33.85 26.37
CA LYS H 122 -18.70 34.06 27.77
C LYS H 122 -17.59 35.10 27.84
N ASP H 123 -16.81 35.24 26.77
CA ASP H 123 -15.89 36.39 26.65
C ASP H 123 -16.46 37.45 25.71
N LEU H 124 -17.60 37.15 25.10
CA LEU H 124 -18.44 38.17 24.47
C LEU H 124 -19.11 39.02 25.54
N TRP H 125 -19.30 38.44 26.74
CA TRP H 125 -19.83 39.18 27.89
C TRP H 125 -18.81 40.23 28.34
N GLN H 126 -17.52 39.91 28.20
CA GLN H 126 -16.45 40.80 28.66
C GLN H 126 -16.56 42.14 27.93
N LYS H 127 -16.77 42.07 26.61
CA LYS H 127 -16.92 43.27 25.78
C LYS H 127 -18.20 44.06 26.14
N ARG H 128 -19.25 43.35 26.58
CA ARG H 128 -20.54 43.97 26.94
C ARG H 128 -20.64 44.25 28.44
N GLN H 129 -19.61 43.86 29.19
CA GLN H 129 -19.52 44.13 30.63
C GLN H 129 -18.57 45.29 30.95
N LYS H 130 -17.82 45.76 29.95
CA LYS H 130 -16.82 46.82 30.12
C LYS H 130 -17.27 48.20 29.60
N GLN H 131 -18.26 48.22 28.71
CA GLN H 131 -18.97 49.47 28.39
C GLN H 131 -19.67 49.96 29.67
N VAL H 132 -20.32 49.03 30.38
CA VAL H 132 -21.08 49.34 31.59
C VAL H 132 -20.20 49.63 32.82
N LYS H 133 -19.10 48.88 32.96
CA LYS H 133 -18.18 49.09 34.08
C LYS H 133 -17.40 50.40 33.95
N ASP H 134 -17.00 50.74 32.72
CA ASP H 134 -16.30 51.99 32.45
C ASP H 134 -17.24 53.17 32.63
N ASN H 135 -18.50 52.99 32.23
CA ASN H 135 -19.54 54.00 32.48
C ASN H 135 -19.93 54.09 33.97
N GLU H 136 -19.87 52.97 34.68
CA GLU H 136 -20.02 52.99 36.15
C GLU H 136 -18.89 53.77 36.81
N ASN H 137 -17.69 53.64 36.25
CA ASN H 137 -16.55 54.47 36.67
C ASN H 137 -16.72 55.94 36.27
N VAL H 138 -17.55 56.20 35.24
CA VAL H 138 -17.84 57.57 34.81
C VAL H 138 -19.21 58.10 35.27
N VAL H 139 -20.06 57.25 35.83
CA VAL H 139 -21.34 57.70 36.40
C VAL H 139 -21.12 58.48 37.71
N ASN H 140 -20.00 58.22 38.37
CA ASN H 140 -19.62 58.97 39.58
C ASN H 140 -19.06 60.39 39.31
N GLU H 141 -18.98 60.79 38.03
CA GLU H 141 -18.58 62.16 37.65
C GLU H 141 -19.78 63.05 37.31
N TYR H 142 -20.70 62.54 36.49
CA TYR H 142 -21.94 63.25 36.14
C TYR H 142 -22.81 63.43 37.39
N SER H 143 -22.73 62.46 38.31
CA SER H 143 -23.35 62.57 39.61
C SER H 143 -22.72 63.70 40.44
N SER H 144 -21.40 63.83 40.35
CA SER H 144 -20.65 64.84 41.11
C SER H 144 -20.73 66.24 40.51
N GLU H 145 -21.13 66.36 39.25
CA GLU H 145 -21.25 67.67 38.61
C GLU H 145 -22.52 68.39 39.06
N LEU H 146 -23.69 67.75 38.96
CA LEU H 146 -24.97 68.39 39.36
C LEU H 146 -25.04 68.75 40.85
N GLU H 147 -24.41 67.95 41.71
CA GLU H 147 -24.31 68.28 43.15
C GLU H 147 -23.55 69.61 43.37
N LYS H 148 -22.48 69.81 42.61
CA LYS H 148 -21.66 71.02 42.69
C LYS H 148 -22.22 72.15 41.80
N HIS H 149 -23.12 71.78 40.88
CA HIS H 149 -23.83 72.75 40.02
C HIS H 149 -25.26 73.02 40.54
N GLN H 150 -25.65 72.37 41.63
CA GLN H 150 -26.94 72.64 42.27
C GLN H 150 -26.80 73.74 43.31
N LEU H 151 -25.81 73.60 44.20
CA LEU H 151 -25.64 74.55 45.31
C LEU H 151 -25.56 76.00 44.81
N TYR H 152 -24.84 76.23 43.71
CA TYR H 152 -24.81 77.53 43.02
C TYR H 152 -26.21 78.00 42.61
N ILE H 153 -27.18 77.09 42.64
CA ILE H 153 -28.58 77.41 42.37
C ILE H 153 -29.49 77.12 43.57
N ASP H 154 -28.89 76.77 44.70
CA ASP H 154 -29.63 76.70 45.97
C ASP H 154 -29.18 77.87 46.83
N GLU H 155 -27.90 77.85 47.22
CA GLU H 155 -27.36 78.89 48.10
C GLU H 155 -27.55 80.26 47.47
N THR H 156 -27.44 80.34 46.15
CA THR H 156 -27.82 81.54 45.43
C THR H 156 -29.24 81.95 45.84
N VAL H 157 -30.22 81.11 45.53
CA VAL H 157 -31.63 81.52 45.56
C VAL H 157 -32.30 81.44 46.95
N ASN H 158 -31.66 80.75 47.90
CA ASN H 158 -32.25 80.55 49.23
C ASN H 158 -31.44 81.13 50.40
N SER H 159 -30.13 81.29 50.21
CA SER H 159 -29.26 81.84 51.27
C SER H 159 -28.99 83.31 51.02
N ASN H 160 -28.49 83.62 49.83
CA ASN H 160 -27.92 84.93 49.53
C ASN H 160 -28.96 85.94 49.06
N ILE H 161 -29.57 85.68 47.90
CA ILE H 161 -30.50 86.64 47.28
C ILE H 161 -31.53 87.22 48.25
N PRO H 162 -32.29 86.38 48.97
CA PRO H 162 -33.28 86.94 49.91
C PRO H 162 -32.67 87.71 51.08
N THR H 163 -31.42 87.39 51.46
CA THR H 163 -30.69 88.16 52.47
C THR H 163 -30.06 89.38 51.80
N ASN H 164 -29.67 89.21 50.53
CA ASN H 164 -29.25 90.32 49.70
C ASN H 164 -30.41 91.30 49.53
N LEU H 165 -31.58 90.76 49.21
CA LEU H 165 -32.82 91.56 49.13
C LEU H 165 -33.19 92.24 50.44
N ARG H 166 -32.76 91.64 51.56
CA ARG H 166 -33.15 92.11 52.89
C ARG H 166 -32.38 93.37 53.30
N VAL H 167 -31.09 93.41 52.96
CA VAL H 167 -30.28 94.59 53.22
C VAL H 167 -30.71 95.71 52.30
N LEU H 168 -30.87 95.40 51.01
CA LEU H 168 -31.26 96.39 50.02
C LEU H 168 -32.59 97.05 50.36
N ARG H 169 -33.51 96.24 50.88
CA ARG H 169 -34.73 96.78 51.48
C ARG H 169 -34.37 97.74 52.61
N SER H 170 -33.70 97.22 53.65
CA SER H 170 -33.40 98.03 54.85
C SER H 170 -32.78 99.39 54.53
N ILE H 171 -31.80 99.41 53.62
CA ILE H 171 -31.06 100.62 53.30
C ILE H 171 -31.85 101.62 52.46
N LEU H 172 -32.32 101.21 51.29
CA LEU H 172 -33.07 102.11 50.41
C LEU H 172 -34.36 102.61 51.09
N GLU H 173 -34.88 101.82 52.02
CA GLU H 173 -35.99 102.23 52.87
C GLU H 173 -35.56 103.33 53.83
N ASN H 174 -34.43 103.12 54.52
CA ASN H 174 -33.81 104.13 55.39
C ASN H 174 -33.68 105.49 54.68
N LEU H 175 -33.23 105.46 53.42
CA LEU H 175 -33.05 106.69 52.65
C LEU H 175 -34.37 107.41 52.44
N ARG H 176 -35.32 106.74 51.80
CA ARG H 176 -36.64 107.31 51.49
C ARG H 176 -37.14 108.23 52.62
N SER H 177 -36.83 107.84 53.86
CA SER H 177 -37.11 108.64 55.05
C SER H 177 -36.15 109.81 55.22
N LYS H 178 -34.85 109.53 55.17
CA LYS H 178 -33.84 110.59 55.24
C LYS H 178 -34.17 111.59 54.16
N ILE H 179 -34.24 111.12 52.92
CA ILE H 179 -34.52 112.00 51.79
C ILE H 179 -35.84 112.77 51.95
N GLN H 180 -36.85 112.22 52.60
CA GLN H 180 -38.06 113.02 52.82
C GLN H 180 -37.91 113.98 53.99
N LYS H 181 -37.06 113.68 54.97
CA LYS H 181 -36.93 114.54 56.16
C LYS H 181 -36.21 115.81 55.83
N LEU H 182 -35.12 115.70 55.06
CA LEU H 182 -34.44 116.89 54.60
C LEU H 182 -35.54 117.79 54.06
N GLU H 183 -36.24 117.30 53.04
CA GLU H 183 -37.32 118.03 52.38
C GLU H 183 -38.23 118.83 53.35
N SER H 184 -38.32 118.37 54.60
CA SER H 184 -39.00 119.11 55.68
C SER H 184 -38.12 120.24 56.23
N ASP H 185 -36.82 119.96 56.33
CA ASP H 185 -35.89 120.95 56.86
C ASP H 185 -35.64 122.09 55.87
N VAL H 186 -35.31 121.78 54.62
CA VAL H 186 -35.12 122.83 53.61
C VAL H 186 -36.40 123.69 53.49
N SER H 187 -37.55 123.03 53.66
CA SER H 187 -38.84 123.73 53.71
C SER H 187 -39.01 124.53 55.01
N ALA H 188 -38.43 124.02 56.10
CA ALA H 188 -38.40 124.74 57.38
C ALA H 188 -37.56 126.02 57.30
N GLN H 189 -36.42 125.94 56.64
CA GLN H 189 -35.52 127.09 56.56
C GLN H 189 -35.95 128.12 55.52
N MET H 190 -37.04 127.87 54.80
CA MET H 190 -37.65 128.96 54.02
C MET H 190 -38.41 129.90 54.96
N GLU H 191 -39.04 129.32 55.98
CA GLU H 191 -39.86 130.12 56.90
C GLU H 191 -39.00 130.96 57.84
N TYR H 192 -37.86 130.43 58.23
CA TYR H 192 -36.93 131.20 59.06
C TYR H 192 -36.06 132.12 58.24
N CYS H 193 -36.22 132.05 56.91
CA CYS H 193 -35.67 133.05 55.99
C CYS H 193 -36.76 133.91 55.37
N ARG H 194 -37.90 134.00 56.04
CA ARG H 194 -38.84 135.07 55.76
C ARG H 194 -38.32 136.35 56.41
N THR H 195 -37.76 136.20 57.60
CA THR H 195 -37.22 137.31 58.37
C THR H 195 -35.68 137.25 58.42
N PRO H 196 -35.01 138.31 57.92
CA PRO H 196 -33.55 138.41 58.00
C PRO H 196 -33.10 138.84 59.40
N CYS H 197 -31.89 138.42 59.78
CA CYS H 197 -31.30 138.85 61.06
C CYS H 197 -31.07 140.35 61.03
N THR H 198 -30.85 140.92 62.20
CA THR H 198 -30.54 142.33 62.31
C THR H 198 -29.32 142.53 63.21
N VAL H 199 -28.50 143.52 62.86
CA VAL H 199 -27.51 144.02 63.80
C VAL H 199 -27.77 145.50 64.07
N SER H 200 -27.11 145.97 65.12
CA SER H 200 -27.12 147.37 65.48
C SER H 200 -25.70 147.70 65.90
N CYS H 201 -24.96 148.28 64.98
CA CYS H 201 -23.57 148.65 65.23
C CYS H 201 -23.39 150.15 65.23
N ASN H 202 -23.50 150.73 66.42
CA ASN H 202 -23.26 152.15 66.57
C ASN H 202 -21.75 152.47 66.43
N ILE H 203 -21.46 153.20 65.36
CA ILE H 203 -20.10 153.55 64.98
C ILE H 203 -19.42 154.28 66.12
N PRO H 204 -18.15 153.89 66.42
CA PRO H 204 -17.23 154.62 67.29
C PRO H 204 -16.81 155.91 66.66
N VAL H 205 -16.58 156.91 67.50
CA VAL H 205 -16.41 158.27 67.00
C VAL H 205 -15.19 158.32 66.07
N VAL H 206 -14.03 158.19 66.70
CA VAL H 206 -12.73 157.93 66.09
C VAL H 206 -12.71 157.05 64.80
N SER H 207 -11.81 157.37 63.87
CA SER H 207 -11.81 156.71 62.55
C SER H 207 -10.59 157.03 61.68
N GLY H 208 -9.61 156.13 61.68
CA GLY H 208 -8.31 156.40 61.09
C GLY H 208 -8.16 156.01 59.64
N LYS H 209 -6.92 156.09 59.16
CA LYS H 209 -6.59 155.54 57.86
C LYS H 209 -6.86 154.03 57.95
N GLU H 210 -6.41 153.45 59.06
CA GLU H 210 -6.54 152.03 59.30
C GLU H 210 -6.53 151.73 60.79
N CYS H 211 -6.71 150.46 61.13
CA CYS H 211 -6.84 150.01 62.52
C CYS H 211 -5.66 150.30 63.44
N GLU H 212 -4.48 150.54 62.87
CA GLU H 212 -3.28 150.90 63.65
C GLU H 212 -3.22 152.40 63.93
N GLU H 213 -3.56 153.22 62.94
CA GLU H 213 -3.61 154.65 63.17
C GLU H 213 -4.66 154.96 64.24
N ILE H 214 -5.70 154.12 64.31
CA ILE H 214 -6.73 154.23 65.35
C ILE H 214 -6.20 153.93 66.75
N ILE H 215 -5.57 152.78 66.94
CA ILE H 215 -5.00 152.43 68.26
C ILE H 215 -4.03 153.51 68.80
N ARG H 216 -3.23 154.12 67.92
CA ARG H 216 -2.35 155.25 68.28
C ARG H 216 -3.17 156.53 68.56
N LYS H 217 -4.31 156.65 67.89
CA LYS H 217 -5.27 157.69 68.24
C LYS H 217 -5.88 157.37 69.60
N GLY H 218 -5.80 156.12 70.02
CA GLY H 218 -6.12 155.75 71.40
C GLY H 218 -7.50 155.12 71.64
N GLY H 219 -7.92 154.22 70.75
CA GLY H 219 -9.11 153.37 70.96
C GLY H 219 -8.72 151.93 71.30
N GLU H 220 -9.11 151.47 72.48
CA GLU H 220 -8.56 150.21 73.01
C GLU H 220 -9.40 148.98 72.67
N THR H 221 -10.72 149.13 72.57
CA THR H 221 -11.63 147.98 72.45
C THR H 221 -11.56 147.21 71.11
N SER H 222 -11.53 145.89 71.19
CA SER H 222 -11.71 145.08 70.00
C SER H 222 -13.18 145.27 69.65
N GLU H 223 -13.45 145.93 68.53
CA GLU H 223 -14.83 146.16 68.12
C GLU H 223 -14.81 146.70 66.73
N MET H 224 -15.97 146.88 66.13
CA MET H 224 -16.00 147.36 64.78
C MET H 224 -15.77 148.84 64.76
N TYR H 225 -14.68 149.29 64.13
CA TYR H 225 -14.44 150.72 63.84
C TYR H 225 -14.75 150.98 62.38
N LEU H 226 -14.58 152.21 61.94
CA LEU H 226 -14.87 152.62 60.56
C LEU H 226 -13.56 153.24 60.07
N ILE H 227 -13.17 153.01 58.81
CA ILE H 227 -11.93 153.62 58.35
C ILE H 227 -12.00 154.15 56.95
N GLN H 228 -11.15 155.15 56.71
CA GLN H 228 -11.01 155.79 55.43
C GLN H 228 -9.53 155.83 55.13
N PRO H 229 -9.05 154.94 54.27
CA PRO H 229 -7.63 154.90 53.98
C PRO H 229 -7.24 155.68 52.70
N ASP H 230 -8.14 156.49 52.18
CA ASP H 230 -7.90 157.26 50.97
C ASP H 230 -9.11 158.18 50.76
N SER H 231 -8.86 159.47 50.59
CA SER H 231 -9.95 160.45 50.48
C SER H 231 -10.76 160.31 49.18
N SER H 232 -10.28 159.51 48.23
CA SER H 232 -11.07 159.11 47.08
C SER H 232 -11.70 157.74 47.28
N VAL H 233 -11.94 157.39 48.55
CA VAL H 233 -12.83 156.28 48.89
C VAL H 233 -13.53 156.62 50.18
N LYS H 234 -14.85 156.50 50.16
CA LYS H 234 -15.62 156.76 51.37
C LYS H 234 -15.16 155.76 52.43
N PRO H 235 -15.36 156.12 53.70
CA PRO H 235 -15.10 155.17 54.75
C PRO H 235 -16.01 153.98 54.64
N TYR H 236 -15.74 152.97 55.44
CA TYR H 236 -16.48 151.72 55.39
C TYR H 236 -16.07 150.92 56.58
N ARG H 237 -16.90 149.98 57.00
CA ARG H 237 -16.65 149.33 58.29
C ARG H 237 -15.66 148.18 58.14
N VAL H 238 -15.11 147.78 59.29
CA VAL H 238 -13.92 146.94 59.36
C VAL H 238 -13.71 146.59 60.82
N TYR H 239 -13.37 145.34 61.13
CA TYR H 239 -13.09 144.99 62.50
C TYR H 239 -11.67 145.37 62.83
N CYS H 240 -11.38 145.76 64.08
CA CYS H 240 -9.99 145.78 64.55
C CYS H 240 -9.88 144.93 65.79
N ASP H 241 -9.07 143.90 65.70
CA ASP H 241 -8.50 143.30 66.90
C ASP H 241 -7.53 144.33 67.48
N MET H 242 -7.83 144.82 68.67
CA MET H 242 -6.90 145.69 69.35
C MET H 242 -6.19 144.96 70.49
N ASN H 243 -6.30 143.64 70.51
CA ASN H 243 -5.81 142.86 71.64
C ASN H 243 -4.60 142.02 71.30
N THR H 244 -4.73 141.09 70.36
CA THR H 244 -3.63 140.15 70.04
C THR H 244 -2.41 140.87 69.42
N GLU H 245 -1.22 140.51 69.89
CA GLU H 245 0.04 141.05 69.39
C GLU H 245 0.07 142.58 69.36
N ASN H 246 -0.60 143.20 70.34
CA ASN H 246 -0.57 144.65 70.55
C ASN H 246 -1.40 145.45 69.56
N GLY H 247 -2.54 144.89 69.16
CA GLY H 247 -3.58 145.61 68.42
C GLY H 247 -3.24 146.23 67.09
N GLY H 248 -4.11 147.09 66.59
CA GLY H 248 -3.90 147.74 65.31
C GLY H 248 -4.11 146.80 64.13
N TRP H 249 -4.70 145.66 64.44
CA TRP H 249 -4.90 144.66 63.43
C TRP H 249 -6.19 144.96 62.77
N THR H 250 -6.18 144.90 61.45
CA THR H 250 -7.34 145.21 60.67
C THR H 250 -7.75 143.92 60.06
N VAL H 251 -8.96 143.47 60.38
CA VAL H 251 -9.37 142.14 59.98
C VAL H 251 -9.78 142.13 58.51
N ILE H 252 -9.44 141.05 57.83
CA ILE H 252 -9.55 140.93 56.39
C ILE H 252 -10.50 139.79 56.09
N GLN H 253 -10.28 138.70 56.82
CA GLN H 253 -11.04 137.48 56.65
C GLN H 253 -11.21 136.82 58.00
N ASN H 254 -12.40 136.31 58.22
CA ASN H 254 -12.71 135.69 59.48
C ASN H 254 -13.73 134.59 59.29
N ARG H 255 -13.40 133.43 59.84
CA ARG H 255 -14.28 132.29 59.96
C ARG H 255 -14.28 131.90 61.45
N GLN H 256 -15.39 131.32 61.91
CA GLN H 256 -15.53 130.95 63.32
C GLN H 256 -16.74 130.08 63.57
N ASP H 257 -17.68 130.10 62.62
CA ASP H 257 -18.86 129.23 62.64
C ASP H 257 -19.36 129.04 61.20
N GLY H 258 -20.57 128.52 61.01
CA GLY H 258 -21.05 128.27 59.66
C GLY H 258 -21.71 129.47 59.02
N SER H 259 -21.89 130.54 59.78
CA SER H 259 -22.90 131.58 59.50
C SER H 259 -22.92 132.27 58.12
N VAL H 260 -21.84 132.18 57.35
CA VAL H 260 -21.80 132.84 56.05
C VAL H 260 -21.29 131.91 54.98
N ASP H 261 -21.90 132.02 53.79
CA ASP H 261 -21.42 131.32 52.60
C ASP H 261 -20.11 132.01 52.24
N PHE H 262 -19.11 131.22 51.84
CA PHE H 262 -17.86 131.74 51.27
C PHE H 262 -17.61 131.19 49.86
N GLY H 263 -18.69 130.84 49.16
CA GLY H 263 -18.56 130.28 47.85
C GLY H 263 -19.14 131.19 46.82
N ARG H 264 -18.57 132.39 46.69
CA ARG H 264 -19.16 133.41 45.81
C ARG H 264 -18.27 133.81 44.65
N LYS H 265 -18.84 134.54 43.70
CA LYS H 265 -18.16 134.89 42.46
C LYS H 265 -17.11 135.99 42.63
N TRP H 266 -16.57 136.44 41.50
CA TRP H 266 -15.57 137.50 41.46
C TRP H 266 -16.09 138.76 42.09
N ASP H 267 -17.23 139.23 41.58
CA ASP H 267 -17.67 140.56 41.88
C ASP H 267 -18.07 140.71 43.33
N PRO H 268 -18.54 139.64 43.97
CA PRO H 268 -18.75 139.69 45.43
C PRO H 268 -17.50 139.53 46.27
N TYR H 269 -16.54 138.77 45.79
CA TYR H 269 -15.22 138.69 46.44
C TYR H 269 -14.50 140.03 46.28
N LYS H 270 -14.81 140.74 45.20
CA LYS H 270 -14.28 142.10 44.93
C LYS H 270 -14.92 143.22 45.79
N GLN H 271 -16.24 143.21 45.89
CA GLN H 271 -16.99 144.21 46.67
C GLN H 271 -16.93 143.87 48.13
N GLY H 272 -16.61 142.61 48.44
CA GLY H 272 -16.51 142.19 49.82
C GLY H 272 -17.86 141.74 50.34
N PHE H 273 -17.86 140.74 51.22
CA PHE H 273 -19.10 140.13 51.68
C PHE H 273 -19.05 139.62 53.11
N GLY H 274 -20.23 139.48 53.70
CA GLY H 274 -20.37 138.91 55.04
C GLY H 274 -20.99 139.86 56.05
N ASN H 275 -20.76 139.53 57.32
CA ASN H 275 -21.20 140.34 58.43
C ASN H 275 -19.95 140.83 59.14
N VAL H 276 -19.68 142.13 59.11
CA VAL H 276 -18.41 142.66 59.64
C VAL H 276 -18.35 142.75 61.19
N ALA H 277 -19.51 142.77 61.84
CA ALA H 277 -19.57 142.62 63.29
C ALA H 277 -21.00 142.50 63.75
N THR H 278 -21.19 142.09 65.00
CA THR H 278 -22.53 141.83 65.55
C THR H 278 -22.63 142.23 67.03
N ASN H 279 -23.86 142.31 67.52
CA ASN H 279 -24.14 142.81 68.85
C ASN H 279 -23.58 141.88 69.93
N THR H 280 -23.09 142.46 71.02
CA THR H 280 -22.35 141.71 72.05
C THR H 280 -23.29 140.89 72.95
N ASP H 281 -23.81 141.52 74.00
CA ASP H 281 -24.86 140.94 74.86
C ASP H 281 -25.96 141.98 75.01
N GLY H 282 -26.43 142.47 73.87
CA GLY H 282 -27.35 143.60 73.83
C GLY H 282 -26.69 144.89 74.26
N LYS H 283 -25.39 145.03 73.97
CA LYS H 283 -24.70 146.31 74.10
C LYS H 283 -24.99 147.14 72.85
N ASN H 284 -24.63 148.42 72.88
CA ASN H 284 -24.93 149.35 71.78
C ASN H 284 -23.92 149.30 70.61
N TYR H 285 -22.72 148.81 70.92
CA TYR H 285 -21.65 148.70 69.93
C TYR H 285 -21.32 147.23 69.68
N CYS H 286 -21.21 146.87 68.42
CA CYS H 286 -20.93 145.50 68.04
C CYS H 286 -19.50 145.12 68.41
N GLY H 287 -19.34 144.37 69.50
CA GLY H 287 -18.04 143.91 69.94
C GLY H 287 -17.58 142.60 69.32
N LEU H 288 -18.48 141.89 68.64
CA LEU H 288 -18.17 140.58 68.05
C LEU H 288 -17.96 140.67 66.53
N PRO H 289 -16.85 140.11 66.03
CA PRO H 289 -16.54 140.11 64.60
C PRO H 289 -17.19 138.94 63.89
N GLY H 290 -17.99 139.25 62.87
CA GLY H 290 -18.65 138.19 62.12
C GLY H 290 -17.72 137.55 61.10
N GLU H 291 -18.25 136.56 60.41
CA GLU H 291 -17.53 135.97 59.29
C GLU H 291 -17.64 136.98 58.17
N TYR H 292 -16.51 137.31 57.55
CA TYR H 292 -16.58 138.17 56.37
C TYR H 292 -15.32 138.18 55.56
N TRP H 293 -15.48 138.68 54.34
CA TRP H 293 -14.37 138.94 53.44
C TRP H 293 -14.50 140.37 52.99
N LEU H 294 -13.56 141.20 53.46
CA LEU H 294 -13.52 142.60 53.08
C LEU H 294 -13.48 142.63 51.56
N GLY H 295 -13.89 143.71 50.92
CA GLY H 295 -13.62 143.81 49.48
C GLY H 295 -12.19 143.42 49.10
N ASN H 296 -12.01 142.68 48.00
CA ASN H 296 -10.65 142.39 47.51
C ASN H 296 -9.87 143.66 47.25
N ASP H 297 -10.30 144.42 46.25
CA ASP H 297 -9.60 145.66 45.90
C ASP H 297 -9.55 146.66 47.05
N LYS H 298 -10.39 146.49 48.08
CA LYS H 298 -10.12 147.15 49.36
C LYS H 298 -8.78 146.67 49.95
N ILE H 299 -8.53 145.37 49.90
CA ILE H 299 -7.34 144.80 50.52
C ILE H 299 -6.13 145.18 49.70
N SER H 300 -6.27 145.21 48.38
CA SER H 300 -5.15 145.58 47.52
C SER H 300 -4.74 146.98 47.91
N GLN H 301 -5.72 147.88 47.83
CA GLN H 301 -5.49 149.27 48.13
C GLN H 301 -4.86 149.37 49.50
N LEU H 302 -5.37 148.62 50.46
CA LEU H 302 -4.91 148.69 51.83
C LEU H 302 -3.42 148.34 51.91
N THR H 303 -3.09 147.18 51.38
CA THR H 303 -1.74 146.68 51.44
C THR H 303 -0.82 147.53 50.60
N ARG H 304 -1.37 148.20 49.60
CA ARG H 304 -0.57 149.05 48.71
C ARG H 304 -0.39 150.50 49.18
N MET H 305 -1.01 150.86 50.29
CA MET H 305 -0.67 152.11 50.96
C MET H 305 0.81 152.12 51.24
N GLY H 306 1.27 150.98 51.76
CA GLY H 306 2.62 150.81 52.29
C GLY H 306 2.93 149.37 52.63
N PRO H 307 4.04 149.13 53.37
CA PRO H 307 4.50 147.78 53.70
C PRO H 307 3.63 147.15 54.76
N THR H 308 2.91 146.11 54.40
CA THR H 308 1.89 145.59 55.26
C THR H 308 2.21 144.21 55.68
N GLU H 309 2.35 144.02 57.00
CA GLU H 309 2.55 142.70 57.53
C GLU H 309 1.19 142.05 57.72
N LEU H 310 1.17 140.73 57.52
CA LEU H 310 -0.03 139.90 57.61
C LEU H 310 0.11 138.85 58.68
N LEU H 311 -0.99 138.59 59.36
CA LEU H 311 -1.06 137.56 60.38
C LEU H 311 -2.30 136.71 60.23
N ILE H 312 -2.09 135.40 60.16
CA ILE H 312 -3.18 134.46 60.04
C ILE H 312 -3.23 133.59 61.29
N GLU H 313 -4.28 133.78 62.09
CA GLU H 313 -4.52 132.94 63.24
C GLU H 313 -5.47 131.80 62.83
N MET H 314 -5.34 130.67 63.52
CA MET H 314 -6.27 129.57 63.36
C MET H 314 -6.24 128.61 64.56
N GLU H 315 -7.43 128.13 64.91
CA GLU H 315 -7.63 127.21 66.01
C GLU H 315 -8.37 125.95 65.56
N ASP H 316 -8.00 124.81 66.14
CA ASP H 316 -8.64 123.51 65.86
C ASP H 316 -9.82 123.26 66.80
N TRP H 317 -10.69 122.34 66.41
CA TRP H 317 -11.93 122.07 67.15
C TRP H 317 -11.67 121.57 68.55
N LYS H 318 -10.43 121.18 68.82
CA LYS H 318 -10.02 120.78 70.16
C LYS H 318 -9.47 121.97 70.97
N GLY H 319 -9.21 123.09 70.30
CA GLY H 319 -8.87 124.35 70.98
C GLY H 319 -7.40 124.70 71.06
N ASP H 320 -6.68 124.49 69.96
CA ASP H 320 -5.26 124.85 69.89
C ASP H 320 -5.04 125.84 68.78
N LYS H 321 -4.05 126.70 68.98
CA LYS H 321 -3.86 127.86 68.15
C LYS H 321 -2.50 127.82 67.49
N VAL H 322 -2.42 128.42 66.30
CA VAL H 322 -1.19 128.49 65.54
C VAL H 322 -1.28 129.76 64.68
N LYS H 323 -0.18 130.50 64.56
CA LYS H 323 -0.17 131.74 63.76
C LYS H 323 0.71 131.57 62.53
N ALA H 324 0.50 132.45 61.56
CA ALA H 324 1.38 132.56 60.40
C ALA H 324 1.70 134.02 60.13
N HIS H 325 2.85 134.47 60.63
CA HIS H 325 3.28 135.84 60.39
C HIS H 325 3.89 135.94 59.04
N TYR H 326 3.62 137.06 58.35
CA TYR H 326 4.19 137.35 57.05
C TYR H 326 4.59 138.83 56.96
N GLY H 327 5.90 139.08 57.05
CA GLY H 327 6.45 140.43 57.19
C GLY H 327 6.14 141.37 56.04
N GLY H 328 5.85 140.80 54.88
CA GLY H 328 5.40 141.60 53.74
C GLY H 328 4.21 140.91 53.12
N PHE H 329 3.22 141.67 52.67
CA PHE H 329 2.03 141.06 52.12
C PHE H 329 1.25 142.01 51.22
N THR H 330 1.29 141.78 49.91
CA THR H 330 0.88 142.85 49.02
C THR H 330 0.13 142.36 47.78
N VAL H 331 -1.04 142.94 47.57
CA VAL H 331 -2.04 142.40 46.70
C VAL H 331 -2.32 143.37 45.59
N GLN H 332 -2.10 142.99 44.35
CA GLN H 332 -2.23 143.97 43.28
C GLN H 332 -3.67 144.32 43.04
N ASN H 333 -3.86 145.28 42.16
CA ASN H 333 -5.18 145.67 41.68
C ASN H 333 -5.84 144.64 40.76
N GLU H 334 -7.11 144.86 40.43
CA GLU H 334 -7.87 143.99 39.53
C GLU H 334 -7.30 143.86 38.11
N ALA H 335 -6.59 144.87 37.63
CA ALA H 335 -5.92 144.74 36.36
C ALA H 335 -5.01 143.54 36.47
N ASN H 336 -4.23 143.49 37.55
CA ASN H 336 -3.28 142.37 37.81
C ASN H 336 -3.85 141.25 38.68
N LYS H 337 -5.18 141.21 38.74
CA LYS H 337 -5.90 140.04 39.19
C LYS H 337 -5.50 139.75 40.61
N TYR H 338 -5.53 140.80 41.42
CA TYR H 338 -5.18 140.70 42.82
C TYR H 338 -4.08 139.67 43.00
N GLN H 339 -2.99 139.83 42.26
CA GLN H 339 -1.83 138.99 42.46
C GLN H 339 -1.39 139.13 43.88
N ILE H 340 -1.10 138.03 44.54
CA ILE H 340 -0.61 138.13 45.90
C ILE H 340 0.90 138.17 45.88
N SER H 341 1.48 138.64 46.97
CA SER H 341 2.84 138.27 47.34
C SER H 341 2.95 138.21 48.83
N VAL H 342 3.73 137.26 49.34
CA VAL H 342 4.03 137.26 50.76
C VAL H 342 5.51 137.15 50.96
N ASN H 343 5.98 137.47 52.15
CA ASN H 343 7.29 137.01 52.60
C ASN H 343 7.60 137.27 54.08
N LYS H 344 8.83 136.91 54.44
CA LYS H 344 9.35 137.03 55.80
C LYS H 344 8.45 136.30 56.80
N TYR H 345 8.40 134.98 56.63
CA TYR H 345 7.52 134.17 57.44
C TYR H 345 8.20 133.81 58.72
N ARG H 346 7.52 134.07 59.82
CA ARG H 346 7.80 133.40 61.07
C ARG H 346 6.47 132.81 61.50
N GLY H 347 6.49 131.92 62.48
CA GLY H 347 5.23 131.36 62.94
C GLY H 347 5.26 129.87 63.18
N THR H 348 4.06 129.31 63.28
CA THR H 348 3.85 127.97 63.82
C THR H 348 2.84 127.11 63.04
N ALA H 349 2.05 127.73 62.17
CA ALA H 349 1.15 126.98 61.30
C ALA H 349 1.95 126.19 60.27
N GLY H 350 3.15 126.67 59.98
CA GLY H 350 3.89 126.25 58.81
C GLY H 350 3.58 127.22 57.68
N ASN H 351 4.42 127.20 56.66
CA ASN H 351 4.48 128.27 55.67
C ASN H 351 3.79 127.91 54.35
N ALA H 352 2.50 127.62 54.46
CA ALA H 352 1.69 127.19 53.32
C ALA H 352 1.70 128.11 52.09
N LEU H 353 1.89 129.41 52.28
CA LEU H 353 1.78 130.40 51.19
C LEU H 353 3.01 130.51 50.33
N MET H 354 4.17 130.33 50.94
CA MET H 354 5.45 130.48 50.25
C MET H 354 5.99 129.15 49.77
N ASP H 355 5.96 128.14 50.65
CA ASP H 355 6.66 126.88 50.42
C ASP H 355 5.77 125.79 49.87
N GLY H 356 4.49 125.78 50.27
CA GLY H 356 3.54 124.76 49.87
C GLY H 356 3.45 123.63 50.88
N ALA H 357 2.42 122.80 50.70
CA ALA H 357 2.16 121.64 51.55
C ALA H 357 3.41 120.91 52.01
N SER H 358 3.58 120.74 53.31
CA SER H 358 4.79 120.13 53.87
C SER H 358 4.89 118.61 53.66
N GLN H 359 3.75 117.96 53.52
CA GLN H 359 3.74 116.52 53.29
C GLN H 359 3.88 116.12 51.82
N LEU H 360 3.58 117.03 50.90
CA LEU H 360 3.78 116.76 49.47
C LEU H 360 5.23 116.92 49.02
N MET H 361 5.57 116.24 47.94
CA MET H 361 6.97 116.16 47.51
C MET H 361 7.24 116.78 46.15
N GLY H 362 8.48 117.28 46.01
CA GLY H 362 8.93 118.06 44.86
C GLY H 362 7.86 118.75 44.03
N GLU H 363 7.56 118.12 42.92
CA GLU H 363 6.61 118.59 41.91
C GLU H 363 5.21 118.87 42.44
N ASN H 364 4.67 117.91 43.20
CA ASN H 364 3.31 118.01 43.69
C ASN H 364 3.23 119.11 44.72
N ARG H 365 4.30 119.30 45.49
CA ARG H 365 4.32 120.37 46.47
C ARG H 365 4.25 121.74 45.83
N THR H 366 5.17 122.03 44.91
CA THR H 366 5.33 123.41 44.49
C THR H 366 4.14 123.95 43.69
N MET H 367 3.29 123.07 43.16
CA MET H 367 1.99 123.52 42.59
C MET H 367 0.96 123.91 43.66
N THR H 368 1.30 123.72 44.94
CA THR H 368 0.42 124.13 46.04
C THR H 368 0.81 125.49 46.64
N ILE H 369 1.79 126.17 46.04
CA ILE H 369 2.29 127.47 46.53
C ILE H 369 1.42 128.65 46.09
N HIS H 370 1.19 129.56 47.01
CA HIS H 370 0.28 130.67 46.79
C HIS H 370 1.01 131.92 46.45
N ASN H 371 2.28 131.98 46.85
CA ASN H 371 3.11 133.13 46.53
C ASN H 371 3.09 133.43 45.03
N GLY H 372 2.84 134.67 44.66
CA GLY H 372 2.78 135.00 43.25
C GLY H 372 1.51 134.56 42.53
N MET H 373 0.61 133.86 43.21
CA MET H 373 -0.64 133.49 42.59
C MET H 373 -1.57 134.68 42.31
N PHE H 374 -2.54 134.40 41.46
CA PHE H 374 -3.57 135.34 41.16
C PHE H 374 -4.74 134.95 42.02
N PHE H 375 -5.85 135.64 41.87
CA PHE H 375 -7.04 135.31 42.61
C PHE H 375 -8.03 134.61 41.68
N SER H 376 -8.71 133.59 42.22
CA SER H 376 -9.68 132.82 41.47
C SER H 376 -10.98 132.62 42.26
N THR H 377 -12.10 132.82 41.57
CA THR H 377 -13.44 132.43 42.05
C THR H 377 -14.02 131.48 41.01
N TYR H 378 -15.17 130.87 41.31
CA TYR H 378 -15.69 129.81 40.44
C TYR H 378 -16.26 130.28 39.10
N ASP H 379 -16.40 131.59 38.89
CA ASP H 379 -16.67 132.06 37.55
C ASP H 379 -15.48 132.77 36.94
N ARG H 380 -14.38 132.84 37.68
CA ARG H 380 -13.17 133.44 37.14
C ARG H 380 -11.90 132.58 37.39
N ASP H 381 -11.35 132.00 36.31
CA ASP H 381 -10.21 131.05 36.36
C ASP H 381 -8.87 131.76 36.16
N ASN H 382 -8.13 131.95 37.24
CA ASN H 382 -6.73 132.36 37.12
C ASN H 382 -5.83 131.43 37.93
N ASP H 383 -6.23 130.16 37.99
CA ASP H 383 -5.58 129.19 38.84
C ASP H 383 -4.35 128.67 38.14
N GLY H 384 -3.65 127.73 38.79
CA GLY H 384 -2.47 127.08 38.22
C GLY H 384 -2.83 126.03 37.18
N TRP H 385 -4.03 125.49 37.30
CA TRP H 385 -4.48 124.34 36.54
C TRP H 385 -4.77 124.69 35.08
N LEU H 386 -3.87 124.32 34.17
CA LEU H 386 -4.08 124.66 32.76
C LEU H 386 -4.73 123.49 31.99
N THR H 387 -6.06 123.56 31.87
CA THR H 387 -6.83 122.65 31.02
C THR H 387 -7.80 123.46 30.18
N SER H 388 -8.50 122.76 29.29
CA SER H 388 -9.65 123.33 28.60
C SER H 388 -10.94 122.93 29.32
N ASP H 389 -11.00 121.67 29.75
CA ASP H 389 -12.11 121.14 30.54
C ASP H 389 -12.58 122.12 31.62
N PRO H 390 -13.89 122.39 31.70
CA PRO H 390 -14.37 123.39 32.65
C PRO H 390 -14.27 122.94 34.09
N ARG H 391 -14.58 121.67 34.37
CA ARG H 391 -14.56 121.20 35.76
C ARG H 391 -13.17 121.30 36.34
N LYS H 392 -12.15 121.36 35.47
CA LYS H 392 -10.76 121.49 35.93
C LYS H 392 -10.43 122.94 36.26
N GLN H 393 -11.03 123.40 37.36
CA GLN H 393 -10.80 124.72 37.92
C GLN H 393 -10.72 124.61 39.43
N CYS H 394 -9.66 125.14 40.04
CA CYS H 394 -9.46 125.00 41.48
C CYS H 394 -10.62 125.53 42.33
N SER H 395 -11.09 126.74 42.04
CA SER H 395 -12.16 127.37 42.84
C SER H 395 -13.55 126.73 42.72
N LYS H 396 -13.76 125.88 41.71
CA LYS H 396 -15.02 125.15 41.57
C LYS H 396 -15.12 124.11 42.67
N GLU H 397 -14.11 123.26 42.78
CA GLU H 397 -14.17 122.13 43.69
C GLU H 397 -13.76 122.45 45.14
N ASP H 398 -12.79 123.34 45.32
CA ASP H 398 -12.27 123.60 46.68
C ASP H 398 -13.00 124.71 47.48
N GLY H 399 -14.15 125.14 46.96
CA GLY H 399 -15.20 125.75 47.80
C GLY H 399 -15.11 127.23 48.19
N GLY H 400 -14.41 128.01 47.39
CA GLY H 400 -14.20 129.42 47.70
C GLY H 400 -13.24 130.12 46.79
N GLY H 401 -13.05 131.41 47.07
CA GLY H 401 -12.21 132.30 46.25
C GLY H 401 -10.84 132.48 46.89
N TRP H 402 -9.78 132.28 46.12
CA TRP H 402 -8.46 132.26 46.71
C TRP H 402 -7.34 132.41 45.69
N TRP H 403 -6.14 132.64 46.21
CA TRP H 403 -4.94 132.64 45.39
C TRP H 403 -4.55 131.19 45.04
N TYR H 404 -5.41 130.56 44.23
CA TYR H 404 -5.25 129.16 43.90
C TYR H 404 -4.13 128.97 42.85
N ASN H 405 -3.42 127.85 43.00
CA ASN H 405 -2.24 127.51 42.22
C ASN H 405 -2.23 126.07 41.73
N ARG H 406 -3.39 125.43 41.64
CA ARG H 406 -3.43 124.00 41.33
C ARG H 406 -2.93 123.08 42.47
N CYS H 407 -3.53 123.16 43.67
CA CYS H 407 -4.59 124.12 44.02
C CYS H 407 -4.31 124.84 45.34
N HIS H 408 -4.01 124.11 46.42
CA HIS H 408 -3.66 124.80 47.65
C HIS H 408 -2.92 124.00 48.69
N ALA H 409 -2.08 124.70 49.47
CA ALA H 409 -1.63 124.26 50.81
C ALA H 409 -2.66 124.75 51.86
N ALA H 410 -3.08 126.00 51.70
CA ALA H 410 -4.07 126.61 52.59
C ALA H 410 -5.33 127.06 51.81
N ASN H 411 -6.49 126.74 52.38
CA ASN H 411 -7.76 127.12 51.81
C ASN H 411 -8.62 127.74 52.91
N PRO H 412 -8.41 129.03 53.21
CA PRO H 412 -9.18 129.64 54.31
C PRO H 412 -10.56 130.09 53.93
N ASN H 413 -10.91 130.05 52.65
CA ASN H 413 -12.28 130.33 52.26
C ASN H 413 -12.97 129.08 51.79
N GLY H 414 -12.36 127.94 52.10
CA GLY H 414 -13.00 126.65 51.98
C GLY H 414 -14.23 126.56 52.86
N ARG H 415 -14.97 125.47 52.67
CA ARG H 415 -16.24 125.24 53.35
C ARG H 415 -16.03 124.79 54.80
N TYR H 416 -16.96 125.17 55.68
CA TYR H 416 -16.79 125.02 57.14
C TYR H 416 -17.39 123.69 57.62
N TYR H 417 -16.54 122.68 57.82
CA TYR H 417 -17.01 121.37 58.26
C TYR H 417 -17.02 121.31 59.76
N TRP H 418 -18.17 120.92 60.29
CA TRP H 418 -18.37 120.87 61.72
C TRP H 418 -17.59 119.72 62.32
N GLY H 419 -16.79 120.01 63.34
CA GLY H 419 -15.98 119.01 64.03
C GLY H 419 -14.55 118.95 63.51
N GLY H 420 -14.30 119.58 62.37
CA GLY H 420 -12.97 119.58 61.77
C GLY H 420 -12.69 118.40 60.86
N GLN H 421 -12.95 117.20 61.36
CA GLN H 421 -12.68 115.98 60.60
C GLN H 421 -13.67 115.84 59.46
N TYR H 422 -13.18 115.57 58.26
CA TYR H 422 -14.04 115.36 57.10
C TYR H 422 -13.40 114.34 56.16
N THR H 423 -14.13 113.95 55.11
CA THR H 423 -13.70 112.86 54.23
C THR H 423 -14.14 113.13 52.81
N TRP H 424 -13.44 112.49 51.88
CA TRP H 424 -13.63 112.74 50.46
C TRP H 424 -15.07 112.49 49.98
N ASP H 425 -15.71 111.49 50.57
CA ASP H 425 -17.10 111.14 50.24
C ASP H 425 -18.12 112.06 50.90
N MET H 426 -17.63 113.01 51.71
CA MET H 426 -18.47 114.10 52.21
C MET H 426 -18.34 115.31 51.29
N ALA H 427 -17.12 115.53 50.78
CA ALA H 427 -16.84 116.69 49.94
C ALA H 427 -17.66 116.63 48.67
N LYS H 428 -18.28 117.76 48.32
CA LYS H 428 -19.17 117.84 47.18
C LYS H 428 -18.49 117.46 45.87
N HIS H 429 -17.19 117.70 45.76
CA HIS H 429 -16.46 117.37 44.53
C HIS H 429 -15.30 116.38 44.72
N GLY H 430 -15.17 115.83 45.92
CA GLY H 430 -14.11 114.86 46.21
C GLY H 430 -12.80 115.48 46.69
N THR H 431 -12.61 116.77 46.47
CA THR H 431 -11.37 117.43 46.85
C THR H 431 -11.34 117.67 48.34
N ASP H 432 -10.28 118.34 48.80
CA ASP H 432 -10.19 118.80 50.19
C ASP H 432 -10.66 120.25 50.36
N ASP H 433 -11.86 120.54 49.83
CA ASP H 433 -12.54 121.84 50.01
C ASP H 433 -12.86 121.99 51.49
N GLY H 434 -12.72 123.19 52.01
CA GLY H 434 -12.83 123.38 53.45
C GLY H 434 -11.67 124.12 54.06
N VAL H 435 -11.93 124.70 55.22
CA VAL H 435 -10.95 125.57 55.86
C VAL H 435 -9.67 124.79 56.16
N VAL H 436 -8.78 124.72 55.18
CA VAL H 436 -7.57 123.88 55.25
C VAL H 436 -6.24 124.63 55.36
N TRP H 437 -5.39 124.18 56.29
CA TRP H 437 -3.98 124.58 56.37
C TRP H 437 -3.13 123.33 56.42
N MET H 438 -2.62 122.94 55.26
CA MET H 438 -2.08 121.59 55.12
C MET H 438 -0.82 121.38 55.90
N ASN H 439 -0.13 122.44 56.25
CA ASN H 439 1.13 122.27 56.96
C ASN H 439 0.95 122.01 58.44
N TRP H 440 -0.29 122.12 58.91
CA TRP H 440 -0.62 121.84 60.29
C TRP H 440 -1.44 120.58 60.43
N LYS H 441 -2.46 120.45 59.56
CA LYS H 441 -3.53 119.46 59.77
C LYS H 441 -3.87 118.62 58.54
N GLY H 442 -3.18 118.85 57.43
CA GLY H 442 -3.46 118.12 56.21
C GLY H 442 -4.76 118.49 55.53
N SER H 443 -4.88 117.99 54.30
CA SER H 443 -6.03 118.25 53.45
C SER H 443 -7.37 118.12 54.14
N TRP H 444 -7.46 117.18 55.09
CA TRP H 444 -8.76 116.70 55.58
C TRP H 444 -9.14 117.15 56.99
N TYR H 445 -8.80 118.38 57.35
CA TYR H 445 -9.24 118.96 58.60
C TYR H 445 -9.66 120.39 58.33
N SER H 446 -10.93 120.70 58.62
CA SER H 446 -11.53 122.02 58.38
C SER H 446 -11.74 122.78 59.70
N MET H 447 -11.01 123.87 59.85
CA MET H 447 -10.79 124.52 61.16
C MET H 447 -12.03 125.08 61.83
N ARG H 448 -11.93 125.27 63.13
CA ARG H 448 -12.97 125.96 63.86
C ARG H 448 -12.78 127.48 63.77
N LYS H 449 -11.53 127.94 63.80
CA LYS H 449 -11.25 129.37 63.69
C LYS H 449 -10.22 129.64 62.62
N MET H 450 -10.51 130.61 61.78
CA MET H 450 -9.57 131.05 60.74
C MET H 450 -9.69 132.54 60.56
N SER H 451 -8.57 133.24 60.69
CA SER H 451 -8.55 134.68 60.52
C SER H 451 -7.41 135.11 59.63
N MET H 452 -7.62 136.24 58.97
CA MET H 452 -6.54 136.95 58.35
C MET H 452 -6.73 138.41 58.64
N LYS H 453 -5.60 139.09 58.77
CA LYS H 453 -5.63 140.43 59.27
C LYS H 453 -4.24 141.03 59.08
N ILE H 454 -4.20 142.31 58.76
CA ILE H 454 -2.99 142.94 58.28
C ILE H 454 -2.73 144.25 58.99
N ARG H 455 -1.45 144.56 59.17
CA ARG H 455 -1.01 145.74 59.92
C ARG H 455 0.15 146.44 59.19
N PRO H 456 0.09 147.79 59.05
CA PRO H 456 1.20 148.52 58.42
C PRO H 456 2.48 148.21 59.15
N PHE H 457 3.55 148.05 58.40
CA PHE H 457 4.70 147.32 58.93
C PHE H 457 5.51 148.08 59.99
N PHE H 458 5.74 149.37 59.78
CA PHE H 458 6.51 150.19 60.74
C PHE H 458 7.93 149.63 61.04
N VAL I 2 -12.19 -26.48 7.17
CA VAL I 2 -12.75 -25.97 5.88
C VAL I 2 -11.66 -25.93 4.79
N ALA I 3 -10.91 -27.04 4.68
CA ALA I 3 -9.75 -27.12 3.78
C ALA I 3 -9.82 -28.33 2.85
N THR I 4 -9.87 -28.07 1.54
CA THR I 4 -10.00 -29.14 0.53
C THR I 4 -8.72 -29.26 -0.32
N ARG I 5 -8.35 -30.50 -0.66
CA ARG I 5 -7.10 -30.84 -1.38
C ARG I 5 -6.68 -29.81 -2.45
N ASP I 6 -7.59 -29.41 -3.34
CA ASP I 6 -7.26 -28.56 -4.51
C ASP I 6 -6.26 -27.40 -4.30
N ASN I 7 -6.71 -26.39 -3.56
CA ASN I 7 -5.87 -25.25 -3.15
C ASN I 7 -4.53 -25.68 -2.52
N CYS I 8 -4.50 -26.91 -2.01
CA CYS I 8 -3.31 -27.53 -1.45
C CYS I 8 -2.57 -28.41 -2.47
N CYS I 9 -1.33 -28.02 -2.78
CA CYS I 9 -0.49 -28.77 -3.72
C CYS I 9 -0.27 -30.22 -3.27
N ILE I 10 0.00 -30.41 -1.98
CA ILE I 10 0.15 -31.75 -1.39
C ILE I 10 -0.86 -31.94 -0.25
N LEU I 11 -1.70 -32.97 -0.36
CA LEU I 11 -2.68 -33.32 0.69
C LEU I 11 -2.62 -34.81 0.92
N ASP I 12 -2.65 -35.18 2.19
CA ASP I 12 -2.78 -36.56 2.56
C ASP I 12 -3.82 -36.72 3.64
N GLU I 13 -4.56 -37.80 3.52
CA GLU I 13 -5.58 -38.19 4.46
C GLU I 13 -4.95 -38.70 5.76
N ARG I 14 -3.78 -39.32 5.65
CA ARG I 14 -3.03 -39.84 6.80
C ARG I 14 -2.23 -38.75 7.55
N PHE I 15 -1.68 -37.74 6.85
CA PHE I 15 -0.96 -36.61 7.51
C PHE I 15 -1.89 -35.73 8.32
N GLY I 16 -3.16 -35.69 7.95
CA GLY I 16 -4.18 -34.95 8.69
C GLY I 16 -4.61 -33.68 7.99
N SER I 17 -5.34 -32.83 8.71
CA SER I 17 -5.81 -31.56 8.17
C SER I 17 -4.70 -30.52 8.32
N TYR I 18 -4.57 -29.65 7.31
CA TYR I 18 -3.57 -28.59 7.35
C TYR I 18 -4.03 -27.41 8.20
N CYS I 19 -3.14 -26.95 9.07
CA CYS I 19 -3.35 -25.72 9.82
C CYS I 19 -2.35 -24.66 9.35
N PRO I 20 -2.70 -23.37 9.52
CA PRO I 20 -1.77 -22.33 9.10
C PRO I 20 -0.59 -22.24 10.06
N THR I 21 0.58 -21.85 9.54
CA THR I 21 1.81 -21.89 10.33
C THR I 21 1.93 -20.72 11.32
N THR I 22 2.70 -20.94 12.39
CA THR I 22 2.88 -19.94 13.45
C THR I 22 3.53 -18.65 12.95
N CYS I 23 4.20 -18.72 11.81
CA CYS I 23 4.67 -17.54 11.10
C CYS I 23 3.49 -16.74 10.57
N GLY I 24 2.61 -17.40 9.82
CA GLY I 24 1.43 -16.78 9.22
C GLY I 24 0.51 -16.15 10.24
N ILE I 25 0.63 -16.61 11.49
CA ILE I 25 -0.04 -15.96 12.62
C ILE I 25 0.79 -14.77 13.13
N ALA I 26 2.06 -15.01 13.41
CA ALA I 26 2.96 -13.99 13.96
C ALA I 26 2.87 -12.68 13.19
N ASP I 27 3.04 -12.73 11.87
CA ASP I 27 2.95 -11.52 11.05
C ASP I 27 1.51 -10.99 10.94
N PHE I 28 0.52 -11.88 10.96
CA PHE I 28 -0.88 -11.47 10.99
C PHE I 28 -1.19 -10.76 12.30
N LEU I 29 -0.51 -11.19 13.37
CA LEU I 29 -0.57 -10.49 14.64
C LEU I 29 0.06 -9.11 14.49
N SER I 30 1.39 -9.06 14.31
CA SER I 30 2.10 -7.78 14.22
C SER I 30 1.60 -6.85 13.09
N THR I 31 0.91 -7.41 12.08
CA THR I 31 0.26 -6.60 11.05
C THR I 31 -0.98 -5.88 11.59
N TYR I 32 -1.93 -6.66 12.10
CA TYR I 32 -3.18 -6.12 12.65
C TYR I 32 -3.03 -5.58 14.09
N GLN I 33 -2.10 -6.16 14.86
CA GLN I 33 -1.85 -5.71 16.24
C GLN I 33 -1.52 -4.23 16.24
N THR I 34 -0.54 -3.88 15.43
CA THR I 34 -0.16 -2.49 15.24
C THR I 34 -1.34 -1.70 14.64
N LYS I 35 -2.02 -2.28 13.66
CA LYS I 35 -3.17 -1.61 13.00
C LYS I 35 -4.39 -1.43 13.90
N VAL I 36 -4.36 -2.01 15.11
CA VAL I 36 -5.32 -1.65 16.15
C VAL I 36 -4.60 -0.80 17.19
N ASP I 37 -3.57 -1.37 17.81
CA ASP I 37 -2.80 -0.67 18.84
C ASP I 37 -2.57 0.78 18.45
N LYS I 38 -1.94 0.97 17.30
CA LYS I 38 -1.60 2.30 16.81
C LYS I 38 -2.68 2.92 15.92
N ASP I 39 -3.87 2.33 15.92
CA ASP I 39 -5.08 3.02 15.46
C ASP I 39 -5.83 3.52 16.68
N LEU I 40 -5.57 2.89 17.82
CA LEU I 40 -6.21 3.27 19.08
C LEU I 40 -5.64 4.58 19.60
N GLN I 41 -4.47 4.97 19.09
CA GLN I 41 -3.89 6.29 19.37
C GLN I 41 -4.70 7.44 18.77
N SER I 42 -5.38 7.19 17.64
CA SER I 42 -6.27 8.21 17.09
C SER I 42 -7.31 8.55 18.13
N LEU I 43 -8.14 7.56 18.47
CA LEU I 43 -9.24 7.75 19.41
C LEU I 43 -8.77 8.24 20.78
N GLU I 44 -7.57 7.81 21.20
CA GLU I 44 -7.03 8.19 22.51
C GLU I 44 -6.55 9.64 22.53
N ASP I 45 -5.61 9.96 21.64
CA ASP I 45 -5.04 11.31 21.60
C ASP I 45 -6.04 12.36 21.10
N ILE I 46 -7.12 11.92 20.46
CA ILE I 46 -8.27 12.79 20.21
C ILE I 46 -9.02 13.07 21.51
N LEU I 47 -8.97 12.11 22.44
CA LEU I 47 -9.65 12.22 23.73
C LEU I 47 -8.86 12.99 24.77
N HIS I 48 -7.52 12.98 24.67
CA HIS I 48 -6.67 13.76 25.58
C HIS I 48 -6.82 15.26 25.35
N GLN I 49 -7.14 15.64 24.11
CA GLN I 49 -7.48 17.02 23.78
C GLN I 49 -8.91 17.34 24.22
N VAL I 50 -9.85 16.45 23.88
CA VAL I 50 -11.24 16.60 24.30
C VAL I 50 -11.39 16.64 25.83
N GLU I 51 -10.45 16.02 26.55
CA GLU I 51 -10.41 16.12 28.03
C GLU I 51 -9.66 17.35 28.50
N ASN I 52 -8.68 17.81 27.72
CA ASN I 52 -7.95 19.04 28.08
C ASN I 52 -8.79 20.27 27.77
N LYS I 53 -9.84 20.08 26.96
CA LYS I 53 -10.88 21.11 26.78
C LYS I 53 -11.76 21.20 28.03
N THR I 54 -12.04 20.06 28.66
CA THR I 54 -12.77 20.04 29.94
C THR I 54 -11.97 20.73 31.03
N SER I 55 -10.66 20.47 31.06
CA SER I 55 -9.74 21.11 32.00
C SER I 55 -9.80 22.64 31.92
N GLU I 56 -9.76 23.16 30.70
CA GLU I 56 -9.73 24.61 30.48
C GLU I 56 -11.10 25.29 30.64
N VAL I 57 -12.18 24.52 30.49
CA VAL I 57 -13.54 25.06 30.63
C VAL I 57 -14.02 25.14 32.09
N LYS I 58 -13.70 24.13 32.90
CA LYS I 58 -14.02 24.17 34.33
C LYS I 58 -13.14 25.17 35.10
N GLN I 59 -11.92 25.39 34.64
CA GLN I 59 -11.05 26.45 35.19
C GLN I 59 -11.57 27.85 34.83
N LEU I 60 -12.21 27.98 33.67
CA LEU I 60 -12.84 29.25 33.26
C LEU I 60 -14.08 29.56 34.13
N ILE I 61 -14.91 28.55 34.40
CA ILE I 61 -16.10 28.73 35.23
C ILE I 61 -15.76 28.98 36.72
N LYS I 62 -14.65 28.43 37.19
CA LYS I 62 -14.17 28.67 38.56
C LYS I 62 -13.71 30.12 38.78
N ALA I 63 -12.91 30.63 37.84
CA ALA I 63 -12.39 32.00 37.92
C ALA I 63 -13.45 33.07 37.62
N ILE I 64 -14.51 32.69 36.88
CA ILE I 64 -15.62 33.60 36.59
C ILE I 64 -16.50 33.85 37.83
N GLN I 65 -16.79 32.78 38.58
CA GLN I 65 -17.59 32.89 39.82
C GLN I 65 -16.89 33.72 40.92
N LEU I 66 -15.56 33.70 40.91
CA LEU I 66 -14.77 34.55 41.81
C LEU I 66 -14.69 36.00 41.30
N THR I 67 -15.06 36.23 40.04
CA THR I 67 -15.11 37.58 39.46
C THR I 67 -16.52 37.94 38.95
N TYR I 68 -17.53 37.27 39.50
CA TYR I 68 -18.96 37.66 39.36
C TYR I 68 -19.52 38.22 40.68
N ASN I 69 -19.04 37.70 41.81
CA ASN I 69 -19.42 38.21 43.13
C ASN I 69 -18.93 39.65 43.42
N PRO I 70 -17.72 40.02 42.93
CA PRO I 70 -17.29 41.42 42.99
C PRO I 70 -18.08 42.33 42.06
N ASP I 71 -18.75 41.74 41.08
CA ASP I 71 -19.66 42.44 40.17
C ASP I 71 -21.11 42.43 40.68
N GLU I 72 -21.33 41.91 41.89
CA GLU I 72 -22.66 41.83 42.51
C GLU I 72 -22.80 42.74 43.74
N SER I 73 -21.70 43.42 44.06
CA SER I 73 -21.56 44.14 45.31
C SER I 73 -22.30 45.50 45.35
N SER I 74 -21.75 46.50 44.66
CA SER I 74 -22.16 47.93 44.77
C SER I 74 -23.66 48.21 44.96
N LYS I 75 -23.96 49.38 45.54
CA LYS I 75 -25.34 49.78 45.89
C LYS I 75 -26.32 49.54 44.72
N PRO I 76 -27.53 49.01 45.03
CA PRO I 76 -28.41 48.29 44.10
C PRO I 76 -28.28 48.67 42.62
N ASN I 77 -28.50 49.94 42.31
CA ASN I 77 -28.24 50.48 40.96
C ASN I 77 -27.52 51.83 41.09
N MET I 78 -26.85 52.24 40.00
CA MET I 78 -26.38 53.62 39.89
C MET I 78 -27.50 54.47 39.26
N ILE I 79 -28.51 53.80 38.72
CA ILE I 79 -29.82 54.43 38.42
C ILE I 79 -30.57 54.78 39.70
N ASP I 80 -30.50 53.92 40.70
CA ASP I 80 -31.25 54.05 41.96
C ASP I 80 -31.00 55.44 42.56
N ALA I 81 -29.72 55.78 42.71
CA ALA I 81 -29.33 57.13 43.10
C ALA I 81 -29.66 58.10 41.99
N ALA I 82 -29.32 57.73 40.75
CA ALA I 82 -29.61 58.53 39.57
C ALA I 82 -31.09 58.90 39.46
N THR I 83 -31.97 57.95 39.75
CA THR I 83 -33.41 58.22 39.85
C THR I 83 -33.75 58.95 41.15
N LEU I 84 -33.10 58.57 42.26
CA LEU I 84 -33.28 59.27 43.54
C LEU I 84 -32.63 60.67 43.52
N LYS I 85 -31.62 60.86 42.67
CA LYS I 85 -31.07 62.19 42.40
C LYS I 85 -32.11 62.99 41.62
N SER I 86 -32.60 62.40 40.53
CA SER I 86 -33.65 63.03 39.72
C SER I 86 -34.86 63.42 40.56
N ARG I 87 -35.12 62.66 41.63
CA ARG I 87 -36.10 63.07 42.65
C ARG I 87 -35.58 64.29 43.41
N LYS I 88 -34.36 64.19 43.93
CA LYS I 88 -33.73 65.30 44.66
C LYS I 88 -33.69 66.56 43.81
N MET I 89 -33.36 66.41 42.53
CA MET I 89 -33.30 67.55 41.62
C MET I 89 -34.66 68.22 41.51
N LEU I 90 -35.67 67.46 41.10
CA LEU I 90 -37.01 67.99 40.89
C LEU I 90 -37.68 68.45 42.18
N GLU I 91 -37.42 67.74 43.28
CA GLU I 91 -37.96 68.12 44.59
C GLU I 91 -37.43 69.51 45.01
N GLU I 92 -36.14 69.73 44.78
CA GLU I 92 -35.53 71.05 45.02
C GLU I 92 -36.05 72.06 44.00
N ILE I 93 -35.92 71.73 42.72
CA ILE I 93 -36.27 72.63 41.61
C ILE I 93 -37.79 72.90 41.50
N MET I 94 -38.59 72.05 42.14
CA MET I 94 -40.04 72.31 42.28
C MET I 94 -40.31 73.63 43.02
N LYS I 95 -39.58 73.88 44.11
CA LYS I 95 -39.79 75.08 44.93
C LYS I 95 -39.14 76.32 44.33
N TYR I 96 -38.13 76.10 43.48
CA TYR I 96 -37.29 77.19 42.98
C TYR I 96 -38.00 78.03 41.92
N GLU I 97 -38.72 77.37 41.01
CA GLU I 97 -39.59 78.09 40.07
C GLU I 97 -40.51 79.07 40.79
N ALA I 98 -41.00 78.68 41.97
CA ALA I 98 -41.89 79.52 42.78
C ALA I 98 -41.10 80.53 43.59
N SER I 99 -40.00 80.08 44.18
CA SER I 99 -39.09 80.97 44.92
C SER I 99 -38.50 82.06 44.01
N ILE I 100 -38.26 81.71 42.74
CA ILE I 100 -37.77 82.66 41.73
C ILE I 100 -38.90 83.56 41.22
N LEU I 101 -40.05 82.98 40.92
CA LEU I 101 -41.22 83.75 40.45
C LEU I 101 -41.73 84.76 41.50
N THR I 102 -41.47 84.50 42.78
CA THR I 102 -41.81 85.45 43.86
C THR I 102 -40.75 86.55 44.01
N HIS I 103 -39.49 86.13 44.13
CA HIS I 103 -38.37 87.06 44.28
C HIS I 103 -38.26 88.08 43.14
N ASP I 104 -38.65 87.70 41.93
CA ASP I 104 -38.67 88.62 40.79
C ASP I 104 -39.44 89.90 41.09
N SER I 105 -40.59 89.74 41.75
CA SER I 105 -41.41 90.88 42.12
C SER I 105 -40.75 91.78 43.17
N SER I 106 -39.89 91.20 44.02
CA SER I 106 -39.17 91.96 45.03
C SER I 106 -38.08 92.83 44.40
N ILE I 107 -37.44 92.33 43.35
CA ILE I 107 -36.48 93.13 42.59
C ILE I 107 -37.20 94.25 41.85
N ARG I 108 -38.35 93.92 41.27
CA ARG I 108 -39.18 94.92 40.59
C ARG I 108 -39.68 95.99 41.55
N TYR I 109 -39.86 95.63 42.82
CA TYR I 109 -40.30 96.56 43.85
C TYR I 109 -39.18 97.58 44.16
N LEU I 110 -38.00 97.08 44.50
CA LEU I 110 -36.87 97.94 44.84
C LEU I 110 -36.34 98.74 43.66
N GLN I 111 -36.52 98.24 42.43
CA GLN I 111 -36.13 98.99 41.23
C GLN I 111 -36.92 100.29 41.10
N GLU I 112 -38.20 100.25 41.48
CA GLU I 112 -39.06 101.42 41.38
C GLU I 112 -38.66 102.51 42.36
N ILE I 113 -38.08 102.10 43.50
CA ILE I 113 -37.72 103.01 44.59
C ILE I 113 -36.42 103.76 44.34
N TYR I 114 -35.37 103.05 43.91
CA TYR I 114 -34.14 103.71 43.47
C TYR I 114 -34.50 104.79 42.46
N ASN I 115 -35.26 104.43 41.43
CA ASN I 115 -35.74 105.42 40.45
C ASN I 115 -36.49 106.59 41.09
N SER I 116 -37.28 106.29 42.12
CA SER I 116 -37.99 107.31 42.89
C SER I 116 -37.01 108.15 43.71
N ASN I 117 -36.44 107.56 44.76
CA ASN I 117 -35.43 108.26 45.55
C ASN I 117 -34.53 109.09 44.63
N ASN I 118 -33.97 108.45 43.62
CA ASN I 118 -33.18 109.15 42.61
C ASN I 118 -33.97 110.25 41.90
N GLN I 119 -35.28 110.07 41.76
CA GLN I 119 -36.12 111.10 41.18
C GLN I 119 -36.34 112.27 42.17
N LYS I 120 -36.77 111.98 43.40
CA LYS I 120 -36.99 113.02 44.42
C LYS I 120 -35.72 113.82 44.68
N ILE I 121 -34.61 113.09 44.75
CA ILE I 121 -33.31 113.65 45.08
C ILE I 121 -32.79 114.64 44.04
N VAL I 122 -33.48 114.77 42.92
CA VAL I 122 -33.19 115.82 41.95
C VAL I 122 -34.00 117.08 42.25
N ASN I 123 -35.04 116.94 43.07
CA ASN I 123 -35.89 118.07 43.42
C ASN I 123 -35.49 118.71 44.75
N LEU I 124 -34.88 117.91 45.63
CA LEU I 124 -34.30 118.42 46.87
C LEU I 124 -33.06 119.29 46.60
N LYS I 125 -32.25 118.91 45.61
CA LYS I 125 -31.09 119.70 45.20
C LYS I 125 -31.54 121.04 44.65
N GLU I 126 -32.60 121.01 43.84
CA GLU I 126 -33.28 122.21 43.32
C GLU I 126 -33.88 123.12 44.42
N LYS I 127 -34.46 122.49 45.45
CA LYS I 127 -34.99 123.23 46.60
C LYS I 127 -33.85 123.75 47.50
N VAL I 128 -32.78 122.99 47.59
CA VAL I 128 -31.56 123.47 48.25
C VAL I 128 -30.94 124.65 47.50
N ALA I 129 -31.12 124.69 46.17
CA ALA I 129 -30.66 125.80 45.34
C ALA I 129 -31.39 127.11 45.66
N GLN I 130 -32.72 127.02 45.73
CA GLN I 130 -33.55 128.17 46.12
C GLN I 130 -33.33 128.60 47.58
N LEU I 131 -32.85 127.67 48.42
CA LEU I 131 -32.46 128.01 49.78
C LEU I 131 -31.11 128.72 49.81
N GLU I 132 -30.13 128.16 49.10
CA GLU I 132 -28.84 128.84 48.97
C GLU I 132 -29.08 130.29 48.61
N ALA I 133 -30.02 130.51 47.69
CA ALA I 133 -30.32 131.83 47.12
C ALA I 133 -30.69 132.94 48.13
N GLN I 134 -31.11 132.57 49.35
CA GLN I 134 -31.55 133.56 50.34
C GLN I 134 -30.51 133.85 51.44
N CYS I 135 -29.42 133.08 51.48
CA CYS I 135 -28.40 133.23 52.55
C CYS I 135 -27.13 133.89 52.02
N GLN I 136 -27.36 134.78 51.06
CA GLN I 136 -26.31 135.49 50.41
C GLN I 136 -26.16 136.82 51.13
N GLU I 137 -27.23 137.60 51.20
CA GLU I 137 -27.20 138.92 51.83
C GLU I 137 -27.08 138.81 53.36
N PRO I 138 -26.45 139.81 54.02
CA PRO I 138 -26.17 139.78 55.45
C PRO I 138 -27.14 140.62 56.29
N CYS I 139 -27.03 140.45 57.61
CA CYS I 139 -27.91 141.13 58.56
C CYS I 139 -28.02 142.61 58.22
N LYS I 140 -29.24 143.13 58.31
CA LYS I 140 -29.47 144.56 58.16
C LYS I 140 -28.88 145.25 59.39
N ASP I 141 -28.04 146.25 59.18
CA ASP I 141 -27.70 147.13 60.29
C ASP I 141 -28.81 148.17 60.41
N THR I 142 -29.32 148.25 61.62
CA THR I 142 -30.28 149.27 62.02
C THR I 142 -29.65 150.66 62.05
N VAL I 143 -28.32 150.73 61.85
CA VAL I 143 -27.59 151.99 61.84
C VAL I 143 -27.08 152.31 60.44
N GLN I 144 -27.77 153.20 59.72
CA GLN I 144 -27.39 153.59 58.35
C GLN I 144 -26.88 155.03 58.26
N ILE I 145 -25.75 155.21 57.58
CA ILE I 145 -25.20 156.55 57.36
C ILE I 145 -25.86 157.10 56.12
N HIS I 146 -26.18 158.39 56.17
CA HIS I 146 -26.89 159.05 55.09
C HIS I 146 -25.94 159.35 53.95
N ASP I 147 -26.50 159.72 52.80
CA ASP I 147 -25.71 159.96 51.59
C ASP I 147 -25.11 161.37 51.49
N ILE I 148 -25.89 162.40 51.87
CA ILE I 148 -25.41 163.79 51.72
C ILE I 148 -24.26 164.16 52.66
N THR I 149 -23.41 165.05 52.15
CA THR I 149 -22.38 165.71 52.94
C THR I 149 -22.42 167.18 52.63
N GLY I 150 -21.94 167.96 53.59
CA GLY I 150 -21.63 169.36 53.38
C GLY I 150 -20.53 169.80 54.33
N LYS I 151 -20.50 171.10 54.60
CA LYS I 151 -19.53 171.64 55.55
C LYS I 151 -19.98 171.39 57.00
N ASP I 152 -21.29 171.38 57.24
CA ASP I 152 -21.87 171.13 58.57
C ASP I 152 -23.34 170.66 58.48
N CYS I 153 -23.92 170.30 59.63
CA CYS I 153 -25.34 169.93 59.68
C CYS I 153 -26.28 170.98 59.07
N GLN I 154 -25.89 172.25 59.15
CA GLN I 154 -26.69 173.31 58.55
C GLN I 154 -26.63 173.21 57.04
N ASP I 155 -25.42 173.20 56.47
CA ASP I 155 -25.29 173.10 55.03
C ASP I 155 -26.05 171.87 54.56
N ILE I 156 -25.88 170.76 55.27
CA ILE I 156 -26.71 169.57 55.05
C ILE I 156 -28.18 169.98 54.94
N ALA I 157 -28.74 170.47 56.04
CA ALA I 157 -30.18 170.81 56.11
C ALA I 157 -30.64 171.67 54.93
N ASN I 158 -29.89 172.72 54.66
CA ASN I 158 -30.17 173.65 53.57
C ASN I 158 -30.07 173.00 52.21
N LYS I 159 -29.38 171.86 52.15
CA LYS I 159 -29.38 171.05 50.94
C LYS I 159 -30.62 170.16 50.90
N GLY I 160 -31.03 169.62 52.04
CA GLY I 160 -32.28 168.85 52.07
C GLY I 160 -32.68 168.03 53.28
N ALA I 161 -31.72 167.55 54.06
CA ALA I 161 -31.99 166.54 55.10
C ALA I 161 -33.12 166.92 56.07
N LYS I 162 -33.84 165.89 56.53
CA LYS I 162 -34.99 166.10 57.42
C LYS I 162 -35.02 165.15 58.63
N GLN I 163 -34.45 163.97 58.49
CA GLN I 163 -34.25 163.09 59.64
C GLN I 163 -32.99 163.50 60.37
N SER I 164 -33.11 163.63 61.70
CA SER I 164 -31.94 163.60 62.58
C SER I 164 -31.17 162.34 62.23
N GLY I 165 -29.89 162.29 62.61
CA GLY I 165 -29.09 161.07 62.42
C GLY I 165 -27.62 161.31 62.15
N LEU I 166 -26.92 160.28 61.66
CA LEU I 166 -25.48 160.36 61.46
C LEU I 166 -25.16 160.76 60.03
N TYR I 167 -24.13 161.60 59.88
CA TYR I 167 -23.74 162.18 58.59
C TYR I 167 -22.24 162.49 58.53
N PHE I 168 -21.74 162.58 57.30
CA PHE I 168 -20.36 162.96 57.03
C PHE I 168 -20.28 164.41 56.65
N ILE I 169 -19.23 165.06 57.12
CA ILE I 169 -19.05 166.50 56.90
C ILE I 169 -17.59 166.78 56.64
N LYS I 170 -17.33 167.77 55.80
CA LYS I 170 -15.97 168.19 55.51
C LYS I 170 -15.91 169.70 55.47
N PRO I 171 -15.52 170.33 56.60
CA PRO I 171 -15.27 171.75 56.67
C PRO I 171 -14.14 172.16 55.74
N LEU I 172 -14.14 173.44 55.40
CA LEU I 172 -13.36 173.95 54.29
C LEU I 172 -11.85 173.70 54.49
N LYS I 173 -11.35 174.00 55.68
CA LYS I 173 -9.92 173.86 55.96
C LYS I 173 -9.54 172.47 56.52
N ALA I 174 -10.51 171.55 56.60
CA ALA I 174 -10.24 170.21 57.13
C ALA I 174 -9.69 169.31 56.03
N ASN I 175 -8.76 168.44 56.41
CA ASN I 175 -8.10 167.58 55.43
C ASN I 175 -9.04 166.48 54.97
N GLN I 176 -9.49 165.70 55.93
CA GLN I 176 -10.36 164.57 55.71
C GLN I 176 -11.75 164.89 56.26
N GLN I 177 -12.75 164.14 55.81
CA GLN I 177 -14.09 164.24 56.36
C GLN I 177 -14.20 163.34 57.58
N PHE I 178 -15.32 163.48 58.29
CA PHE I 178 -15.60 162.58 59.43
C PHE I 178 -17.06 162.60 59.82
N LEU I 179 -17.41 161.58 60.58
CA LEU I 179 -18.79 161.34 60.89
C LEU I 179 -19.21 162.13 62.13
N VAL I 180 -20.44 162.64 62.08
CA VAL I 180 -21.00 163.50 63.11
C VAL I 180 -22.48 163.21 63.29
N TYR I 181 -23.00 163.36 64.50
CA TYR I 181 -24.43 163.19 64.73
C TYR I 181 -25.20 164.49 64.63
N CYS I 182 -25.87 164.70 63.49
CA CYS I 182 -26.66 165.90 63.29
C CYS I 182 -28.05 165.71 63.86
N GLU I 183 -28.69 166.83 64.18
CA GLU I 183 -30.02 166.86 64.81
C GLU I 183 -30.85 167.89 64.07
N ILE I 184 -31.74 167.42 63.21
CA ILE I 184 -32.58 168.32 62.44
C ILE I 184 -33.97 168.37 63.08
N ASP I 185 -34.62 169.53 62.94
CA ASP I 185 -35.97 169.77 63.42
C ASP I 185 -36.85 170.24 62.24
N GLY I 186 -38.14 170.49 62.51
CA GLY I 186 -39.10 170.89 61.47
C GLY I 186 -38.86 172.24 60.81
N SER I 187 -38.12 173.12 61.49
CA SER I 187 -37.83 174.45 60.96
C SER I 187 -36.58 174.49 60.08
N GLY I 188 -35.76 173.43 60.14
CA GLY I 188 -34.64 173.25 59.20
C GLY I 188 -33.26 173.60 59.75
N ASN I 189 -33.11 173.47 61.06
CA ASN I 189 -31.91 173.90 61.75
C ASN I 189 -31.02 172.70 62.11
N GLY I 190 -29.75 172.78 61.71
CA GLY I 190 -28.84 171.65 61.80
C GLY I 190 -27.87 171.73 62.96
N TRP I 191 -28.26 171.11 64.08
CA TRP I 191 -27.44 171.07 65.28
C TRP I 191 -26.44 169.91 65.28
N THR I 192 -25.15 170.24 65.30
CA THR I 192 -24.12 169.21 65.44
C THR I 192 -23.84 168.93 66.88
N VAL I 193 -24.04 167.70 67.36
CA VAL I 193 -23.67 167.45 68.74
C VAL I 193 -22.22 167.08 68.78
N PHE I 194 -21.48 167.70 69.69
CA PHE I 194 -20.10 167.29 69.92
C PHE I 194 -19.93 166.59 71.25
N GLN I 195 -20.96 166.66 72.07
CA GLN I 195 -20.99 165.88 73.28
C GLN I 195 -22.41 165.66 73.73
N LYS I 196 -22.65 164.43 74.20
CA LYS I 196 -23.91 164.03 74.80
C LYS I 196 -23.61 163.08 75.95
N ARG I 197 -24.50 163.05 76.94
CA ARG I 197 -24.40 162.08 78.01
C ARG I 197 -25.82 161.54 78.19
N LEU I 198 -25.96 160.38 78.83
CA LEU I 198 -27.30 159.88 79.16
C LEU I 198 -27.31 158.78 80.23
N ASP I 199 -26.48 157.76 80.05
CA ASP I 199 -26.57 156.57 80.91
C ASP I 199 -25.46 156.41 81.97
N GLY I 200 -24.28 156.93 81.69
CA GLY I 200 -23.10 156.68 82.52
C GLY I 200 -22.29 155.46 82.07
N SER I 201 -22.47 155.08 80.80
CA SER I 201 -21.68 154.00 80.21
C SER I 201 -20.26 154.46 79.94
N VAL I 202 -20.11 155.37 78.97
CA VAL I 202 -18.81 155.77 78.44
C VAL I 202 -17.96 156.46 79.51
N ASP I 203 -16.67 156.11 79.57
CA ASP I 203 -15.76 156.65 80.56
C ASP I 203 -15.22 157.97 80.06
N PHE I 204 -15.59 159.08 80.70
CA PHE I 204 -15.04 160.41 80.34
C PHE I 204 -13.77 160.78 81.13
N LYS I 205 -13.25 159.83 81.89
CA LYS I 205 -11.96 159.97 82.55
C LYS I 205 -10.88 159.58 81.55
N LYS I 206 -10.75 160.35 80.47
CA LYS I 206 -9.81 160.01 79.37
C LYS I 206 -8.61 160.97 79.20
N ASN I 207 -7.67 160.56 78.35
CA ASN I 207 -6.44 161.31 78.14
C ASN I 207 -6.50 162.27 76.94
N TRP I 208 -5.59 163.25 76.98
CA TRP I 208 -5.46 164.31 75.98
C TRP I 208 -5.81 163.86 74.56
N ILE I 209 -5.06 162.90 74.04
CA ILE I 209 -5.23 162.52 72.67
C ILE I 209 -6.63 162.00 72.46
N GLN I 210 -7.01 161.04 73.30
CA GLN I 210 -8.37 160.51 73.26
C GLN I 210 -9.35 161.67 73.03
N TYR I 211 -9.27 162.65 73.92
CA TYR I 211 -10.06 163.87 73.87
C TYR I 211 -9.90 164.71 72.58
N LYS I 212 -8.73 164.63 71.95
CA LYS I 212 -8.49 165.37 70.72
C LYS I 212 -9.34 164.81 69.57
N GLU I 213 -9.09 163.52 69.36
CA GLU I 213 -9.57 162.77 68.22
C GLU I 213 -11.02 162.38 68.48
N GLY I 214 -11.31 162.03 69.74
CA GLY I 214 -12.68 161.90 70.26
C GLY I 214 -13.18 160.48 70.42
N PHE I 215 -13.75 160.20 71.59
CA PHE I 215 -14.21 158.85 71.98
C PHE I 215 -15.76 158.70 72.02
N GLY I 216 -16.23 157.50 72.30
CA GLY I 216 -17.67 157.19 72.36
C GLY I 216 -18.20 156.71 71.02
N HIS I 217 -19.51 156.46 70.97
CA HIS I 217 -20.17 155.96 69.75
C HIS I 217 -21.29 156.87 69.26
N LEU I 218 -21.40 157.05 67.95
CA LEU I 218 -22.50 157.84 67.37
C LEU I 218 -23.69 156.94 67.07
N SER I 219 -24.90 157.50 67.15
CA SER I 219 -26.13 156.71 66.89
C SER I 219 -27.21 157.54 66.16
N PRO I 220 -27.98 156.91 65.24
CA PRO I 220 -28.92 157.68 64.39
C PRO I 220 -30.16 158.16 65.14
N THR I 221 -30.46 157.52 66.25
CA THR I 221 -31.51 157.95 67.16
C THR I 221 -30.94 158.84 68.25
N GLY I 222 -29.62 158.81 68.40
CA GLY I 222 -28.93 159.70 69.32
C GLY I 222 -29.16 159.30 70.76
N THR I 223 -28.57 158.18 71.16
CA THR I 223 -28.84 157.57 72.47
C THR I 223 -27.61 156.82 72.92
N THR I 224 -26.51 157.55 72.94
CA THR I 224 -25.22 156.96 73.07
C THR I 224 -24.29 158.04 73.56
N GLU I 225 -23.70 157.84 74.74
CA GLU I 225 -22.75 158.80 75.28
C GLU I 225 -21.60 158.96 74.28
N PHE I 226 -20.99 160.14 74.25
CA PHE I 226 -19.78 160.36 73.47
C PHE I 226 -19.21 161.77 73.55
N TRP I 227 -18.00 161.89 73.01
CA TRP I 227 -17.33 163.15 72.77
C TRP I 227 -16.93 163.18 71.30
N LEU I 228 -17.17 164.27 70.60
CA LEU I 228 -16.89 164.27 69.18
C LEU I 228 -15.40 164.33 68.87
N GLY I 229 -14.68 165.25 69.50
CA GLY I 229 -13.24 165.43 69.23
C GLY I 229 -12.85 166.90 69.25
N ASN I 230 -11.83 167.25 70.03
CA ASN I 230 -11.50 168.65 70.21
C ASN I 230 -11.07 169.26 68.92
N GLU I 231 -10.37 168.46 68.11
CA GLU I 231 -9.92 168.93 66.81
C GLU I 231 -11.12 169.12 65.92
N LYS I 232 -11.90 168.07 65.80
CA LYS I 232 -13.14 168.10 65.08
C LYS I 232 -13.91 169.37 65.49
N ILE I 233 -14.32 169.44 66.74
CA ILE I 233 -15.01 170.59 67.31
C ILE I 233 -14.45 171.93 66.82
N HIS I 234 -13.13 172.00 66.75
CA HIS I 234 -12.43 173.25 66.41
C HIS I 234 -12.57 173.58 64.94
N LEU I 235 -12.45 172.53 64.12
CA LEU I 235 -12.55 172.64 62.67
C LEU I 235 -13.92 173.05 62.24
N ILE I 236 -14.89 172.78 63.12
CA ILE I 236 -16.26 173.13 62.86
C ILE I 236 -16.47 174.61 63.23
N SER I 237 -16.10 174.97 64.44
CA SER I 237 -16.31 176.34 64.92
C SER I 237 -15.74 177.38 63.93
N THR I 238 -14.53 177.12 63.47
CA THR I 238 -13.62 178.17 63.09
C THR I 238 -13.33 178.05 61.65
N GLN I 239 -14.31 178.40 60.83
CA GLN I 239 -14.14 178.32 59.40
C GLN I 239 -14.92 179.45 58.77
N SER I 240 -14.32 180.09 57.77
CA SER I 240 -14.97 181.17 57.02
C SER I 240 -15.49 182.30 57.94
N ALA I 241 -15.07 182.29 59.20
CA ALA I 241 -15.73 183.10 60.23
C ALA I 241 -17.19 183.42 59.85
N ILE I 242 -17.93 182.36 59.53
CA ILE I 242 -19.36 182.37 59.75
C ILE I 242 -19.47 181.91 61.19
N PRO I 243 -19.93 182.79 62.07
CA PRO I 243 -19.87 182.55 63.51
C PRO I 243 -20.84 181.48 63.96
N TYR I 244 -20.44 180.70 64.97
CA TYR I 244 -21.32 179.66 65.49
C TYR I 244 -21.85 180.03 66.83
N ALA I 245 -22.83 179.24 67.27
CA ALA I 245 -23.50 179.43 68.53
C ALA I 245 -23.69 178.07 69.20
N LEU I 246 -23.14 177.95 70.40
CA LEU I 246 -23.29 176.73 71.18
C LEU I 246 -24.67 176.70 71.83
N ARG I 247 -25.20 175.49 72.03
CA ARG I 247 -26.34 175.23 72.92
C ARG I 247 -26.12 174.02 73.80
N VAL I 248 -25.81 174.27 75.06
CA VAL I 248 -25.82 173.21 76.05
C VAL I 248 -27.28 172.90 76.35
N GLU I 249 -27.58 171.64 76.69
CA GLU I 249 -28.92 171.25 77.13
C GLU I 249 -28.83 170.19 78.22
N LEU I 250 -29.45 170.47 79.36
CA LEU I 250 -29.43 169.55 80.50
C LEU I 250 -30.70 168.72 80.64
N GLU I 251 -30.64 167.68 81.47
CA GLU I 251 -31.83 167.06 82.04
C GLU I 251 -31.48 166.54 83.43
N ASP I 252 -32.41 166.74 84.35
CA ASP I 252 -32.30 166.27 85.71
C ASP I 252 -33.02 164.92 85.84
N TRP I 253 -33.08 164.40 87.05
CA TRP I 253 -33.74 163.12 87.28
C TRP I 253 -35.26 163.27 87.55
N ASN I 254 -35.89 164.24 86.91
CA ASN I 254 -37.34 164.47 87.05
C ASN I 254 -38.02 164.78 85.72
N GLY I 255 -37.39 164.35 84.62
CA GLY I 255 -37.85 164.68 83.27
C GLY I 255 -37.92 166.17 83.00
N ARG I 256 -37.08 166.95 83.68
CA ARG I 256 -37.07 168.39 83.53
C ARG I 256 -35.73 168.82 82.94
N THR I 257 -35.80 169.73 81.96
CA THR I 257 -34.65 170.02 81.09
C THR I 257 -34.43 171.52 80.86
N SER I 258 -33.16 171.91 80.96
CA SER I 258 -32.73 173.32 80.83
C SER I 258 -31.94 173.57 79.53
N THR I 259 -31.87 174.82 79.07
CA THR I 259 -31.07 175.20 77.88
C THR I 259 -30.17 176.41 78.17
N ALA I 260 -28.84 176.24 78.06
CA ALA I 260 -27.86 177.35 78.16
C ALA I 260 -27.24 177.58 76.78
N ASP I 261 -27.04 178.84 76.38
CA ASP I 261 -26.69 179.19 74.98
C ASP I 261 -25.66 180.31 74.88
N TYR I 262 -24.76 180.22 73.91
CA TYR I 262 -23.58 181.07 73.90
C TYR I 262 -23.21 181.58 72.51
N ALA I 263 -23.03 182.87 72.42
CA ALA I 263 -22.79 183.56 71.18
C ALA I 263 -21.39 183.36 70.69
N MET I 264 -21.18 183.44 69.40
CA MET I 264 -19.84 183.44 68.81
C MET I 264 -18.89 182.35 69.36
N PHE I 265 -19.44 181.17 69.50
CA PHE I 265 -18.71 180.02 69.94
C PHE I 265 -17.52 179.66 69.06
N LYS I 266 -16.45 179.22 69.70
CA LYS I 266 -15.21 178.94 69.03
C LYS I 266 -14.34 178.09 69.94
N VAL I 267 -13.80 176.98 69.43
CA VAL I 267 -12.80 176.20 70.17
C VAL I 267 -11.47 176.34 69.50
N GLY I 268 -10.43 176.30 70.32
CA GLY I 268 -9.12 176.66 69.84
C GLY I 268 -8.49 175.62 68.93
N PRO I 269 -7.43 176.02 68.19
CA PRO I 269 -6.54 175.10 67.52
C PRO I 269 -5.59 174.51 68.51
N GLU I 270 -5.19 173.28 68.28
CA GLU I 270 -4.35 172.55 69.21
C GLU I 270 -3.19 173.39 69.74
N ALA I 271 -2.48 174.10 68.86
CA ALA I 271 -1.38 174.95 69.30
C ALA I 271 -1.78 175.82 70.52
N ASP I 272 -2.95 176.45 70.45
CA ASP I 272 -3.47 177.19 71.58
C ASP I 272 -4.39 176.31 72.46
N LYS I 273 -4.20 175.00 72.36
CA LYS I 273 -4.80 174.04 73.30
C LYS I 273 -6.29 174.05 73.33
N TYR I 274 -6.91 174.13 72.15
CA TYR I 274 -8.37 174.00 72.05
C TYR I 274 -9.13 174.94 73.03
N ARG I 275 -8.63 176.16 73.12
CA ARG I 275 -9.18 177.15 74.00
C ARG I 275 -10.64 177.46 73.70
N LEU I 276 -11.47 177.35 74.74
CA LEU I 276 -12.84 177.79 74.65
C LEU I 276 -12.81 179.28 74.59
N THR I 277 -13.49 179.84 73.59
CA THR I 277 -13.75 181.28 73.57
C THR I 277 -15.13 181.54 72.98
N TYR I 278 -15.83 182.53 73.55
CA TYR I 278 -17.08 183.00 72.98
C TYR I 278 -17.30 184.45 73.34
N ALA I 279 -18.35 185.03 72.78
CA ALA I 279 -18.64 186.46 72.95
C ALA I 279 -19.55 186.73 74.13
N TYR I 280 -20.70 186.05 74.21
CA TYR I 280 -21.63 186.29 75.32
C TYR I 280 -22.65 185.20 75.58
N PHE I 281 -23.35 185.32 76.70
CA PHE I 281 -24.35 184.35 77.11
C PHE I 281 -25.64 184.70 76.46
N ALA I 282 -25.83 184.22 75.24
CA ALA I 282 -27.03 184.54 74.48
C ALA I 282 -28.26 184.05 75.22
N GLY I 283 -28.02 183.24 76.26
CA GLY I 283 -28.96 183.13 77.36
C GLY I 283 -29.71 181.82 77.48
N GLY I 284 -30.47 181.70 78.56
CA GLY I 284 -31.35 180.55 78.74
C GLY I 284 -31.51 180.13 80.18
N ASP I 285 -32.42 179.19 80.40
CA ASP I 285 -32.88 178.82 81.76
C ASP I 285 -31.80 178.17 82.62
N ALA I 286 -30.83 177.51 82.00
CA ALA I 286 -29.72 176.90 82.73
C ALA I 286 -28.92 177.93 83.55
N GLY I 287 -28.82 179.17 83.05
CA GLY I 287 -27.98 180.20 83.66
C GLY I 287 -26.57 180.14 83.09
N ASP I 288 -25.87 181.26 83.11
CA ASP I 288 -24.56 181.35 82.49
C ASP I 288 -23.46 180.81 83.40
N ALA I 289 -23.27 179.49 83.41
CA ALA I 289 -22.26 178.84 84.26
C ALA I 289 -20.86 179.23 83.85
N PHE I 290 -20.62 179.23 82.54
CA PHE I 290 -19.30 179.57 81.99
C PHE I 290 -18.85 180.98 82.37
N ASP I 291 -19.80 181.79 82.83
CA ASP I 291 -19.49 183.06 83.42
C ASP I 291 -18.76 182.94 84.75
N GLY I 292 -18.61 181.71 85.24
CA GLY I 292 -18.20 181.49 86.60
C GLY I 292 -19.37 181.75 87.53
N PHE I 293 -19.37 181.08 88.66
CA PHE I 293 -20.46 181.16 89.59
C PHE I 293 -19.83 181.34 90.96
N ASP I 294 -20.25 182.37 91.69
CA ASP I 294 -19.67 182.61 93.00
C ASP I 294 -20.33 181.67 94.01
N PHE I 295 -19.55 180.70 94.47
CA PHE I 295 -20.01 179.66 95.38
C PHE I 295 -19.97 180.13 96.83
N GLY I 296 -19.25 181.21 97.10
CA GLY I 296 -19.29 181.86 98.42
C GLY I 296 -18.17 181.54 99.39
N ASP I 297 -17.63 180.32 99.33
CA ASP I 297 -16.51 179.91 100.18
C ASP I 297 -15.27 180.77 99.96
N ASP I 298 -15.29 181.58 98.90
CA ASP I 298 -14.32 182.66 98.73
C ASP I 298 -14.88 183.76 97.82
N PRO I 299 -14.57 185.04 98.12
CA PRO I 299 -15.17 186.10 97.31
C PRO I 299 -14.75 186.00 95.86
N SER I 300 -13.54 185.52 95.64
CA SER I 300 -12.95 185.43 94.32
C SER I 300 -13.23 184.05 93.74
N ASP I 301 -14.49 183.64 93.78
CA ASP I 301 -14.90 182.30 93.34
C ASP I 301 -15.42 182.36 91.92
N LYS I 302 -16.26 183.35 91.63
CA LYS I 302 -16.80 183.49 90.30
C LYS I 302 -15.67 183.49 89.30
N PHE I 303 -14.72 184.40 89.51
CA PHE I 303 -13.57 184.57 88.63
C PHE I 303 -12.81 183.28 88.27
N PHE I 304 -12.72 182.36 89.24
CA PHE I 304 -11.95 181.13 89.07
C PHE I 304 -12.82 179.97 88.62
N THR I 305 -14.08 180.22 88.33
CA THR I 305 -14.97 179.22 87.80
C THR I 305 -15.53 179.65 86.45
N SER I 306 -15.04 180.77 85.94
CA SER I 306 -15.39 181.18 84.62
C SER I 306 -14.59 180.32 83.65
N HIS I 307 -15.24 179.88 82.57
CA HIS I 307 -14.57 179.07 81.54
C HIS I 307 -14.21 179.88 80.29
N ASN I 308 -14.76 181.07 80.10
CA ASN I 308 -14.41 181.80 78.88
C ASN I 308 -12.90 181.99 78.77
N GLY I 309 -12.37 181.75 77.58
CA GLY I 309 -10.96 181.88 77.31
C GLY I 309 -10.10 180.81 77.94
N MET I 310 -10.74 179.78 78.49
CA MET I 310 -9.98 178.74 79.19
C MET I 310 -9.37 177.78 78.20
N GLN I 311 -8.11 177.45 78.42
CA GLN I 311 -7.47 176.43 77.63
C GLN I 311 -7.92 175.08 78.12
N PHE I 312 -7.93 174.11 77.19
CA PHE I 312 -8.40 172.77 77.50
C PHE I 312 -7.41 172.05 78.41
N SER I 313 -7.90 171.07 79.16
CA SER I 313 -7.00 170.31 80.01
C SER I 313 -7.47 168.88 80.12
N THR I 314 -6.50 167.98 80.21
CA THR I 314 -6.74 166.61 80.57
C THR I 314 -5.78 166.22 81.68
N TRP I 315 -5.93 165.01 82.20
CA TRP I 315 -5.05 164.56 83.26
C TRP I 315 -3.59 164.54 82.78
N ASP I 316 -3.37 164.22 81.51
CA ASP I 316 -2.01 164.01 80.98
C ASP I 316 -1.39 165.28 80.39
N ASN I 317 -2.13 166.38 80.48
CA ASN I 317 -1.74 167.65 79.86
C ASN I 317 -2.61 168.72 80.51
N ASP I 318 -2.02 169.50 81.42
CA ASP I 318 -2.79 170.45 82.23
C ASP I 318 -2.60 171.90 81.79
N ASN I 319 -3.70 172.59 81.52
CA ASN I 319 -3.66 174.02 81.23
C ASN I 319 -4.63 174.84 82.08
N ASP I 320 -4.94 174.30 83.26
CA ASP I 320 -5.81 174.95 84.25
C ASP I 320 -5.06 176.09 84.93
N LYS I 321 -5.79 176.99 85.56
CA LYS I 321 -5.18 178.14 86.26
C LYS I 321 -4.67 177.76 87.65
N PHE I 322 -5.12 176.59 88.09
CA PHE I 322 -4.77 176.03 89.38
C PHE I 322 -3.41 175.42 89.29
N GLU I 323 -2.54 175.71 90.26
CA GLU I 323 -1.17 175.18 90.19
C GLU I 323 -1.17 173.63 90.17
N GLY I 324 -2.16 173.05 90.84
CA GLY I 324 -2.36 171.60 90.84
C GLY I 324 -2.80 171.07 89.49
N ASN I 325 -3.77 170.16 89.49
CA ASN I 325 -4.27 169.57 88.25
C ASN I 325 -5.77 169.30 88.33
N CYS I 326 -6.56 170.22 87.78
CA CYS I 326 -8.02 170.18 87.94
C CYS I 326 -8.66 169.02 87.19
N ALA I 327 -8.17 168.79 85.97
CA ALA I 327 -8.65 167.70 85.09
C ALA I 327 -8.34 166.35 85.69
N GLU I 328 -7.27 166.27 86.47
CA GLU I 328 -6.85 165.03 87.12
C GLU I 328 -7.82 164.68 88.24
N GLN I 329 -8.01 165.64 89.16
CA GLN I 329 -8.80 165.41 90.37
C GLN I 329 -10.28 165.12 90.05
N ASP I 330 -10.80 165.80 89.03
CA ASP I 330 -12.20 165.65 88.64
C ASP I 330 -12.43 164.62 87.53
N GLY I 331 -11.39 163.86 87.19
CA GLY I 331 -11.53 162.74 86.26
C GLY I 331 -12.27 163.09 84.98
N SER I 332 -11.81 164.16 84.36
CA SER I 332 -12.46 164.65 83.16
C SER I 332 -11.54 165.57 82.39
N GLY I 333 -11.80 165.65 81.10
CA GLY I 333 -11.23 166.69 80.29
C GLY I 333 -12.22 167.84 80.29
N TRP I 334 -11.68 169.05 80.38
CA TRP I 334 -12.50 170.25 80.45
C TRP I 334 -11.70 171.53 80.43
N TRP I 335 -12.41 172.60 80.17
CA TRP I 335 -11.79 173.88 80.10
C TRP I 335 -11.64 174.34 81.50
N MET I 336 -10.72 173.70 82.21
CA MET I 336 -10.49 174.03 83.61
C MET I 336 -9.98 175.46 83.71
N ASN I 337 -10.52 176.17 84.71
CA ASN I 337 -10.07 177.47 85.18
C ASN I 337 -9.39 177.24 86.52
N LYS I 338 -10.15 177.30 87.62
CA LYS I 338 -9.68 176.86 88.95
C LYS I 338 -10.86 176.53 89.88
N CYS I 339 -11.72 175.58 89.50
CA CYS I 339 -11.61 174.81 88.27
C CYS I 339 -12.86 174.87 87.41
N HIS I 340 -14.04 174.71 88.00
CA HIS I 340 -15.26 174.72 87.19
C HIS I 340 -16.54 175.15 87.90
N ALA I 341 -17.33 175.93 87.18
CA ALA I 341 -18.72 176.21 87.49
C ALA I 341 -19.63 175.26 86.74
N GLY I 342 -19.13 174.66 85.66
CA GLY I 342 -19.99 173.92 84.73
C GLY I 342 -19.20 172.88 84.00
N HIS I 343 -19.48 171.61 84.28
CA HIS I 343 -18.53 170.54 84.05
C HIS I 343 -19.22 169.32 83.47
N LEU I 344 -19.61 169.43 82.21
CA LEU I 344 -20.43 168.38 81.56
C LEU I 344 -19.66 167.11 81.16
N ASN I 345 -18.36 167.03 81.48
CA ASN I 345 -17.57 165.83 81.21
C ASN I 345 -17.22 165.09 82.48
N GLY I 346 -17.86 165.47 83.57
CA GLY I 346 -17.58 164.86 84.85
C GLY I 346 -18.06 163.42 84.95
N VAL I 347 -17.78 162.85 86.12
CA VAL I 347 -18.28 161.54 86.52
C VAL I 347 -19.80 161.49 86.42
N TYR I 348 -20.31 160.42 85.81
CA TYR I 348 -21.74 160.17 85.83
C TYR I 348 -22.12 159.55 87.18
N TYR I 349 -22.52 160.40 88.11
CA TYR I 349 -23.12 159.91 89.35
C TYR I 349 -24.56 159.50 89.06
N GLN I 350 -24.87 158.23 89.31
CA GLN I 350 -26.21 157.64 89.09
C GLN I 350 -27.11 157.88 90.33
N GLY I 351 -28.16 158.65 90.13
CA GLY I 351 -29.05 159.09 91.20
C GLY I 351 -29.35 160.56 91.07
N GLY I 352 -28.31 161.38 91.16
CA GLY I 352 -28.46 162.82 91.06
C GLY I 352 -27.94 163.53 92.27
N THR I 353 -27.76 162.80 93.36
CA THR I 353 -27.19 163.38 94.57
C THR I 353 -25.89 162.67 94.86
N TYR I 354 -24.92 163.42 95.39
CA TYR I 354 -23.67 162.79 95.81
C TYR I 354 -22.90 163.67 96.79
N SER I 355 -21.79 163.12 97.28
CA SER I 355 -21.01 163.74 98.34
C SER I 355 -19.53 163.72 98.00
N LYS I 356 -18.77 164.52 98.72
CA LYS I 356 -17.30 164.46 98.64
C LYS I 356 -16.76 163.15 99.22
N ALA I 357 -17.55 162.53 100.11
CA ALA I 357 -17.26 161.19 100.58
C ALA I 357 -17.26 160.19 99.41
N SER I 358 -18.26 160.32 98.53
CA SER I 358 -18.37 159.47 97.36
C SER I 358 -17.40 159.88 96.25
N THR I 359 -16.84 161.10 96.34
CA THR I 359 -15.87 161.57 95.34
C THR I 359 -14.58 160.79 95.47
N PRO I 360 -13.88 160.61 94.35
CA PRO I 360 -12.69 159.77 94.30
C PRO I 360 -11.60 160.19 95.29
N ASN I 361 -11.38 161.49 95.40
CA ASN I 361 -10.26 162.02 96.18
C ASN I 361 -10.61 163.12 97.18
N GLY I 362 -11.45 164.08 96.77
CA GLY I 362 -11.77 165.21 97.64
C GLY I 362 -12.91 166.09 97.17
N TYR I 363 -12.76 166.67 95.98
CA TYR I 363 -13.67 167.73 95.52
C TYR I 363 -14.83 167.22 94.67
N ASP I 364 -15.81 168.09 94.45
CA ASP I 364 -17.00 167.78 93.62
C ASP I 364 -16.64 167.57 92.17
N ASN I 365 -16.95 166.41 91.61
CA ASN I 365 -16.48 166.04 90.26
C ASN I 365 -17.57 165.47 89.36
N GLY I 366 -18.79 165.92 89.58
CA GLY I 366 -19.94 165.36 88.88
C GLY I 366 -20.19 166.12 87.61
N ILE I 367 -21.31 165.85 86.95
CA ILE I 367 -21.80 166.70 85.87
C ILE I 367 -22.56 167.89 86.45
N ILE I 368 -21.89 168.76 87.19
CA ILE I 368 -22.57 169.91 87.82
C ILE I 368 -22.67 171.08 86.87
N TRP I 369 -23.59 171.98 87.19
CA TRP I 369 -23.81 173.19 86.40
C TRP I 369 -24.34 174.26 87.33
N ALA I 370 -23.41 174.86 88.07
CA ALA I 370 -23.70 175.77 89.18
C ALA I 370 -24.89 176.72 89.00
N THR I 371 -25.01 177.35 87.83
CA THR I 371 -26.04 178.38 87.61
C THR I 371 -27.46 177.83 87.53
N TRP I 372 -27.61 176.51 87.69
CA TRP I 372 -28.93 175.89 87.65
C TRP I 372 -29.14 174.91 88.81
N LYS I 373 -28.15 174.07 89.07
CA LYS I 373 -28.22 173.10 90.16
C LYS I 373 -27.02 173.25 91.06
N THR I 374 -27.13 172.67 92.25
CA THR I 374 -26.03 172.67 93.20
C THR I 374 -24.79 171.95 92.66
N ARG I 375 -23.67 172.21 93.31
CA ARG I 375 -22.42 171.52 92.96
C ARG I 375 -22.35 170.07 93.45
N TRP I 376 -23.39 169.59 94.12
CA TRP I 376 -23.48 168.17 94.44
C TRP I 376 -24.71 167.50 93.85
N TYR I 377 -25.23 168.12 92.79
CA TYR I 377 -26.19 167.45 91.93
C TYR I 377 -25.52 167.32 90.59
N SER I 378 -25.39 166.09 90.11
CA SER I 378 -24.96 165.82 88.75
C SER I 378 -26.20 165.60 87.90
N MET I 379 -26.16 166.04 86.64
CA MET I 379 -27.33 165.92 85.77
C MET I 379 -27.52 164.48 85.33
N LYS I 380 -28.69 164.20 84.78
CA LYS I 380 -29.03 162.87 84.33
C LYS I 380 -28.61 162.72 82.89
N LYS I 381 -28.66 163.83 82.16
CA LYS I 381 -28.22 163.86 80.77
C LYS I 381 -27.38 165.11 80.44
N THR I 382 -26.89 165.18 79.21
CA THR I 382 -26.25 166.39 78.68
C THR I 382 -26.30 166.31 77.16
N THR I 383 -26.26 167.46 76.52
CA THR I 383 -26.03 167.50 75.09
C THR I 383 -25.37 168.84 74.76
N MET I 384 -24.13 168.78 74.29
CA MET I 384 -23.48 170.00 73.83
C MET I 384 -23.60 169.96 72.35
N LYS I 385 -24.14 171.02 71.77
CA LYS I 385 -24.43 170.99 70.34
C LYS I 385 -24.46 172.40 69.78
N ILE I 386 -24.05 172.53 68.53
CA ILE I 386 -23.70 173.85 68.01
C ILE I 386 -24.26 174.06 66.59
N ILE I 387 -24.68 175.29 66.35
CA ILE I 387 -25.42 175.66 65.16
C ILE I 387 -25.02 177.06 64.77
N PRO I 388 -24.77 177.29 63.46
CA PRO I 388 -24.19 178.59 63.09
C PRO I 388 -25.09 179.71 63.57
N PHE I 389 -24.49 180.76 64.12
CA PHE I 389 -25.19 181.79 64.92
C PHE I 389 -26.42 182.45 64.29
N ASN I 390 -26.30 182.83 63.02
CA ASN I 390 -27.38 183.48 62.29
C ASN I 390 -28.67 182.70 62.23
N ARG I 391 -28.63 181.42 62.60
CA ARG I 391 -29.82 180.59 62.53
C ARG I 391 -30.64 180.58 63.83
N LEU I 392 -29.99 180.81 64.96
CA LEU I 392 -30.65 180.77 66.28
C LEU I 392 -31.64 181.94 66.45
N THR I 393 -31.16 183.16 66.20
CA THR I 393 -31.94 184.39 66.40
C THR I 393 -33.04 184.61 65.34
N ILE I 394 -32.71 184.34 64.09
CA ILE I 394 -33.62 184.56 62.95
C ILE I 394 -34.62 183.39 62.78
N GLY I 395 -34.32 182.24 63.37
CA GLY I 395 -35.22 181.08 63.32
C GLY I 395 -35.25 180.35 62.00
N ALA J 27 17.13 -21.97 32.15
CA ALA J 27 17.07 -23.34 31.55
C ALA J 27 15.76 -23.55 30.78
N CYS J 28 15.79 -24.49 29.82
CA CYS J 28 14.62 -24.80 28.97
C CYS J 28 13.88 -26.08 29.42
N LYS J 29 14.43 -26.78 30.43
CA LYS J 29 13.81 -27.98 30.98
C LYS J 29 13.03 -27.65 32.26
N ASP J 30 11.84 -27.06 32.08
CA ASP J 30 10.98 -26.65 33.20
C ASP J 30 9.56 -27.24 33.05
N SER J 31 9.08 -27.91 34.10
CA SER J 31 7.84 -28.67 34.06
C SER J 31 6.74 -28.09 34.96
N ASP J 32 6.29 -26.87 34.63
CA ASP J 32 5.15 -26.25 35.32
C ASP J 32 3.82 -26.88 34.91
N TRP J 33 3.83 -27.55 33.75
CA TRP J 33 2.62 -27.77 32.97
C TRP J 33 1.86 -29.01 33.48
N PRO J 34 0.56 -29.12 33.14
CA PRO J 34 -0.24 -30.30 33.53
C PRO J 34 0.11 -31.58 32.77
N PHE J 35 -0.75 -32.59 32.85
CA PHE J 35 -0.59 -33.85 32.09
C PHE J 35 -1.60 -33.91 30.93
N CYS J 36 -1.12 -34.20 29.72
CA CYS J 36 -1.96 -34.12 28.52
C CYS J 36 -3.02 -35.21 28.48
N SER J 37 -4.14 -34.91 27.84
CA SER J 37 -5.28 -35.81 27.76
C SER J 37 -5.32 -36.52 26.40
N ASP J 38 -6.51 -36.63 25.80
CA ASP J 38 -6.67 -37.24 24.48
C ASP J 38 -6.87 -36.18 23.39
N GLU J 39 -7.76 -35.23 23.64
CA GLU J 39 -8.08 -34.20 22.64
C GLU J 39 -7.09 -33.04 22.67
N ASP J 40 -6.21 -33.03 23.67
CA ASP J 40 -5.06 -32.12 23.69
C ASP J 40 -4.05 -32.51 22.60
N TRP J 41 -4.08 -33.76 22.18
CA TRP J 41 -3.40 -34.17 20.95
C TRP J 41 -4.35 -33.83 19.79
N ASN J 42 -3.77 -33.49 18.63
CA ASN J 42 -4.52 -32.95 17.48
C ASN J 42 -4.81 -31.45 17.65
N TYR J 43 -4.72 -30.93 18.88
CA TYR J 43 -4.80 -29.49 19.15
C TYR J 43 -3.45 -28.95 19.64
N LYS J 44 -2.87 -29.61 20.65
CA LYS J 44 -1.48 -29.34 21.05
C LYS J 44 -0.58 -30.40 20.46
N CYS J 45 0.51 -29.97 19.81
CA CYS J 45 1.47 -30.89 19.18
C CYS J 45 2.91 -30.47 19.52
N PRO J 46 3.88 -31.38 19.36
CA PRO J 46 5.25 -31.08 19.79
C PRO J 46 5.99 -30.12 18.86
N SER J 47 7.06 -29.54 19.38
CA SER J 47 7.92 -28.66 18.59
C SER J 47 8.48 -29.39 17.38
N GLY J 48 8.57 -28.68 16.26
CA GLY J 48 9.11 -29.25 15.02
C GLY J 48 10.57 -29.65 15.12
N CYS J 49 11.28 -29.04 16.08
CA CYS J 49 12.69 -29.35 16.32
C CYS J 49 12.87 -30.77 16.84
N ARG J 50 12.00 -31.17 17.76
CA ARG J 50 12.05 -32.53 18.28
C ARG J 50 11.69 -33.53 17.20
N MET J 51 10.54 -33.31 16.56
CA MET J 51 10.07 -34.16 15.48
C MET J 51 11.17 -34.39 14.45
N LYS J 52 11.79 -33.30 14.01
CA LYS J 52 12.97 -33.38 13.13
C LYS J 52 14.08 -34.20 13.81
N GLY J 53 14.31 -33.92 15.10
CA GLY J 53 15.32 -34.63 15.87
C GLY J 53 15.13 -36.14 15.90
N LEU J 54 13.90 -36.58 15.64
CA LEU J 54 13.58 -38.01 15.57
C LEU J 54 13.52 -38.52 14.14
N ILE J 55 12.98 -37.71 13.24
CA ILE J 55 12.83 -38.11 11.83
C ILE J 55 14.14 -38.56 11.24
N ASP J 56 15.13 -37.67 11.24
CA ASP J 56 16.45 -37.97 10.65
C ASP J 56 17.22 -39.03 11.45
N GLU J 57 16.94 -39.09 12.75
CA GLU J 57 17.46 -40.15 13.63
C GLU J 57 16.92 -41.51 13.19
N VAL J 58 15.61 -41.61 13.06
CA VAL J 58 14.98 -42.86 12.68
C VAL J 58 15.43 -43.28 11.27
N ASN J 59 15.54 -42.32 10.35
CA ASN J 59 16.05 -42.59 9.01
C ASN J 59 17.49 -43.03 9.00
N GLN J 60 18.28 -42.48 9.93
CA GLN J 60 19.62 -42.98 10.15
C GLN J 60 19.51 -44.43 10.63
N ASP J 61 18.74 -44.66 11.71
CA ASP J 61 18.53 -46.00 12.31
C ASP J 61 18.26 -47.12 11.30
N PHE J 62 17.50 -46.77 10.26
CA PHE J 62 17.13 -47.73 9.22
C PHE J 62 18.21 -47.90 8.15
N THR J 63 19.02 -46.87 7.90
CA THR J 63 20.07 -46.95 6.86
C THR J 63 21.41 -47.51 7.35
N ASN J 64 21.62 -47.49 8.68
CA ASN J 64 22.78 -48.16 9.31
C ASN J 64 22.50 -49.65 9.44
N ARG J 65 21.33 -49.96 9.98
CA ARG J 65 20.83 -51.32 10.15
C ARG J 65 20.70 -51.99 8.78
N ILE J 66 20.24 -51.22 7.79
CA ILE J 66 20.10 -51.71 6.42
C ILE J 66 21.47 -52.02 5.82
N ASN J 67 22.44 -51.10 5.98
CA ASN J 67 23.77 -51.29 5.36
C ASN J 67 24.56 -52.46 5.95
N LYS J 68 24.34 -52.73 7.24
CA LYS J 68 24.82 -53.95 7.89
C LYS J 68 24.13 -55.18 7.29
N LEU J 69 22.80 -55.11 7.16
CA LEU J 69 21.98 -56.19 6.59
C LEU J 69 22.40 -56.53 5.17
N LYS J 70 22.64 -55.50 4.36
CA LYS J 70 23.06 -55.70 2.99
C LYS J 70 24.41 -56.43 3.02
N ASN J 71 25.36 -55.92 3.81
CA ASN J 71 26.66 -56.58 4.06
C ASN J 71 26.51 -58.09 4.29
N SER J 72 25.62 -58.44 5.21
CA SER J 72 25.37 -59.84 5.55
C SER J 72 24.82 -60.62 4.34
N LEU J 73 23.83 -60.03 3.67
CA LEU J 73 23.23 -60.62 2.46
C LEU J 73 24.28 -60.95 1.39
N PHE J 74 25.17 -60.00 1.11
CA PHE J 74 26.22 -60.22 0.11
C PHE J 74 27.04 -61.45 0.51
N GLU J 75 27.25 -61.62 1.82
CA GLU J 75 28.05 -62.71 2.36
C GLU J 75 27.35 -64.08 2.33
N TYR J 76 26.02 -64.07 2.19
CA TYR J 76 25.27 -65.32 2.04
C TYR J 76 25.11 -65.68 0.57
N GLN J 77 25.07 -64.66 -0.29
CA GLN J 77 24.97 -64.88 -1.74
C GLN J 77 26.26 -65.43 -2.35
N LYS J 78 27.42 -65.04 -1.81
CA LYS J 78 28.70 -65.62 -2.25
C LYS J 78 28.74 -67.14 -2.02
N ASN J 79 28.25 -67.57 -0.85
CA ASN J 79 28.27 -68.99 -0.46
C ASN J 79 27.18 -69.82 -1.17
N ASN J 80 26.23 -69.16 -1.83
CA ASN J 80 25.30 -69.85 -2.75
C ASN J 80 26.05 -70.48 -3.92
N LYS J 81 26.93 -69.68 -4.53
CA LYS J 81 27.70 -70.13 -5.69
C LYS J 81 28.66 -71.26 -5.35
N ASP J 82 29.29 -71.16 -4.19
CA ASP J 82 30.24 -72.17 -3.72
C ASP J 82 29.54 -73.47 -3.38
N SER J 83 28.39 -73.37 -2.71
CA SER J 83 27.58 -74.52 -2.35
C SER J 83 26.95 -75.20 -3.57
N HIS J 84 26.44 -74.40 -4.50
CA HIS J 84 25.87 -74.91 -5.74
C HIS J 84 26.91 -75.67 -6.54
N SER J 85 28.13 -75.15 -6.54
CA SER J 85 29.25 -75.82 -7.20
C SER J 85 29.47 -77.22 -6.63
N LEU J 86 29.44 -77.35 -5.30
CA LEU J 86 29.68 -78.65 -4.65
C LEU J 86 28.56 -79.67 -4.91
N THR J 87 27.32 -79.22 -4.87
CA THR J 87 26.17 -80.09 -5.09
C THR J 87 26.04 -80.52 -6.55
N THR J 88 26.37 -79.62 -7.47
CA THR J 88 26.46 -79.98 -8.89
C THR J 88 27.58 -81.00 -9.12
N ASN J 89 28.64 -80.91 -8.31
CA ASN J 89 29.76 -81.87 -8.39
C ASN J 89 29.43 -83.25 -7.85
N ILE J 90 28.72 -83.33 -6.72
CA ILE J 90 28.27 -84.63 -6.23
C ILE J 90 26.95 -85.08 -6.87
N MET J 91 26.25 -84.20 -7.60
CA MET J 91 25.11 -84.62 -8.43
C MET J 91 25.56 -85.18 -9.79
N GLU J 92 26.76 -84.82 -10.24
CA GLU J 92 27.26 -85.26 -11.56
C GLU J 92 28.27 -86.43 -11.49
N ILE J 93 29.12 -86.46 -10.47
CA ILE J 93 30.11 -87.55 -10.32
C ILE J 93 29.46 -88.89 -9.93
N LEU J 94 28.39 -88.82 -9.14
CA LEU J 94 27.68 -90.03 -8.71
C LEU J 94 26.78 -90.58 -9.81
N ARG J 95 26.05 -89.69 -10.47
CA ARG J 95 25.26 -90.07 -11.63
C ARG J 95 26.11 -90.78 -12.67
N GLY J 96 27.28 -90.22 -12.94
CA GLY J 96 28.26 -90.85 -13.84
C GLY J 96 28.63 -92.28 -13.44
N ASP J 97 28.63 -92.55 -12.14
CA ASP J 97 28.95 -93.89 -11.63
C ASP J 97 27.81 -94.88 -11.85
N PHE J 98 26.58 -94.41 -11.69
CA PHE J 98 25.41 -95.30 -11.79
C PHE J 98 25.10 -95.71 -13.21
N SER J 99 25.23 -94.78 -14.14
CA SER J 99 25.07 -95.11 -15.56
C SER J 99 26.13 -96.12 -15.96
N SER J 100 27.36 -95.89 -15.48
CA SER J 100 28.46 -96.82 -15.72
C SER J 100 28.15 -98.20 -15.16
N ALA J 101 27.74 -98.25 -13.90
CA ALA J 101 27.40 -99.51 -13.25
C ALA J 101 26.28 -100.26 -13.97
N ASN J 102 25.24 -99.52 -14.37
CA ASN J 102 24.11 -100.12 -15.08
C ASN J 102 24.54 -100.82 -16.36
N ASN J 103 25.21 -100.08 -17.24
CA ASN J 103 25.78 -100.67 -18.44
C ASN J 103 26.67 -101.86 -18.08
N ARG J 104 27.57 -101.64 -17.12
CA ARG J 104 28.57 -102.64 -16.75
C ARG J 104 27.98 -103.94 -16.21
N ASP J 105 26.95 -103.85 -15.39
CA ASP J 105 26.38 -105.04 -14.76
C ASP J 105 25.17 -105.60 -15.53
N ASN J 106 24.58 -104.83 -16.43
CA ASN J 106 23.70 -105.45 -17.43
C ASN J 106 24.55 -106.44 -18.21
N THR J 107 25.81 -106.06 -18.43
CA THR J 107 26.79 -106.89 -19.12
C THR J 107 27.19 -108.10 -18.29
N TYR J 108 27.45 -107.89 -17.00
CA TYR J 108 27.80 -108.99 -16.12
C TYR J 108 26.69 -110.04 -16.09
N ASN J 109 25.46 -109.56 -16.12
CA ASN J 109 24.28 -110.41 -16.17
C ASN J 109 24.21 -111.21 -17.47
N ARG J 110 24.29 -110.53 -18.62
CA ARG J 110 24.23 -111.22 -19.91
C ARG J 110 25.10 -112.47 -19.91
N VAL J 111 26.32 -112.31 -19.43
CA VAL J 111 27.30 -113.37 -19.35
C VAL J 111 26.74 -114.61 -18.68
N SER J 112 26.01 -114.39 -17.58
CA SER J 112 25.46 -115.47 -16.80
C SER J 112 24.41 -116.24 -17.62
N GLU J 113 23.62 -115.51 -18.40
CA GLU J 113 22.62 -116.12 -19.30
C GLU J 113 23.27 -117.06 -20.31
N ASP J 114 24.36 -116.60 -20.92
CA ASP J 114 25.13 -117.41 -21.87
C ASP J 114 25.58 -118.71 -21.19
N LEU J 115 26.25 -118.58 -20.06
CA LEU J 115 26.78 -119.74 -19.34
C LEU J 115 25.70 -120.78 -19.09
N ARG J 116 24.58 -120.35 -18.50
CA ARG J 116 23.45 -121.24 -18.27
C ARG J 116 22.96 -121.99 -19.52
N SER J 117 22.85 -121.29 -20.66
CA SER J 117 22.37 -121.92 -21.91
C SER J 117 23.29 -123.04 -22.37
N ARG J 118 24.59 -122.85 -22.14
CA ARG J 118 25.60 -123.86 -22.48
C ARG J 118 25.56 -125.04 -21.50
N ILE J 119 25.17 -124.75 -20.26
CA ILE J 119 25.09 -125.78 -19.21
C ILE J 119 23.80 -126.62 -19.32
N GLU J 120 22.66 -126.00 -19.60
CA GLU J 120 21.42 -126.75 -19.88
C GLU J 120 21.60 -127.67 -21.09
N VAL J 121 22.42 -127.22 -22.04
CA VAL J 121 22.80 -128.01 -23.20
C VAL J 121 23.57 -129.28 -22.83
N LEU J 122 24.50 -129.17 -21.88
CA LEU J 122 25.38 -130.30 -21.51
C LEU J 122 24.73 -131.32 -20.57
N LYS J 123 23.81 -130.88 -19.72
CA LYS J 123 23.12 -131.78 -18.76
C LYS J 123 22.19 -132.77 -19.44
N ARG J 124 21.72 -132.44 -20.63
CA ARG J 124 21.05 -133.41 -21.48
C ARG J 124 22.11 -134.33 -22.08
N LYS J 125 23.27 -133.76 -22.41
CA LYS J 125 24.39 -134.53 -22.97
C LYS J 125 25.08 -135.41 -21.93
N VAL J 126 25.46 -134.83 -20.79
CA VAL J 126 26.21 -135.58 -19.75
C VAL J 126 25.42 -136.72 -19.13
N ILE J 127 24.09 -136.61 -19.14
CA ILE J 127 23.23 -137.70 -18.68
C ILE J 127 23.26 -138.85 -19.67
N GLU J 128 23.15 -138.54 -20.96
CA GLU J 128 23.13 -139.57 -21.99
C GLU J 128 24.37 -140.44 -21.95
N LYS J 129 25.54 -139.82 -21.77
CA LYS J 129 26.77 -140.57 -21.59
C LYS J 129 26.77 -141.32 -20.27
N VAL J 130 26.33 -140.66 -19.20
CA VAL J 130 26.22 -141.35 -17.91
C VAL J 130 25.15 -142.45 -18.00
N GLN J 131 24.05 -142.17 -18.71
CA GLN J 131 22.97 -143.15 -18.87
C GLN J 131 23.50 -144.41 -19.52
N HIS J 132 24.30 -144.24 -20.56
CA HIS J 132 24.94 -145.37 -21.23
C HIS J 132 25.84 -146.12 -20.26
N ILE J 133 26.63 -145.39 -19.46
CA ILE J 133 27.55 -146.02 -18.50
C ILE J 133 26.79 -146.83 -17.46
N GLN J 134 25.71 -146.27 -16.96
CA GLN J 134 24.85 -146.94 -15.97
C GLN J 134 24.36 -148.30 -16.47
N LEU J 135 23.83 -148.32 -17.69
CA LEU J 135 23.30 -149.53 -18.31
C LEU J 135 24.39 -150.52 -18.67
N LEU J 136 25.51 -149.98 -19.16
CA LEU J 136 26.65 -150.81 -19.54
C LEU J 136 27.35 -151.39 -18.31
N GLN J 137 27.42 -150.64 -17.22
CA GLN J 137 27.93 -151.16 -15.94
C GLN J 137 27.16 -152.41 -15.52
N LYS J 138 25.83 -152.29 -15.48
CA LYS J 138 24.96 -153.43 -15.19
C LYS J 138 25.32 -154.56 -16.16
N ASN J 139 25.17 -154.28 -17.45
CA ASN J 139 25.30 -155.31 -18.48
C ASN J 139 26.57 -156.14 -18.39
N VAL J 140 27.67 -155.54 -17.94
CA VAL J 140 28.92 -156.29 -17.80
C VAL J 140 28.82 -157.32 -16.69
N ARG J 141 28.38 -156.90 -15.51
CA ARG J 141 28.29 -157.83 -14.39
C ARG J 141 27.40 -159.02 -14.78
N ALA J 142 26.30 -158.71 -15.49
CA ALA J 142 25.39 -159.74 -16.02
C ALA J 142 26.04 -160.63 -17.08
N GLN J 143 27.10 -160.10 -17.71
CA GLN J 143 27.97 -160.90 -18.56
C GLN J 143 28.98 -161.59 -17.67
N LEU J 144 29.57 -160.82 -16.76
CA LEU J 144 30.65 -161.28 -15.89
C LEU J 144 30.26 -162.47 -15.03
N VAL J 145 29.09 -162.41 -14.40
CA VAL J 145 28.56 -163.57 -13.69
C VAL J 145 28.71 -164.77 -14.60
N ASP J 146 28.09 -164.65 -15.77
CA ASP J 146 27.93 -165.76 -16.68
C ASP J 146 29.26 -166.44 -16.94
N MET J 147 30.29 -165.66 -17.21
CA MET J 147 31.59 -166.26 -17.48
C MET J 147 32.01 -167.10 -16.31
N LYS J 148 31.94 -166.52 -15.11
CA LYS J 148 32.19 -167.29 -13.91
C LYS J 148 31.52 -168.68 -14.03
N ARG J 149 30.27 -168.69 -14.50
CA ARG J 149 29.44 -169.90 -14.58
C ARG J 149 29.75 -170.77 -15.79
N LEU J 150 30.17 -170.15 -16.88
CA LEU J 150 30.49 -170.87 -18.11
C LEU J 150 31.90 -171.42 -18.02
N GLU J 151 32.70 -170.82 -17.15
CA GLU J 151 34.05 -171.30 -16.92
C GLU J 151 33.94 -172.54 -16.07
N VAL J 152 33.40 -172.39 -14.87
CA VAL J 152 33.35 -173.50 -13.95
C VAL J 152 32.43 -174.62 -14.46
N ASP J 153 31.41 -174.25 -15.25
CA ASP J 153 30.61 -175.24 -15.97
C ASP J 153 31.52 -176.12 -16.80
N ILE J 154 32.37 -175.48 -17.59
CA ILE J 154 33.25 -176.21 -18.50
C ILE J 154 34.38 -176.88 -17.71
N ASP J 155 34.78 -176.29 -16.59
CA ASP J 155 35.79 -176.92 -15.73
C ASP J 155 35.49 -178.40 -15.50
N ILE J 156 34.23 -178.71 -15.22
CA ILE J 156 33.81 -180.10 -14.99
C ILE J 156 33.59 -180.74 -16.34
N LYS J 157 32.65 -180.18 -17.11
CA LYS J 157 32.18 -180.82 -18.33
C LYS J 157 33.34 -181.38 -19.15
N ILE J 158 34.47 -180.69 -19.15
CA ILE J 158 35.67 -181.23 -19.76
C ILE J 158 36.16 -182.47 -19.04
N ARG J 159 36.23 -182.41 -17.71
CA ARG J 159 36.68 -183.57 -16.95
C ARG J 159 35.71 -184.73 -17.14
N SER J 160 34.45 -184.42 -17.37
CA SER J 160 33.47 -185.45 -17.69
C SER J 160 33.67 -186.11 -19.06
N CYS J 161 34.82 -185.86 -19.69
CA CYS J 161 35.29 -186.66 -20.83
C CYS J 161 36.44 -187.57 -20.43
N ARG J 162 36.87 -187.49 -19.17
CA ARG J 162 37.96 -188.30 -18.63
C ARG J 162 37.58 -189.78 -18.48
N GLY J 163 36.29 -190.05 -18.29
CA GLY J 163 35.74 -191.40 -18.29
C GLY J 163 35.10 -191.82 -19.61
N SER J 164 35.37 -191.06 -20.66
CA SER J 164 34.76 -191.34 -21.95
C SER J 164 35.71 -191.08 -23.11
N CYS J 165 36.89 -190.54 -22.83
CA CYS J 165 37.89 -190.28 -23.86
C CYS J 165 39.26 -190.66 -23.36
N SER J 166 40.11 -191.13 -24.27
CA SER J 166 41.45 -191.56 -23.91
C SER J 166 42.06 -190.47 -23.08
N ARG J 167 42.12 -189.28 -23.67
CA ARG J 167 42.80 -188.15 -23.06
C ARG J 167 41.81 -187.13 -22.49
N ALA J 168 42.07 -186.70 -21.25
CA ALA J 168 41.28 -185.69 -20.55
C ALA J 168 42.15 -184.50 -20.10
N LEU J 169 41.84 -183.31 -20.61
CA LEU J 169 42.70 -182.12 -20.45
C LEU J 169 42.72 -181.63 -18.99
N ALA J 170 43.90 -181.74 -18.36
CA ALA J 170 44.09 -181.25 -17.00
C ALA J 170 44.42 -179.77 -17.05
N ARG J 171 43.59 -178.96 -16.38
CA ARG J 171 43.68 -177.52 -16.45
C ARG J 171 42.83 -176.89 -15.36
N GLU J 172 43.40 -175.94 -14.65
CA GLU J 172 42.74 -175.27 -13.52
C GLU J 172 41.71 -174.25 -14.01
N VAL J 173 40.98 -173.67 -13.06
CA VAL J 173 40.19 -172.47 -13.29
C VAL J 173 40.59 -171.48 -12.19
N ASP J 174 40.62 -170.19 -12.55
CA ASP J 174 41.06 -169.13 -11.66
C ASP J 174 39.91 -168.21 -11.29
N LEU J 175 39.23 -168.55 -10.21
CA LEU J 175 38.18 -167.71 -9.64
C LEU J 175 38.79 -166.47 -8.96
N LYS J 176 39.87 -166.67 -8.21
CA LYS J 176 40.67 -165.58 -7.65
C LYS J 176 40.64 -164.32 -8.53
N ASP J 177 41.05 -164.49 -9.78
CA ASP J 177 41.00 -163.40 -10.75
C ASP J 177 39.56 -162.97 -11.05
N TYR J 178 38.66 -163.94 -11.20
CA TYR J 178 37.24 -163.64 -11.42
C TYR J 178 36.65 -162.87 -10.23
N GLU J 179 37.02 -163.29 -9.02
CA GLU J 179 36.46 -162.72 -7.78
C GLU J 179 37.02 -161.32 -7.46
N ASP J 180 38.18 -160.99 -8.00
CA ASP J 180 38.78 -159.67 -7.84
C ASP J 180 38.23 -158.67 -8.87
N GLN J 181 38.38 -158.99 -10.16
CA GLN J 181 37.87 -158.11 -11.23
C GLN J 181 36.34 -158.04 -11.26
N GLN J 182 35.66 -158.89 -10.48
CA GLN J 182 34.23 -158.75 -10.20
C GLN J 182 34.01 -157.91 -8.93
N LYS J 183 34.67 -158.29 -7.84
CA LYS J 183 34.69 -157.50 -6.60
C LYS J 183 35.03 -156.04 -6.92
N GLN J 184 36.17 -155.86 -7.58
CA GLN J 184 36.68 -154.54 -7.97
C GLN J 184 35.62 -153.71 -8.69
N LEU J 185 34.96 -154.32 -9.67
CA LEU J 185 33.89 -153.65 -10.42
C LEU J 185 32.74 -153.26 -9.52
N GLU J 186 32.37 -154.15 -8.60
CA GLU J 186 31.17 -153.95 -7.77
C GLU J 186 31.37 -152.83 -6.75
N GLN J 187 32.61 -152.64 -6.33
CA GLN J 187 32.98 -151.52 -5.45
C GLN J 187 32.68 -150.17 -6.11
N VAL J 188 32.79 -150.11 -7.44
CA VAL J 188 32.49 -148.91 -8.21
C VAL J 188 30.99 -148.58 -8.22
N ILE J 189 30.23 -149.37 -8.98
CA ILE J 189 28.84 -149.04 -9.35
C ILE J 189 28.02 -148.33 -8.25
N ALA J 190 28.19 -148.76 -7.00
CA ALA J 190 27.36 -148.31 -5.87
C ALA J 190 27.18 -146.80 -5.68
N LYS J 191 28.07 -145.99 -6.25
CA LYS J 191 28.23 -144.59 -5.85
C LYS J 191 27.53 -143.56 -6.74
N ASP J 192 28.14 -143.26 -7.88
CA ASP J 192 27.78 -142.08 -8.67
C ASP J 192 26.52 -142.31 -9.49
N LEU J 193 25.59 -141.36 -9.41
CA LEU J 193 24.43 -141.30 -10.29
C LEU J 193 24.00 -139.85 -10.64
N LEU J 194 24.91 -138.89 -10.42
CA LEU J 194 24.62 -137.44 -10.53
C LEU J 194 23.30 -136.99 -9.85
N PRO J 195 23.07 -137.46 -8.60
CA PRO J 195 21.72 -137.36 -8.01
C PRO J 195 21.31 -136.01 -7.40
N SER J 196 22.21 -135.36 -6.68
CA SER J 196 21.80 -134.34 -5.73
C SER J 196 21.26 -133.02 -6.35
N ARG J 197 21.83 -132.57 -7.47
CA ARG J 197 21.54 -131.20 -7.98
C ARG J 197 21.25 -131.06 -9.50
N ASP J 198 19.98 -131.27 -9.91
CA ASP J 198 19.48 -130.77 -11.22
C ASP J 198 19.00 -129.35 -10.97
N ARG J 199 18.22 -129.29 -9.89
CA ARG J 199 17.87 -128.11 -9.10
C ARG J 199 18.71 -126.82 -9.23
N GLN J 200 18.18 -125.76 -8.62
CA GLN J 200 18.80 -124.42 -8.52
C GLN J 200 18.29 -123.50 -9.61
N HIS J 201 17.13 -123.82 -10.19
CA HIS J 201 16.57 -123.04 -11.29
C HIS J 201 15.33 -122.19 -10.92
N LEU J 202 14.50 -122.68 -9.98
CA LEU J 202 13.16 -122.07 -9.77
C LEU J 202 13.12 -120.66 -9.11
N PRO J 203 13.89 -120.44 -8.02
CA PRO J 203 14.02 -119.09 -7.43
C PRO J 203 14.71 -118.03 -8.32
N LEU J 204 14.33 -116.77 -8.16
CA LEU J 204 14.94 -115.66 -8.93
C LEU J 204 15.24 -114.42 -8.08
N ILE J 205 16.13 -113.56 -8.59
CA ILE J 205 16.49 -112.30 -7.95
C ILE J 205 15.46 -111.23 -8.29
N LYS J 206 15.23 -110.31 -7.35
CA LYS J 206 14.30 -109.20 -7.55
C LYS J 206 14.99 -107.90 -8.04
N MET J 207 16.24 -108.01 -8.52
CA MET J 207 16.98 -106.85 -9.07
C MET J 207 16.42 -106.38 -10.42
N LYS J 208 15.79 -107.29 -11.16
CA LYS J 208 15.04 -106.91 -12.37
C LYS J 208 13.67 -106.30 -12.01
N PRO J 209 12.98 -106.84 -10.98
CA PRO J 209 11.83 -106.22 -10.29
C PRO J 209 12.08 -104.93 -9.45
N VAL J 210 13.23 -104.81 -8.79
CA VAL J 210 13.52 -103.62 -7.93
C VAL J 210 13.75 -102.28 -8.67
N PRO J 211 14.25 -102.31 -9.93
CA PRO J 211 14.37 -101.07 -10.66
C PRO J 211 12.96 -100.60 -11.05
N ASP J 212 12.05 -101.57 -11.22
CA ASP J 212 10.64 -101.34 -11.52
C ASP J 212 10.38 -100.12 -12.40
N LYS K 58 18.91 -41.12 25.87
CA LYS K 58 18.89 -39.63 25.73
C LYS K 58 17.73 -39.20 24.83
N ALA K 59 17.37 -37.92 24.90
CA ALA K 59 16.29 -37.35 24.09
C ALA K 59 16.85 -36.25 23.17
N PRO K 60 16.70 -36.40 21.84
CA PRO K 60 17.25 -35.44 20.88
C PRO K 60 16.31 -34.31 20.47
N ASP K 61 16.89 -33.25 19.91
CA ASP K 61 16.16 -32.04 19.51
C ASP K 61 17.09 -31.16 18.66
N ALA K 62 16.77 -30.98 17.38
CA ALA K 62 17.62 -30.19 16.46
C ALA K 62 16.91 -29.81 15.17
N GLY K 63 17.41 -28.75 14.52
CA GLY K 63 16.82 -28.23 13.29
C GLY K 63 16.14 -26.90 13.54
N GLY K 64 16.86 -25.81 13.27
CA GLY K 64 16.35 -24.47 13.51
C GLY K 64 17.44 -23.50 13.89
N CYS K 65 17.09 -22.22 13.97
CA CYS K 65 18.02 -21.17 14.41
C CYS K 65 17.42 -20.44 15.62
N LEU K 66 18.07 -19.34 16.05
CA LEU K 66 17.59 -18.51 17.17
C LEU K 66 17.49 -17.03 16.74
N HIS K 67 16.28 -16.47 16.84
CA HIS K 67 15.99 -15.10 16.36
C HIS K 67 16.50 -14.05 17.34
N ALA K 68 16.95 -12.91 16.81
CA ALA K 68 17.46 -11.81 17.63
C ALA K 68 16.30 -10.91 18.09
N ASP K 69 15.34 -11.51 18.78
CA ASP K 69 14.14 -10.82 19.24
C ASP K 69 13.44 -11.69 20.28
N PRO K 70 13.72 -11.46 21.58
CA PRO K 70 13.26 -12.33 22.68
C PRO K 70 11.76 -12.69 22.73
N ASP K 71 10.90 -11.91 22.08
CA ASP K 71 9.48 -12.27 21.96
C ASP K 71 9.34 -13.62 21.25
N LEU K 72 10.09 -13.78 20.17
CA LEU K 72 10.26 -15.06 19.48
C LEU K 72 11.38 -15.86 20.17
N GLY K 73 12.28 -16.47 19.40
CA GLY K 73 13.38 -17.27 19.96
C GLY K 73 13.90 -18.28 18.95
N VAL K 74 13.93 -19.56 19.36
CA VAL K 74 14.32 -20.63 18.45
C VAL K 74 13.15 -20.98 17.56
N LEU K 75 13.42 -21.12 16.26
CA LEU K 75 12.37 -21.41 15.29
C LEU K 75 12.56 -22.80 14.68
N CYS K 76 11.53 -23.62 14.79
CA CYS K 76 11.57 -25.03 14.40
C CYS K 76 10.98 -25.21 13.00
N PRO K 77 11.34 -26.31 12.32
CA PRO K 77 10.80 -26.52 10.98
C PRO K 77 9.28 -26.54 11.00
N THR K 78 8.68 -26.01 9.94
CA THR K 78 7.23 -26.06 9.79
C THR K 78 6.82 -27.41 9.23
N GLY K 79 5.56 -27.74 9.44
CA GLY K 79 5.02 -29.01 8.96
C GLY K 79 5.47 -29.32 7.55
N CYS K 80 5.40 -28.31 6.68
CA CYS K 80 5.81 -28.47 5.29
C CYS K 80 7.23 -29.00 5.19
N GLN K 81 8.11 -28.52 6.07
CA GLN K 81 9.49 -28.97 6.07
C GLN K 81 9.63 -30.35 6.73
N LEU K 82 8.71 -30.67 7.63
CA LEU K 82 8.72 -31.99 8.25
C LEU K 82 8.12 -33.03 7.31
N GLN K 83 6.93 -32.75 6.78
CA GLN K 83 6.25 -33.70 5.88
C GLN K 83 6.99 -33.93 4.55
N GLU K 84 7.79 -32.95 4.13
CA GLU K 84 8.58 -33.06 2.91
C GLU K 84 9.91 -33.77 3.16
N ALA K 85 10.52 -33.50 4.31
CA ALA K 85 11.77 -34.14 4.71
C ALA K 85 11.61 -35.65 5.00
N LEU K 86 10.41 -36.07 5.39
CA LEU K 86 10.10 -37.49 5.53
C LEU K 86 9.84 -38.11 4.18
N LEU K 87 8.98 -37.44 3.39
CA LEU K 87 8.77 -37.81 1.99
C LEU K 87 10.11 -37.84 1.23
N GLN K 88 11.09 -37.08 1.73
CA GLN K 88 12.46 -37.09 1.20
C GLN K 88 13.19 -38.40 1.52
N GLN K 89 13.23 -38.79 2.79
CA GLN K 89 13.83 -40.07 3.19
C GLN K 89 12.85 -41.26 3.05
N GLU K 90 11.78 -41.05 2.29
CA GLU K 90 10.83 -42.10 1.96
C GLU K 90 11.45 -42.99 0.89
N ARG K 91 11.68 -42.40 -0.28
CA ARG K 91 12.15 -43.14 -1.45
C ARG K 91 13.45 -43.90 -1.20
N PRO K 92 14.50 -43.22 -0.67
CA PRO K 92 15.79 -43.88 -0.51
C PRO K 92 15.82 -44.96 0.56
N ILE K 93 14.78 -44.99 1.41
CA ILE K 93 14.61 -46.05 2.39
C ILE K 93 13.34 -46.84 2.09
N ARG K 94 12.90 -46.82 0.82
CA ARG K 94 11.76 -47.64 0.36
C ARG K 94 12.17 -48.43 -0.90
N ASN K 95 12.78 -47.73 -1.85
CA ASN K 95 13.47 -48.38 -2.97
C ASN K 95 14.48 -49.41 -2.47
N SER K 96 15.14 -49.05 -1.38
CA SER K 96 16.12 -49.92 -0.73
C SER K 96 15.47 -51.18 -0.14
N VAL K 97 14.19 -51.07 0.24
CA VAL K 97 13.47 -52.18 0.86
C VAL K 97 13.01 -53.23 -0.15
N ASP K 98 12.20 -52.81 -1.12
CA ASP K 98 11.59 -53.72 -2.09
C ASP K 98 12.62 -54.53 -2.86
N GLU K 99 13.76 -53.91 -3.11
CA GLU K 99 14.86 -54.58 -3.79
C GLU K 99 15.42 -55.71 -2.93
N LEU K 100 15.48 -55.50 -1.60
CA LEU K 100 15.96 -56.54 -0.68
C LEU K 100 14.99 -57.71 -0.52
N ASN K 101 13.69 -57.42 -0.50
CA ASN K 101 12.68 -58.48 -0.52
C ASN K 101 12.81 -59.36 -1.75
N ASN K 102 13.01 -58.73 -2.91
CA ASN K 102 13.24 -59.45 -4.16
C ASN K 102 14.49 -60.33 -4.09
N ASN K 103 15.48 -59.86 -3.34
CA ASN K 103 16.79 -60.54 -3.27
C ASN K 103 16.88 -61.61 -2.19
N VAL K 104 16.07 -61.52 -1.14
CA VAL K 104 16.08 -62.53 -0.07
C VAL K 104 14.95 -63.57 -0.20
N GLU K 105 13.90 -63.24 -0.95
CA GLU K 105 12.75 -64.15 -1.13
C GLU K 105 12.38 -64.45 -2.59
N ALA K 106 12.55 -63.50 -3.50
CA ALA K 106 12.19 -63.70 -4.91
C ALA K 106 13.21 -64.58 -5.62
N VAL K 107 14.50 -64.32 -5.37
CA VAL K 107 15.59 -65.08 -6.00
C VAL K 107 16.46 -65.87 -5.00
N SER K 108 16.14 -65.80 -3.70
CA SER K 108 16.80 -66.64 -2.68
C SER K 108 15.83 -67.62 -2.01
N GLN K 109 14.68 -67.85 -2.64
CA GLN K 109 13.79 -68.97 -2.34
C GLN K 109 14.33 -70.20 -3.08
N THR K 110 14.80 -70.00 -4.30
CA THR K 110 15.44 -71.06 -5.08
C THR K 110 16.54 -71.73 -4.27
N SER K 111 17.27 -70.90 -3.50
CA SER K 111 18.16 -71.41 -2.47
C SER K 111 17.37 -72.26 -1.49
N SER K 112 16.26 -71.71 -0.97
CA SER K 112 15.41 -72.40 0.00
C SER K 112 14.83 -73.73 -0.52
N SER K 113 14.54 -73.78 -1.82
CA SER K 113 13.99 -75.00 -2.45
C SER K 113 15.08 -76.03 -2.77
N SER K 114 16.28 -75.57 -3.08
CA SER K 114 17.43 -76.45 -3.34
C SER K 114 18.07 -76.96 -2.05
N PHE K 115 17.92 -76.21 -0.95
CA PHE K 115 18.47 -76.62 0.37
C PHE K 115 18.07 -78.05 0.76
N GLN K 116 16.88 -78.50 0.35
CA GLN K 116 16.29 -79.78 0.78
C GLN K 116 16.57 -81.00 -0.12
N TYR K 117 17.27 -80.78 -1.24
CA TYR K 117 17.58 -81.88 -2.18
C TYR K 117 18.42 -83.02 -1.58
N MET K 118 18.91 -82.84 -0.35
CA MET K 118 19.57 -83.91 0.38
C MET K 118 18.57 -85.04 0.66
N TYR K 119 17.42 -84.69 1.21
CA TYR K 119 16.44 -85.67 1.66
C TYR K 119 15.55 -86.13 0.52
N LEU K 120 15.52 -85.33 -0.55
CA LEU K 120 14.77 -85.65 -1.76
C LEU K 120 15.51 -86.66 -2.65
N LEU K 121 16.80 -86.40 -2.89
CA LEU K 121 17.62 -87.30 -3.71
C LEU K 121 18.45 -88.25 -2.83
N LYS K 122 19.25 -87.73 -1.90
CA LYS K 122 20.21 -88.54 -1.13
C LYS K 122 19.58 -89.67 -0.31
N ASP K 123 18.67 -89.33 0.61
CA ASP K 123 18.08 -90.35 1.49
C ASP K 123 17.38 -91.45 0.71
N LEU K 124 16.64 -91.06 -0.34
CA LEU K 124 16.09 -92.03 -1.30
C LEU K 124 17.21 -92.80 -2.02
N TRP K 125 18.33 -92.12 -2.25
CA TRP K 125 19.49 -92.75 -2.86
C TRP K 125 20.08 -93.78 -1.93
N GLN K 126 20.28 -93.38 -0.67
CA GLN K 126 20.80 -94.27 0.36
C GLN K 126 19.97 -95.56 0.46
N LYS K 127 18.68 -95.47 0.12
CA LYS K 127 17.81 -96.64 0.04
C LYS K 127 18.11 -97.51 -1.20
N ARG K 128 18.47 -96.87 -2.31
CA ARG K 128 18.98 -97.60 -3.49
C ARG K 128 20.33 -98.26 -3.15
N GLN K 129 21.19 -97.51 -2.46
CA GLN K 129 22.50 -97.98 -2.00
C GLN K 129 22.39 -99.23 -1.11
N LYS K 130 21.37 -99.25 -0.25
CA LYS K 130 21.11 -100.36 0.64
C LYS K 130 20.63 -101.61 -0.11
N GLN K 131 19.65 -101.43 -1.00
CA GLN K 131 19.06 -102.55 -1.78
C GLN K 131 20.11 -103.28 -2.62
N VAL K 132 20.99 -102.50 -3.27
CA VAL K 132 22.09 -103.08 -4.04
C VAL K 132 23.15 -103.71 -3.13
N LYS K 133 23.32 -103.16 -1.92
CA LYS K 133 24.23 -103.76 -0.92
C LYS K 133 23.78 -105.15 -0.46
N ASP K 134 22.50 -105.49 -0.61
CA ASP K 134 22.07 -106.85 -0.31
C ASP K 134 22.09 -107.70 -1.56
N ASN K 135 21.85 -107.07 -2.71
CA ASN K 135 22.09 -107.71 -4.00
C ASN K 135 23.55 -108.06 -4.25
N GLU K 136 24.46 -107.44 -3.48
CA GLU K 136 25.87 -107.82 -3.50
C GLU K 136 26.06 -109.24 -2.97
N ASN K 137 25.35 -109.57 -1.89
CA ASN K 137 25.44 -110.90 -1.31
C ASN K 137 24.36 -111.84 -1.88
N VAL K 138 23.66 -111.38 -2.93
CA VAL K 138 22.87 -112.25 -3.80
C VAL K 138 23.73 -112.70 -5.00
N VAL K 139 24.80 -111.98 -5.29
CA VAL K 139 25.71 -112.32 -6.40
C VAL K 139 26.52 -113.57 -6.06
N ASN K 140 27.32 -113.44 -5.01
CA ASN K 140 28.15 -114.50 -4.45
C ASN K 140 27.45 -115.85 -4.26
N GLU K 141 26.19 -115.83 -3.83
CA GLU K 141 25.49 -117.08 -3.52
C GLU K 141 25.18 -117.89 -4.77
N TYR K 142 24.65 -117.26 -5.81
CA TYR K 142 24.50 -117.93 -7.11
C TYR K 142 25.82 -118.51 -7.57
N SER K 143 26.85 -117.67 -7.56
CA SER K 143 28.18 -118.04 -8.04
C SER K 143 28.76 -119.18 -7.22
N SER K 144 28.89 -118.96 -5.91
CA SER K 144 29.44 -119.97 -5.01
C SER K 144 28.67 -121.27 -5.20
N GLU K 145 27.35 -121.20 -5.02
CA GLU K 145 26.50 -122.39 -5.09
C GLU K 145 26.72 -123.12 -6.41
N LEU K 146 26.69 -122.37 -7.51
CA LEU K 146 26.83 -122.95 -8.85
C LEU K 146 28.24 -123.54 -9.11
N GLU K 147 29.27 -122.87 -8.61
CA GLU K 147 30.65 -123.35 -8.75
C GLU K 147 30.88 -124.74 -8.13
N LYS K 148 30.22 -124.99 -7.01
CA LYS K 148 30.37 -126.28 -6.33
C LYS K 148 29.36 -127.29 -6.88
N HIS K 149 28.20 -126.79 -7.31
CA HIS K 149 27.23 -127.60 -8.04
C HIS K 149 27.82 -128.10 -9.36
N GLN K 150 28.51 -127.21 -10.07
CA GLN K 150 29.14 -127.57 -11.34
C GLN K 150 30.28 -128.55 -11.06
N LEU K 151 30.94 -128.34 -9.92
CA LEU K 151 32.08 -129.18 -9.48
C LEU K 151 31.71 -130.66 -9.47
N TYR K 152 30.45 -130.96 -9.16
CA TYR K 152 29.88 -132.30 -9.38
C TYR K 152 30.23 -132.78 -10.80
N ILE K 153 30.06 -131.88 -11.78
CA ILE K 153 30.33 -132.14 -13.19
C ILE K 153 31.82 -132.08 -13.55
N ASP K 154 32.58 -131.29 -12.80
CA ASP K 154 34.04 -131.23 -12.94
C ASP K 154 34.66 -132.55 -12.46
N GLU K 155 34.23 -133.03 -11.29
CA GLU K 155 34.68 -134.32 -10.78
C GLU K 155 34.21 -135.46 -11.67
N THR K 156 32.96 -135.38 -12.14
CA THR K 156 32.40 -136.40 -13.03
C THR K 156 33.30 -136.64 -14.25
N VAL K 157 33.40 -135.64 -15.13
CA VAL K 157 33.98 -135.83 -16.46
C VAL K 157 35.50 -135.99 -16.47
N ASN K 158 36.19 -135.56 -15.41
CA ASN K 158 37.66 -135.61 -15.39
C ASN K 158 38.31 -136.32 -14.20
N SER K 159 37.54 -136.71 -13.18
CA SER K 159 38.08 -137.46 -12.03
C SER K 159 37.45 -138.86 -11.86
N ASN K 160 36.26 -139.06 -12.43
CA ASN K 160 35.54 -140.32 -12.29
C ASN K 160 35.53 -141.14 -13.57
N ILE K 161 35.00 -140.56 -14.65
CA ILE K 161 34.83 -141.24 -15.94
C ILE K 161 36.10 -141.93 -16.51
N PRO K 162 37.29 -141.31 -16.38
CA PRO K 162 38.51 -142.01 -16.81
C PRO K 162 39.01 -143.07 -15.81
N THR K 163 38.67 -142.89 -14.53
CA THR K 163 38.91 -143.93 -13.53
C THR K 163 37.83 -145.00 -13.66
N ASN K 164 36.73 -144.65 -14.32
CA ASN K 164 35.68 -145.60 -14.67
C ASN K 164 36.04 -146.38 -15.93
N LEU K 165 36.26 -145.68 -17.04
CA LEU K 165 36.63 -146.33 -18.30
C LEU K 165 38.07 -146.85 -18.33
N ARG K 166 38.71 -146.97 -17.17
CA ARG K 166 39.98 -147.70 -17.06
C ARG K 166 39.71 -149.11 -16.55
N VAL K 167 39.07 -149.19 -15.38
CA VAL K 167 38.69 -150.46 -14.75
C VAL K 167 37.63 -151.18 -15.59
N LEU K 168 36.67 -150.42 -16.11
CA LEU K 168 35.62 -151.00 -16.96
C LEU K 168 36.17 -151.45 -18.32
N ARG K 169 37.32 -150.91 -18.72
CA ARG K 169 38.04 -151.45 -19.88
C ARG K 169 38.83 -152.68 -19.43
N SER K 170 39.74 -152.49 -18.47
CA SER K 170 40.57 -153.59 -17.91
C SER K 170 39.81 -154.91 -17.79
N ILE K 171 38.54 -154.83 -17.41
CA ILE K 171 37.70 -156.02 -17.25
C ILE K 171 37.29 -156.57 -18.60
N LEU K 172 36.70 -155.74 -19.45
CA LEU K 172 35.98 -156.24 -20.63
C LEU K 172 36.92 -156.75 -21.71
N GLU K 173 38.20 -156.43 -21.57
CA GLU K 173 39.23 -156.94 -22.48
C GLU K 173 40.04 -158.09 -21.86
N ASN K 174 40.01 -158.21 -20.53
CA ASN K 174 40.51 -159.39 -19.85
C ASN K 174 39.63 -160.58 -20.21
N LEU K 175 38.33 -160.34 -20.30
CA LEU K 175 37.38 -161.37 -20.68
C LEU K 175 37.69 -161.89 -22.08
N ARG K 176 37.76 -160.98 -23.04
CA ARG K 176 38.04 -161.34 -24.43
C ARG K 176 39.25 -162.29 -24.59
N SER K 177 40.24 -162.18 -23.70
CA SER K 177 41.40 -163.09 -23.67
C SER K 177 41.10 -164.40 -22.90
N LYS K 178 40.16 -164.34 -21.97
CA LYS K 178 39.66 -165.56 -21.34
C LYS K 178 38.87 -166.33 -22.36
N ILE K 179 37.83 -165.70 -22.92
CA ILE K 179 37.02 -166.33 -23.95
C ILE K 179 37.91 -166.95 -25.05
N GLN K 180 39.04 -166.32 -25.32
CA GLN K 180 40.04 -166.94 -26.18
C GLN K 180 40.50 -168.27 -25.57
N LYS K 181 41.07 -168.19 -24.37
CA LYS K 181 41.70 -169.34 -23.72
C LYS K 181 40.78 -170.55 -23.62
N LEU K 182 39.55 -170.30 -23.20
CA LEU K 182 38.58 -171.36 -23.08
C LEU K 182 38.34 -171.90 -24.47
N GLU K 183 37.88 -171.05 -25.38
CA GLU K 183 37.67 -171.45 -26.78
C GLU K 183 38.83 -172.30 -27.34
N SER K 184 40.04 -172.05 -26.84
CA SER K 184 41.22 -172.86 -27.20
C SER K 184 41.19 -174.24 -26.55
N ASP K 185 40.83 -174.28 -25.28
CA ASP K 185 40.80 -175.54 -24.54
C ASP K 185 39.66 -176.46 -25.00
N VAL K 186 38.50 -175.90 -25.37
CA VAL K 186 37.37 -176.72 -25.87
C VAL K 186 37.75 -177.50 -27.13
N SER K 187 38.42 -176.83 -28.07
CA SER K 187 38.88 -177.49 -29.29
C SER K 187 39.96 -178.54 -28.97
N ALA K 188 40.58 -178.42 -27.80
CA ALA K 188 41.53 -179.41 -27.32
C ALA K 188 40.85 -180.74 -27.01
N GLN K 189 39.69 -180.68 -26.37
CA GLN K 189 39.01 -181.89 -25.92
C GLN K 189 38.30 -182.59 -27.05
N MET K 190 37.62 -181.81 -27.89
CA MET K 190 37.03 -182.34 -29.13
C MET K 190 38.03 -183.26 -29.84
N GLU K 191 39.30 -182.84 -29.85
CA GLU K 191 40.38 -183.63 -30.43
C GLU K 191 40.63 -184.91 -29.61
N TYR K 192 40.87 -184.78 -28.32
CA TYR K 192 41.14 -185.97 -27.49
C TYR K 192 39.95 -186.89 -27.44
N CYS K 193 38.85 -186.49 -28.06
CA CYS K 193 37.63 -187.26 -28.07
C CYS K 193 37.31 -187.85 -29.42
N ARG K 194 38.26 -187.80 -30.34
CA ARG K 194 38.25 -188.72 -31.48
C ARG K 194 38.61 -190.12 -30.97
N THR K 195 39.54 -190.17 -30.01
CA THR K 195 40.06 -191.41 -29.42
C THR K 195 39.45 -191.71 -28.05
N PRO K 196 38.58 -192.74 -27.95
CA PRO K 196 37.91 -193.04 -26.69
C PRO K 196 38.81 -193.79 -25.72
N CYS K 197 38.47 -193.74 -24.43
CA CYS K 197 39.19 -194.49 -23.39
C CYS K 197 38.82 -195.96 -23.46
N THR K 198 39.66 -196.82 -22.89
CA THR K 198 39.33 -198.24 -22.81
C THR K 198 39.68 -198.88 -21.48
N VAL K 199 38.88 -199.90 -21.16
CA VAL K 199 39.17 -200.82 -20.07
C VAL K 199 39.36 -202.21 -20.65
N SER K 200 39.74 -203.12 -19.78
CA SER K 200 39.83 -204.52 -20.13
C SER K 200 39.63 -205.30 -18.85
N CYS K 201 38.37 -205.62 -18.55
CA CYS K 201 38.01 -206.28 -17.29
C CYS K 201 37.80 -207.76 -17.47
N ASN K 202 38.89 -208.51 -17.35
CA ASN K 202 38.79 -209.94 -17.30
C ASN K 202 37.99 -210.26 -16.08
N ILE K 203 36.97 -211.10 -16.26
CA ILE K 203 35.95 -211.29 -15.23
C ILE K 203 36.35 -212.39 -14.30
N PRO K 204 36.14 -212.17 -12.99
CA PRO K 204 36.39 -213.17 -12.00
C PRO K 204 35.30 -214.23 -12.00
N VAL K 205 35.73 -215.47 -11.79
CA VAL K 205 34.91 -216.66 -11.98
C VAL K 205 33.68 -216.66 -11.11
N VAL K 206 33.93 -216.49 -9.80
CA VAL K 206 32.91 -216.49 -8.74
C VAL K 206 31.75 -215.54 -9.03
N SER K 207 30.54 -215.93 -8.60
CA SER K 207 29.36 -215.09 -8.77
C SER K 207 28.21 -215.55 -7.87
N GLY K 208 27.13 -214.76 -7.85
CA GLY K 208 25.99 -215.06 -7.03
C GLY K 208 24.90 -214.04 -7.25
N LYS K 209 23.87 -214.14 -6.45
CA LYS K 209 22.68 -213.31 -6.61
C LYS K 209 23.05 -211.83 -6.42
N GLU K 210 24.04 -211.60 -5.54
CA GLU K 210 24.55 -210.27 -5.22
C GLU K 210 25.90 -210.36 -4.51
N CYS K 211 26.52 -209.23 -4.18
CA CYS K 211 27.91 -209.20 -3.62
C CYS K 211 28.15 -209.92 -2.28
N GLU K 212 27.16 -209.98 -1.40
CA GLU K 212 27.29 -210.68 -0.11
C GLU K 212 27.29 -212.18 -0.34
N GLU K 213 26.29 -212.65 -1.07
CA GLU K 213 26.25 -214.03 -1.51
C GLU K 213 27.60 -214.37 -2.11
N ILE K 214 28.19 -213.42 -2.87
CA ILE K 214 29.56 -213.56 -3.42
C ILE K 214 30.64 -213.54 -2.34
N ILE K 215 30.59 -212.57 -1.44
CA ILE K 215 31.56 -212.56 -0.34
C ILE K 215 31.45 -213.89 0.41
N ARG K 216 30.21 -214.38 0.52
CA ARG K 216 29.91 -215.63 1.23
C ARG K 216 30.60 -216.85 0.61
N LYS K 217 30.76 -216.80 -0.72
CA LYS K 217 31.44 -217.85 -1.46
C LYS K 217 32.98 -217.70 -1.50
N GLY K 218 33.54 -216.77 -0.72
CA GLY K 218 34.99 -216.65 -0.65
C GLY K 218 35.64 -215.71 -1.66
N GLY K 219 34.91 -214.69 -2.09
CA GLY K 219 35.50 -213.59 -2.88
C GLY K 219 35.90 -212.46 -1.95
N GLU K 220 37.19 -212.18 -1.87
CA GLU K 220 37.71 -211.29 -0.84
C GLU K 220 37.92 -209.91 -1.40
N THR K 221 38.76 -209.81 -2.41
CA THR K 221 39.25 -208.52 -2.89
C THR K 221 38.17 -207.76 -3.65
N SER K 222 37.89 -206.54 -3.19
CA SER K 222 36.85 -205.73 -3.80
C SER K 222 37.28 -205.44 -5.23
N GLU K 223 36.31 -205.45 -6.16
CA GLU K 223 36.60 -205.34 -7.59
C GLU K 223 35.33 -205.45 -8.45
N MET K 224 35.53 -205.50 -9.77
CA MET K 224 34.46 -205.72 -10.74
C MET K 224 34.07 -207.19 -10.73
N TYR K 225 33.15 -207.57 -9.85
CA TYR K 225 32.51 -208.89 -9.90
C TYR K 225 31.22 -208.82 -10.69
N LEU K 226 30.57 -209.97 -10.71
CA LEU K 226 29.46 -210.25 -11.57
C LEU K 226 28.41 -210.95 -10.71
N ILE K 227 27.16 -210.54 -10.87
CA ILE K 227 26.08 -211.09 -10.07
C ILE K 227 24.88 -211.26 -10.97
N GLN K 228 23.95 -212.06 -10.50
CA GLN K 228 22.69 -212.27 -11.17
C GLN K 228 21.69 -212.53 -10.08
N PRO K 229 20.78 -211.58 -9.84
CA PRO K 229 19.77 -211.78 -8.80
C PRO K 229 18.69 -212.76 -9.22
N ASP K 230 18.09 -212.54 -10.39
CA ASP K 230 17.00 -213.39 -10.87
C ASP K 230 17.35 -214.03 -12.20
N SER K 231 17.12 -215.33 -12.30
CA SER K 231 17.35 -216.04 -13.55
C SER K 231 16.51 -215.47 -14.70
N SER K 232 15.46 -214.72 -14.39
CA SER K 232 14.75 -213.94 -15.39
C SER K 232 15.40 -212.55 -15.48
N VAL K 233 16.62 -212.53 -16.03
CA VAL K 233 17.41 -211.32 -16.32
C VAL K 233 18.85 -211.70 -16.57
N LYS K 234 19.41 -211.21 -17.68
CA LYS K 234 20.81 -211.44 -17.96
C LYS K 234 21.64 -210.79 -16.89
N PRO K 235 22.64 -211.50 -16.35
CA PRO K 235 23.49 -210.98 -15.29
C PRO K 235 24.25 -209.76 -15.75
N TYR K 236 24.69 -208.94 -14.79
CA TYR K 236 25.37 -207.69 -15.07
C TYR K 236 26.56 -207.44 -14.17
N ARG K 237 27.43 -206.58 -14.68
CA ARG K 237 28.63 -206.20 -13.96
C ARG K 237 28.30 -205.23 -12.82
N VAL K 238 29.03 -205.36 -11.71
CA VAL K 238 28.83 -204.51 -10.52
C VAL K 238 30.10 -204.51 -9.69
N TYR K 239 30.35 -203.40 -9.00
CA TYR K 239 31.52 -203.34 -8.13
C TYR K 239 31.09 -203.78 -6.75
N CYS K 240 31.88 -204.64 -6.11
CA CYS K 240 31.55 -205.11 -4.77
C CYS K 240 32.57 -204.66 -3.76
N ASP K 241 32.21 -203.77 -2.84
CA ASP K 241 33.11 -203.48 -1.72
C ASP K 241 33.02 -204.65 -0.77
N MET K 242 34.17 -205.23 -0.51
CA MET K 242 34.28 -206.42 0.31
C MET K 242 35.23 -206.14 1.47
N ASN K 243 35.32 -204.87 1.85
CA ASN K 243 36.37 -204.41 2.73
C ASN K 243 35.89 -203.52 3.86
N THR K 244 35.01 -202.57 3.55
CA THR K 244 34.43 -201.74 4.60
C THR K 244 33.25 -202.44 5.25
N GLU K 245 33.19 -202.31 6.57
CA GLU K 245 32.18 -202.97 7.38
C GLU K 245 31.91 -204.38 6.88
N ASN K 246 32.95 -205.21 6.98
CA ASN K 246 32.85 -206.65 6.75
C ASN K 246 32.40 -207.07 5.34
N GLY K 247 32.48 -206.14 4.37
CA GLY K 247 32.22 -206.49 2.99
C GLY K 247 30.79 -206.91 2.70
N GLY K 248 30.59 -207.50 1.53
CA GLY K 248 29.26 -207.85 1.03
C GLY K 248 28.62 -206.70 0.25
N TRP K 249 29.29 -205.56 0.27
CA TRP K 249 28.69 -204.33 -0.22
C TRP K 249 28.62 -204.29 -1.73
N THR K 250 27.43 -203.94 -2.21
CA THR K 250 27.13 -203.82 -3.63
C THR K 250 26.92 -202.36 -3.98
N VAL K 251 27.91 -201.78 -4.64
CA VAL K 251 27.89 -200.37 -4.94
C VAL K 251 26.81 -200.06 -5.99
N ILE K 252 25.87 -199.17 -5.63
CA ILE K 252 24.80 -198.79 -6.56
C ILE K 252 25.19 -197.47 -7.26
N GLN K 253 25.84 -196.59 -6.49
CA GLN K 253 26.24 -195.28 -6.98
C GLN K 253 27.64 -194.87 -6.51
N ASN K 254 28.38 -194.20 -7.38
CA ASN K 254 29.68 -193.68 -6.97
C ASN K 254 30.18 -192.47 -7.78
N ARG K 255 30.68 -191.46 -7.06
CA ARG K 255 31.47 -190.35 -7.63
C ARG K 255 32.84 -190.28 -6.90
N GLN K 256 33.87 -189.77 -7.60
CA GLN K 256 35.21 -189.63 -7.01
C GLN K 256 36.17 -188.70 -7.76
N ASP K 257 36.01 -188.60 -9.06
CA ASP K 257 36.70 -187.61 -9.87
C ASP K 257 35.67 -186.97 -10.77
N GLY K 258 36.05 -186.14 -11.72
CA GLY K 258 35.03 -185.40 -12.49
C GLY K 258 34.59 -186.09 -13.77
N SER K 259 34.54 -187.42 -13.73
CA SER K 259 34.73 -188.25 -14.93
C SER K 259 33.46 -188.66 -15.67
N VAL K 260 32.31 -188.64 -14.99
CA VAL K 260 31.04 -188.93 -15.67
C VAL K 260 29.99 -187.86 -15.42
N ASP K 261 29.33 -187.50 -16.52
CA ASP K 261 28.24 -186.53 -16.52
C ASP K 261 27.00 -187.21 -15.94
N PHE K 262 26.44 -186.62 -14.89
CA PHE K 262 25.28 -187.21 -14.22
C PHE K 262 23.99 -186.45 -14.52
N GLY K 263 24.05 -185.52 -15.46
CA GLY K 263 22.86 -184.83 -15.94
C GLY K 263 22.34 -185.55 -17.18
N ARG K 264 21.53 -186.59 -16.96
CA ARG K 264 21.01 -187.40 -18.05
C ARG K 264 19.53 -187.62 -17.90
N LYS K 265 18.90 -188.01 -19.00
CA LYS K 265 17.45 -188.21 -19.07
C LYS K 265 16.98 -189.42 -18.28
N TRP K 266 15.66 -189.61 -18.31
CA TRP K 266 15.01 -190.73 -17.65
C TRP K 266 15.62 -192.08 -17.99
N ASP K 267 15.53 -192.46 -19.27
CA ASP K 267 15.88 -193.81 -19.69
C ASP K 267 17.31 -194.12 -19.25
N PRO K 268 18.26 -193.26 -19.60
CA PRO K 268 19.59 -193.49 -19.06
C PRO K 268 19.62 -193.84 -17.59
N TYR K 269 18.91 -193.08 -16.75
CA TYR K 269 18.93 -193.35 -15.31
C TYR K 269 18.28 -194.68 -14.96
N LYS K 270 17.29 -195.08 -15.77
CA LYS K 270 16.68 -196.41 -15.66
C LYS K 270 17.70 -197.52 -15.95
N GLN K 271 18.39 -197.42 -17.09
CA GLN K 271 19.38 -198.43 -17.52
C GLN K 271 20.62 -198.38 -16.65
N GLY K 272 20.97 -197.19 -16.20
CA GLY K 272 22.21 -197.00 -15.53
C GLY K 272 23.24 -196.54 -16.54
N PHE K 273 24.34 -196.02 -16.02
CA PHE K 273 25.41 -195.46 -16.84
C PHE K 273 26.64 -195.27 -15.98
N GLY K 274 27.73 -194.94 -16.65
CA GLY K 274 29.02 -194.71 -16.00
C GLY K 274 30.03 -195.78 -16.36
N ASN K 275 31.12 -195.79 -15.60
CA ASN K 275 32.14 -196.81 -15.69
C ASN K 275 32.15 -197.52 -14.33
N VAL K 276 31.85 -198.81 -14.35
CA VAL K 276 31.64 -199.61 -13.14
C VAL K 276 32.97 -199.97 -12.43
N ALA K 277 34.02 -200.12 -13.22
CA ALA K 277 35.34 -200.38 -12.67
C ALA K 277 36.40 -200.13 -13.74
N THR K 278 37.67 -200.07 -13.33
CA THR K 278 38.75 -199.67 -14.22
C THR K 278 40.06 -200.32 -13.83
N ASN K 279 41.01 -200.34 -14.77
CA ASN K 279 42.26 -201.09 -14.61
C ASN K 279 43.25 -200.41 -13.62
N THR K 280 44.15 -201.20 -13.06
CA THR K 280 44.98 -200.79 -11.91
C THR K 280 46.40 -200.40 -12.32
N ASP K 281 47.40 -200.80 -11.53
CA ASP K 281 48.80 -200.83 -11.98
C ASP K 281 48.94 -201.85 -13.11
N GLY K 282 48.25 -201.58 -14.23
CA GLY K 282 48.17 -202.50 -15.34
C GLY K 282 47.99 -203.95 -14.93
N LYS K 283 47.16 -204.19 -13.92
CA LYS K 283 46.83 -205.56 -13.51
C LYS K 283 45.67 -206.09 -14.37
N ASN K 284 45.53 -207.41 -14.45
CA ASN K 284 44.65 -208.06 -15.43
C ASN K 284 43.16 -208.06 -15.08
N TYR K 285 42.75 -207.17 -14.18
CA TYR K 285 41.42 -207.17 -13.61
C TYR K 285 41.12 -205.81 -12.98
N CYS K 286 39.92 -205.31 -13.22
CA CYS K 286 39.55 -204.00 -12.74
C CYS K 286 39.18 -204.05 -11.27
N GLY K 287 40.20 -203.85 -10.43
CA GLY K 287 40.01 -203.78 -8.98
C GLY K 287 39.91 -202.35 -8.48
N LEU K 288 39.13 -201.54 -9.18
CA LEU K 288 38.99 -200.13 -8.88
C LEU K 288 37.62 -199.68 -9.32
N PRO K 289 36.93 -198.94 -8.46
CA PRO K 289 35.61 -198.46 -8.78
C PRO K 289 35.69 -197.34 -9.78
N GLY K 290 34.58 -197.01 -10.41
CA GLY K 290 34.53 -195.88 -11.34
C GLY K 290 33.52 -194.85 -10.87
N GLU K 291 33.16 -193.93 -11.76
CA GLU K 291 31.98 -193.09 -11.55
C GLU K 291 30.89 -193.84 -12.28
N TYR K 292 29.82 -194.25 -11.58
CA TYR K 292 28.66 -194.85 -12.27
C TYR K 292 27.37 -194.87 -11.47
N TRP K 293 26.29 -195.10 -12.22
CA TRP K 293 24.95 -195.30 -11.68
C TRP K 293 24.37 -196.57 -12.28
N LEU K 294 24.21 -197.59 -11.45
CA LEU K 294 23.52 -198.80 -11.87
C LEU K 294 22.12 -198.34 -12.14
N GLY K 295 21.54 -198.79 -13.24
CA GLY K 295 20.16 -198.41 -13.55
C GLY K 295 19.21 -198.59 -12.39
N ASN K 296 18.01 -198.02 -12.49
CA ASN K 296 17.06 -198.00 -11.36
C ASN K 296 16.31 -199.31 -11.08
N ASP K 297 15.54 -199.79 -12.04
CA ASP K 297 14.91 -201.11 -11.89
C ASP K 297 15.98 -202.12 -11.48
N LYS K 298 17.15 -202.04 -12.13
CA LYS K 298 18.33 -202.73 -11.64
C LYS K 298 18.60 -202.60 -10.13
N ILE K 299 17.99 -201.62 -9.45
CA ILE K 299 18.22 -201.37 -8.03
C ILE K 299 16.99 -201.72 -7.23
N SER K 300 15.84 -201.24 -7.70
CA SER K 300 14.55 -201.53 -7.06
C SER K 300 14.50 -203.02 -6.85
N GLN K 301 14.62 -203.72 -7.97
CA GLN K 301 14.70 -205.16 -8.00
C GLN K 301 15.66 -205.66 -6.92
N LEU K 302 16.90 -205.17 -6.98
CA LEU K 302 17.93 -205.52 -5.99
C LEU K 302 17.41 -205.36 -4.57
N THR K 303 16.68 -204.28 -4.32
CA THR K 303 16.24 -203.95 -2.97
C THR K 303 14.95 -204.68 -2.59
N ARG K 304 14.34 -205.31 -3.58
CA ARG K 304 13.10 -206.07 -3.38
C ARG K 304 13.39 -207.58 -3.27
N MET K 305 14.65 -207.94 -3.06
CA MET K 305 15.03 -209.33 -2.79
C MET K 305 14.85 -209.64 -1.32
N GLY K 306 14.62 -208.59 -0.53
CA GLY K 306 14.40 -208.76 0.90
C GLY K 306 14.77 -207.50 1.66
N PRO K 307 14.94 -207.63 2.98
CA PRO K 307 15.42 -206.52 3.80
C PRO K 307 16.79 -206.07 3.33
N THR K 308 16.88 -204.80 2.97
CA THR K 308 18.07 -204.25 2.37
C THR K 308 18.53 -203.06 3.20
N GLU K 309 19.69 -203.20 3.85
CA GLU K 309 20.36 -202.05 4.49
C GLU K 309 21.26 -201.31 3.48
N LEU K 310 21.34 -199.98 3.60
CA LEU K 310 22.14 -199.19 2.65
C LEU K 310 23.13 -198.29 3.38
N LEU K 311 24.35 -198.23 2.86
CA LEU K 311 25.41 -197.41 3.44
C LEU K 311 25.94 -196.36 2.46
N ILE K 312 25.86 -195.10 2.88
CA ILE K 312 26.37 -194.00 2.07
C ILE K 312 27.57 -193.37 2.73
N GLU K 313 28.71 -193.49 2.06
CA GLU K 313 29.93 -192.86 2.52
C GLU K 313 30.21 -191.61 1.72
N MET K 314 30.95 -190.70 2.34
CA MET K 314 31.29 -189.46 1.71
C MET K 314 32.51 -188.85 2.35
N GLU K 315 33.24 -188.10 1.52
CA GLU K 315 34.53 -187.54 1.86
C GLU K 315 34.61 -186.14 1.29
N ASP K 316 34.88 -185.18 2.18
CA ASP K 316 35.17 -183.81 1.80
C ASP K 316 36.35 -183.74 0.83
N TRP K 317 36.80 -182.53 0.53
CA TRP K 317 38.06 -182.33 -0.20
C TRP K 317 39.27 -182.30 0.71
N LYS K 318 39.09 -182.74 1.95
CA LYS K 318 40.16 -182.77 2.93
C LYS K 318 40.41 -184.15 3.57
N GLY K 319 39.45 -185.07 3.45
CA GLY K 319 39.66 -186.45 3.92
C GLY K 319 39.07 -186.79 5.28
N ASP K 320 38.05 -186.04 5.68
CA ASP K 320 37.13 -186.49 6.71
C ASP K 320 36.03 -187.25 5.97
N LYS K 321 35.40 -188.18 6.67
CA LYS K 321 34.38 -189.01 6.06
C LYS K 321 33.27 -189.30 7.04
N VAL K 322 32.11 -189.69 6.50
CA VAL K 322 30.92 -189.88 7.30
C VAL K 322 29.96 -190.88 6.68
N LYS K 323 29.18 -191.53 7.54
CA LYS K 323 28.38 -192.71 7.17
C LYS K 323 26.90 -192.37 7.22
N ALA K 324 26.15 -192.94 6.28
CA ALA K 324 24.69 -192.75 6.15
C ALA K 324 23.99 -194.11 6.09
N HIS K 325 23.56 -194.59 7.25
CA HIS K 325 23.21 -195.99 7.43
C HIS K 325 21.71 -196.19 7.63
N TYR K 326 21.12 -197.06 6.82
CA TYR K 326 19.67 -197.20 6.77
C TYR K 326 19.26 -198.66 6.67
N GLY K 327 18.96 -199.27 7.81
CA GLY K 327 18.59 -200.67 7.93
C GLY K 327 17.49 -201.14 7.00
N GLY K 328 16.67 -200.20 6.53
CA GLY K 328 15.66 -200.50 5.53
C GLY K 328 15.78 -199.54 4.39
N PHE K 329 15.60 -200.03 3.17
CA PHE K 329 15.79 -199.21 1.99
C PHE K 329 15.29 -199.94 0.79
N THR K 330 14.24 -199.43 0.19
CA THR K 330 13.73 -200.09 -0.99
C THR K 330 13.30 -199.07 -2.03
N VAL K 331 13.52 -199.39 -3.29
CA VAL K 331 13.04 -198.60 -4.39
C VAL K 331 12.07 -199.45 -5.18
N GLN K 332 11.10 -198.81 -5.81
CA GLN K 332 10.07 -199.53 -6.55
C GLN K 332 10.28 -199.42 -8.04
N ASN K 333 9.54 -200.22 -8.79
CA ASN K 333 9.48 -200.17 -10.27
C ASN K 333 9.19 -198.81 -10.95
N GLU K 334 9.39 -198.80 -12.28
CA GLU K 334 9.13 -197.62 -13.13
C GLU K 334 7.68 -197.18 -12.93
N ALA K 335 6.77 -198.16 -12.93
CA ALA K 335 5.36 -197.91 -12.67
C ALA K 335 5.12 -197.00 -11.44
N ASN K 336 5.86 -197.23 -10.35
CA ASN K 336 5.78 -196.34 -9.16
C ASN K 336 6.96 -195.38 -9.12
N LYS K 337 7.36 -194.98 -10.33
CA LYS K 337 8.50 -194.13 -10.56
C LYS K 337 9.61 -194.21 -9.49
N TYR K 338 10.12 -195.43 -9.32
CA TYR K 338 11.30 -195.71 -8.52
C TYR K 338 11.25 -195.01 -7.21
N GLN K 339 10.08 -195.08 -6.59
CA GLN K 339 9.83 -194.46 -5.30
C GLN K 339 10.67 -195.07 -4.21
N ILE K 340 11.13 -194.24 -3.29
CA ILE K 340 12.12 -194.67 -2.35
C ILE K 340 11.55 -194.60 -0.97
N SER K 341 11.87 -195.58 -0.13
CA SER K 341 11.71 -195.38 1.30
C SER K 341 12.98 -195.85 1.97
N VAL K 342 13.29 -195.23 3.10
CA VAL K 342 14.44 -195.65 3.89
C VAL K 342 14.01 -195.51 5.30
N ASN K 343 14.64 -196.27 6.19
CA ASN K 343 14.49 -196.04 7.62
C ASN K 343 15.55 -196.77 8.43
N LYS K 344 15.41 -196.67 9.75
CA LYS K 344 16.28 -197.36 10.72
C LYS K 344 17.70 -196.81 10.58
N TYR K 345 17.80 -195.50 10.74
CA TYR K 345 19.01 -194.76 10.48
C TYR K 345 20.00 -194.82 11.62
N ARG K 346 21.27 -194.70 11.28
CA ARG K 346 22.30 -194.49 12.28
C ARG K 346 23.52 -193.97 11.54
N GLY K 347 24.23 -193.02 12.13
CA GLY K 347 25.45 -192.52 11.51
C GLY K 347 25.76 -191.04 11.74
N THR K 348 26.96 -190.67 11.30
CA THR K 348 27.55 -189.36 11.59
C THR K 348 27.41 -188.40 10.44
N ALA K 349 26.90 -188.86 9.30
CA ALA K 349 26.65 -187.99 8.16
C ALA K 349 25.45 -187.09 8.44
N GLY K 350 24.42 -187.66 9.05
CA GLY K 350 23.24 -186.91 9.44
C GLY K 350 22.06 -187.27 8.57
N ASN K 351 20.90 -187.43 9.20
CA ASN K 351 19.76 -188.06 8.56
C ASN K 351 19.01 -187.19 7.56
N ALA K 352 19.67 -186.93 6.44
CA ALA K 352 19.11 -186.10 5.41
C ALA K 352 17.90 -186.75 4.71
N LEU K 353 17.80 -188.07 4.80
CA LEU K 353 16.79 -188.78 4.02
C LEU K 353 15.41 -188.74 4.66
N MET K 354 15.40 -188.92 5.99
CA MET K 354 14.18 -189.10 6.74
C MET K 354 13.76 -187.83 7.43
N ASP K 355 14.72 -187.14 8.03
CA ASP K 355 14.42 -185.96 8.87
C ASP K 355 14.68 -184.65 8.13
N GLY K 356 15.59 -184.70 7.16
CA GLY K 356 15.79 -183.59 6.24
C GLY K 356 16.78 -182.57 6.78
N ALA K 357 16.94 -181.48 6.01
CA ALA K 357 17.96 -180.46 6.25
C ALA K 357 17.97 -179.89 7.67
N SER K 358 18.90 -180.36 8.50
CA SER K 358 18.95 -179.98 9.92
C SER K 358 18.86 -178.46 10.14
N GLN K 359 19.57 -177.70 9.32
CA GLN K 359 19.64 -176.24 9.48
C GLN K 359 18.33 -175.49 9.17
N LEU K 360 17.60 -175.91 8.14
CA LEU K 360 16.31 -175.31 7.88
C LEU K 360 15.38 -175.66 9.02
N MET K 361 14.35 -174.83 9.23
CA MET K 361 13.40 -175.06 10.30
C MET K 361 12.02 -175.22 9.69
N GLY K 362 11.08 -175.65 10.55
CA GLY K 362 9.67 -175.79 10.22
C GLY K 362 9.32 -176.33 8.85
N GLU K 363 8.66 -175.48 8.06
CA GLU K 363 8.17 -175.83 6.73
C GLU K 363 9.32 -176.08 5.77
N ASN K 364 10.33 -175.22 5.79
CA ASN K 364 11.43 -175.31 4.85
C ASN K 364 12.27 -176.55 5.09
N ARG K 365 12.26 -177.07 6.31
CA ARG K 365 12.97 -178.30 6.63
C ARG K 365 12.24 -179.51 6.06
N THR K 366 10.96 -179.63 6.44
CA THR K 366 10.16 -180.80 6.06
C THR K 366 9.53 -180.65 4.66
N MET K 367 9.98 -179.66 3.88
CA MET K 367 9.75 -179.63 2.44
C MET K 367 10.92 -180.28 1.69
N THR K 368 11.95 -180.69 2.42
CA THR K 368 13.01 -181.51 1.85
C THR K 368 13.37 -182.67 2.78
N ILE K 369 12.57 -183.72 2.63
CA ILE K 369 12.90 -185.03 3.16
C ILE K 369 12.63 -186.01 2.02
N HIS K 370 13.57 -186.92 1.79
CA HIS K 370 13.53 -187.75 0.60
C HIS K 370 12.68 -188.96 0.84
N ASN K 371 12.72 -189.46 2.07
CA ASN K 371 11.97 -190.65 2.41
C ASN K 371 10.56 -190.50 1.90
N GLY K 372 10.17 -191.35 0.96
CA GLY K 372 8.86 -191.26 0.31
C GLY K 372 8.86 -190.71 -1.11
N MET K 373 9.94 -190.01 -1.50
CA MET K 373 9.93 -189.33 -2.78
C MET K 373 9.98 -190.17 -4.05
N PHE K 374 9.66 -189.51 -5.15
CA PHE K 374 9.82 -190.08 -6.48
C PHE K 374 11.11 -189.62 -7.12
N PHE K 375 11.50 -190.37 -8.14
CA PHE K 375 12.67 -190.05 -8.91
C PHE K 375 12.24 -189.14 -10.03
N SER K 376 13.07 -188.14 -10.29
CA SER K 376 12.87 -187.20 -11.40
C SER K 376 14.20 -186.97 -12.12
N THR K 377 14.16 -186.94 -13.45
CA THR K 377 15.31 -186.56 -14.25
C THR K 377 14.91 -185.34 -15.06
N TYR K 378 15.90 -184.63 -15.60
CA TYR K 378 15.63 -183.30 -16.16
C TYR K 378 14.66 -183.31 -17.36
N ASP K 379 14.26 -184.50 -17.80
CA ASP K 379 13.09 -184.65 -18.68
C ASP K 379 11.96 -185.48 -18.03
N ARG K 380 11.88 -185.50 -16.70
CA ARG K 380 10.73 -186.13 -16.03
C ARG K 380 10.37 -185.51 -14.68
N ASP K 381 9.25 -184.77 -14.66
CA ASP K 381 8.72 -184.12 -13.46
C ASP K 381 7.93 -185.11 -12.61
N ASN K 382 8.58 -185.60 -11.56
CA ASN K 382 7.91 -186.27 -10.43
C ASN K 382 8.49 -185.70 -9.13
N ASP K 383 8.79 -184.38 -9.13
CA ASP K 383 9.28 -183.70 -7.93
C ASP K 383 8.10 -183.16 -7.10
N GLY K 384 8.42 -182.63 -5.92
CA GLY K 384 7.43 -182.02 -5.04
C GLY K 384 7.28 -180.52 -5.25
N TRP K 385 7.76 -180.04 -6.40
CA TRP K 385 7.72 -178.64 -6.75
C TRP K 385 6.62 -178.43 -7.76
N LEU K 386 5.41 -178.20 -7.28
CA LEU K 386 4.25 -178.15 -8.15
C LEU K 386 4.17 -176.77 -8.78
N THR K 387 4.31 -176.73 -10.11
CA THR K 387 4.26 -175.49 -10.88
C THR K 387 3.71 -175.74 -12.27
N SER K 388 3.69 -174.70 -13.08
CA SER K 388 3.49 -174.81 -14.53
C SER K 388 4.79 -174.49 -15.29
N ASP K 389 5.65 -173.66 -14.68
CA ASP K 389 6.86 -173.16 -15.34
C ASP K 389 7.95 -174.25 -15.38
N PRO K 390 8.49 -174.56 -16.57
CA PRO K 390 9.46 -175.64 -16.68
C PRO K 390 10.73 -175.36 -15.89
N ARG K 391 11.34 -174.19 -16.10
CA ARG K 391 12.47 -173.74 -15.30
C ARG K 391 12.26 -174.15 -13.84
N LYS K 392 11.01 -174.07 -13.38
CA LYS K 392 10.63 -174.44 -12.02
C LYS K 392 10.42 -175.96 -11.87
N GLN K 393 11.47 -176.72 -12.10
CA GLN K 393 11.53 -178.15 -11.73
C GLN K 393 12.89 -178.39 -11.06
N CYS K 394 12.93 -179.36 -10.15
CA CYS K 394 14.13 -179.57 -9.32
C CYS K 394 15.29 -180.05 -10.18
N SER K 395 15.06 -181.16 -10.90
CA SER K 395 16.12 -181.81 -11.67
C SER K 395 16.83 -180.86 -12.61
N LYS K 396 16.08 -179.90 -13.15
CA LYS K 396 16.63 -178.89 -14.05
C LYS K 396 17.76 -178.17 -13.30
N GLU K 397 17.41 -177.65 -12.14
CA GLU K 397 18.30 -176.79 -11.40
C GLU K 397 19.41 -177.58 -10.68
N ASP K 398 19.01 -178.48 -9.78
CA ASP K 398 19.97 -179.23 -8.95
C ASP K 398 20.79 -180.31 -9.71
N GLY K 399 20.39 -180.62 -10.94
CA GLY K 399 21.31 -181.23 -11.92
C GLY K 399 21.28 -182.74 -12.12
N GLY K 400 20.13 -183.26 -12.52
CA GLY K 400 19.97 -184.68 -12.85
C GLY K 400 19.16 -185.49 -11.84
N GLY K 401 18.94 -186.76 -12.17
CA GLY K 401 18.08 -187.69 -11.42
C GLY K 401 18.33 -187.92 -9.93
N TRP K 402 17.22 -187.97 -9.17
CA TRP K 402 17.28 -188.12 -7.73
C TRP K 402 15.87 -188.19 -7.13
N TRP K 403 15.79 -188.61 -5.88
CA TRP K 403 14.55 -188.48 -5.13
C TRP K 403 14.37 -187.06 -4.67
N TYR K 404 13.99 -186.25 -5.65
CA TYR K 404 13.76 -184.85 -5.45
C TYR K 404 12.34 -184.58 -4.93
N ASN K 405 12.29 -183.58 -4.06
CA ASN K 405 11.09 -183.05 -3.44
C ASN K 405 11.37 -181.64 -2.96
N ARG K 406 11.25 -180.68 -3.87
CA ARG K 406 11.28 -179.27 -3.52
C ARG K 406 12.39 -178.80 -2.52
N CYS K 407 13.67 -179.13 -2.72
CA CYS K 407 14.16 -180.12 -3.70
C CYS K 407 15.02 -181.18 -3.05
N HIS K 408 15.93 -180.79 -2.16
CA HIS K 408 16.74 -181.80 -1.50
C HIS K 408 17.42 -181.39 -0.21
N ALA K 409 17.79 -182.41 0.55
CA ALA K 409 18.66 -182.27 1.72
C ALA K 409 20.07 -182.78 1.42
N ALA K 410 20.17 -183.61 0.38
CA ALA K 410 21.44 -184.17 -0.07
C ALA K 410 21.36 -184.49 -1.56
N ASN K 411 22.33 -184.02 -2.36
CA ASN K 411 22.27 -184.12 -3.82
C ASN K 411 23.42 -184.85 -4.52
N PRO K 412 23.51 -186.19 -4.35
CA PRO K 412 24.60 -186.98 -4.92
C PRO K 412 24.64 -187.05 -6.43
N ASN K 413 23.57 -186.71 -7.12
CA ASN K 413 23.60 -186.81 -8.60
C ASN K 413 23.93 -185.49 -9.30
N GLY K 414 24.21 -184.46 -8.50
CA GLY K 414 24.57 -183.15 -9.03
C GLY K 414 25.99 -183.15 -9.59
N ARG K 415 26.42 -181.96 -9.99
CA ARG K 415 27.72 -181.73 -10.63
C ARG K 415 28.89 -181.84 -9.62
N TYR K 416 30.06 -182.18 -10.13
CA TYR K 416 31.25 -182.41 -9.28
C TYR K 416 32.13 -181.14 -9.19
N TYR K 417 32.03 -180.38 -8.11
CA TYR K 417 32.79 -179.11 -8.00
C TYR K 417 34.15 -179.33 -7.36
N TRP K 418 35.18 -178.94 -8.10
CA TRP K 418 36.54 -179.16 -7.65
C TRP K 418 36.85 -178.33 -6.39
N GLY K 419 37.63 -178.90 -5.49
CA GLY K 419 37.93 -178.27 -4.21
C GLY K 419 36.71 -178.10 -3.31
N GLY K 420 35.57 -178.60 -3.78
CA GLY K 420 34.35 -178.61 -2.97
C GLY K 420 33.69 -177.27 -2.73
N GLN K 421 34.48 -176.28 -2.34
CA GLN K 421 33.98 -174.95 -2.08
C GLN K 421 33.29 -174.39 -3.33
N TYR K 422 32.01 -174.06 -3.21
CA TYR K 422 31.26 -173.48 -4.36
C TYR K 422 30.15 -172.52 -3.90
N THR K 423 29.72 -171.63 -4.80
CA THR K 423 28.80 -170.53 -4.43
C THR K 423 27.68 -170.30 -5.45
N TRP K 424 26.70 -169.51 -5.05
CA TRP K 424 25.47 -169.32 -5.85
C TRP K 424 25.77 -168.87 -7.27
N ASP K 425 26.80 -168.02 -7.36
CA ASP K 425 27.18 -167.36 -8.60
C ASP K 425 27.72 -168.35 -9.64
N MET K 426 27.99 -169.59 -9.23
CA MET K 426 28.55 -170.64 -10.12
C MET K 426 27.49 -171.66 -10.58
N ALA K 427 26.57 -172.02 -9.67
CA ALA K 427 25.42 -172.84 -10.03
C ALA K 427 24.93 -172.45 -11.39
N LYS K 428 24.85 -173.40 -12.31
CA LYS K 428 24.41 -173.07 -13.67
C LYS K 428 23.02 -172.45 -13.65
N HIS K 429 22.17 -172.90 -12.72
CA HIS K 429 20.82 -172.34 -12.57
C HIS K 429 20.63 -171.61 -11.22
N GLY K 430 21.74 -171.30 -10.56
CA GLY K 430 21.70 -170.48 -9.35
C GLY K 430 21.62 -171.27 -8.06
N THR K 431 20.95 -172.42 -8.11
CA THR K 431 20.68 -173.20 -6.91
C THR K 431 21.86 -174.09 -6.50
N ASP K 432 21.71 -174.78 -5.38
CA ASP K 432 22.72 -175.72 -4.89
C ASP K 432 22.74 -177.09 -5.63
N ASP K 433 23.02 -177.02 -6.94
CA ASP K 433 23.40 -178.21 -7.72
C ASP K 433 24.80 -178.60 -7.27
N GLY K 434 25.22 -179.81 -7.58
CA GLY K 434 26.49 -180.29 -7.08
C GLY K 434 26.35 -181.21 -5.88
N VAL K 435 27.49 -181.63 -5.35
CA VAL K 435 27.51 -182.83 -4.52
C VAL K 435 27.46 -182.52 -3.03
N VAL K 436 26.25 -182.40 -2.48
CA VAL K 436 26.13 -181.98 -1.08
C VAL K 436 25.24 -182.81 -0.20
N TRP K 437 25.60 -182.80 1.09
CA TRP K 437 24.84 -183.41 2.16
C TRP K 437 24.65 -182.27 3.16
N MET K 438 23.69 -181.41 2.84
CA MET K 438 23.43 -180.18 3.62
C MET K 438 23.62 -180.41 5.11
N ASN K 439 23.29 -181.59 5.57
CA ASN K 439 23.34 -181.87 6.99
C ASN K 439 24.76 -182.04 7.49
N TRP K 440 25.72 -182.18 6.58
CA TRP K 440 27.13 -182.23 6.98
C TRP K 440 27.90 -180.96 6.66
N LYS K 441 27.72 -180.41 5.46
CA LYS K 441 28.55 -179.30 4.99
C LYS K 441 27.80 -178.08 4.44
N GLY K 442 26.49 -178.17 4.28
CA GLY K 442 25.69 -177.07 3.73
C GLY K 442 25.65 -177.09 2.21
N SER K 443 24.58 -176.55 1.66
CA SER K 443 24.30 -176.54 0.21
C SER K 443 25.49 -176.23 -0.67
N TRP K 444 26.41 -175.45 -0.11
CA TRP K 444 27.51 -174.87 -0.87
C TRP K 444 28.81 -175.59 -0.60
N TYR K 445 28.76 -176.92 -0.60
CA TYR K 445 29.96 -177.71 -0.49
C TYR K 445 29.82 -178.99 -1.30
N SER K 446 30.57 -179.10 -2.40
CA SER K 446 30.67 -180.38 -3.13
C SER K 446 31.67 -181.30 -2.43
N MET K 447 31.40 -182.60 -2.44
CA MET K 447 32.31 -183.57 -1.83
C MET K 447 33.36 -183.98 -2.88
N ARG K 448 34.32 -184.78 -2.45
CA ARG K 448 35.32 -185.34 -3.36
C ARG K 448 34.96 -186.79 -3.70
N LYS K 449 34.47 -187.53 -2.68
CA LYS K 449 33.97 -188.90 -2.87
C LYS K 449 32.53 -189.02 -2.35
N MET K 450 31.71 -189.74 -3.08
CA MET K 450 30.36 -190.09 -2.61
C MET K 450 29.96 -191.45 -3.19
N SER K 451 29.47 -192.33 -2.32
CA SER K 451 29.16 -193.72 -2.67
C SER K 451 27.88 -194.20 -2.00
N MET K 452 27.08 -194.93 -2.75
CA MET K 452 26.00 -195.71 -2.15
C MET K 452 26.23 -197.16 -2.50
N LYS K 453 25.99 -197.99 -1.51
CA LYS K 453 26.13 -199.41 -1.66
C LYS K 453 25.13 -200.07 -0.73
N ILE K 454 24.81 -201.32 -1.03
CA ILE K 454 23.80 -202.04 -0.27
C ILE K 454 24.22 -203.47 0.06
N ARG K 455 23.33 -204.13 0.78
CA ARG K 455 23.56 -205.46 1.30
C ARG K 455 22.23 -205.98 1.90
N PRO K 456 22.01 -207.29 1.88
CA PRO K 456 20.95 -207.86 2.68
C PRO K 456 21.16 -207.65 4.17
N PHE K 457 20.11 -207.84 4.95
CA PHE K 457 20.15 -207.53 6.37
C PHE K 457 20.47 -208.78 7.24
N PHE K 458 19.73 -208.96 8.34
CA PHE K 458 19.77 -210.14 9.23
C PHE K 458 20.89 -210.09 10.29
N ARG L 5 7.12 -25.10 0.01
CA ARG L 5 6.75 -23.89 -0.80
C ARG L 5 6.14 -22.80 0.07
N ASP L 6 6.04 -21.61 -0.50
CA ASP L 6 5.30 -20.49 0.09
C ASP L 6 3.98 -20.31 -0.66
N ASN L 7 4.04 -20.30 -1.99
CA ASN L 7 2.85 -20.24 -2.84
C ASN L 7 2.38 -21.64 -3.24
N CYS L 8 1.92 -22.35 -2.21
CA CYS L 8 1.12 -23.56 -2.32
C CYS L 8 0.20 -23.55 -1.11
N CYS L 9 -1.06 -23.88 -1.33
CA CYS L 9 -2.07 -23.96 -0.27
C CYS L 9 -2.22 -22.67 0.54
N ILE L 10 -3.27 -21.92 0.22
CA ILE L 10 -3.70 -20.81 1.04
C ILE L 10 -5.24 -20.89 1.13
N LEU L 11 -5.73 -21.64 2.12
CA LEU L 11 -7.18 -21.73 2.48
C LEU L 11 -7.86 -20.37 2.61
N ASP L 12 -7.14 -19.40 3.18
CA ASP L 12 -7.59 -18.02 3.30
C ASP L 12 -6.42 -17.10 3.00
N GLU L 13 -6.65 -16.09 2.16
CA GLU L 13 -5.55 -15.25 1.66
C GLU L 13 -4.76 -14.56 2.78
N ARG L 14 -5.45 -14.15 3.84
CA ARG L 14 -4.82 -13.43 4.96
C ARG L 14 -3.92 -14.26 5.86
N PHE L 15 -4.20 -15.56 6.00
CA PHE L 15 -3.45 -16.40 6.96
C PHE L 15 -2.18 -17.03 6.42
N GLY L 16 -2.10 -17.23 5.11
CA GLY L 16 -0.88 -17.73 4.48
C GLY L 16 -0.91 -19.22 4.21
N SER L 17 0.20 -19.73 3.68
CA SER L 17 0.31 -21.13 3.29
C SER L 17 0.01 -22.06 4.46
N TYR L 18 -0.84 -23.06 4.22
CA TYR L 18 -1.25 -24.04 5.24
C TYR L 18 -0.40 -25.30 5.16
N CYS L 19 0.30 -25.61 6.25
CA CYS L 19 1.11 -26.83 6.39
C CYS L 19 0.37 -27.83 7.28
N PRO L 20 0.78 -29.11 7.23
CA PRO L 20 0.24 -30.10 8.17
C PRO L 20 0.75 -29.90 9.60
N THR L 21 -0.07 -30.25 10.57
CA THR L 21 0.30 -30.09 11.98
C THR L 21 1.44 -31.02 12.40
N THR L 22 2.12 -30.66 13.50
CA THR L 22 3.15 -31.50 14.10
C THR L 22 2.53 -32.80 14.61
N CYS L 23 1.23 -32.75 14.86
CA CYS L 23 0.45 -33.93 15.21
C CYS L 23 0.41 -34.91 14.04
N GLY L 24 -0.51 -34.69 13.09
CA GLY L 24 -0.74 -35.60 11.97
C GLY L 24 0.48 -36.08 11.21
N ILE L 25 1.55 -35.30 11.23
CA ILE L 25 2.83 -35.77 10.72
C ILE L 25 3.40 -36.85 11.64
N ALA L 26 3.15 -36.72 12.95
CA ALA L 26 3.63 -37.69 13.94
C ALA L 26 2.85 -39.00 13.89
N ASP L 27 1.59 -38.93 13.44
CA ASP L 27 0.78 -40.13 13.18
C ASP L 27 1.30 -40.90 11.95
N PHE L 28 1.73 -40.15 10.94
CA PHE L 28 2.28 -40.77 9.74
C PHE L 28 3.68 -41.33 10.01
N LEU L 29 4.40 -40.68 10.91
CA LEU L 29 5.67 -41.20 11.41
C LEU L 29 5.47 -42.52 12.17
N SER L 30 4.40 -42.59 12.95
CA SER L 30 4.06 -43.81 13.71
C SER L 30 3.64 -44.98 12.81
N THR L 31 3.09 -44.67 11.65
CA THR L 31 2.83 -45.68 10.63
C THR L 31 4.18 -46.18 10.10
N TYR L 32 4.98 -45.27 9.54
CA TYR L 32 6.36 -45.53 9.12
C TYR L 32 7.12 -46.46 10.06
N GLN L 33 7.16 -46.13 11.36
CA GLN L 33 7.96 -46.89 12.33
C GLN L 33 7.44 -48.31 12.58
N THR L 34 6.12 -48.47 12.55
CA THR L 34 5.49 -49.78 12.72
C THR L 34 5.42 -50.49 11.37
N LYS L 35 5.23 -49.70 10.31
CA LYS L 35 5.18 -50.22 8.93
C LYS L 35 6.51 -50.83 8.49
N VAL L 36 7.61 -50.41 9.12
CA VAL L 36 8.95 -50.82 8.70
C VAL L 36 9.68 -51.75 9.68
N ASP L 37 9.55 -51.51 10.98
CA ASP L 37 10.18 -52.39 11.97
C ASP L 37 9.59 -53.80 11.89
N LYS L 38 8.29 -53.87 11.61
CA LYS L 38 7.59 -55.12 11.34
C LYS L 38 8.22 -55.85 10.15
N ASP L 39 8.39 -55.15 9.04
CA ASP L 39 8.90 -55.74 7.80
C ASP L 39 10.43 -55.93 7.79
N LEU L 40 11.12 -55.30 8.74
CA LEU L 40 12.54 -55.55 8.94
C LEU L 40 12.74 -56.75 9.87
N GLN L 41 11.85 -56.93 10.84
CA GLN L 41 11.78 -58.19 11.62
C GLN L 41 11.34 -59.37 10.74
N SER L 42 10.58 -59.09 9.69
CA SER L 42 10.20 -60.09 8.69
C SER L 42 11.40 -60.45 7.81
N LEU L 43 12.13 -59.44 7.35
CA LEU L 43 13.33 -59.67 6.54
C LEU L 43 14.48 -60.19 7.39
N GLU L 44 14.46 -59.89 8.69
CA GLU L 44 15.38 -60.53 9.66
C GLU L 44 15.00 -62.00 9.80
N ASP L 45 13.69 -62.24 9.93
CA ASP L 45 13.15 -63.58 10.14
C ASP L 45 13.20 -64.43 8.88
N ILE L 46 12.55 -63.97 7.81
CA ILE L 46 12.50 -64.75 6.55
C ILE L 46 13.84 -64.77 5.81
N LEU L 47 14.83 -64.02 6.30
CA LEU L 47 16.23 -64.26 5.94
C LEU L 47 16.88 -65.20 6.96
N HIS L 48 16.44 -65.12 8.21
CA HIS L 48 17.00 -65.95 9.29
C HIS L 48 16.73 -67.44 9.06
N GLN L 49 15.64 -67.75 8.38
CA GLN L 49 15.28 -69.15 8.08
C GLN L 49 16.02 -69.64 6.83
N VAL L 50 16.13 -68.77 5.82
CA VAL L 50 16.87 -69.10 4.59
C VAL L 50 18.38 -69.13 4.81
N GLU L 51 18.87 -68.41 5.83
CA GLU L 51 20.31 -68.35 6.11
C GLU L 51 20.79 -69.53 6.97
N ASN L 52 20.03 -69.87 8.01
CA ASN L 52 20.45 -70.93 8.93
C ASN L 52 20.41 -72.29 8.24
N LYS L 53 19.55 -72.40 7.22
CA LYS L 53 19.51 -73.55 6.32
C LYS L 53 20.89 -73.85 5.70
N THR L 54 21.78 -72.86 5.67
CA THR L 54 23.19 -73.05 5.31
C THR L 54 23.87 -74.04 6.25
N SER L 55 23.86 -73.75 7.55
CA SER L 55 24.49 -74.62 8.57
C SER L 55 23.86 -76.02 8.69
N GLU L 56 22.69 -76.21 8.06
CA GLU L 56 22.09 -77.54 7.87
C GLU L 56 22.79 -78.28 6.72
N VAL L 57 22.70 -77.71 5.51
CA VAL L 57 23.33 -78.29 4.32
C VAL L 57 24.87 -78.22 4.38
N LYS L 58 25.39 -77.20 5.08
CA LYS L 58 26.82 -77.04 5.33
C LYS L 58 27.47 -78.35 5.80
N GLN L 59 26.87 -78.97 6.82
CA GLN L 59 27.46 -80.13 7.49
C GLN L 59 26.97 -81.49 6.98
N LEU L 60 25.92 -81.50 6.15
CA LEU L 60 25.46 -82.73 5.51
C LEU L 60 26.38 -83.12 4.35
N ILE L 61 26.76 -82.16 3.50
CA ILE L 61 27.68 -82.43 2.39
C ILE L 61 29.04 -82.93 2.88
N LYS L 62 29.52 -82.39 4.01
CA LYS L 62 30.75 -82.86 4.64
C LYS L 62 30.56 -84.25 5.29
N ALA L 63 29.45 -84.42 5.99
CA ALA L 63 29.18 -85.67 6.73
C ALA L 63 28.88 -86.88 5.82
N ILE L 64 28.42 -86.64 4.59
CA ILE L 64 28.05 -87.71 3.66
C ILE L 64 29.17 -88.08 2.67
N GLN L 65 30.01 -87.11 2.33
CA GLN L 65 31.15 -87.37 1.43
C GLN L 65 32.26 -88.19 2.11
N LEU L 66 32.23 -88.25 3.44
CA LEU L 66 33.13 -89.09 4.23
C LEU L 66 32.72 -90.57 4.17
N THR L 67 31.42 -90.85 4.19
CA THR L 67 30.89 -92.23 4.09
C THR L 67 30.93 -92.77 2.65
N TYR L 68 30.93 -91.85 1.68
CA TYR L 68 31.03 -92.20 0.26
C TYR L 68 32.42 -92.71 -0.14
N ASN L 69 33.46 -92.24 0.55
CA ASN L 69 34.87 -92.60 0.27
C ASN L 69 35.40 -91.94 -1.01
N PRO L 70 36.73 -91.90 -1.19
CA PRO L 70 37.27 -91.42 -2.47
C PRO L 70 37.06 -92.42 -3.60
N ASP L 71 37.14 -91.93 -4.84
CA ASP L 71 36.91 -92.77 -6.03
C ASP L 71 38.02 -93.81 -6.23
N GLU L 72 37.78 -94.75 -7.15
CA GLU L 72 38.69 -95.87 -7.42
C GLU L 72 38.92 -96.72 -6.15
N SER L 73 37.81 -97.07 -5.49
CA SER L 73 37.85 -97.82 -4.24
C SER L 73 38.05 -99.31 -4.48
N SER L 74 39.05 -99.89 -3.81
CA SER L 74 39.37 -101.30 -3.93
C SER L 74 38.82 -102.09 -2.74
N LYS L 75 38.31 -103.29 -3.01
CA LYS L 75 37.67 -104.12 -1.99
C LYS L 75 37.28 -105.47 -2.59
N PRO L 76 37.62 -106.59 -1.90
CA PRO L 76 37.18 -107.93 -2.32
C PRO L 76 35.65 -108.07 -2.42
N ASN L 77 35.20 -108.88 -3.38
CA ASN L 77 33.81 -108.86 -3.85
C ASN L 77 33.38 -107.46 -4.31
N MET L 78 34.28 -106.75 -4.99
CA MET L 78 33.89 -105.67 -5.87
C MET L 78 33.05 -106.41 -6.89
N ILE L 79 31.74 -106.44 -6.64
CA ILE L 79 30.84 -107.47 -7.18
C ILE L 79 31.10 -107.86 -8.62
N ASP L 80 31.42 -106.87 -9.46
CA ASP L 80 31.85 -107.12 -10.83
C ASP L 80 33.21 -107.83 -10.88
N ALA L 81 34.19 -107.32 -10.14
CA ALA L 81 35.54 -107.92 -10.11
C ALA L 81 35.53 -109.32 -9.51
N ALA L 82 34.60 -109.58 -8.61
CA ALA L 82 34.46 -110.89 -7.96
C ALA L 82 34.02 -111.96 -8.95
N THR L 83 32.96 -111.67 -9.69
CA THR L 83 32.42 -112.64 -10.63
C THR L 83 33.25 -112.62 -11.96
N LEU L 84 34.18 -111.66 -12.10
CA LEU L 84 35.21 -111.67 -13.16
C LEU L 84 36.25 -112.75 -12.82
N LYS L 85 36.77 -112.69 -11.60
CA LYS L 85 37.69 -113.72 -11.09
C LYS L 85 37.04 -115.09 -11.27
N SER L 86 35.74 -115.16 -10.97
CA SER L 86 34.96 -116.38 -11.10
C SER L 86 34.57 -116.69 -12.55
N ARG L 87 34.28 -115.67 -13.35
CA ARG L 87 33.91 -115.88 -14.76
C ARG L 87 35.07 -116.45 -15.58
N LYS L 88 36.30 -116.02 -15.27
CA LYS L 88 37.50 -116.55 -15.94
C LYS L 88 37.81 -117.99 -15.51
N MET L 89 37.48 -118.31 -14.26
CA MET L 89 37.54 -119.70 -13.78
C MET L 89 36.43 -120.53 -14.42
N LEU L 90 35.29 -119.89 -14.67
CA LEU L 90 34.14 -120.53 -15.31
C LEU L 90 34.31 -120.67 -16.83
N GLU L 91 35.23 -119.90 -17.38
CA GLU L 91 35.55 -119.98 -18.81
C GLU L 91 36.13 -121.35 -19.22
N GLU L 92 36.69 -122.10 -18.28
CA GLU L 92 37.45 -123.33 -18.58
C GLU L 92 36.64 -124.60 -18.94
N ILE L 93 35.38 -124.45 -19.33
CA ILE L 93 34.53 -125.61 -19.70
C ILE L 93 34.72 -126.08 -21.15
N MET L 94 35.40 -125.27 -21.97
CA MET L 94 35.75 -125.66 -23.33
C MET L 94 36.63 -126.91 -23.39
N LYS L 95 37.52 -127.05 -22.39
CA LYS L 95 38.33 -128.26 -22.23
C LYS L 95 37.47 -129.50 -22.03
N TYR L 96 36.33 -129.29 -21.37
CA TYR L 96 35.39 -130.37 -21.11
C TYR L 96 34.47 -130.55 -22.32
N GLU L 97 34.35 -129.51 -23.13
CA GLU L 97 33.71 -129.63 -24.44
C GLU L 97 34.62 -130.36 -25.42
N ALA L 98 35.93 -130.30 -25.15
CA ALA L 98 36.93 -131.11 -25.85
C ALA L 98 36.90 -132.53 -25.35
N SER L 99 36.57 -132.71 -24.07
CA SER L 99 36.40 -134.04 -23.49
C SER L 99 35.20 -134.79 -24.08
N ILE L 100 34.31 -134.06 -24.77
CA ILE L 100 33.23 -134.67 -25.57
C ILE L 100 33.76 -135.53 -26.73
N LEU L 101 34.94 -135.17 -27.22
CA LEU L 101 35.59 -135.92 -28.29
C LEU L 101 36.17 -137.23 -27.73
N THR L 102 36.98 -137.12 -26.67
CA THR L 102 37.72 -138.25 -26.11
C THR L 102 36.84 -139.33 -25.47
N HIS L 103 36.08 -138.94 -24.46
CA HIS L 103 35.29 -139.89 -23.66
C HIS L 103 34.00 -140.32 -24.35
N ASP L 104 33.19 -139.32 -24.71
CA ASP L 104 31.81 -139.52 -25.14
C ASP L 104 31.63 -140.47 -26.32
N SER L 105 32.38 -140.21 -27.38
CA SER L 105 32.32 -141.01 -28.60
C SER L 105 33.11 -142.33 -28.46
N SER L 106 33.96 -142.42 -27.44
CA SER L 106 34.64 -143.69 -27.09
C SER L 106 33.69 -144.68 -26.40
N ILE L 107 32.39 -144.41 -26.51
CA ILE L 107 31.34 -145.27 -25.98
C ILE L 107 31.10 -146.51 -26.85
N ARG L 108 31.21 -146.36 -28.18
CA ARG L 108 30.97 -147.48 -29.13
C ARG L 108 32.06 -148.56 -29.10
N TYR L 109 33.21 -148.24 -28.51
CA TYR L 109 34.29 -149.19 -28.35
C TYR L 109 33.90 -150.30 -27.38
N LEU L 110 33.83 -149.97 -26.10
CA LEU L 110 33.48 -150.92 -25.05
C LEU L 110 32.11 -151.58 -25.30
N GLN L 111 31.19 -150.86 -25.96
CA GLN L 111 29.87 -151.41 -26.25
C GLN L 111 29.95 -152.50 -27.32
N GLU L 112 30.76 -152.28 -28.35
CA GLU L 112 30.87 -153.26 -29.42
C GLU L 112 31.67 -154.49 -28.98
N ILE L 113 32.83 -154.26 -28.37
CA ILE L 113 33.63 -155.34 -27.78
C ILE L 113 32.79 -156.22 -26.85
N TYR L 114 31.87 -155.59 -26.12
CA TYR L 114 30.90 -156.32 -25.31
C TYR L 114 29.96 -157.13 -26.19
N ASN L 115 29.16 -156.46 -27.01
CA ASN L 115 28.17 -157.15 -27.83
C ASN L 115 28.74 -158.22 -28.75
N SER L 116 30.01 -158.07 -29.13
CA SER L 116 30.71 -159.12 -29.86
C SER L 116 31.11 -160.26 -28.91
N ASN L 117 31.52 -159.91 -27.68
CA ASN L 117 31.78 -160.94 -26.66
C ASN L 117 30.56 -161.84 -26.45
N ASN L 118 29.36 -161.30 -26.68
CA ASN L 118 28.12 -162.08 -26.60
C ASN L 118 27.91 -162.93 -27.84
N GLN L 119 27.91 -162.31 -29.01
CA GLN L 119 27.91 -163.05 -30.28
C GLN L 119 28.95 -164.18 -30.25
N LYS L 120 30.07 -163.93 -29.57
CA LYS L 120 31.13 -164.92 -29.38
C LYS L 120 30.69 -166.11 -28.54
N ILE L 121 30.00 -165.85 -27.43
CA ILE L 121 29.64 -166.89 -26.45
C ILE L 121 28.55 -167.80 -26.97
N VAL L 122 27.54 -167.22 -27.63
CA VAL L 122 26.61 -168.02 -28.43
C VAL L 122 27.35 -169.07 -29.28
N ASN L 123 28.50 -168.70 -29.83
CA ASN L 123 29.36 -169.64 -30.55
C ASN L 123 29.98 -170.69 -29.65
N LEU L 124 30.35 -170.28 -28.44
CA LEU L 124 31.07 -171.14 -27.49
C LEU L 124 30.16 -172.19 -26.86
N LYS L 125 28.99 -171.75 -26.43
CA LYS L 125 28.04 -172.64 -25.74
C LYS L 125 27.39 -173.62 -26.73
N GLU L 126 27.30 -173.22 -28.00
CA GLU L 126 26.70 -174.05 -29.05
C GLU L 126 27.60 -175.24 -29.38
N LYS L 127 28.91 -175.06 -29.22
CA LYS L 127 29.89 -176.13 -29.47
C LYS L 127 30.20 -176.95 -28.21
N VAL L 128 29.88 -176.41 -27.04
CA VAL L 128 29.99 -177.14 -25.76
C VAL L 128 28.93 -178.24 -25.62
N ALA L 129 27.70 -177.94 -26.03
CA ALA L 129 26.63 -178.95 -26.08
C ALA L 129 26.96 -180.02 -27.12
N GLN L 130 27.65 -179.61 -28.19
CA GLN L 130 28.21 -180.56 -29.15
C GLN L 130 29.40 -181.33 -28.56
N LEU L 131 30.13 -180.73 -27.61
CA LEU L 131 31.18 -181.45 -26.85
C LEU L 131 30.57 -182.48 -25.88
N GLU L 132 29.86 -181.97 -24.86
CA GLU L 132 29.04 -182.77 -23.95
C GLU L 132 28.53 -184.06 -24.60
N ALA L 133 27.90 -183.90 -25.77
CA ALA L 133 27.28 -185.01 -26.54
C ALA L 133 28.26 -186.11 -26.94
N GLN L 134 29.52 -185.73 -27.18
CA GLN L 134 30.60 -186.69 -27.45
C GLN L 134 30.92 -187.50 -26.19
N CYS L 135 30.79 -186.88 -25.02
CA CYS L 135 31.19 -187.53 -23.78
C CYS L 135 30.01 -188.00 -22.96
N GLN L 136 29.23 -188.89 -23.58
CA GLN L 136 28.15 -189.59 -22.91
C GLN L 136 28.31 -191.11 -22.99
N GLU L 137 29.42 -191.58 -23.55
CA GLU L 137 29.70 -193.01 -23.63
C GLU L 137 30.69 -193.38 -22.53
N PRO L 138 30.59 -194.62 -22.02
CA PRO L 138 31.53 -195.11 -21.01
C PRO L 138 32.78 -195.69 -21.64
N CYS L 139 33.84 -195.91 -20.85
CA CYS L 139 35.06 -196.49 -21.38
C CYS L 139 34.75 -197.79 -22.09
N LYS L 140 35.40 -197.99 -23.25
CA LYS L 140 35.26 -199.24 -23.98
C LYS L 140 36.02 -200.36 -23.26
N ASP L 141 35.29 -201.35 -22.75
CA ASP L 141 35.92 -202.53 -22.20
C ASP L 141 36.10 -203.54 -23.31
N THR L 142 37.26 -204.18 -23.30
CA THR L 142 37.60 -205.14 -24.34
C THR L 142 36.84 -206.43 -24.11
N VAL L 143 36.88 -206.94 -22.88
CA VAL L 143 36.31 -208.23 -22.56
C VAL L 143 34.80 -208.16 -22.77
N GLN L 144 34.31 -208.85 -23.79
CA GLN L 144 32.88 -208.89 -24.07
C GLN L 144 32.39 -210.33 -24.11
N ILE L 145 31.25 -210.53 -23.46
CA ILE L 145 30.67 -211.85 -23.28
C ILE L 145 29.88 -212.21 -24.50
N HIS L 146 29.67 -213.51 -24.69
CA HIS L 146 28.97 -214.01 -25.87
C HIS L 146 27.54 -214.41 -25.55
N ASP L 147 26.64 -213.82 -26.30
CA ASP L 147 25.19 -213.91 -26.09
C ASP L 147 24.58 -215.31 -26.30
N ILE L 148 25.33 -216.23 -26.90
CA ILE L 148 24.83 -217.59 -27.13
C ILE L 148 25.06 -218.46 -25.90
N THR L 149 24.08 -219.34 -25.63
CA THR L 149 24.12 -220.22 -24.46
C THR L 149 23.88 -221.69 -24.79
N GLY L 150 24.57 -222.53 -24.05
CA GLY L 150 24.48 -223.96 -24.24
C GLY L 150 24.52 -224.78 -22.96
N LYS L 151 24.56 -226.10 -23.15
CA LYS L 151 24.62 -227.08 -22.08
C LYS L 151 26.08 -227.34 -21.69
N ASP L 152 26.99 -226.86 -22.55
CA ASP L 152 28.40 -227.07 -22.45
C ASP L 152 29.01 -226.21 -23.55
N CYS L 153 30.33 -226.16 -23.66
CA CYS L 153 30.95 -225.44 -24.77
C CYS L 153 30.67 -226.12 -26.08
N GLN L 154 30.87 -227.44 -26.11
CA GLN L 154 30.68 -228.22 -27.33
C GLN L 154 29.37 -227.87 -28.00
N ASP L 155 28.27 -228.19 -27.30
CA ASP L 155 26.93 -227.77 -27.66
C ASP L 155 26.89 -226.34 -28.24
N ILE L 156 27.38 -225.37 -27.46
CA ILE L 156 27.57 -224.01 -27.97
C ILE L 156 28.16 -224.04 -29.40
N ALA L 157 29.34 -224.64 -29.52
CA ALA L 157 30.01 -224.83 -30.81
C ALA L 157 29.07 -225.44 -31.88
N ASN L 158 28.27 -226.42 -31.46
CA ASN L 158 27.31 -227.09 -32.33
C ASN L 158 26.17 -226.16 -32.75
N LYS L 159 25.80 -225.23 -31.86
CA LYS L 159 24.77 -224.24 -32.18
C LYS L 159 25.33 -223.16 -33.14
N GLY L 160 26.65 -223.03 -33.21
CA GLY L 160 27.31 -222.19 -34.24
C GLY L 160 28.56 -221.39 -33.86
N ALA L 161 29.08 -221.60 -32.66
CA ALA L 161 30.24 -220.82 -32.15
C ALA L 161 31.59 -221.23 -32.76
N LYS L 162 32.18 -220.33 -33.55
CA LYS L 162 33.51 -220.55 -34.15
C LYS L 162 34.57 -219.61 -33.55
N GLN L 163 34.29 -219.05 -32.37
CA GLN L 163 35.22 -218.16 -31.66
C GLN L 163 35.57 -218.71 -30.27
N SER L 164 36.83 -218.65 -29.91
CA SER L 164 37.24 -218.95 -28.53
C SER L 164 37.00 -217.73 -27.67
N GLY L 165 36.48 -217.95 -26.47
CA GLY L 165 36.12 -216.85 -25.59
C GLY L 165 35.24 -217.24 -24.40
N LEU L 166 34.56 -216.23 -23.88
CA LEU L 166 33.77 -216.32 -22.69
C LEU L 166 32.31 -216.49 -23.04
N TYR L 167 31.75 -217.64 -22.68
CA TYR L 167 30.37 -217.95 -22.99
C TYR L 167 29.60 -218.32 -21.74
N PHE L 168 28.27 -218.21 -21.83
CA PHE L 168 27.42 -218.60 -20.74
C PHE L 168 26.85 -219.95 -21.06
N ILE L 169 26.89 -220.84 -20.10
CA ILE L 169 26.28 -222.14 -20.25
C ILE L 169 25.43 -222.46 -19.02
N LYS L 170 24.24 -223.02 -19.25
CA LYS L 170 23.41 -223.55 -18.18
C LYS L 170 23.18 -225.02 -18.42
N PRO L 171 23.75 -225.87 -17.54
CA PRO L 171 23.57 -227.32 -17.66
C PRO L 171 22.13 -227.77 -17.48
N LEU L 172 21.96 -229.07 -17.36
CA LEU L 172 20.65 -229.67 -17.28
C LEU L 172 20.19 -229.56 -15.84
N LYS L 173 20.97 -230.10 -14.92
CA LYS L 173 20.58 -230.13 -13.52
C LYS L 173 21.06 -228.87 -12.75
N ALA L 174 21.29 -227.77 -13.46
CA ALA L 174 21.83 -226.55 -12.86
C ALA L 174 20.77 -225.43 -12.90
N ASN L 175 20.66 -224.67 -11.81
CA ASN L 175 19.69 -223.58 -11.76
C ASN L 175 20.34 -222.33 -12.33
N GLN L 176 21.08 -221.59 -11.51
CA GLN L 176 21.71 -220.38 -12.01
C GLN L 176 22.80 -220.84 -12.97
N GLN L 177 22.77 -220.26 -14.17
CA GLN L 177 23.78 -220.47 -15.19
C GLN L 177 25.10 -219.81 -14.82
N PHE L 178 26.19 -220.21 -15.45
CA PHE L 178 27.49 -219.55 -15.23
C PHE L 178 28.31 -219.26 -16.48
N LEU L 179 29.38 -218.48 -16.27
CA LEU L 179 30.29 -218.06 -17.33
C LEU L 179 31.54 -218.93 -17.34
N VAL L 180 31.79 -219.54 -18.49
CA VAL L 180 32.96 -220.40 -18.68
C VAL L 180 33.83 -219.81 -19.76
N TYR L 181 34.99 -220.43 -19.94
CA TYR L 181 35.82 -220.18 -21.10
C TYR L 181 35.70 -221.37 -22.04
N CYS L 182 35.22 -221.12 -23.27
CA CYS L 182 35.27 -222.14 -24.32
C CYS L 182 36.52 -221.98 -25.14
N GLU L 183 37.03 -223.10 -25.62
CA GLU L 183 38.22 -223.10 -26.46
C GLU L 183 37.83 -223.86 -27.73
N ILE L 184 37.71 -223.14 -28.83
CA ILE L 184 37.14 -223.75 -30.03
C ILE L 184 38.22 -224.00 -31.05
N ASP L 185 38.08 -225.12 -31.78
CA ASP L 185 39.03 -225.53 -32.82
C ASP L 185 38.47 -225.34 -34.22
N GLY L 186 39.36 -225.51 -35.19
CA GLY L 186 39.03 -225.41 -36.61
C GLY L 186 37.89 -226.29 -37.06
N SER L 187 37.82 -227.50 -36.52
CA SER L 187 36.87 -228.50 -37.00
C SER L 187 35.51 -228.51 -36.24
N GLY L 188 35.15 -227.37 -35.65
CA GLY L 188 33.94 -227.28 -34.84
C GLY L 188 33.91 -228.23 -33.62
N ASN L 189 35.09 -228.44 -33.02
CA ASN L 189 35.19 -229.11 -31.73
C ASN L 189 35.23 -228.03 -30.65
N GLY L 190 34.36 -228.17 -29.65
CA GLY L 190 34.16 -227.16 -28.59
C GLY L 190 34.54 -227.59 -27.17
N TRP L 191 35.68 -227.09 -26.70
CA TRP L 191 36.20 -227.45 -25.38
C TRP L 191 35.71 -226.52 -24.29
N THR L 192 35.46 -227.09 -23.11
CA THR L 192 35.03 -226.34 -21.92
C THR L 192 36.11 -226.47 -20.81
N VAL L 193 36.69 -225.35 -20.36
CA VAL L 193 38.04 -225.36 -19.70
C VAL L 193 38.10 -225.05 -18.20
N PHE L 194 38.27 -226.04 -17.32
CA PHE L 194 38.01 -225.73 -15.90
C PHE L 194 39.18 -225.20 -15.10
N GLN L 195 40.41 -225.46 -15.55
CA GLN L 195 41.59 -224.97 -14.83
C GLN L 195 42.68 -224.61 -15.81
N LYS L 196 43.18 -223.37 -15.77
CA LYS L 196 44.41 -223.01 -16.50
C LYS L 196 45.40 -222.25 -15.66
N ARG L 197 46.64 -222.72 -15.64
CA ARG L 197 47.72 -222.00 -15.00
C ARG L 197 48.80 -221.63 -16.01
N LEU L 198 49.21 -220.36 -16.02
CA LEU L 198 50.32 -219.98 -16.88
C LEU L 198 51.35 -218.98 -16.38
N ASP L 199 50.96 -217.99 -15.57
CA ASP L 199 51.87 -216.90 -15.18
C ASP L 199 52.17 -216.82 -13.69
N GLY L 200 51.45 -217.59 -12.89
CA GLY L 200 51.51 -217.49 -11.43
C GLY L 200 50.92 -216.22 -10.84
N SER L 201 49.79 -215.76 -11.39
CA SER L 201 49.07 -214.63 -10.84
C SER L 201 48.39 -215.01 -9.54
N VAL L 202 47.71 -216.16 -9.55
CA VAL L 202 46.78 -216.56 -8.47
C VAL L 202 47.43 -217.40 -7.38
N ASP L 203 47.04 -217.14 -6.12
CA ASP L 203 47.51 -217.94 -4.97
C ASP L 203 46.64 -219.18 -4.77
N PHE L 204 47.06 -220.33 -5.30
CA PHE L 204 46.18 -221.50 -5.29
C PHE L 204 45.94 -222.10 -3.88
N LYS L 205 46.69 -221.63 -2.88
CA LYS L 205 46.42 -221.96 -1.46
C LYS L 205 45.04 -221.42 -1.03
N LYS L 206 43.99 -221.97 -1.62
CA LYS L 206 42.63 -221.55 -1.34
C LYS L 206 42.00 -222.58 -0.43
N ASN L 207 40.81 -222.25 0.08
CA ASN L 207 40.11 -223.17 0.96
C ASN L 207 39.05 -223.93 0.18
N TRP L 208 38.48 -224.93 0.84
CA TRP L 208 37.44 -225.77 0.27
C TRP L 208 36.29 -225.00 -0.40
N ILE L 209 35.76 -224.03 0.32
CA ILE L 209 34.56 -223.32 -0.12
C ILE L 209 34.90 -222.59 -1.41
N GLN L 210 36.08 -221.99 -1.39
CA GLN L 210 36.58 -221.29 -2.55
C GLN L 210 36.63 -222.22 -3.76
N TYR L 211 37.38 -223.30 -3.63
CA TYR L 211 37.53 -224.28 -4.70
C TYR L 211 36.18 -224.79 -5.19
N LYS L 212 35.19 -224.80 -4.29
CA LYS L 212 33.87 -225.29 -4.65
C LYS L 212 33.25 -224.35 -5.66
N GLU L 213 33.41 -223.05 -5.36
CA GLU L 213 32.72 -222.02 -6.12
C GLU L 213 33.50 -221.45 -7.30
N GLY L 214 34.77 -221.80 -7.42
CA GLY L 214 35.64 -221.24 -8.45
C GLY L 214 36.34 -219.99 -7.97
N PHE L 215 37.24 -219.48 -8.81
CA PHE L 215 38.05 -218.28 -8.50
C PHE L 215 39.10 -218.14 -9.59
N GLY L 216 39.76 -216.98 -9.67
CA GLY L 216 40.64 -216.65 -10.81
C GLY L 216 39.92 -215.67 -11.71
N HIS L 217 40.42 -215.46 -12.93
CA HIS L 217 39.72 -214.58 -13.88
C HIS L 217 39.62 -215.17 -15.29
N LEU L 218 38.40 -215.13 -15.83
CA LEU L 218 38.07 -215.68 -17.14
C LEU L 218 38.29 -214.65 -18.28
N SER L 219 39.54 -214.55 -18.76
CA SER L 219 39.86 -213.65 -19.87
C SER L 219 39.39 -214.23 -21.21
N PRO L 220 39.04 -213.38 -22.17
CA PRO L 220 38.62 -213.90 -23.48
C PRO L 220 39.78 -214.21 -24.42
N THR L 221 40.90 -213.50 -24.24
CA THR L 221 42.15 -213.85 -24.89
C THR L 221 42.67 -215.21 -24.36
N GLY L 222 42.00 -215.73 -23.32
CA GLY L 222 42.35 -217.00 -22.69
C GLY L 222 43.71 -216.86 -22.04
N THR L 223 43.98 -215.69 -21.46
CA THR L 223 45.34 -215.28 -21.11
C THR L 223 45.55 -215.09 -19.61
N THR L 224 44.96 -215.99 -18.83
CA THR L 224 44.63 -215.67 -17.45
C THR L 224 44.38 -216.91 -16.62
N GLU L 225 45.07 -217.06 -15.49
CA GLU L 225 44.89 -218.25 -14.67
C GLU L 225 43.44 -218.31 -14.21
N PHE L 226 42.96 -219.52 -13.89
CA PHE L 226 41.72 -219.69 -13.12
C PHE L 226 41.30 -221.12 -12.90
N TRP L 227 40.52 -221.33 -11.84
CA TRP L 227 39.87 -222.60 -11.58
C TRP L 227 38.36 -222.39 -11.53
N LEU L 228 37.63 -223.03 -12.44
CA LEU L 228 36.20 -222.80 -12.57
C LEU L 228 35.37 -223.11 -11.32
N GLY L 229 35.47 -224.32 -10.79
CA GLY L 229 34.63 -224.70 -9.65
C GLY L 229 34.22 -226.16 -9.61
N ASN L 230 34.69 -226.90 -8.61
CA ASN L 230 34.31 -228.29 -8.41
C ASN L 230 32.85 -228.43 -8.58
N GLU L 231 32.13 -227.53 -7.93
CA GLU L 231 30.71 -227.54 -8.06
C GLU L 231 30.33 -227.38 -9.50
N LYS L 232 30.94 -226.40 -10.18
CA LYS L 232 30.67 -226.22 -11.59
C LYS L 232 31.15 -227.42 -12.41
N ILE L 233 32.34 -227.94 -12.15
CA ILE L 233 32.86 -229.05 -12.98
C ILE L 233 31.96 -230.28 -12.83
N HIS L 234 31.43 -230.45 -11.62
CA HIS L 234 30.58 -231.57 -11.33
C HIS L 234 29.35 -231.45 -12.19
N LEU L 235 28.67 -230.32 -12.12
CA LEU L 235 27.38 -230.15 -12.82
C LEU L 235 27.48 -230.46 -14.31
N ILE L 236 28.37 -229.73 -14.99
CA ILE L 236 28.80 -230.06 -16.33
C ILE L 236 28.92 -231.58 -16.55
N SER L 237 29.76 -232.22 -15.71
CA SER L 237 30.15 -233.65 -15.89
C SER L 237 29.18 -234.68 -15.34
N THR L 238 28.04 -234.27 -14.81
CA THR L 238 27.11 -235.23 -14.23
C THR L 238 25.66 -234.97 -14.66
N GLN L 239 25.48 -234.00 -15.56
CA GLN L 239 24.19 -233.79 -16.19
C GLN L 239 24.01 -234.94 -17.17
N SER L 240 22.77 -235.38 -17.35
CA SER L 240 22.42 -236.22 -18.50
C SER L 240 23.04 -237.63 -18.60
N ALA L 241 24.11 -237.91 -17.88
CA ALA L 241 24.75 -239.25 -17.96
C ALA L 241 25.41 -239.58 -19.32
N ILE L 242 25.40 -238.64 -20.26
CA ILE L 242 26.34 -238.74 -21.37
C ILE L 242 27.72 -238.48 -20.78
N PRO L 243 28.73 -239.21 -21.26
CA PRO L 243 30.03 -239.13 -20.68
C PRO L 243 30.84 -237.97 -21.26
N TYR L 244 31.72 -237.43 -20.41
CA TYR L 244 32.64 -236.39 -20.82
C TYR L 244 34.04 -236.94 -20.96
N ALA L 245 34.81 -236.33 -21.85
CA ALA L 245 36.22 -236.66 -22.04
C ALA L 245 37.16 -235.64 -21.42
N LEU L 246 37.80 -235.96 -20.30
CA LEU L 246 38.85 -235.05 -19.75
C LEU L 246 40.06 -234.97 -20.67
N ARG L 247 40.60 -233.76 -20.79
CA ARG L 247 41.92 -233.54 -21.33
C ARG L 247 42.75 -232.65 -20.41
N VAL L 248 43.85 -233.20 -19.92
CA VAL L 248 44.92 -232.35 -19.44
C VAL L 248 45.72 -231.91 -20.66
N GLU L 249 46.46 -230.81 -20.49
CA GLU L 249 47.26 -230.26 -21.57
C GLU L 249 48.34 -229.32 -20.99
N LEU L 250 49.60 -229.73 -21.12
CA LEU L 250 50.78 -229.08 -20.47
C LEU L 250 51.63 -228.25 -21.44
N GLU L 251 52.59 -227.48 -20.90
CA GLU L 251 53.68 -226.92 -21.73
C GLU L 251 54.93 -226.66 -20.91
N ASP L 252 56.10 -227.15 -21.36
CA ASP L 252 57.36 -226.94 -20.59
C ASP L 252 57.99 -225.56 -20.84
N TRP L 253 59.06 -225.28 -20.12
CA TRP L 253 59.71 -223.97 -20.18
C TRP L 253 60.73 -223.87 -21.34
N ASN L 254 61.33 -225.00 -21.70
CA ASN L 254 62.06 -225.11 -22.98
C ASN L 254 61.15 -224.77 -24.19
N GLY L 255 59.83 -224.98 -24.02
CA GLY L 255 58.80 -224.43 -24.91
C GLY L 255 58.01 -225.47 -25.72
N ARG L 256 57.85 -226.68 -25.18
CA ARG L 256 57.28 -227.82 -25.93
C ARG L 256 56.16 -228.51 -25.15
N THR L 257 55.04 -228.77 -25.81
CA THR L 257 53.81 -229.22 -25.14
C THR L 257 53.63 -230.74 -25.06
N SER L 258 52.50 -231.13 -24.46
CA SER L 258 52.08 -232.53 -24.30
C SER L 258 50.65 -232.61 -23.72
N THR L 259 50.12 -233.79 -23.59
CA THR L 259 48.70 -233.93 -23.33
C THR L 259 48.44 -235.26 -22.69
N ALA L 260 47.31 -235.36 -21.99
CA ALA L 260 46.94 -236.63 -21.37
C ALA L 260 45.45 -236.72 -21.14
N ASP L 261 44.76 -237.44 -22.02
CA ASP L 261 43.30 -237.49 -21.99
C ASP L 261 42.82 -238.68 -21.19
N TYR L 262 41.72 -238.50 -20.47
CA TYR L 262 41.03 -239.61 -19.81
C TYR L 262 39.59 -239.65 -20.27
N ALA L 263 39.03 -240.84 -20.30
CA ALA L 263 37.66 -241.01 -20.74
C ALA L 263 36.73 -241.28 -19.57
N MET L 264 35.45 -241.03 -19.80
CA MET L 264 34.43 -241.12 -18.78
C MET L 264 34.88 -240.35 -17.55
N PHE L 265 35.30 -239.12 -17.80
CA PHE L 265 35.64 -238.21 -16.74
C PHE L 265 34.37 -237.76 -16.10
N LYS L 266 34.34 -237.82 -14.78
CA LYS L 266 33.22 -237.28 -14.02
C LYS L 266 33.70 -236.79 -12.67
N VAL L 267 33.09 -235.71 -12.20
CA VAL L 267 33.40 -235.16 -10.88
C VAL L 267 32.17 -235.31 -9.99
N GLY L 268 32.40 -235.84 -8.79
CA GLY L 268 31.30 -236.17 -7.87
C GLY L 268 30.53 -234.98 -7.33
N PRO L 269 29.43 -235.25 -6.63
CA PRO L 269 28.72 -234.20 -5.92
C PRO L 269 29.44 -233.92 -4.62
N GLU L 270 29.22 -232.74 -4.04
CA GLU L 270 29.95 -232.36 -2.81
C GLU L 270 29.87 -233.49 -1.79
N ALA L 271 28.68 -234.01 -1.55
CA ALA L 271 28.51 -235.10 -0.58
C ALA L 271 29.71 -236.07 -0.53
N ASP L 272 30.23 -236.42 -1.70
CA ASP L 272 31.35 -237.34 -1.83
C ASP L 272 32.69 -236.62 -2.00
N LYS L 273 32.74 -235.36 -1.59
CA LYS L 273 33.99 -234.61 -1.65
C LYS L 273 34.53 -234.57 -3.06
N TYR L 274 33.61 -234.34 -4.00
CA TYR L 274 33.95 -234.00 -5.38
C TYR L 274 34.86 -235.00 -6.05
N ARG L 275 34.80 -236.25 -5.59
CA ARG L 275 35.69 -237.32 -6.04
C ARG L 275 35.80 -237.42 -7.57
N LEU L 276 36.98 -237.84 -8.01
CA LEU L 276 37.29 -237.95 -9.42
C LEU L 276 37.16 -239.39 -9.91
N THR L 277 36.44 -239.53 -11.01
CA THR L 277 36.33 -240.80 -11.70
C THR L 277 36.61 -240.63 -13.19
N TYR L 278 37.34 -241.58 -13.73
CA TYR L 278 37.35 -241.80 -15.17
C TYR L 278 37.41 -243.30 -15.42
N ALA L 279 37.08 -243.70 -16.64
CA ALA L 279 37.20 -245.10 -17.02
C ALA L 279 38.67 -245.46 -17.18
N TYR L 280 39.39 -244.75 -18.06
CA TYR L 280 40.78 -245.11 -18.40
C TYR L 280 41.52 -244.04 -19.18
N PHE L 281 42.86 -244.07 -19.10
CA PHE L 281 43.70 -243.08 -19.79
C PHE L 281 43.69 -243.30 -21.29
N ALA L 282 43.10 -242.37 -22.03
CA ALA L 282 42.87 -242.57 -23.46
C ALA L 282 44.04 -242.13 -24.32
N GLY L 283 45.14 -241.71 -23.71
CA GLY L 283 46.39 -241.58 -24.44
C GLY L 283 46.80 -240.18 -24.79
N GLY L 284 48.12 -239.96 -24.81
CA GLY L 284 48.70 -238.66 -25.10
C GLY L 284 50.09 -238.60 -24.51
N ASP L 285 51.04 -238.16 -25.33
CA ASP L 285 52.48 -238.14 -24.99
C ASP L 285 52.88 -237.58 -23.62
N ALA L 286 52.03 -236.76 -23.02
CA ALA L 286 52.30 -236.31 -21.64
C ALA L 286 52.48 -237.48 -20.68
N GLY L 287 52.20 -238.70 -21.11
CA GLY L 287 52.09 -239.77 -20.16
C GLY L 287 50.96 -239.54 -19.15
N ASP L 288 50.77 -240.53 -18.29
CA ASP L 288 49.55 -240.66 -17.48
C ASP L 288 49.85 -240.71 -15.96
N ALA L 289 49.92 -239.53 -15.37
CA ALA L 289 50.22 -239.43 -13.95
C ALA L 289 49.17 -240.09 -13.10
N PHE L 290 47.90 -239.92 -13.44
CA PHE L 290 46.84 -240.33 -12.51
C PHE L 290 46.97 -241.77 -12.07
N ASP L 291 47.56 -242.59 -12.94
CA ASP L 291 47.83 -244.00 -12.63
C ASP L 291 48.69 -244.19 -11.36
N GLY L 292 49.37 -243.13 -10.94
CA GLY L 292 50.43 -243.24 -9.98
C GLY L 292 51.74 -243.24 -10.73
N PHE L 293 52.81 -243.09 -9.96
CA PHE L 293 54.16 -243.09 -10.50
C PHE L 293 55.05 -243.69 -9.42
N ASP L 294 55.86 -244.67 -9.78
CA ASP L 294 56.85 -245.21 -8.85
C ASP L 294 58.11 -244.34 -8.91
N PHE L 295 58.43 -243.69 -7.79
CA PHE L 295 59.48 -242.70 -7.74
C PHE L 295 60.83 -243.31 -7.33
N GLY L 296 60.78 -244.46 -6.66
CA GLY L 296 62.01 -245.14 -6.24
C GLY L 296 62.42 -244.81 -4.81
N ASP L 297 61.60 -243.99 -4.18
CA ASP L 297 61.76 -243.69 -2.76
C ASP L 297 61.14 -244.85 -2.01
N ASP L 298 60.20 -245.51 -2.67
CA ASP L 298 59.48 -246.64 -2.10
C ASP L 298 58.97 -247.56 -3.21
N PRO L 299 58.60 -248.79 -2.85
CA PRO L 299 57.68 -249.64 -3.62
C PRO L 299 56.28 -249.03 -3.80
N SER L 300 55.68 -248.59 -2.69
CA SER L 300 54.30 -248.11 -2.70
C SER L 300 54.15 -246.71 -3.31
N ASP L 301 55.26 -246.10 -3.71
CA ASP L 301 55.23 -244.79 -4.32
C ASP L 301 54.02 -244.72 -5.26
N LYS L 302 54.05 -245.53 -6.31
CA LYS L 302 53.02 -245.49 -7.32
C LYS L 302 51.65 -245.67 -6.70
N PHE L 303 51.52 -246.61 -5.78
CA PHE L 303 50.22 -247.00 -5.25
C PHE L 303 49.47 -245.86 -4.57
N PHE L 304 50.22 -244.97 -3.94
CA PHE L 304 49.62 -243.82 -3.28
C PHE L 304 49.38 -242.71 -4.28
N THR L 305 50.44 -242.34 -4.98
CA THR L 305 50.41 -241.23 -5.92
C THR L 305 49.36 -241.36 -7.05
N SER L 306 48.43 -242.31 -6.94
CA SER L 306 47.38 -242.47 -7.94
C SER L 306 46.15 -241.66 -7.54
N HIS L 307 45.42 -241.15 -8.55
CA HIS L 307 44.27 -240.26 -8.33
C HIS L 307 42.89 -240.79 -8.73
N ASN L 308 42.77 -241.73 -9.68
CA ASN L 308 41.41 -242.15 -10.00
C ASN L 308 40.82 -242.66 -8.72
N GLY L 309 39.60 -242.21 -8.44
CA GLY L 309 38.88 -242.58 -7.23
C GLY L 309 39.21 -241.75 -6.01
N MET L 310 40.21 -240.88 -6.08
CA MET L 310 40.58 -240.11 -4.88
C MET L 310 39.63 -238.94 -4.61
N GLN L 311 39.68 -238.49 -3.35
CA GLN L 311 38.80 -237.44 -2.87
C GLN L 311 39.54 -236.11 -2.86
N PHE L 312 38.77 -235.07 -3.15
CA PHE L 312 39.30 -233.74 -3.25
C PHE L 312 39.63 -233.22 -1.87
N SER L 313 40.73 -232.49 -1.76
CA SER L 313 41.13 -231.95 -0.48
C SER L 313 41.56 -230.50 -0.61
N THR L 314 41.54 -229.83 0.53
CA THR L 314 42.20 -228.54 0.72
C THR L 314 42.75 -228.46 2.15
N TRP L 315 43.38 -227.35 2.46
CA TRP L 315 44.03 -227.19 3.75
C TRP L 315 43.04 -227.30 4.91
N ASP L 316 41.84 -226.79 4.71
CA ASP L 316 40.79 -226.81 5.75
C ASP L 316 40.08 -228.17 5.72
N ASN L 317 39.93 -228.72 4.52
CA ASN L 317 39.17 -229.97 4.32
C ASN L 317 40.07 -231.15 3.91
N ASP L 318 40.33 -232.05 4.85
CA ASP L 318 41.28 -233.15 4.65
C ASP L 318 40.65 -234.50 4.33
N ASN L 319 40.63 -234.84 3.05
CA ASN L 319 40.14 -236.15 2.57
C ASN L 319 41.26 -236.93 1.83
N ASP L 320 42.48 -236.81 2.34
CA ASP L 320 43.62 -237.53 1.78
C ASP L 320 43.85 -238.80 2.59
N LYS L 321 44.55 -239.75 1.97
CA LYS L 321 44.88 -241.03 2.59
C LYS L 321 46.10 -240.84 3.43
N PHE L 322 46.01 -240.04 4.47
CA PHE L 322 47.20 -239.59 5.15
C PHE L 322 46.88 -239.00 6.50
N GLU L 323 47.45 -239.61 7.54
CA GLU L 323 47.38 -239.05 8.88
C GLU L 323 47.56 -237.54 8.79
N GLY L 324 48.58 -237.12 8.06
CA GLY L 324 48.81 -235.71 7.80
C GLY L 324 47.82 -235.12 6.82
N ASN L 325 48.19 -233.98 6.24
CA ASN L 325 47.30 -233.22 5.37
C ASN L 325 48.01 -232.71 4.10
N CYS L 326 47.94 -233.52 3.03
CA CYS L 326 48.56 -233.16 1.74
C CYS L 326 48.21 -231.73 1.37
N ALA L 327 46.91 -231.43 1.36
CA ALA L 327 46.42 -230.08 1.10
C ALA L 327 47.24 -229.03 1.86
N GLU L 328 47.35 -229.20 3.17
CA GLU L 328 47.97 -228.22 4.05
C GLU L 328 49.42 -228.00 3.69
N GLN L 329 50.15 -229.11 3.50
CA GLN L 329 51.61 -229.08 3.37
C GLN L 329 52.07 -228.52 2.04
N ASP L 330 51.47 -228.99 0.95
CA ASP L 330 51.82 -228.52 -0.38
C ASP L 330 51.11 -227.21 -0.71
N GLY L 331 50.02 -226.90 0.00
CA GLY L 331 49.31 -225.66 -0.22
C GLY L 331 48.58 -225.61 -1.56
N SER L 332 47.58 -226.49 -1.69
CA SER L 332 46.77 -226.57 -2.89
C SER L 332 45.46 -227.24 -2.55
N GLY L 333 44.55 -227.15 -3.51
CA GLY L 333 43.37 -228.01 -3.55
C GLY L 333 43.60 -228.98 -4.70
N TRP L 334 43.28 -230.25 -4.48
CA TRP L 334 43.51 -231.30 -5.48
C TRP L 334 42.98 -232.62 -4.92
N TRP L 335 42.92 -233.65 -5.78
CA TRP L 335 42.49 -235.00 -5.36
C TRP L 335 43.67 -235.73 -4.76
N MET L 336 43.84 -235.60 -3.45
CA MET L 336 45.06 -236.04 -2.83
C MET L 336 44.92 -237.42 -2.19
N ASN L 337 46.03 -238.14 -2.13
CA ASN L 337 46.11 -239.47 -1.53
C ASN L 337 47.28 -239.55 -0.52
N LYS L 338 48.48 -239.82 -1.04
CA LYS L 338 49.71 -239.78 -0.24
C LYS L 338 50.94 -239.68 -1.15
N CYS L 339 51.09 -238.57 -1.87
CA CYS L 339 50.08 -237.50 -1.96
C CYS L 339 49.67 -237.26 -3.41
N HIS L 340 50.65 -237.21 -4.32
CA HIS L 340 50.32 -237.10 -5.75
C HIS L 340 51.41 -237.52 -6.73
N ALA L 341 50.98 -237.80 -7.95
CA ALA L 341 51.84 -238.08 -9.09
C ALA L 341 51.77 -236.90 -10.04
N GLY L 342 50.56 -236.35 -10.22
CA GLY L 342 50.36 -235.14 -11.00
C GLY L 342 49.45 -234.20 -10.22
N HIS L 343 49.74 -232.90 -10.25
CA HIS L 343 49.19 -231.96 -9.25
C HIS L 343 49.37 -230.50 -9.67
N LEU L 344 48.44 -230.03 -10.48
CA LEU L 344 48.64 -228.84 -11.30
C LEU L 344 48.05 -227.60 -10.64
N ASN L 345 47.52 -227.80 -9.43
CA ASN L 345 47.13 -226.67 -8.60
C ASN L 345 48.22 -226.38 -7.55
N GLY L 346 49.45 -226.82 -7.79
CA GLY L 346 50.62 -226.57 -6.95
C GLY L 346 51.19 -225.16 -7.00
N VAL L 347 52.52 -225.03 -7.03
CA VAL L 347 53.17 -223.69 -7.04
C VAL L 347 53.99 -223.42 -8.29
N TYR L 348 53.82 -222.19 -8.82
CA TYR L 348 54.27 -221.85 -10.15
C TYR L 348 55.66 -221.23 -10.13
N TYR L 349 56.63 -222.05 -9.78
CA TYR L 349 58.03 -221.62 -9.80
C TYR L 349 58.42 -221.07 -11.17
N GLN L 350 59.43 -220.22 -11.16
CA GLN L 350 59.93 -219.64 -12.38
C GLN L 350 61.00 -220.55 -12.94
N GLY L 351 60.86 -220.85 -14.23
CA GLY L 351 61.76 -221.77 -14.95
C GLY L 351 61.35 -223.23 -14.87
N GLY L 352 60.58 -223.58 -13.85
CA GLY L 352 60.23 -224.96 -13.63
C GLY L 352 61.31 -225.71 -12.91
N THR L 353 62.51 -225.13 -12.76
CA THR L 353 63.65 -225.90 -12.26
C THR L 353 63.95 -225.61 -10.77
N TYR L 354 62.86 -225.55 -10.02
CA TYR L 354 62.92 -225.49 -8.57
C TYR L 354 63.46 -226.78 -7.99
N SER L 355 63.87 -226.70 -6.73
CA SER L 355 64.51 -227.80 -5.96
C SER L 355 63.78 -228.04 -4.63
N LYS L 356 64.37 -228.88 -3.78
CA LYS L 356 63.78 -229.19 -2.49
C LYS L 356 63.94 -227.99 -1.56
N ALA L 357 64.98 -227.20 -1.84
CA ALA L 357 65.25 -225.96 -1.13
C ALA L 357 64.11 -224.97 -1.25
N SER L 358 63.48 -224.95 -2.42
CA SER L 358 62.37 -224.02 -2.70
C SER L 358 61.14 -224.29 -1.81
N THR L 359 61.10 -225.43 -1.14
CA THR L 359 60.15 -225.63 -0.06
C THR L 359 60.80 -225.40 1.29
N PRO L 360 59.98 -225.25 2.33
CA PRO L 360 60.46 -225.20 3.70
C PRO L 360 60.37 -226.57 4.37
N ASN L 361 59.15 -227.06 4.62
CA ASN L 361 58.94 -228.35 5.31
C ASN L 361 59.57 -229.54 4.59
N GLY L 362 60.04 -229.32 3.36
CA GLY L 362 60.91 -230.26 2.67
C GLY L 362 60.36 -230.80 1.36
N TYR L 363 59.07 -231.09 1.32
CA TYR L 363 58.55 -231.84 0.19
C TYR L 363 58.43 -231.01 -1.08
N ASP L 364 58.51 -231.70 -2.22
CA ASP L 364 58.21 -231.10 -3.52
C ASP L 364 56.80 -230.55 -3.44
N ASN L 365 56.45 -229.65 -4.36
CA ASN L 365 55.06 -229.15 -4.43
C ASN L 365 54.74 -228.30 -5.66
N GLY L 366 55.51 -228.43 -6.73
CA GLY L 366 55.27 -227.62 -7.92
C GLY L 366 54.03 -228.03 -8.71
N ILE L 367 53.89 -227.45 -9.89
CA ILE L 367 52.94 -227.98 -10.86
C ILE L 367 53.68 -229.13 -11.55
N ILE L 368 53.42 -230.36 -11.12
CA ILE L 368 54.13 -231.49 -11.70
C ILE L 368 53.21 -232.54 -12.28
N TRP L 369 53.86 -233.52 -12.88
CA TRP L 369 53.24 -234.57 -13.66
C TRP L 369 54.44 -235.50 -13.88
N ALA L 370 54.57 -236.49 -13.00
CA ALA L 370 55.78 -237.32 -12.96
C ALA L 370 55.93 -238.16 -14.22
N THR L 371 54.80 -238.49 -14.85
CA THR L 371 54.78 -239.34 -16.06
C THR L 371 55.42 -238.66 -17.28
N TRP L 372 55.57 -237.34 -17.25
CA TRP L 372 56.22 -236.59 -18.34
C TRP L 372 57.58 -236.01 -17.97
N LYS L 373 57.67 -235.46 -16.78
CA LYS L 373 58.93 -234.92 -16.31
C LYS L 373 59.06 -235.24 -14.85
N THR L 374 60.32 -235.31 -14.41
CA THR L 374 60.72 -235.34 -13.00
C THR L 374 59.81 -234.59 -12.03
N ARG L 375 59.88 -234.96 -10.75
CA ARG L 375 59.05 -234.35 -9.72
C ARG L 375 59.46 -232.91 -9.38
N TRP L 376 60.50 -232.40 -10.01
CA TRP L 376 60.96 -231.02 -9.74
C TRP L 376 60.83 -230.06 -10.89
N TYR L 377 59.85 -230.31 -11.77
CA TYR L 377 59.68 -229.48 -12.95
C TYR L 377 58.29 -228.91 -13.09
N SER L 378 58.14 -227.72 -12.49
CA SER L 378 56.89 -227.02 -12.50
C SER L 378 56.62 -226.53 -13.92
N MET L 379 55.40 -226.78 -14.36
CA MET L 379 55.00 -226.44 -15.70
C MET L 379 54.96 -224.95 -15.94
N LYS L 380 55.06 -224.59 -17.22
CA LYS L 380 54.97 -223.19 -17.66
C LYS L 380 53.53 -222.81 -17.89
N LYS L 381 52.73 -223.83 -18.25
CA LYS L 381 51.27 -223.71 -18.58
C LYS L 381 50.60 -225.07 -18.41
N THR L 382 49.51 -225.11 -17.67
CA THR L 382 48.66 -226.30 -17.64
C THR L 382 47.24 -225.91 -18.01
N THR L 383 46.47 -226.85 -18.51
CA THR L 383 45.10 -226.53 -18.80
C THR L 383 44.18 -227.74 -18.82
N MET L 384 43.14 -227.68 -18.01
CA MET L 384 42.29 -228.84 -17.82
C MET L 384 40.93 -228.51 -18.35
N LYS L 385 40.48 -229.32 -19.30
CA LYS L 385 39.24 -229.00 -20.02
C LYS L 385 38.47 -230.26 -20.31
N ILE L 386 37.18 -230.15 -20.44
CA ILE L 386 36.45 -231.33 -20.77
C ILE L 386 35.58 -231.17 -22.04
N ILE L 387 35.04 -232.30 -22.48
CA ILE L 387 34.39 -232.40 -23.78
C ILE L 387 33.62 -233.70 -23.84
N PRO L 388 32.44 -233.70 -24.51
CA PRO L 388 31.79 -234.97 -24.71
C PRO L 388 32.79 -235.90 -25.31
N PHE L 389 32.61 -237.19 -25.05
CA PHE L 389 33.51 -238.21 -25.55
C PHE L 389 33.46 -238.24 -27.07
N ASN L 390 32.24 -238.37 -27.59
CA ASN L 390 32.04 -238.62 -29.02
C ASN L 390 32.86 -237.71 -29.91
N ARG L 391 33.28 -236.57 -29.38
CA ARG L 391 33.94 -235.58 -30.18
C ARG L 391 35.39 -235.90 -30.53
N LEU L 392 36.03 -236.76 -29.74
CA LEU L 392 37.46 -236.98 -29.91
C LEU L 392 37.85 -238.27 -30.65
N THR L 393 36.96 -239.26 -30.73
CA THR L 393 37.24 -240.47 -31.54
C THR L 393 36.74 -240.36 -32.98
N ILE L 394 35.68 -239.56 -33.18
CA ILE L 394 35.18 -239.29 -34.54
C ILE L 394 36.12 -238.28 -35.24
N GLY L 395 36.35 -237.14 -34.59
CA GLY L 395 37.26 -236.09 -35.07
C GLY L 395 36.57 -234.79 -35.40
N GLY M 1 -17.15 227.16 55.59
CA GLY M 1 -16.95 228.29 54.66
C GLY M 1 -15.53 228.86 54.75
N PRO M 2 -15.18 229.52 55.88
CA PRO M 2 -13.87 230.15 56.06
C PRO M 2 -12.85 229.30 56.81
N ARG M 3 -11.62 229.79 56.93
CA ARG M 3 -10.56 229.07 57.67
C ARG M 3 -10.36 229.67 59.07
N PRO M 4 -9.67 228.94 59.96
CA PRO M 4 -9.16 229.47 61.22
C PRO M 4 -8.16 230.64 61.05
N GLY N 1 42.84 -177.79 -58.09
CA GLY N 1 41.65 -178.64 -58.37
C GLY N 1 41.43 -179.76 -57.35
N PRO N 2 42.34 -180.76 -57.33
CA PRO N 2 42.31 -181.85 -56.35
C PRO N 2 43.11 -181.50 -55.11
N ARG N 3 43.19 -182.41 -54.15
CA ARG N 3 43.99 -182.17 -52.96
C ARG N 3 44.60 -183.45 -52.42
N PRO N 4 45.92 -183.42 -52.15
CA PRO N 4 46.53 -184.46 -51.35
C PRO N 4 45.95 -184.51 -49.92
N GLY O 1 -12.70 177.86 7.35
CA GLY O 1 -13.84 177.29 6.58
C GLY O 1 -13.67 177.60 5.12
N HIS O 2 -13.12 176.64 4.36
CA HIS O 2 -12.82 176.87 2.94
C HIS O 2 -13.53 175.91 2.00
N ARG O 3 -13.32 176.12 0.71
CA ARG O 3 -14.04 175.43 -0.32
C ARG O 3 -13.09 175.05 -1.45
N PRO O 4 -12.89 173.76 -1.68
CA PRO O 4 -12.10 173.45 -2.87
C PRO O 4 -13.01 173.39 -4.11
N GLY P 1 6.12 -119.89 -46.68
CA GLY P 1 5.93 -119.77 -45.21
C GLY P 1 4.46 -119.86 -44.83
N HIS P 2 3.89 -118.73 -44.40
CA HIS P 2 2.49 -118.67 -43.98
C HIS P 2 1.75 -117.56 -44.73
N ARG P 3 0.42 -117.61 -44.69
CA ARG P 3 -0.41 -116.60 -45.36
C ARG P 3 -1.45 -116.03 -44.38
N PRO P 4 -1.13 -114.92 -43.71
CA PRO P 4 -2.15 -114.34 -42.83
C PRO P 4 -3.39 -113.93 -43.61
N GLY Q 1 -16.16 172.58 91.38
CA GLY Q 1 -16.11 173.90 92.09
C GLY Q 1 -14.73 174.52 92.06
N PRO Q 2 -14.43 175.38 93.05
CA PRO Q 2 -13.11 175.96 93.21
C PRO Q 2 -12.31 175.22 94.24
N ARG Q 3 -11.00 175.44 94.21
CA ARG Q 3 -10.09 174.84 95.15
C ARG Q 3 -9.70 175.93 96.14
N PRO Q 4 -9.65 175.61 97.45
CA PRO Q 4 -9.32 176.63 98.45
C PRO Q 4 -8.04 177.39 98.12
N GLY R 1 54.35 -234.71 -4.10
CA GLY R 1 54.92 -236.01 -4.57
C GLY R 1 54.38 -237.21 -3.79
N PRO R 2 55.29 -238.14 -3.40
CA PRO R 2 54.95 -239.23 -2.49
C PRO R 2 55.37 -238.87 -1.08
N ARG R 3 54.73 -239.46 -0.10
CA ARG R 3 55.05 -239.16 1.28
C ARG R 3 55.62 -240.42 1.94
N PRO R 4 56.40 -240.26 3.03
CA PRO R 4 56.67 -241.41 3.88
C PRO R 4 55.50 -241.64 4.85
N GLY S 1 -4.92 121.00 48.54
CA GLY S 1 -4.11 119.93 47.90
C GLY S 1 -3.69 120.25 46.48
N HIS S 2 -3.19 119.23 45.78
CA HIS S 2 -2.69 119.37 44.42
C HIS S 2 -3.52 118.52 43.49
N ARG S 3 -3.39 118.79 42.19
CA ARG S 3 -4.06 117.99 41.16
C ARG S 3 -2.99 117.48 40.17
N PRO S 4 -2.53 116.25 40.35
CA PRO S 4 -1.46 115.78 39.47
C PRO S 4 -1.91 115.69 38.01
N GLY T 1 18.52 -177.83 -1.87
CA GLY T 1 17.91 -177.11 -0.72
C GLY T 1 16.41 -177.01 -0.90
N HIS T 2 15.81 -175.96 -0.33
CA HIS T 2 14.38 -175.78 -0.43
C HIS T 2 14.02 -174.74 -1.47
N ARG T 3 12.77 -174.81 -1.96
CA ARG T 3 12.25 -173.84 -2.91
C ARG T 3 10.85 -173.44 -2.46
N PRO T 4 10.76 -172.52 -1.50
CA PRO T 4 9.43 -171.96 -1.31
C PRO T 4 9.07 -171.14 -2.57
C1 NAG U . -7.24 170.52 1.01
C2 NAG U . -6.25 169.41 1.28
C3 NAG U . -6.71 168.02 0.83
C4 NAG U . -8.26 167.87 0.85
C5 NAG U . -9.00 169.10 0.21
C6 NAG U . -10.10 169.69 1.10
C7 NAG U . -4.04 170.13 1.45
C8 NAG U . -2.93 169.11 1.68
N2 NAG U . -5.00 169.76 0.64
O3 NAG U . -6.15 167.08 1.74
O4 NAG U . -8.64 166.65 0.16
O5 NAG U . -8.07 170.16 -0.10
O6 NAG U . -9.59 170.08 2.37
O7 NAG U . -4.07 171.20 2.08
C1 NAG U . -8.93 165.57 0.98
C2 NAG U . -7.63 164.88 1.46
C3 NAG U . -7.94 163.52 2.11
C4 NAG U . -9.42 163.44 2.44
C5 NAG U . -10.31 163.64 1.20
C6 NAG U . -11.63 164.19 1.64
C7 NAG U . -7.22 164.23 -0.80
C8 NAG U . -7.13 165.16 -2.00
N2 NAG U . -6.73 164.69 0.35
O3 NAG U . -7.15 163.35 3.30
O4 NAG U . -9.79 162.21 3.14
O5 NAG U . -9.73 164.61 0.28
O6 NAG U . -12.62 163.16 1.73
O7 NAG U . -7.74 163.11 -0.93
C1 BMA U . -9.38 160.92 2.79
C2 BMA U . -9.63 160.55 1.33
C3 BMA U . -9.46 159.02 1.19
C4 BMA U . -8.06 158.62 1.74
C5 BMA U . -7.67 159.29 3.09
C6 BMA U . -6.17 159.17 3.30
O2 BMA U . -8.69 161.22 0.48
O3 BMA U . -9.52 158.60 -0.22
O4 BMA U . -8.08 157.23 1.95
O5 BMA U . -8.01 160.71 3.11
O6 BMA U . -5.95 158.31 4.44
C1 MAN U . -10.09 159.45 -1.21
C2 MAN U . -11.60 159.35 -1.23
C3 MAN U . -12.20 160.40 -2.20
C4 MAN U . -11.44 160.55 -3.56
C5 MAN U . -9.90 160.36 -3.45
C6 MAN U . -9.12 161.60 -3.00
O2 MAN U . -12.09 159.55 0.11
O3 MAN U . -12.26 161.67 -1.55
O4 MAN U . -11.98 159.65 -4.54
O5 MAN U . -9.55 159.29 -2.53
O6 MAN U . -9.74 162.83 -3.38
C1 NAG U . -13.45 159.74 0.29
C2 NAG U . -13.75 160.48 1.63
C3 NAG U . -15.29 160.62 1.77
C4 NAG U . -16.09 159.90 0.62
C5 NAG U . -15.54 158.52 0.23
C6 NAG U . -15.94 158.12 -1.18
C7 NAG U . -13.03 160.36 3.99
C8 NAG U . -14.29 160.65 4.83
N2 NAG U . -13.18 159.78 2.79
O3 NAG U . -15.65 162.00 1.79
O4 NAG U . -17.46 159.76 1.02
O5 NAG U . -14.09 158.45 0.30
O6 NAG U . -15.40 156.86 -1.53
O7 NAG U . -11.92 160.64 4.48
C1 GAL U . -18.42 159.96 0.04
C2 GAL U . -18.45 161.44 -0.39
C3 GAL U . -18.96 162.33 0.75
C4 GAL U . -20.29 161.81 1.27
C5 GAL U . -20.15 160.34 1.67
C6 GAL U . -21.50 159.78 2.08
O2 GAL U . -17.17 161.86 -0.83
O3 GAL U . -19.13 163.67 0.32
O4 GAL U . -21.29 161.92 0.26
O5 GAL U . -19.70 159.55 0.55
O6 GAL U . -21.57 159.65 3.52
C1 SIA U . -21.67 160.42 5.80
C2 SIA U . -21.67 160.82 4.30
C3 SIA U . -22.98 161.56 3.92
C4 SIA U . -23.07 163.03 4.39
C5 SIA U . -21.74 163.79 4.10
C6 SIA U . -20.51 162.99 4.63
C7 SIA U . -19.17 163.73 4.40
C8 SIA U . -18.48 164.04 5.76
C9 SIA U . -17.59 162.90 6.29
C10 SIA U . -21.13 166.11 4.35
C11 SIA U . -21.90 167.10 3.49
N5 SIA U . -21.81 165.07 4.79
O1A SIA U . -22.58 160.85 6.56
O1B SIA U . -20.77 159.65 6.23
O4 SIA U . -24.15 163.67 3.69
O6 SIA U . -20.48 161.64 4.03
O7 SIA U . -18.30 162.96 3.56
O8 SIA U . -17.71 165.24 5.68
O9 SIA U . -16.42 162.74 5.49
O10 SIA U . -19.93 166.28 4.60
C1 MAN U . -4.92 157.34 4.38
C2 MAN U . -4.98 156.41 3.12
C3 MAN U . -5.98 155.19 3.25
C4 MAN U . -6.07 154.59 4.68
C5 MAN U . -6.07 155.70 5.75
C6 MAN U . -6.03 155.20 7.19
O2 MAN U . -3.64 155.96 2.69
O3 MAN U . -5.60 154.16 2.33
O4 MAN U . -7.25 153.80 4.78
O5 MAN U . -4.90 156.55 5.56
O6 MAN U . -7.20 154.47 7.56
C1 NAG U . -2.52 155.75 3.52
C2 NAG U . -2.53 154.40 4.28
C3 NAG U . -2.75 154.55 5.81
C4 NAG U . -1.84 155.61 6.46
C5 NAG U . -1.25 156.60 5.41
C6 NAG U . 0.06 156.14 4.73
C7 NAG U . -3.42 152.21 3.77
C8 NAG U . -3.40 151.50 2.41
N2 NAG U . -3.55 153.54 3.73
O3 NAG U . -2.56 153.31 6.47
O4 NAG U . -2.61 156.37 7.43
O5 NAG U . -2.23 156.89 4.37
O6 NAG U . 0.32 154.75 4.89
O7 NAG U . -3.32 151.58 4.81
C1 GAL U . -2.31 156.22 8.76
C2 GAL U . -1.80 157.57 9.32
C3 GAL U . -1.78 157.59 10.85
C4 GAL U . -3.08 157.03 11.50
C5 GAL U . -3.39 155.66 10.87
C6 GAL U . -4.68 155.03 11.41
O2 GAL U . -0.47 157.79 8.85
O3 GAL U . -1.53 158.90 11.35
O4 GAL U . -4.20 157.91 11.28
O5 GAL U . -3.53 155.80 9.43
O6 GAL U . -4.46 153.61 11.68
C1 SIA U . -5.15 153.51 13.98
C2 SIA U . -4.01 153.21 12.96
C3 SIA U . -2.66 153.96 13.33
C4 SIA U . -1.64 153.27 14.29
C5 SIA U . -1.60 151.77 13.98
C6 SIA U . -3.05 151.21 14.03
C7 SIA U . -3.15 149.67 14.06
C8 SIA U . -4.61 149.23 14.07
C9 SIA U . -4.73 147.71 14.14
C10 SIA U . 0.22 150.26 14.47
C11 SIA U . 0.01 148.79 14.78
N5 SIA U . -0.71 151.10 14.92
O1A SIA U . -5.92 152.58 14.34
O1B SIA U . -5.34 154.71 14.34
O4 SIA U . -0.34 153.83 14.10
O6 SIA U . -3.84 151.77 12.92
O7 SIA U . -2.49 149.09 12.94
O8 SIA U . -5.30 149.81 15.17
O9 SIA U . -6.08 147.34 14.40
O10 SIA U . 1.18 150.63 13.78
C1 NAG V . 0.69 -113.33 -37.14
C2 NAG V . 1.68 -112.43 -36.41
C3 NAG V . 1.26 -110.98 -36.49
C4 NAG V . 1.24 -110.59 -37.95
C5 NAG V . 0.26 -111.48 -38.72
C6 NAG V . 0.86 -112.10 -39.97
C7 NAG V . 2.78 -113.65 -34.68
C8 NAG V . 3.84 -113.11 -33.73
N2 NAG V . 1.80 -112.84 -35.04
O3 NAG V . 2.19 -110.17 -35.77
O4 NAG V . 0.87 -109.19 -38.06
O5 NAG V . -0.28 -112.55 -37.90
O6 NAG V . 2.27 -112.19 -39.87
O7 NAG V . 2.86 -114.81 -35.09
C1 NAG V . 1.82 -108.27 -38.50
C2 NAG V . 2.86 -107.93 -37.40
C3 NAG V . 3.68 -106.70 -37.81
C4 NAG V . 3.45 -106.41 -39.29
C5 NAG V . 1.98 -106.12 -39.58
C6 NAG V . 1.66 -106.22 -41.01
C7 NAG V . 1.37 -106.68 -35.93
C8 NAG V . 0.26 -107.02 -34.94
N2 NAG V . 2.27 -107.66 -36.09
O3 NAG V . 5.08 -106.91 -37.56
O4 NAG V . 4.32 -105.36 -39.79
O5 NAG V . 1.14 -107.09 -38.91
O6 NAG V . 0.75 -107.28 -41.25
O7 NAG V . 1.40 -105.58 -36.51
C1 BMA V . 4.58 -104.16 -39.13
C2 BMA V . 3.35 -103.29 -38.88
C3 BMA V . 3.93 -101.90 -38.46
C4 BMA V . 4.92 -102.02 -37.28
C5 BMA V . 5.96 -103.13 -37.51
C6 BMA V . 6.71 -103.41 -36.23
O2 BMA V . 2.57 -103.86 -37.83
O3 BMA V . 2.87 -101.01 -38.05
O4 BMA V . 5.60 -100.76 -37.22
O5 BMA V . 5.32 -104.36 -37.93
O6 BMA V . 7.42 -102.21 -35.86
C1 MAN V . 1.95 -100.75 -39.04
C2 MAN V . 2.45 -99.75 -40.13
C3 MAN V . 1.37 -99.72 -41.25
C4 MAN V . 0.00 -99.34 -40.65
C5 MAN V . -0.38 -100.26 -39.41
C6 MAN V . -0.81 -101.70 -39.71
O2 MAN V . 3.77 -100.09 -40.66
O3 MAN V . 1.25 -101.00 -41.87
O4 MAN V . 0.04 -97.97 -40.26
O5 MAN V . 0.72 -100.32 -38.48
O6 MAN V . -0.86 -102.50 -38.53
C1 NAG V . 3.88 -100.57 -41.99
C2 NAG V . 4.64 -101.90 -42.03
C3 NAG V . 4.54 -102.52 -43.44
C4 NAG V . 4.29 -101.42 -44.53
C5 NAG V . 4.95 -100.05 -44.14
C6 NAG V . 4.59 -98.98 -45.13
C7 NAG V . 6.84 -102.68 -41.36
C8 NAG V . 7.96 -102.27 -40.42
N2 NAG V . 6.05 -101.68 -41.75
O3 NAG V . 3.50 -103.50 -43.50
O4 NAG V . 4.81 -101.89 -45.80
O5 NAG V . 4.56 -99.57 -42.80
O6 NAG V . 5.60 -97.99 -45.25
O7 NAG V . 6.72 -103.87 -41.73
C1 GAL V . 4.17 -101.46 -46.97
C2 GAL V . 2.97 -102.37 -47.31
C3 GAL V . 3.47 -103.81 -47.54
C4 GAL V . 4.63 -103.90 -48.56
C5 GAL V . 5.71 -102.78 -48.34
C6 GAL V . 6.60 -102.63 -49.57
O2 GAL V . 1.99 -102.34 -46.26
O3 GAL V . 2.40 -104.66 -47.95
O4 GAL V . 4.16 -103.87 -49.91
O5 GAL V . 5.12 -101.47 -48.08
O6 GAL V . 7.99 -102.79 -49.24
C1 SIA V . 10.13 -103.78 -49.54
C2 SIA V . 8.65 -104.03 -49.33
C3 SIA V . 8.21 -104.85 -50.54
C4 SIA V . 7.41 -106.09 -50.22
C5 SIA V . 7.92 -106.92 -49.02
C6 SIA V . 8.90 -106.14 -48.15
C7 SIA V . 8.99 -106.75 -46.74
C8 SIA V . 10.41 -106.55 -46.16
C9 SIA V . 10.91 -107.86 -45.49
C10 SIA V . 7.96 -109.31 -49.18
C11 SIA V . 8.31 -109.99 -47.86
N5 SIA V . 8.54 -108.16 -49.46
O1A SIA V . 10.89 -104.77 -49.69
O1B SIA V . 10.52 -102.59 -49.64
O4 SIA V . 6.07 -105.71 -50.00
O6 SIA V . 8.47 -104.76 -48.08
O7 SIA V . 8.03 -106.12 -45.88
O8 SIA V . 11.31 -106.18 -47.21
O9 SIA V . 9.99 -108.34 -44.51
O10 SIA V . 7.16 -109.86 -49.94
C1 MAN V . 6.93 -101.67 -34.67
C2 MAN V . 7.10 -100.12 -34.67
C3 MAN V . 8.46 -99.61 -34.14
C4 MAN V . 9.13 -100.50 -33.08
C5 MAN V . 8.94 -101.99 -33.39
C6 MAN V . 9.47 -102.95 -32.32
O2 MAN V . 6.00 -99.38 -34.04
O3 MAN V . 8.30 -98.30 -33.63
O4 MAN V . 10.52 -100.22 -32.97
O5 MAN V . 7.54 -102.28 -33.54
O6 MAN V . 10.68 -102.48 -31.73
C1 NAG V . 5.43 -99.62 -32.77
C2 NAG V . 5.68 -98.44 -31.78
C3 NAG V . 6.74 -98.74 -30.70
C4 NAG V . 6.55 -100.12 -30.01
C5 NAG V . 5.57 -101.04 -30.80
C6 NAG V . 4.09 -100.86 -30.51
C7 NAG V . 5.60 -96.06 -32.11
C8 NAG V . 6.50 -95.24 -31.19
N2 NAG V . 6.06 -97.24 -32.50
O3 NAG V . 6.74 -97.68 -29.72
O4 NAG V . 7.83 -100.77 -29.92
O5 NAG V . 5.82 -100.91 -32.23
O6 NAG V . 3.86 -100.71 -29.12
O7 NAG V . 4.50 -95.64 -32.46
C1 GAL V . 8.21 -101.38 -28.72
C2 GAL V . 8.33 -102.94 -28.95
C3 GAL V . 9.11 -103.66 -27.84
C4 GAL V . 10.39 -102.90 -27.50
C5 GAL V . 10.10 -101.41 -27.21
C6 GAL V . 11.33 -100.58 -26.91
O2 GAL V . 7.03 -103.50 -29.05
O3 GAL V . 9.48 -104.97 -28.25
O4 GAL V . 11.31 -103.03 -28.59
O5 GAL V . 9.49 -100.80 -28.37
O6 GAL V . 12.03 -101.10 -25.75
C1 SIA V . 13.84 -100.74 -27.28
C2 SIA V . 13.42 -100.98 -25.80
C3 SIA V . 14.09 -102.26 -25.26
C4 SIA V . 15.61 -102.08 -25.09
C5 SIA V . 15.89 -100.83 -24.24
C6 SIA V . 15.22 -99.60 -24.89
C7 SIA V . 15.48 -98.32 -24.06
C8 SIA V . 16.38 -97.30 -24.81
C9 SIA V . 16.53 -95.96 -24.08
C10 SIA V . 17.80 -100.04 -22.97
C11 SIA V . 19.24 -99.50 -23.02
N5 SIA V . 17.32 -100.60 -24.08
O1A SIA V . 13.77 -101.70 -28.09
O1B SIA V . 14.08 -99.56 -27.67
O4 SIA V . 16.18 -103.25 -24.49
O6 SIA V . 13.79 -99.82 -25.00
O7 SIA V . 14.24 -97.70 -23.76
O8 SIA V . 17.67 -97.84 -25.06
O9 SIA V . 15.71 -94.95 -24.67
O10 SIA V . 17.13 -99.93 -21.94
C1 NAG W . 3.61 113.35 42.76
C2 NAG W . 4.17 112.25 43.62
C3 NAG W . 3.82 110.86 43.09
C4 NAG W . 2.36 110.79 42.66
C5 NAG W . 1.98 111.91 41.68
C6 NAG W . 0.69 112.67 42.00
C7 NAG W . 6.18 112.98 44.65
C8 NAG W . 7.02 112.09 45.54
N2 NAG W . 5.60 112.40 43.61
O3 NAG W . 4.05 109.91 44.13
O4 NAG W . 2.09 109.50 42.04
O5 NAG W . 3.05 112.88 41.53
O6 NAG W . 0.48 112.76 43.40
O7 NAG W . 6.03 114.17 44.91
C1 NAG W . 1.39 108.59 42.82
C2 NAG W . 2.30 107.85 43.83
C3 NAG W . 1.62 106.60 44.36
C4 NAG W . 0.12 106.72 44.16
C5 NAG W . -0.26 106.88 42.69
C6 NAG W . -1.59 107.53 42.54
C7 NAG W . 3.52 106.60 42.18
C8 NAG W . 4.38 107.02 41.01
N2 NAG W . 3.55 107.43 43.22
O3 NAG W . 1.94 106.41 45.73
O4 NAG W . -0.64 105.69 44.81
O5 NAG W . 0.71 107.68 41.98
O6 NAG W . -1.76 108.08 41.24
O7 NAG W . 2.82 105.58 42.12
C1 BMA W . -0.34 104.33 44.79
C2 BMA W . -0.14 103.71 43.42
C3 BMA W . -0.24 102.19 43.66
C4 BMA W . 0.84 101.75 44.66
C5 BMA W . 0.74 102.56 45.98
C6 BMA W . 1.94 102.31 46.91
O2 BMA W . 1.14 104.03 42.88
O3 BMA W . -0.03 101.50 42.41
O4 BMA W . 0.64 100.38 44.95
O5 BMA W . 0.72 103.99 45.70
O6 BMA W . 1.85 100.97 47.43
C1 MAN W . -1.08 101.67 41.53
C2 MAN W . -2.09 100.54 41.56
C3 MAN W . -3.32 100.89 40.69
C4 MAN W . -2.95 101.68 39.36
C5 MAN W . -1.66 102.58 39.40
C6 MAN W . -1.84 104.02 39.92
O2 MAN W . -2.53 100.33 42.90
O3 MAN W . -4.24 101.64 41.47
O4 MAN W . -2.85 100.77 38.26
O5 MAN W . -0.65 101.96 40.20
O6 MAN W . -0.61 104.58 40.37
C1 MAN W . 3.02 100.20 47.24
C2 MAN W . 2.68 98.74 46.87
C3 MAN W . 2.05 98.00 48.05
C4 MAN W . 2.90 98.16 49.33
C5 MAN W . 3.30 99.64 49.56
C6 MAN W . 4.31 99.80 50.70
O2 MAN W . 3.83 98.03 46.42
O3 MAN W . 1.94 96.62 47.72
O4 MAN W . 2.15 97.70 50.45
O5 MAN W . 3.89 100.20 48.37
O6 MAN W . 4.18 101.05 51.36
C1 NAG X . 11.12 -170.29 5.25
C2 NAG X . 11.93 -169.67 6.39
C3 NAG X . 12.06 -168.15 6.30
C4 NAG X . 12.41 -167.68 4.86
C5 NAG X . 11.51 -168.35 3.78
C6 NAG X . 12.21 -169.03 2.59
C7 NAG X . 12.00 -170.81 8.49
C8 NAG X . 12.46 -170.19 9.79
N2 NAG X . 11.32 -170.03 7.64
O3 NAG X . 13.11 -167.77 7.20
O4 NAG X . 12.34 -166.22 4.75
O5 NAG X . 10.56 -169.29 4.36
O6 NAG X . 13.42 -169.68 2.93
O7 NAG X . 12.24 -171.99 8.23
C1 NAG X . 13.56 -165.55 4.94
C2 NAG X . 13.88 -165.32 6.45
C3 NAG X . 15.08 -164.38 6.63
C4 NAG X . 15.84 -164.13 5.33
C5 NAG X . 14.93 -163.67 4.16
C6 NAG X . 15.57 -163.99 2.85
C7 NAG X . 11.96 -163.86 6.70
C8 NAG X . 10.58 -164.27 6.19
N2 NAG X . 12.73 -164.83 7.19
O3 NAG X . 15.98 -164.92 7.59
O4 NAG X . 17.02 -163.26 5.49
O5 NAG X . 13.59 -164.30 4.19
O6 NAG X . 14.85 -163.46 1.76
O7 NAG X . 12.30 -162.67 6.63
C1 BMA X . 17.03 -161.95 6.01
C2 BMA X . 15.96 -161.02 5.46
C3 BMA X . 16.41 -159.58 5.80
C4 BMA X . 16.50 -159.48 7.35
C5 BMA X . 17.39 -160.61 7.98
C6 BMA X . 17.27 -160.68 9.49
O2 BMA X . 14.72 -161.30 6.10
O3 BMA X . 15.42 -158.60 5.30
O4 BMA X . 17.05 -158.23 7.66
O5 BMA X . 17.04 -161.93 7.43
O6 BMA X . 18.24 -159.79 10.10
C1 MAN X . 14.46 -159.03 4.38
C2 MAN X . 14.81 -158.66 2.94
C3 MAN X . 13.79 -159.33 1.99
C4 MAN X . 12.32 -159.40 2.50
C5 MAN X . 12.12 -159.32 4.05
C6 MAN X . 11.99 -160.68 4.75
O2 MAN X . 16.16 -159.09 2.62
O3 MAN X . 14.22 -160.65 1.67
O4 MAN X . 11.53 -158.41 1.88
O5 MAN X . 13.16 -158.59 4.72
O6 MAN X . 12.32 -161.76 3.89
C1 NAG X . 16.55 -159.00 1.28
C2 NAG X . 17.02 -160.38 0.72
C3 NAG X . 17.15 -160.27 -0.81
C4 NAG X . 17.34 -158.79 -1.22
C5 NAG X . 18.20 -158.01 -0.20
C6 NAG X . 18.31 -156.57 -0.62
C7 NAG X . 18.41 -161.60 2.30
C8 NAG X . 18.34 -163.11 2.06
N2 NAG X . 18.31 -160.77 1.25
O3 NAG X . 16.00 -160.79 -1.46
O4 NAG X . 17.93 -158.73 -2.53
O5 NAG X . 17.59 -158.02 1.14
O6 NAG X . 17.33 -155.80 0.06
O7 NAG X . 18.57 -161.19 3.46
C1 GAL X . 17.25 -158.05 -3.53
C2 GAL X . 16.06 -158.82 -4.14
C3 GAL X . 16.52 -160.06 -4.93
C4 GAL X . 17.63 -159.72 -5.95
C5 GAL X . 18.75 -158.94 -5.20
C6 GAL X . 19.87 -158.50 -6.10
O2 GAL X . 15.08 -159.17 -3.20
O3 GAL X . 15.44 -160.63 -5.66
O4 GAL X . 17.09 -158.90 -7.00
O5 GAL X . 18.20 -157.74 -4.59
O6 GAL X . 21.18 -158.72 -5.51
C1 SIA X . 23.02 -160.08 -4.69
C2 SIA X . 21.66 -160.03 -5.41
C3 SIA X . 21.94 -160.64 -6.83
C4 SIA X . 21.13 -161.92 -7.21
C5 SIA X . 20.66 -162.82 -6.02
C6 SIA X . 21.03 -162.23 -4.64
C7 SIA X . 20.30 -162.95 -3.50
C8 SIA X . 21.21 -162.99 -2.29
C9 SIA X . 20.38 -163.05 -1.00
C10 SIA X . 20.44 -165.17 -5.96
C11 SIA X . 20.83 -166.25 -4.94
N5 SIA X . 21.24 -164.13 -6.15
O1A SIA X . 23.24 -159.30 -3.74
O1B SIA X . 23.86 -160.91 -5.12
O4 SIA X . 20.00 -161.52 -7.98
O6 SIA X . 20.73 -160.81 -4.64
O7 SIA X . 19.08 -162.29 -3.18
O8 SIA X . 22.09 -164.10 -2.37
O9 SIA X . 21.24 -163.19 0.11
O10 SIA X . 19.36 -165.27 -6.57
C1 MAN X . 17.97 -159.37 11.42
C2 MAN X . 17.01 -158.14 11.43
C3 MAN X . 17.70 -156.80 11.05
C4 MAN X . 19.12 -156.65 11.61
C5 MAN X . 19.89 -157.97 11.43
C6 MAN X . 21.35 -158.06 11.87
O2 MAN X . 16.25 -157.98 12.67
O3 MAN X . 16.92 -155.70 11.47
O4 MAN X . 19.81 -155.60 10.95
O5 MAN X . 19.18 -159.03 12.09
O6 MAN X . 21.65 -157.12 12.89
C1 NAG X . 16.60 -158.52 13.94
C2 NAG X . 17.42 -157.51 14.79
C3 NAG X . 18.90 -157.93 14.99
C4 NAG X . 19.01 -159.38 15.52
C5 NAG X . 17.85 -160.29 15.05
C6 NAG X . 16.72 -160.55 16.02
C7 NAG X . 16.85 -155.20 14.96
C8 NAG X . 17.77 -154.03 15.30
N2 NAG X . 17.35 -156.17 14.22
O3 NAG X . 19.53 -157.04 15.93
O4 NAG X . 20.26 -159.96 15.04
O5 NAG X . 17.26 -159.79 13.81
O6 NAG X . 16.02 -161.73 15.63
O7 NAG X . 15.70 -155.24 15.41
C1 GAL X . 21.38 -160.00 15.87
C2 GAL X . 22.39 -161.05 15.29
C3 GAL X . 23.79 -160.94 15.92
C4 GAL X . 24.28 -159.47 15.94
C5 GAL X . 23.22 -158.60 16.67
C6 GAL X . 23.60 -157.11 16.82
O2 GAL X . 21.88 -162.37 15.52
O3 GAL X . 24.71 -161.74 15.21
O4 GAL X . 24.42 -159.01 14.58
O5 GAL X . 21.97 -158.67 15.91
O6 GAL X . 23.84 -156.73 18.21
C1 SIA X . 26.03 -155.80 17.60
C2 SIA X . 25.18 -156.61 18.63
C3 SIA X . 25.77 -158.03 18.83
C4 SIA X . 27.12 -158.07 19.57
C5 SIA X . 27.15 -157.11 20.79
C6 SIA X . 26.59 -155.73 20.40
C7 SIA X . 26.63 -154.74 21.57
C8 SIA X . 27.35 -153.45 21.13
C9 SIA X . 27.67 -152.53 22.31
C10 SIA X . 28.73 -156.92 22.57
C11 SIA X . 28.89 -158.26 23.27
N5 SIA X . 28.51 -156.96 21.26
O1A SIA X . 25.81 -154.56 17.49
O1B SIA X . 26.90 -156.40 16.92
O4 SIA X . 27.34 -159.40 20.01
O6 SIA X . 25.23 -155.88 19.89
O7 SIA X . 25.31 -154.45 22.01
O8 SIA X . 28.56 -153.78 20.44
O9 SIA X . 26.82 -151.38 22.30
O10 SIA X . 28.76 -155.86 23.22
C1 NAG Y . 18.49 -74.19 11.73
C2 NAG Y . 18.49 -74.99 10.40
C3 NAG Y . 19.00 -76.43 10.58
C4 NAG Y . 20.20 -76.59 11.54
C5 NAG Y . 20.08 -75.65 12.78
C6 NAG Y . 21.32 -75.58 13.67
C7 NAG Y . 16.51 -73.95 9.51
C8 NAG Y . 15.40 -73.42 10.42
N2 NAG Y . 17.14 -75.05 9.88
O3 NAG Y . 19.37 -76.96 9.31
O4 NAG Y . 20.32 -78.00 11.91
O5 NAG Y . 19.77 -74.30 12.39
O6 NAG Y . 21.00 -75.70 15.05
O7 NAG Y . 16.78 -73.33 8.47
C1 NAG Y . 19.51 -78.52 12.93
C2 NAG Y . 18.87 -79.88 12.53
C3 NAG Y . 19.75 -81.08 12.92
C4 NAG Y . 21.22 -80.67 12.99
C5 NAG Y . 21.45 -79.57 14.05
C6 NAG Y . 22.72 -78.75 13.81
C7 NAG Y . 16.81 -81.16 12.91
C8 NAG Y . 16.81 -82.20 14.04
N2 NAG Y . 17.53 -80.05 13.11
O3 NAG Y . 19.61 -82.12 11.95
O4 NAG Y . 22.00 -81.80 13.31
O5 NAG Y . 20.31 -78.64 14.14
O6 NAG Y . 23.36 -78.39 15.02
O7 NAG Y . 16.13 -81.36 11.89
CA CA Z . -18.17 184.69 -5.94
CA CA AA . -4.01 227.59 47.36
CA CA BA . -7.00 -123.12 -51.60
CA CA CA . 34.69 -179.44 -46.35
CA CA DA . -7.00 127.03 34.87
CA CA EA . -2.23 173.39 86.39
CA CA FA . 6.68 -180.25 -10.62
CA CA GA . 43.92 -236.76 5.81
#